data_3AZA
#
_entry.id   3AZA
#
_cell.length_a   219.210
_cell.length_b   219.210
_cell.length_c   156.630
_cell.angle_alpha   90.00
_cell.angle_beta   90.00
_cell.angle_gamma   90.00
#
_symmetry.space_group_name_H-M   'I 41'
#
loop_
_entity.id
_entity.type
_entity.pdbx_description
1 polymer 'Beta-hydroxyacyl-ACP dehydratase'
2 non-polymer GLYCEROL
3 non-polymer 8-(benzyloxy)-5-chloroquinoline
4 water water
#
_entity_poly.entity_id   1
_entity_poly.type   'polypeptide(L)'
_entity_poly.pdbx_seq_one_letter_code
;GSHMPNYDTSIDIEDIKKILPHRYPFLLVDKVIYMQPNKTIIGLKQVSTNEPFFNGHFPQKQIMPGVLQIEALAQLAGIL
CLKSDDSQKNNLFLFAGVDGVRWKKPVLPGDTLTMQANLISFKSSLGIAKLSGVGYVNGKVVINISEMTFALSK
;
_entity_poly.pdbx_strand_id   A,B,C,D,E,F,G,H,I,J,K,L,M,N,O,P,Q,R,S,T,U,V,W,X
#
# COMPACT_ATOMS: atom_id res chain seq x y z
N ASP A 8 -20.54 -54.69 -54.66
CA ASP A 8 -19.84 -53.40 -54.30
C ASP A 8 -20.86 -52.27 -53.99
N THR A 9 -21.35 -51.62 -55.04
CA THR A 9 -22.22 -50.42 -54.95
C THR A 9 -21.71 -49.30 -54.02
N SER A 10 -20.40 -49.01 -54.08
CA SER A 10 -19.80 -47.94 -53.26
C SER A 10 -19.03 -46.89 -54.09
N ILE A 11 -18.80 -45.71 -53.49
CA ILE A 11 -18.10 -44.58 -54.16
C ILE A 11 -17.14 -43.83 -53.21
N ASP A 12 -15.84 -43.94 -53.48
CA ASP A 12 -14.83 -43.23 -52.67
C ASP A 12 -14.49 -41.84 -53.24
N ILE A 13 -14.01 -40.96 -52.33
CA ILE A 13 -13.86 -39.51 -52.57
C ILE A 13 -13.27 -39.04 -53.91
N GLU A 14 -12.50 -39.91 -54.56
CA GLU A 14 -11.94 -39.57 -55.88
C GLU A 14 -13.05 -39.47 -56.92
N ASP A 15 -14.00 -40.41 -56.89
CA ASP A 15 -15.13 -40.41 -57.81
C ASP A 15 -16.19 -39.36 -57.41
N ILE A 16 -16.35 -39.12 -56.10
CA ILE A 16 -17.17 -38.02 -55.63
C ILE A 16 -16.71 -36.69 -56.25
N LYS A 17 -15.40 -36.50 -56.31
CA LYS A 17 -14.79 -35.27 -56.85
C LYS A 17 -14.97 -35.10 -58.35
N LYS A 18 -15.23 -36.21 -59.06
CA LYS A 18 -15.58 -36.18 -60.49
C LYS A 18 -17.03 -35.75 -60.72
N ILE A 19 -17.88 -35.99 -59.72
CA ILE A 19 -19.29 -35.67 -59.82
C ILE A 19 -19.53 -34.24 -59.33
N LEU A 20 -19.20 -33.96 -58.07
CA LEU A 20 -19.35 -32.62 -57.50
C LEU A 20 -18.18 -31.68 -57.85
N PRO A 21 -18.42 -30.35 -57.88
CA PRO A 21 -17.32 -29.41 -58.02
C PRO A 21 -16.69 -28.99 -56.70
N HIS A 22 -17.42 -29.20 -55.59
CA HIS A 22 -16.98 -28.78 -54.25
C HIS A 22 -15.56 -29.27 -53.93
N ARG A 23 -14.75 -28.40 -53.33
CA ARG A 23 -13.41 -28.78 -52.89
C ARG A 23 -13.21 -28.42 -51.42
N TYR A 24 -11.99 -28.63 -50.93
CA TYR A 24 -11.62 -28.22 -49.57
C TYR A 24 -11.68 -26.69 -49.50
N PRO A 25 -12.24 -26.12 -48.42
CA PRO A 25 -12.81 -26.77 -47.25
C PRO A 25 -14.33 -26.82 -47.28
N PHE A 26 -14.92 -27.24 -48.38
CA PHE A 26 -16.39 -27.24 -48.46
C PHE A 26 -16.98 -28.42 -49.21
N LEU A 27 -16.25 -29.54 -49.19
CA LEU A 27 -16.76 -30.84 -49.59
C LEU A 27 -17.01 -31.64 -48.30
N LEU A 28 -18.28 -31.89 -48.02
CA LEU A 28 -18.69 -32.54 -46.77
C LEU A 28 -19.34 -33.92 -46.96
N VAL A 29 -19.07 -34.58 -48.08
CA VAL A 29 -19.47 -35.98 -48.27
C VAL A 29 -18.24 -36.84 -48.51
N ASP A 30 -17.92 -37.67 -47.52
CA ASP A 30 -16.72 -38.50 -47.58
C ASP A 30 -16.92 -39.74 -48.43
N LYS A 31 -18.13 -40.28 -48.41
CA LYS A 31 -18.42 -41.57 -49.03
C LYS A 31 -19.91 -41.74 -49.32
N VAL A 32 -20.22 -42.36 -50.45
CA VAL A 32 -21.58 -42.80 -50.76
C VAL A 32 -21.62 -44.32 -50.61
N ILE A 33 -22.39 -44.82 -49.65
CA ILE A 33 -22.48 -46.27 -49.46
C ILE A 33 -23.54 -46.94 -50.33
N TYR A 34 -24.63 -46.23 -50.60
CA TYR A 34 -25.74 -46.77 -51.42
C TYR A 34 -26.41 -45.69 -52.27
N MET A 35 -26.74 -46.04 -53.52
CA MET A 35 -27.45 -45.11 -54.39
C MET A 35 -28.40 -45.81 -55.38
N GLN A 36 -29.66 -45.36 -55.39
CA GLN A 36 -30.61 -45.82 -56.39
C GLN A 36 -31.11 -44.63 -57.23
N PRO A 37 -30.71 -44.57 -58.52
CA PRO A 37 -30.99 -43.42 -59.38
C PRO A 37 -32.47 -43.05 -59.32
N ASN A 38 -32.76 -41.76 -59.40
CA ASN A 38 -34.13 -41.22 -59.36
C ASN A 38 -34.92 -41.54 -58.07
N LYS A 39 -34.29 -42.24 -57.13
CA LYS A 39 -34.98 -42.61 -55.87
C LYS A 39 -34.31 -42.13 -54.57
N THR A 40 -33.31 -42.87 -54.08
CA THR A 40 -32.66 -42.54 -52.80
C THR A 40 -31.13 -42.69 -52.81
N ILE A 41 -30.48 -42.04 -51.85
CA ILE A 41 -29.01 -42.12 -51.71
C ILE A 41 -28.62 -42.16 -50.23
N ILE A 42 -27.73 -43.09 -49.89
CA ILE A 42 -27.18 -43.16 -48.53
C ILE A 42 -25.67 -42.93 -48.54
N GLY A 43 -25.20 -42.08 -47.64
CA GLY A 43 -23.78 -41.79 -47.53
C GLY A 43 -23.41 -41.28 -46.15
N LEU A 44 -22.11 -41.06 -45.95
CA LEU A 44 -21.64 -40.61 -44.66
C LEU A 44 -20.61 -39.48 -44.74
N LYS A 45 -20.46 -38.79 -43.62
CA LYS A 45 -19.39 -37.82 -43.39
C LYS A 45 -18.76 -38.15 -42.05
N GLN A 46 -17.44 -38.23 -42.04
CA GLN A 46 -16.72 -38.46 -40.79
C GLN A 46 -16.47 -37.12 -40.10
N VAL A 47 -16.69 -37.09 -38.79
CA VAL A 47 -16.57 -35.88 -38.00
C VAL A 47 -15.32 -35.97 -37.12
N SER A 48 -14.25 -35.31 -37.57
CA SER A 48 -12.98 -35.29 -36.85
C SER A 48 -12.68 -33.92 -36.24
N THR A 49 -11.95 -33.91 -35.12
CA THR A 49 -11.49 -32.65 -34.54
C THR A 49 -10.64 -31.86 -35.53
N ASN A 50 -9.95 -32.59 -36.40
CA ASN A 50 -8.99 -32.03 -37.33
C ASN A 50 -9.65 -31.40 -38.56
N GLU A 51 -10.80 -30.79 -38.34
CA GLU A 51 -11.47 -30.02 -39.37
C GLU A 51 -11.35 -28.52 -39.03
N PRO A 52 -11.26 -27.68 -40.08
CA PRO A 52 -10.98 -26.25 -39.90
C PRO A 52 -12.12 -25.42 -39.29
N PHE A 53 -13.37 -25.88 -39.33
CA PHE A 53 -14.46 -25.11 -38.70
C PHE A 53 -14.54 -25.24 -37.18
N PHE A 54 -13.97 -26.31 -36.62
CA PHE A 54 -14.18 -26.60 -35.21
C PHE A 54 -13.56 -25.55 -34.30
N ASN A 55 -12.41 -25.01 -34.71
CA ASN A 55 -11.71 -23.96 -33.96
C ASN A 55 -12.60 -22.79 -33.63
N GLY A 56 -13.41 -22.37 -34.59
CA GLY A 56 -14.30 -21.24 -34.39
C GLY A 56 -15.68 -21.58 -33.87
N HIS A 57 -15.99 -22.88 -33.76
CA HIS A 57 -17.34 -23.30 -33.40
C HIS A 57 -17.38 -24.58 -32.54
N PHE A 58 -16.99 -24.50 -31.26
CA PHE A 58 -16.55 -23.26 -30.59
C PHE A 58 -15.22 -23.51 -29.84
N PRO A 59 -14.44 -22.44 -29.61
CA PRO A 59 -13.21 -22.56 -28.82
C PRO A 59 -13.40 -23.44 -27.56
N GLN A 60 -14.45 -23.15 -26.80
CA GLN A 60 -14.74 -23.82 -25.53
C GLN A 60 -15.39 -25.20 -25.68
N LYS A 61 -16.06 -25.41 -26.81
CA LYS A 61 -16.88 -26.61 -26.98
C LYS A 61 -17.07 -26.87 -28.47
N GLN A 62 -16.68 -28.06 -28.91
CA GLN A 62 -16.71 -28.38 -30.34
C GLN A 62 -18.00 -29.07 -30.75
N ILE A 63 -18.86 -28.33 -31.45
CA ILE A 63 -20.07 -28.89 -32.05
C ILE A 63 -20.07 -28.57 -33.55
N MET A 64 -20.36 -29.58 -34.36
CA MET A 64 -20.51 -29.38 -35.80
C MET A 64 -21.61 -28.35 -36.01
N PRO A 65 -21.31 -27.29 -36.79
CA PRO A 65 -22.37 -26.35 -37.17
C PRO A 65 -23.47 -27.08 -37.94
N GLY A 66 -24.68 -27.02 -37.40
CA GLY A 66 -25.87 -27.58 -38.05
C GLY A 66 -26.07 -27.11 -39.48
N VAL A 67 -25.73 -25.85 -39.77
CA VAL A 67 -25.79 -25.33 -41.16
C VAL A 67 -24.89 -26.10 -42.16
N LEU A 68 -23.77 -26.64 -41.67
CA LEU A 68 -22.92 -27.51 -42.47
C LEU A 68 -23.53 -28.91 -42.59
N GLN A 69 -24.22 -29.35 -41.53
CA GLN A 69 -25.03 -30.58 -41.60
C GLN A 69 -26.06 -30.46 -42.72
N ILE A 70 -26.61 -29.25 -42.90
CA ILE A 70 -27.49 -28.99 -44.03
C ILE A 70 -26.71 -29.17 -45.33
N GLU A 71 -25.55 -28.51 -45.42
CA GLU A 71 -24.70 -28.59 -46.60
C GLU A 71 -24.33 -30.02 -46.96
N ALA A 72 -23.93 -30.79 -45.96
CA ALA A 72 -23.53 -32.18 -46.19
C ALA A 72 -24.64 -32.95 -46.92
N LEU A 73 -25.86 -32.89 -46.38
CA LEU A 73 -27.01 -33.56 -46.99
C LEU A 73 -27.30 -33.04 -48.38
N ALA A 74 -27.21 -31.73 -48.55
CA ALA A 74 -27.43 -31.08 -49.84
C ALA A 74 -26.45 -31.59 -50.89
N GLN A 75 -25.19 -31.78 -50.50
CA GLN A 75 -24.18 -32.32 -51.41
C GLN A 75 -24.48 -33.78 -51.78
N LEU A 76 -24.82 -34.58 -50.78
CA LEU A 76 -25.29 -35.95 -50.98
C LEU A 76 -26.50 -35.99 -51.91
N ALA A 77 -27.45 -35.07 -51.68
CA ALA A 77 -28.62 -34.93 -52.55
C ALA A 77 -28.24 -34.52 -53.97
N GLY A 78 -27.20 -33.69 -54.09
CA GLY A 78 -26.71 -33.21 -55.38
C GLY A 78 -26.13 -34.33 -56.23
N ILE A 79 -25.49 -35.29 -55.57
CA ILE A 79 -24.90 -36.45 -56.26
C ILE A 79 -25.99 -37.27 -56.93
N LEU A 80 -27.09 -37.48 -56.19
CA LEU A 80 -28.23 -38.25 -56.69
C LEU A 80 -28.73 -37.65 -57.99
N CYS A 81 -29.10 -36.37 -57.95
CA CYS A 81 -29.58 -35.67 -59.14
C CYS A 81 -28.61 -35.80 -60.31
N LEU A 82 -27.32 -35.57 -60.05
CA LEU A 82 -26.30 -35.64 -61.10
C LEU A 82 -26.13 -37.03 -61.71
N LYS A 83 -26.35 -38.07 -60.91
CA LYS A 83 -26.25 -39.45 -61.38
C LYS A 83 -27.59 -40.02 -61.87
N SER A 84 -28.69 -39.41 -61.42
CA SER A 84 -30.01 -39.73 -61.95
C SER A 84 -30.19 -39.17 -63.36
N ASP A 85 -29.61 -38.00 -63.60
CA ASP A 85 -29.79 -37.28 -64.86
C ASP A 85 -28.62 -36.33 -65.12
N ASP A 86 -27.81 -36.62 -66.14
CA ASP A 86 -26.72 -35.72 -66.52
C ASP A 86 -26.87 -35.17 -67.94
N SER A 87 -28.10 -35.23 -68.48
CA SER A 87 -28.37 -34.63 -69.79
C SER A 87 -27.89 -33.17 -69.76
N GLN A 88 -28.23 -32.46 -68.68
CA GLN A 88 -27.66 -31.15 -68.42
C GLN A 88 -26.24 -31.34 -67.88
N LYS A 89 -25.25 -31.17 -68.75
CA LYS A 89 -23.85 -31.39 -68.42
C LYS A 89 -23.27 -30.23 -67.59
N ASN A 90 -23.94 -29.93 -66.49
CA ASN A 90 -23.54 -28.83 -65.61
C ASN A 90 -23.65 -29.24 -64.14
N ASN A 91 -22.50 -29.36 -63.48
CA ASN A 91 -22.44 -29.86 -62.10
C ASN A 91 -22.44 -28.76 -61.02
N LEU A 92 -22.58 -27.50 -61.44
CA LEU A 92 -22.72 -26.38 -60.50
C LEU A 92 -24.16 -26.27 -59.98
N PHE A 93 -24.43 -26.96 -58.87
CA PHE A 93 -25.75 -26.91 -58.23
C PHE A 93 -25.78 -25.84 -57.15
N LEU A 94 -26.83 -25.02 -57.16
CA LEU A 94 -27.02 -24.01 -56.12
C LEU A 94 -28.32 -24.22 -55.34
N PHE A 95 -28.21 -24.03 -54.03
CA PHE A 95 -29.32 -24.03 -53.10
C PHE A 95 -30.32 -22.93 -53.46
N ALA A 96 -31.59 -23.30 -53.65
CA ALA A 96 -32.64 -22.36 -54.02
C ALA A 96 -33.54 -22.07 -52.82
N GLY A 97 -33.81 -23.11 -52.05
CA GLY A 97 -34.60 -22.98 -50.81
C GLY A 97 -34.51 -24.23 -49.95
N VAL A 98 -34.67 -24.04 -48.64
CA VAL A 98 -34.65 -25.17 -47.72
C VAL A 98 -35.74 -24.99 -46.65
N ASP A 99 -36.36 -26.10 -46.26
CA ASP A 99 -37.58 -26.03 -45.47
C ASP A 99 -37.73 -27.19 -44.50
N GLY A 100 -38.17 -26.87 -43.28
CA GLY A 100 -38.51 -27.87 -42.27
C GLY A 100 -37.29 -28.53 -41.65
N VAL A 101 -36.31 -27.70 -41.27
CA VAL A 101 -35.10 -28.19 -40.61
C VAL A 101 -35.29 -28.17 -39.09
N ARG A 102 -35.08 -29.33 -38.47
CA ARG A 102 -35.07 -29.46 -37.01
C ARG A 102 -33.83 -30.27 -36.62
N TRP A 103 -33.03 -29.72 -35.70
CA TRP A 103 -31.84 -30.39 -35.18
C TRP A 103 -32.10 -30.97 -33.78
N LYS A 104 -31.98 -32.29 -33.66
CA LYS A 104 -32.36 -33.01 -32.45
C LYS A 104 -31.22 -33.24 -31.46
N LYS A 105 -29.99 -33.28 -31.97
CA LYS A 105 -28.84 -33.70 -31.18
C LYS A 105 -27.54 -33.12 -31.75
N PRO A 106 -26.66 -32.63 -30.87
CA PRO A 106 -25.32 -32.19 -31.29
C PRO A 106 -24.52 -33.29 -31.99
N VAL A 107 -23.93 -32.94 -33.13
CA VAL A 107 -22.97 -33.81 -33.81
C VAL A 107 -21.58 -33.43 -33.33
N LEU A 108 -20.81 -34.42 -32.88
CA LEU A 108 -19.55 -34.17 -32.20
C LEU A 108 -18.36 -34.83 -32.90
N PRO A 109 -17.14 -34.28 -32.71
CA PRO A 109 -15.91 -34.99 -33.10
C PRO A 109 -15.91 -36.43 -32.60
N GLY A 110 -15.78 -37.38 -33.52
CA GLY A 110 -15.84 -38.79 -33.20
C GLY A 110 -16.99 -39.46 -33.90
N ASP A 111 -18.12 -38.75 -33.99
CA ASP A 111 -19.32 -39.27 -34.64
C ASP A 111 -19.08 -39.58 -36.11
N THR A 112 -19.80 -40.60 -36.59
CA THR A 112 -19.94 -40.82 -37.99
C THR A 112 -21.32 -40.26 -38.29
N LEU A 113 -21.42 -39.48 -39.36
CA LEU A 113 -22.67 -38.87 -39.76
C LEU A 113 -23.26 -39.66 -40.91
N THR A 114 -24.23 -40.53 -40.61
CA THR A 114 -24.89 -41.32 -41.66
C THR A 114 -26.11 -40.59 -42.22
N MET A 115 -26.07 -40.34 -43.53
CA MET A 115 -27.03 -39.45 -44.18
C MET A 115 -27.82 -40.18 -45.27
N GLN A 116 -29.12 -39.92 -45.29
CA GLN A 116 -30.00 -40.38 -46.36
C GLN A 116 -30.82 -39.23 -46.96
N ALA A 117 -30.78 -39.11 -48.29
CA ALA A 117 -31.60 -38.15 -49.01
C ALA A 117 -32.51 -38.83 -50.03
N ASN A 118 -33.77 -38.40 -50.07
CA ASN A 118 -34.78 -39.00 -50.93
C ASN A 118 -35.27 -37.97 -51.96
N LEU A 119 -35.20 -38.34 -53.24
CA LEU A 119 -35.62 -37.45 -54.33
C LEU A 119 -37.15 -37.41 -54.43
N ILE A 120 -37.70 -36.20 -54.41
CA ILE A 120 -39.16 -36.02 -54.46
C ILE A 120 -39.62 -35.75 -55.89
N SER A 121 -39.31 -34.56 -56.41
CA SER A 121 -39.70 -34.17 -57.76
C SER A 121 -38.52 -33.67 -58.59
N PHE A 122 -38.55 -33.96 -59.89
CA PHE A 122 -37.52 -33.52 -60.83
C PHE A 122 -38.17 -33.14 -62.16
N LYS A 123 -38.04 -31.87 -62.53
CA LYS A 123 -38.54 -31.39 -63.82
C LYS A 123 -37.35 -30.96 -64.69
N SER A 124 -36.46 -31.92 -64.97
CA SER A 124 -35.10 -31.69 -65.52
C SER A 124 -34.96 -30.60 -66.60
N SER A 125 -36.03 -30.36 -67.36
CA SER A 125 -36.05 -29.32 -68.39
C SER A 125 -35.73 -27.93 -67.84
N LEU A 126 -36.12 -27.71 -66.58
CA LEU A 126 -35.90 -26.43 -65.88
C LEU A 126 -34.56 -26.40 -65.13
N GLY A 127 -34.35 -27.39 -64.27
CA GLY A 127 -33.22 -27.42 -63.32
C GLY A 127 -33.74 -27.40 -61.89
N ILE A 128 -34.91 -28.01 -61.69
CA ILE A 128 -35.63 -27.98 -60.41
C ILE A 128 -35.67 -29.36 -59.75
N ALA A 129 -35.00 -29.48 -58.60
CA ALA A 129 -34.99 -30.74 -57.86
C ALA A 129 -35.31 -30.53 -56.38
N LYS A 130 -36.27 -31.32 -55.90
CA LYS A 130 -36.70 -31.26 -54.51
C LYS A 130 -36.36 -32.58 -53.82
N LEU A 131 -35.85 -32.47 -52.59
CA LEU A 131 -35.44 -33.64 -51.84
C LEU A 131 -35.72 -33.52 -50.36
N SER A 132 -35.86 -34.68 -49.69
CA SER A 132 -35.90 -34.74 -48.23
C SER A 132 -34.57 -35.26 -47.73
N GLY A 133 -34.25 -35.01 -46.46
CA GLY A 133 -33.00 -35.48 -45.89
C GLY A 133 -33.09 -35.82 -44.41
N VAL A 134 -32.35 -36.86 -44.01
CA VAL A 134 -32.24 -37.27 -42.62
C VAL A 134 -30.80 -37.65 -42.31
N GLY A 135 -30.28 -37.16 -41.17
CA GLY A 135 -28.93 -37.46 -40.74
C GLY A 135 -28.95 -38.16 -39.40
N TYR A 136 -28.13 -39.20 -39.28
CA TYR A 136 -28.08 -40.02 -38.08
C TYR A 136 -26.69 -40.12 -37.49
N VAL A 137 -26.66 -40.31 -36.17
CA VAL A 137 -25.46 -40.74 -35.45
C VAL A 137 -25.90 -41.88 -34.53
N ASN A 138 -25.17 -42.99 -34.58
CA ASN A 138 -25.49 -44.22 -33.83
C ASN A 138 -26.94 -44.70 -34.00
N GLY A 139 -27.48 -44.51 -35.20
CA GLY A 139 -28.85 -44.91 -35.52
C GLY A 139 -29.94 -43.96 -35.06
N LYS A 140 -29.56 -42.93 -34.31
CA LYS A 140 -30.51 -41.92 -33.81
C LYS A 140 -30.52 -40.69 -34.71
N VAL A 141 -31.68 -40.05 -34.80
CA VAL A 141 -31.89 -38.91 -35.70
C VAL A 141 -31.28 -37.63 -35.13
N VAL A 142 -30.36 -37.01 -35.87
CA VAL A 142 -29.75 -35.76 -35.43
C VAL A 142 -30.28 -34.56 -36.19
N ILE A 143 -30.46 -34.71 -37.50
CA ILE A 143 -30.99 -33.63 -38.34
C ILE A 143 -32.12 -34.12 -39.28
N ASN A 144 -33.24 -33.40 -39.25
CA ASN A 144 -34.35 -33.62 -40.17
C ASN A 144 -34.54 -32.46 -41.13
N ILE A 145 -34.67 -32.78 -42.42
CA ILE A 145 -34.99 -31.77 -43.42
C ILE A 145 -36.19 -32.20 -44.27
N SER A 146 -37.24 -31.36 -44.24
CA SER A 146 -38.46 -31.64 -45.02
C SER A 146 -38.24 -31.50 -46.52
N GLU A 147 -37.70 -30.35 -46.97
CA GLU A 147 -37.57 -30.06 -48.40
C GLU A 147 -36.36 -29.19 -48.80
N MET A 148 -35.47 -29.77 -49.60
CA MET A 148 -34.29 -29.08 -50.14
C MET A 148 -34.46 -28.79 -51.63
N THR A 149 -34.43 -27.51 -52.01
CA THR A 149 -34.65 -27.12 -53.40
C THR A 149 -33.34 -26.66 -54.06
N PHE A 150 -32.94 -27.34 -55.14
CA PHE A 150 -31.66 -27.07 -55.81
C PHE A 150 -31.81 -26.62 -57.26
N ALA A 151 -30.91 -25.74 -57.70
CA ALA A 151 -31.01 -25.10 -59.01
C ALA A 151 -29.82 -25.36 -59.94
N LEU A 152 -30.11 -25.84 -61.15
CA LEU A 152 -29.12 -26.06 -62.20
C LEU A 152 -28.88 -24.76 -62.94
N SER A 153 -27.74 -24.13 -62.68
CA SER A 153 -27.43 -22.80 -63.23
C SER A 153 -26.12 -22.78 -64.01
N THR B 9 -27.82 1.09 -31.22
CA THR B 9 -26.51 1.60 -30.70
C THR B 9 -25.37 0.96 -31.51
N SER B 10 -24.54 1.80 -32.14
CA SER B 10 -23.49 1.35 -33.08
C SER B 10 -22.39 0.52 -32.42
N ILE B 11 -21.64 -0.26 -33.22
CA ILE B 11 -20.65 -1.23 -32.70
C ILE B 11 -19.44 -1.56 -33.60
N ASP B 12 -18.29 -1.80 -32.95
CA ASP B 12 -17.10 -2.41 -33.57
C ASP B 12 -16.94 -3.88 -33.10
N ILE B 13 -16.23 -4.70 -33.88
CA ILE B 13 -16.20 -6.18 -33.72
C ILE B 13 -15.46 -6.77 -32.48
N GLU B 14 -14.74 -5.95 -31.73
CA GLU B 14 -14.08 -6.46 -30.52
C GLU B 14 -15.15 -6.80 -29.48
N ASP B 15 -16.23 -6.02 -29.48
CA ASP B 15 -17.34 -6.25 -28.58
C ASP B 15 -18.23 -7.42 -29.03
N ILE B 16 -18.30 -7.65 -30.34
CA ILE B 16 -19.06 -8.78 -30.90
C ILE B 16 -18.52 -10.13 -30.39
N LYS B 17 -17.20 -10.21 -30.25
CA LYS B 17 -16.52 -11.39 -29.73
C LYS B 17 -16.69 -11.56 -28.22
N LYS B 18 -17.14 -10.50 -27.54
CA LYS B 18 -17.44 -10.58 -26.12
C LYS B 18 -18.85 -11.10 -25.89
N ILE B 19 -19.68 -10.91 -26.92
CA ILE B 19 -21.05 -11.41 -26.92
C ILE B 19 -21.05 -12.84 -27.44
N LEU B 20 -20.72 -13.03 -28.72
CA LEU B 20 -20.75 -14.36 -29.35
C LEU B 20 -19.52 -15.20 -29.01
N PRO B 21 -19.66 -16.55 -29.04
CA PRO B 21 -18.49 -17.40 -28.78
C PRO B 21 -17.78 -17.87 -30.07
N HIS B 22 -18.45 -17.73 -31.20
CA HIS B 22 -17.90 -18.05 -32.53
C HIS B 22 -16.56 -17.35 -32.76
N ARG B 23 -15.64 -18.05 -33.42
CA ARG B 23 -14.37 -17.44 -33.83
C ARG B 23 -14.05 -17.81 -35.27
N TYR B 24 -12.84 -17.47 -35.72
CA TYR B 24 -12.38 -17.83 -37.06
C TYR B 24 -12.30 -19.36 -37.19
N PRO B 25 -12.77 -19.94 -38.32
CA PRO B 25 -13.37 -19.31 -39.50
C PRO B 25 -14.91 -19.33 -39.50
N PHE B 26 -15.54 -19.10 -38.35
CA PHE B 26 -16.99 -19.22 -38.31
C PHE B 26 -17.74 -18.09 -37.60
N LEU B 27 -17.04 -16.97 -37.39
CA LEU B 27 -17.69 -15.69 -37.10
C LEU B 27 -18.02 -15.03 -38.44
N LEU B 28 -19.31 -14.76 -38.65
CA LEU B 28 -19.79 -14.22 -39.94
C LEU B 28 -20.57 -12.90 -39.81
N VAL B 29 -20.34 -12.19 -38.70
CA VAL B 29 -20.86 -10.84 -38.54
C VAL B 29 -19.67 -9.90 -38.29
N ASP B 30 -19.53 -8.90 -39.15
CA ASP B 30 -18.42 -7.96 -39.07
C ASP B 30 -18.75 -6.73 -38.24
N LYS B 31 -20.00 -6.28 -38.35
CA LYS B 31 -20.41 -5.04 -37.70
C LYS B 31 -21.90 -5.04 -37.43
N VAL B 32 -22.27 -4.56 -36.24
CA VAL B 32 -23.66 -4.31 -35.90
C VAL B 32 -23.90 -2.80 -36.01
N ILE B 33 -24.78 -2.39 -36.91
CA ILE B 33 -25.00 -0.96 -37.13
C ILE B 33 -26.20 -0.40 -36.35
N TYR B 34 -27.15 -1.26 -36.02
CA TYR B 34 -28.34 -0.88 -35.25
C TYR B 34 -28.87 -2.04 -34.41
N MET B 35 -29.22 -1.76 -33.16
CA MET B 35 -29.85 -2.77 -32.32
C MET B 35 -30.88 -2.19 -31.35
N GLN B 36 -32.12 -2.65 -31.48
CA GLN B 36 -33.17 -2.35 -30.51
C GLN B 36 -33.55 -3.64 -29.76
N PRO B 37 -33.10 -3.75 -28.49
CA PRO B 37 -33.31 -4.93 -27.65
C PRO B 37 -34.76 -5.39 -27.67
N ASN B 38 -34.94 -6.72 -27.60
CA ASN B 38 -36.25 -7.37 -27.70
C ASN B 38 -37.02 -7.13 -29.01
N LYS B 39 -36.45 -6.35 -29.93
CA LYS B 39 -37.14 -6.00 -31.18
C LYS B 39 -36.35 -6.35 -32.45
N THR B 40 -35.51 -5.44 -32.93
CA THR B 40 -34.83 -5.64 -34.23
C THR B 40 -33.32 -5.38 -34.20
N ILE B 41 -32.61 -5.97 -35.16
CA ILE B 41 -31.14 -5.83 -35.26
C ILE B 41 -30.71 -5.72 -36.73
N ILE B 42 -29.82 -4.76 -37.01
CA ILE B 42 -29.30 -4.54 -38.36
C ILE B 42 -27.78 -4.61 -38.36
N GLY B 43 -27.23 -5.53 -39.15
CA GLY B 43 -25.79 -5.74 -39.23
C GLY B 43 -25.29 -5.98 -40.64
N LEU B 44 -23.99 -6.23 -40.76
CA LEU B 44 -23.37 -6.47 -42.08
C LEU B 44 -22.18 -7.43 -42.05
N LYS B 45 -22.02 -8.16 -43.15
CA LYS B 45 -20.89 -9.05 -43.38
C LYS B 45 -20.28 -8.68 -44.73
N GLN B 46 -18.98 -8.42 -44.74
CA GLN B 46 -18.26 -8.08 -45.97
C GLN B 46 -17.77 -9.33 -46.67
N VAL B 47 -18.12 -9.46 -47.94
CA VAL B 47 -17.85 -10.67 -48.72
C VAL B 47 -16.60 -10.44 -49.56
N SER B 48 -15.49 -11.05 -49.14
CA SER B 48 -14.22 -10.89 -49.83
C SER B 48 -13.73 -12.20 -50.43
N THR B 49 -12.92 -12.11 -51.47
CA THR B 49 -12.26 -13.28 -52.06
C THR B 49 -11.26 -13.93 -51.10
N ASN B 50 -10.75 -13.13 -50.17
CA ASN B 50 -9.73 -13.56 -49.23
C ASN B 50 -10.33 -14.29 -48.04
N GLU B 51 -11.34 -15.13 -48.32
CA GLU B 51 -12.04 -15.87 -47.29
C GLU B 51 -11.88 -17.35 -47.59
N PRO B 52 -11.71 -18.17 -46.53
CA PRO B 52 -11.24 -19.54 -46.69
C PRO B 52 -12.19 -20.49 -47.44
N PHE B 53 -13.49 -20.23 -47.40
CA PHE B 53 -14.47 -21.13 -48.03
C PHE B 53 -14.54 -21.01 -49.55
N PHE B 54 -14.10 -19.87 -50.08
CA PHE B 54 -14.30 -19.55 -51.49
C PHE B 54 -13.54 -20.47 -52.43
N ASN B 55 -12.35 -20.90 -52.01
CA ASN B 55 -11.56 -21.90 -52.73
C ASN B 55 -12.34 -23.20 -53.04
N GLY B 56 -13.26 -23.56 -52.15
CA GLY B 56 -14.02 -24.80 -52.30
C GLY B 56 -15.43 -24.64 -52.86
N HIS B 57 -15.86 -23.39 -53.04
CA HIS B 57 -17.24 -23.09 -53.42
C HIS B 57 -17.31 -21.81 -54.28
N PHE B 58 -16.88 -21.86 -55.53
CA PHE B 58 -16.32 -23.05 -56.19
C PHE B 58 -14.98 -22.65 -56.82
N PRO B 59 -14.13 -23.66 -57.15
CA PRO B 59 -12.89 -23.38 -57.89
C PRO B 59 -13.10 -22.49 -59.11
N GLN B 60 -14.07 -22.84 -59.94
CA GLN B 60 -14.30 -22.17 -61.22
C GLN B 60 -15.12 -20.89 -61.05
N LYS B 61 -15.85 -20.81 -59.93
CA LYS B 61 -16.82 -19.74 -59.72
C LYS B 61 -17.08 -19.48 -58.22
N GLN B 62 -16.69 -18.30 -57.75
CA GLN B 62 -16.81 -17.94 -56.33
C GLN B 62 -18.18 -17.39 -55.94
N ILE B 63 -18.95 -18.21 -55.23
CA ILE B 63 -20.30 -17.86 -54.77
C ILE B 63 -20.39 -18.17 -53.28
N MET B 64 -20.79 -17.18 -52.48
CA MET B 64 -21.01 -17.41 -51.05
C MET B 64 -22.02 -18.54 -50.86
N PRO B 65 -21.60 -19.63 -50.21
CA PRO B 65 -22.52 -20.74 -49.97
C PRO B 65 -23.72 -20.26 -49.19
N GLY B 66 -24.91 -20.58 -49.68
CA GLY B 66 -26.16 -20.11 -49.09
C GLY B 66 -26.30 -20.41 -47.61
N VAL B 67 -25.91 -21.62 -47.22
CA VAL B 67 -25.99 -22.04 -45.80
C VAL B 67 -25.23 -21.14 -44.82
N LEU B 68 -24.15 -20.50 -45.29
CA LEU B 68 -23.37 -19.59 -44.44
C LEU B 68 -24.03 -18.23 -44.33
N GLN B 69 -24.91 -17.91 -45.29
CA GLN B 69 -25.76 -16.72 -45.19
C GLN B 69 -26.78 -16.92 -44.07
N ILE B 70 -27.32 -18.15 -43.95
CA ILE B 70 -28.17 -18.50 -42.81
C ILE B 70 -27.38 -18.30 -41.52
N GLU B 71 -26.12 -18.74 -41.54
CA GLU B 71 -25.25 -18.65 -40.36
C GLU B 71 -25.04 -17.20 -39.92
N ALA B 72 -24.79 -16.33 -40.90
CA ALA B 72 -24.60 -14.91 -40.63
C ALA B 72 -25.85 -14.29 -39.97
N LEU B 73 -27.00 -14.36 -40.65
CA LEU B 73 -28.25 -13.85 -40.09
C LEU B 73 -28.57 -14.42 -38.71
N ALA B 74 -28.20 -15.67 -38.49
CA ALA B 74 -28.51 -16.35 -37.25
C ALA B 74 -27.57 -15.92 -36.11
N GLN B 75 -26.30 -15.65 -36.44
CA GLN B 75 -25.37 -15.05 -35.48
C GLN B 75 -25.83 -13.65 -35.10
N LEU B 76 -26.24 -12.88 -36.11
CA LEU B 76 -26.84 -11.58 -35.89
C LEU B 76 -28.07 -11.68 -34.99
N ALA B 77 -28.88 -12.71 -35.22
CA ALA B 77 -30.03 -13.00 -34.38
C ALA B 77 -29.62 -13.28 -32.92
N GLY B 78 -28.62 -14.15 -32.75
CA GLY B 78 -28.12 -14.54 -31.43
C GLY B 78 -27.48 -13.42 -30.61
N ILE B 79 -27.07 -12.34 -31.29
CA ILE B 79 -26.58 -11.13 -30.61
C ILE B 79 -27.75 -10.40 -29.94
N LEU B 80 -28.84 -10.25 -30.70
CA LEU B 80 -30.07 -9.61 -30.19
C LEU B 80 -30.55 -10.33 -28.93
N CYS B 81 -30.63 -11.65 -28.99
CA CYS B 81 -31.06 -12.48 -27.85
C CYS B 81 -30.21 -12.26 -26.60
N LEU B 82 -28.90 -12.28 -26.78
CA LEU B 82 -27.96 -12.16 -25.67
C LEU B 82 -27.96 -10.77 -25.04
N LYS B 83 -28.28 -9.74 -25.84
CA LYS B 83 -28.35 -8.38 -25.32
C LYS B 83 -29.75 -8.04 -24.80
N SER B 84 -30.77 -8.67 -25.37
CA SER B 84 -32.15 -8.50 -24.92
C SER B 84 -32.39 -9.11 -23.55
N ASP B 85 -31.71 -10.23 -23.28
CA ASP B 85 -31.86 -10.97 -22.03
C ASP B 85 -30.62 -11.83 -21.80
N ASP B 86 -29.79 -11.44 -20.82
CA ASP B 86 -28.64 -12.27 -20.44
C ASP B 86 -28.72 -12.75 -18.97
N SER B 87 -29.96 -12.89 -18.47
CA SER B 87 -30.17 -13.54 -17.19
C SER B 87 -29.66 -14.98 -17.28
N GLN B 88 -29.87 -15.59 -18.45
CA GLN B 88 -29.29 -16.89 -18.78
C GLN B 88 -27.88 -16.63 -19.32
N LYS B 89 -26.90 -16.63 -18.42
CA LYS B 89 -25.54 -16.21 -18.76
C LYS B 89 -24.77 -17.30 -19.53
N ASN B 90 -25.49 -17.97 -20.43
CA ASN B 90 -24.89 -18.93 -21.37
C ASN B 90 -24.91 -18.33 -22.77
N ASN B 91 -23.74 -18.00 -23.30
CA ASN B 91 -23.63 -17.40 -24.63
C ASN B 91 -23.51 -18.44 -25.76
N LEU B 92 -23.36 -19.70 -25.35
CA LEU B 92 -23.47 -20.82 -26.27
C LEU B 92 -24.95 -21.13 -26.53
N PHE B 93 -25.49 -20.56 -27.60
CA PHE B 93 -26.81 -20.93 -28.09
C PHE B 93 -26.62 -22.03 -29.13
N LEU B 94 -27.70 -22.71 -29.51
CA LEU B 94 -27.61 -23.67 -30.62
C LEU B 94 -28.85 -23.63 -31.51
N PHE B 95 -28.62 -23.72 -32.82
CA PHE B 95 -29.69 -23.77 -33.80
C PHE B 95 -30.54 -25.01 -33.53
N ALA B 96 -31.85 -24.82 -33.46
CA ALA B 96 -32.78 -25.91 -33.20
C ALA B 96 -33.55 -26.28 -34.47
N GLY B 97 -33.94 -25.27 -35.24
CA GLY B 97 -34.59 -25.46 -36.53
C GLY B 97 -34.66 -24.17 -37.34
N VAL B 98 -34.78 -24.31 -38.66
CA VAL B 98 -34.92 -23.14 -39.55
C VAL B 98 -35.94 -23.42 -40.67
N ASP B 99 -36.80 -22.43 -40.94
CA ASP B 99 -37.94 -22.67 -41.83
C ASP B 99 -38.25 -21.53 -42.81
N GLY B 100 -38.55 -21.90 -44.05
CA GLY B 100 -38.87 -20.93 -45.08
C GLY B 100 -37.66 -20.07 -45.42
N VAL B 101 -36.68 -20.71 -46.05
CA VAL B 101 -35.51 -20.01 -46.56
C VAL B 101 -35.61 -20.05 -48.08
N ARG B 102 -35.43 -18.90 -48.71
CA ARG B 102 -35.35 -18.82 -50.17
C ARG B 102 -34.19 -17.91 -50.57
N TRP B 103 -33.33 -18.42 -51.46
CA TRP B 103 -32.20 -17.65 -52.01
C TRP B 103 -32.55 -17.06 -53.39
N LYS B 104 -32.56 -15.73 -53.46
CA LYS B 104 -33.02 -15.02 -54.66
C LYS B 104 -31.88 -14.65 -55.61
N LYS B 105 -30.69 -14.42 -55.04
CA LYS B 105 -29.56 -13.88 -55.79
C LYS B 105 -28.24 -14.36 -55.19
N PRO B 106 -27.27 -14.72 -56.05
CA PRO B 106 -25.92 -15.04 -55.59
C PRO B 106 -25.25 -13.88 -54.85
N VAL B 107 -24.59 -14.20 -53.73
CA VAL B 107 -23.74 -13.26 -53.02
C VAL B 107 -22.29 -13.52 -53.47
N LEU B 108 -21.63 -12.46 -53.95
CA LEU B 108 -20.33 -12.64 -54.60
C LEU B 108 -19.24 -11.82 -53.90
N PRO B 109 -17.97 -12.11 -54.22
CA PRO B 109 -16.87 -11.26 -53.82
C PRO B 109 -17.11 -9.85 -54.33
N GLY B 110 -16.99 -8.86 -53.45
CA GLY B 110 -17.26 -7.47 -53.81
C GLY B 110 -18.49 -6.89 -53.13
N ASP B 111 -19.44 -7.76 -52.80
CA ASP B 111 -20.69 -7.32 -52.18
C ASP B 111 -20.52 -6.93 -50.72
N THR B 112 -21.47 -6.13 -50.24
CA THR B 112 -21.71 -5.96 -48.81
C THR B 112 -23.00 -6.69 -48.56
N LEU B 113 -23.05 -7.46 -47.48
CA LEU B 113 -24.26 -8.17 -47.09
C LEU B 113 -24.89 -7.48 -45.88
N THR B 114 -25.95 -6.72 -46.13
CA THR B 114 -26.66 -6.02 -45.05
C THR B 114 -27.81 -6.91 -44.55
N MET B 115 -27.78 -7.20 -43.25
CA MET B 115 -28.66 -8.18 -42.64
C MET B 115 -29.60 -7.58 -41.60
N GLN B 116 -30.85 -8.06 -41.59
CA GLN B 116 -31.82 -7.67 -40.56
C GLN B 116 -32.56 -8.86 -39.95
N ALA B 117 -32.47 -8.98 -38.63
CA ALA B 117 -33.21 -10.00 -37.89
C ALA B 117 -34.28 -9.38 -36.97
N ASN B 118 -35.49 -9.93 -37.01
CA ASN B 118 -36.62 -9.42 -36.24
C ASN B 118 -37.16 -10.46 -35.26
N LEU B 119 -37.05 -10.17 -33.97
CA LEU B 119 -37.42 -11.11 -32.90
C LEU B 119 -38.92 -11.30 -32.80
N ILE B 120 -39.35 -12.55 -32.84
CA ILE B 120 -40.78 -12.88 -32.86
C ILE B 120 -41.29 -13.31 -31.48
N SER B 121 -40.76 -14.42 -30.96
CA SER B 121 -41.14 -14.91 -29.63
C SER B 121 -39.91 -15.31 -28.81
N PHE B 122 -40.04 -15.17 -27.49
CA PHE B 122 -38.99 -15.54 -26.54
C PHE B 122 -39.65 -16.06 -25.26
N LYS B 123 -39.31 -17.29 -24.88
CA LYS B 123 -39.79 -17.85 -23.61
C LYS B 123 -38.61 -18.08 -22.63
N ILE B 128 -36.09 -20.68 -25.60
CA ILE B 128 -36.71 -20.81 -26.91
C ILE B 128 -37.01 -19.43 -27.52
N ALA B 129 -36.22 -19.04 -28.52
CA ALA B 129 -36.37 -17.75 -29.16
C ALA B 129 -36.51 -17.91 -30.68
N LYS B 130 -37.55 -17.30 -31.23
CA LYS B 130 -37.83 -17.35 -32.66
C LYS B 130 -37.53 -15.99 -33.31
N LEU B 131 -37.10 -16.04 -34.57
CA LEU B 131 -36.69 -14.83 -35.32
C LEU B 131 -36.83 -14.98 -36.84
N SER B 132 -37.22 -13.89 -37.49
CA SER B 132 -37.16 -13.77 -38.95
C SER B 132 -35.85 -13.09 -39.35
N GLY B 133 -35.49 -13.20 -40.63
CA GLY B 133 -34.24 -12.62 -41.11
C GLY B 133 -34.19 -12.41 -42.61
N VAL B 134 -33.74 -11.22 -43.00
CA VAL B 134 -33.60 -10.85 -44.41
C VAL B 134 -32.17 -10.35 -44.67
N GLY B 135 -31.65 -10.66 -45.85
CA GLY B 135 -30.32 -10.18 -46.26
C GLY B 135 -30.37 -9.44 -47.58
N TYR B 136 -29.72 -8.27 -47.63
CA TYR B 136 -29.68 -7.44 -48.83
C TYR B 136 -28.27 -7.27 -49.40
N VAL B 137 -28.18 -7.22 -50.73
CA VAL B 137 -27.02 -6.65 -51.42
C VAL B 137 -27.53 -5.52 -52.33
N ASN B 138 -27.08 -4.29 -52.04
CA ASN B 138 -27.50 -3.09 -52.77
C ASN B 138 -28.98 -2.75 -52.64
N GLY B 139 -29.55 -2.96 -51.45
CA GLY B 139 -30.97 -2.71 -51.21
C GLY B 139 -31.90 -3.74 -51.84
N LYS B 140 -31.34 -4.66 -52.62
CA LYS B 140 -32.07 -5.76 -53.25
C LYS B 140 -31.98 -7.01 -52.36
N VAL B 141 -33.07 -7.77 -52.28
CA VAL B 141 -33.16 -8.93 -51.36
C VAL B 141 -32.39 -10.14 -51.90
N VAL B 142 -31.45 -10.67 -51.11
CA VAL B 142 -30.72 -11.88 -51.53
C VAL B 142 -31.14 -13.14 -50.76
N ILE B 143 -31.43 -12.99 -49.47
CA ILE B 143 -31.89 -14.11 -48.64
C ILE B 143 -33.07 -13.75 -47.74
N ASN B 144 -34.06 -14.64 -47.70
CA ASN B 144 -35.24 -14.51 -46.83
C ASN B 144 -35.38 -15.70 -45.89
N ILE B 145 -35.46 -15.44 -44.58
CA ILE B 145 -35.73 -16.48 -43.60
C ILE B 145 -36.94 -16.16 -42.74
N SER B 146 -37.98 -16.98 -42.91
CA SER B 146 -39.23 -16.83 -42.16
C SER B 146 -39.03 -17.07 -40.67
N GLU B 147 -38.41 -18.19 -40.31
CA GLU B 147 -38.29 -18.58 -38.91
C GLU B 147 -37.02 -19.34 -38.55
N MET B 148 -36.21 -18.72 -37.68
CA MET B 148 -35.03 -19.33 -37.05
C MET B 148 -35.39 -19.65 -35.60
N THR B 149 -34.98 -20.84 -35.13
CA THR B 149 -35.32 -21.31 -33.78
C THR B 149 -34.07 -21.66 -32.98
N PHE B 150 -33.94 -21.11 -31.76
CA PHE B 150 -32.73 -21.29 -30.95
C PHE B 150 -32.95 -21.88 -29.54
N ALA B 151 -31.97 -22.66 -29.06
CA ALA B 151 -32.06 -23.35 -27.76
C ALA B 151 -30.81 -23.25 -26.87
N LEU B 152 -30.70 -22.14 -26.14
CA LEU B 152 -29.60 -21.95 -25.19
C LEU B 152 -29.86 -22.75 -23.91
N THR C 9 24.48 -32.24 -57.06
CA THR C 9 23.93 -30.93 -57.52
C THR C 9 22.96 -30.30 -56.52
N SER C 10 22.67 -29.02 -56.72
CA SER C 10 21.61 -28.30 -56.03
C SER C 10 20.30 -28.60 -56.78
N ILE C 11 19.15 -28.35 -56.14
CA ILE C 11 17.82 -28.41 -56.80
C ILE C 11 16.83 -27.48 -56.05
N ASP C 12 16.24 -26.54 -56.77
CA ASP C 12 15.35 -25.53 -56.17
C ASP C 12 13.96 -26.08 -55.91
N ILE C 13 13.23 -25.39 -55.03
CA ILE C 13 11.85 -25.73 -54.67
C ILE C 13 10.90 -25.88 -55.88
N GLU C 14 11.18 -25.18 -56.97
CA GLU C 14 10.40 -25.34 -58.20
C GLU C 14 10.66 -26.69 -58.89
N ASP C 15 11.93 -27.09 -58.89
CA ASP C 15 12.34 -28.36 -59.48
C ASP C 15 11.99 -29.52 -58.56
N ILE C 16 12.02 -29.28 -57.25
CA ILE C 16 11.55 -30.26 -56.27
C ILE C 16 10.09 -30.65 -56.55
N LYS C 17 9.23 -29.66 -56.74
CA LYS C 17 7.82 -29.91 -57.06
C LYS C 17 7.62 -30.63 -58.42
N LYS C 18 8.63 -30.58 -59.28
CA LYS C 18 8.60 -31.31 -60.55
C LYS C 18 8.92 -32.79 -60.37
N ILE C 19 9.53 -33.12 -59.22
CA ILE C 19 9.92 -34.50 -58.93
C ILE C 19 8.90 -35.15 -57.98
N LEU C 20 8.54 -34.45 -56.92
CA LEU C 20 7.58 -34.97 -55.92
C LEU C 20 6.17 -34.44 -56.13
N PRO C 21 5.16 -35.27 -55.84
CA PRO C 21 3.76 -34.85 -55.95
C PRO C 21 3.27 -34.02 -54.76
N HIS C 22 4.00 -34.07 -53.64
CA HIS C 22 3.64 -33.38 -52.40
C HIS C 22 3.37 -31.89 -52.59
N ARG C 23 2.25 -31.43 -52.03
CA ARG C 23 1.94 -30.00 -52.01
C ARG C 23 1.68 -29.49 -50.60
N TYR C 24 1.42 -28.18 -50.48
CA TYR C 24 1.12 -27.56 -49.20
C TYR C 24 -0.14 -28.18 -48.59
N PRO C 25 -0.13 -28.44 -47.26
CA PRO C 25 0.90 -28.20 -46.25
C PRO C 25 1.68 -29.47 -45.90
N PHE C 26 2.14 -30.20 -46.91
CA PHE C 26 2.83 -31.47 -46.65
C PHE C 26 4.10 -31.69 -47.50
N LEU C 27 4.62 -30.61 -48.06
CA LEU C 27 5.90 -30.65 -48.74
C LEU C 27 6.95 -30.10 -47.77
N LEU C 28 7.88 -30.98 -47.36
CA LEU C 28 8.75 -30.64 -46.24
C LEU C 28 10.24 -30.62 -46.59
N VAL C 29 10.55 -30.46 -47.88
CA VAL C 29 11.90 -30.18 -48.33
C VAL C 29 11.92 -28.82 -49.03
N ASP C 30 12.73 -27.90 -48.50
CA ASP C 30 12.85 -26.55 -49.07
C ASP C 30 13.93 -26.47 -50.16
N LYS C 31 14.99 -27.24 -50.00
CA LYS C 31 16.12 -27.22 -50.91
C LYS C 31 16.86 -28.55 -50.83
N VAL C 32 17.37 -29.02 -51.97
CA VAL C 32 18.34 -30.10 -51.99
C VAL C 32 19.69 -29.49 -52.31
N ILE C 33 20.65 -29.60 -51.40
CA ILE C 33 21.92 -28.91 -51.54
C ILE C 33 23.05 -29.77 -52.11
N TYR C 34 22.92 -31.09 -52.01
CA TYR C 34 23.85 -32.00 -52.69
C TYR C 34 23.17 -33.30 -53.04
N MET C 35 23.43 -33.81 -54.24
CA MET C 35 22.94 -35.13 -54.61
C MET C 35 23.92 -35.97 -55.42
N GLN C 36 24.02 -37.24 -55.04
CA GLN C 36 24.71 -38.23 -55.83
C GLN C 36 23.79 -39.41 -56.11
N PRO C 37 23.33 -39.56 -57.37
CA PRO C 37 22.49 -40.66 -57.82
C PRO C 37 22.93 -42.01 -57.27
N ASN C 38 21.96 -42.83 -56.89
CA ASN C 38 22.20 -44.18 -56.36
C ASN C 38 22.99 -44.25 -55.03
N LYS C 39 23.43 -43.10 -54.50
CA LYS C 39 24.22 -43.10 -53.26
C LYS C 39 23.67 -42.23 -52.12
N THR C 40 23.84 -40.91 -52.21
CA THR C 40 23.46 -40.02 -51.10
C THR C 40 22.80 -38.70 -51.53
N ILE C 41 21.99 -38.13 -50.63
CA ILE C 41 21.36 -36.83 -50.88
C ILE C 41 21.42 -35.94 -49.64
N ILE C 42 21.74 -34.67 -49.84
CA ILE C 42 21.73 -33.71 -48.75
C ILE C 42 20.75 -32.58 -49.09
N GLY C 43 19.86 -32.28 -48.15
CA GLY C 43 18.93 -31.19 -48.30
C GLY C 43 18.63 -30.49 -46.99
N LEU C 44 17.69 -29.55 -47.04
CA LEU C 44 17.33 -28.75 -45.87
C LEU C 44 15.85 -28.35 -45.79
N LYS C 45 15.39 -28.12 -44.57
CA LYS C 45 14.06 -27.60 -44.30
C LYS C 45 14.21 -26.46 -43.30
N GLN C 46 13.71 -25.29 -43.67
CA GLN C 46 13.69 -24.13 -42.78
C GLN C 46 12.51 -24.23 -41.83
N VAL C 47 12.79 -24.15 -40.53
CA VAL C 47 11.75 -24.25 -39.51
C VAL C 47 11.35 -22.85 -39.04
N SER C 48 10.12 -22.46 -39.33
CA SER C 48 9.63 -21.13 -39.00
C SER C 48 8.38 -21.23 -38.15
N THR C 49 8.11 -20.19 -37.37
CA THR C 49 6.86 -20.10 -36.61
C THR C 49 5.63 -20.08 -37.54
N ASN C 50 5.81 -19.48 -38.72
CA ASN C 50 4.76 -19.27 -39.71
C ASN C 50 4.44 -20.52 -40.53
N GLU C 51 4.34 -21.64 -39.83
CA GLU C 51 3.96 -22.92 -40.42
C GLU C 51 2.70 -23.40 -39.72
N PRO C 52 1.79 -24.07 -40.46
CA PRO C 52 0.46 -24.34 -39.93
C PRO C 52 0.38 -25.43 -38.85
N PHE C 53 1.44 -26.21 -38.65
CA PHE C 53 1.43 -27.22 -37.59
C PHE C 53 1.80 -26.67 -36.20
N PHE C 54 2.53 -25.55 -36.17
CA PHE C 54 3.03 -25.01 -34.91
C PHE C 54 1.95 -24.57 -33.94
N ASN C 55 0.79 -24.14 -34.44
CA ASN C 55 -0.33 -23.79 -33.58
C ASN C 55 -0.82 -24.97 -32.75
N GLY C 56 -0.74 -26.17 -33.33
CA GLY C 56 -1.32 -27.35 -32.71
C GLY C 56 -0.29 -28.25 -32.05
N HIS C 57 0.95 -27.79 -32.05
CA HIS C 57 2.07 -28.56 -31.55
C HIS C 57 3.23 -27.64 -31.13
N PHE C 58 3.09 -26.90 -30.03
CA PHE C 58 1.92 -26.88 -29.16
C PHE C 58 1.62 -25.42 -28.87
N PRO C 59 0.35 -25.11 -28.50
CA PRO C 59 0.00 -23.72 -28.18
C PRO C 59 0.95 -23.06 -27.19
N GLN C 60 1.34 -23.80 -26.15
CA GLN C 60 2.19 -23.28 -25.07
C GLN C 60 3.68 -23.36 -25.40
N LYS C 61 4.04 -24.20 -26.36
CA LYS C 61 5.46 -24.46 -26.68
C LYS C 61 5.58 -25.03 -28.09
N GLN C 62 6.30 -24.35 -28.96
CA GLN C 62 6.35 -24.76 -30.38
C GLN C 62 7.52 -25.69 -30.70
N ILE C 63 7.21 -26.97 -30.84
CA ILE C 63 8.20 -27.99 -31.18
C ILE C 63 7.76 -28.65 -32.48
N MET C 64 8.65 -28.72 -33.45
CA MET C 64 8.35 -29.42 -34.69
C MET C 64 8.08 -30.90 -34.37
N PRO C 65 6.87 -31.39 -34.71
CA PRO C 65 6.55 -32.80 -34.53
C PRO C 65 7.61 -33.69 -35.16
N GLY C 66 8.13 -34.63 -34.38
CA GLY C 66 9.13 -35.58 -34.82
C GLY C 66 8.74 -36.39 -36.04
N VAL C 67 7.45 -36.71 -36.17
CA VAL C 67 6.95 -37.48 -37.32
C VAL C 67 7.08 -36.74 -38.66
N LEU C 68 7.07 -35.41 -38.60
CA LEU C 68 7.27 -34.59 -39.78
C LEU C 68 8.76 -34.52 -40.15
N GLN C 69 9.62 -34.74 -39.15
CA GLN C 69 11.06 -34.90 -39.37
C GLN C 69 11.33 -36.22 -40.09
N ILE C 70 10.54 -37.25 -39.76
CA ILE C 70 10.51 -38.50 -40.51
C ILE C 70 10.02 -38.23 -41.92
N GLU C 71 8.96 -37.43 -42.04
CA GLU C 71 8.37 -37.12 -43.33
C GLU C 71 9.36 -36.42 -44.25
N ALA C 72 10.04 -35.41 -43.72
CA ALA C 72 10.97 -34.59 -44.48
C ALA C 72 12.18 -35.39 -44.99
N LEU C 73 12.81 -36.15 -44.10
CA LEU C 73 13.88 -37.04 -44.52
C LEU C 73 13.45 -38.00 -45.62
N ALA C 74 12.26 -38.56 -45.44
CA ALA C 74 11.73 -39.55 -46.37
C ALA C 74 11.31 -38.94 -47.70
N GLN C 75 10.92 -37.66 -47.68
CA GLN C 75 10.61 -36.91 -48.89
C GLN C 75 11.90 -36.65 -49.66
N LEU C 76 12.96 -36.37 -48.91
CA LEU C 76 14.32 -36.16 -49.45
C LEU C 76 14.88 -37.49 -49.94
N ALA C 77 14.56 -38.57 -49.22
CA ALA C 77 14.87 -39.93 -49.66
C ALA C 77 14.19 -40.25 -50.99
N GLY C 78 12.92 -39.86 -51.11
CA GLY C 78 12.12 -40.12 -52.30
C GLY C 78 12.68 -39.46 -53.56
N ILE C 79 13.24 -38.26 -53.40
CA ILE C 79 13.84 -37.53 -54.51
C ILE C 79 15.02 -38.30 -55.09
N LEU C 80 15.86 -38.84 -54.21
CA LEU C 80 17.02 -39.60 -54.60
C LEU C 80 16.62 -40.84 -55.43
N CYS C 81 15.57 -41.53 -54.98
CA CYS C 81 15.04 -42.69 -55.70
C CYS C 81 14.53 -42.36 -57.09
N LEU C 82 13.77 -41.27 -57.21
CA LEU C 82 13.19 -40.85 -58.48
C LEU C 82 14.24 -40.36 -59.48
N LYS C 83 15.33 -39.77 -58.98
CA LYS C 83 16.39 -39.27 -59.85
C LYS C 83 17.46 -40.32 -60.14
N SER C 84 17.59 -41.29 -59.24
CA SER C 84 18.52 -42.41 -59.46
C SER C 84 17.98 -43.36 -60.52
N ASP C 85 16.65 -43.45 -60.61
CA ASP C 85 15.95 -44.35 -61.53
C ASP C 85 14.53 -43.86 -61.76
N ASP C 86 14.19 -43.52 -63.03
CA ASP C 86 12.82 -43.09 -63.35
C ASP C 86 12.17 -43.88 -64.49
N SER C 87 12.75 -45.05 -64.81
CA SER C 87 12.09 -45.99 -65.73
C SER C 87 10.63 -46.22 -65.29
N GLN C 88 10.44 -46.47 -63.99
CA GLN C 88 9.11 -46.38 -63.36
C GLN C 88 8.70 -44.90 -63.32
N LYS C 89 7.96 -44.46 -64.35
CA LYS C 89 7.49 -43.07 -64.46
C LYS C 89 6.33 -42.79 -63.49
N ASN C 90 6.49 -43.31 -62.28
CA ASN C 90 5.54 -43.17 -61.18
C ASN C 90 6.23 -42.35 -60.08
N ASN C 91 5.74 -41.14 -59.83
CA ASN C 91 6.25 -40.33 -58.72
C ASN C 91 5.48 -40.53 -57.40
N LEU C 92 4.35 -41.23 -57.49
CA LEU C 92 3.59 -41.59 -56.29
C LEU C 92 4.18 -42.81 -55.55
N PHE C 93 5.25 -42.56 -54.79
CA PHE C 93 5.80 -43.55 -53.86
C PHE C 93 4.94 -43.51 -52.60
N LEU C 94 4.98 -44.60 -51.82
CA LEU C 94 4.35 -44.63 -50.51
C LEU C 94 5.30 -45.26 -49.48
N PHE C 95 5.27 -44.72 -48.27
CA PHE C 95 6.00 -45.29 -47.13
C PHE C 95 5.49 -46.70 -46.94
N ALA C 96 6.41 -47.65 -46.84
CA ALA C 96 6.05 -49.05 -46.60
C ALA C 96 6.38 -49.43 -45.16
N GLY C 97 7.56 -48.99 -44.71
CA GLY C 97 7.98 -49.20 -43.34
C GLY C 97 9.07 -48.23 -42.93
N VAL C 98 9.20 -48.04 -41.62
CA VAL C 98 10.31 -47.28 -41.07
C VAL C 98 10.79 -47.96 -39.79
N ASP C 99 12.12 -48.08 -39.66
CA ASP C 99 12.70 -48.85 -38.57
C ASP C 99 13.86 -48.09 -37.93
N GLY C 100 13.90 -48.13 -36.60
CA GLY C 100 14.99 -47.52 -35.83
C GLY C 100 15.04 -46.01 -35.89
N VAL C 101 13.97 -45.37 -35.42
CA VAL C 101 13.92 -43.91 -35.32
C VAL C 101 14.16 -43.50 -33.88
N ARG C 102 15.06 -42.54 -33.69
N ARG C 102 15.09 -42.57 -33.67
CA ARG C 102 15.41 -42.00 -32.37
CA ARG C 102 15.35 -41.99 -32.36
C ARG C 102 15.56 -40.47 -32.44
C ARG C 102 15.54 -40.48 -32.45
N TRP C 103 14.74 -39.76 -31.66
CA TRP C 103 14.82 -38.29 -31.59
C TRP C 103 15.66 -37.87 -30.40
N LYS C 104 16.67 -37.05 -30.68
CA LYS C 104 17.64 -36.65 -29.65
C LYS C 104 17.32 -35.26 -29.09
N LYS C 105 17.00 -34.32 -29.97
CA LYS C 105 16.88 -32.92 -29.57
C LYS C 105 15.67 -32.27 -30.25
N PRO C 106 14.92 -31.43 -29.50
CA PRO C 106 13.81 -30.69 -30.08
C PRO C 106 14.25 -29.79 -31.24
N VAL C 107 13.44 -29.77 -32.31
CA VAL C 107 13.67 -28.89 -33.45
C VAL C 107 12.67 -27.74 -33.35
N LEU C 108 13.19 -26.51 -33.39
CA LEU C 108 12.40 -25.33 -33.03
C LEU C 108 12.32 -24.26 -34.13
N PRO C 109 11.33 -23.34 -34.03
CA PRO C 109 11.30 -22.19 -34.94
C PRO C 109 12.60 -21.40 -34.85
N GLY C 110 13.23 -21.16 -36.00
CA GLY C 110 14.54 -20.52 -36.06
C GLY C 110 15.59 -21.49 -36.58
N ASP C 111 15.33 -22.78 -36.42
CA ASP C 111 16.30 -23.79 -36.76
C ASP C 111 16.32 -24.02 -38.25
N THR C 112 17.49 -24.45 -38.73
CA THR C 112 17.62 -25.02 -40.04
C THR C 112 17.81 -26.51 -39.81
N LEU C 113 17.04 -27.31 -40.53
CA LEU C 113 17.12 -28.76 -40.39
C LEU C 113 17.84 -29.31 -41.61
N THR C 114 19.13 -29.58 -41.44
CA THR C 114 19.96 -30.17 -42.49
C THR C 114 19.83 -31.69 -42.44
N MET C 115 19.52 -32.29 -43.58
CA MET C 115 19.07 -33.68 -43.64
C MET C 115 19.86 -34.49 -44.66
N GLN C 116 20.32 -35.68 -44.26
CA GLN C 116 20.99 -36.59 -45.18
C GLN C 116 20.32 -37.97 -45.21
N ALA C 117 20.09 -38.47 -46.42
CA ALA C 117 19.60 -39.83 -46.62
C ALA C 117 20.60 -40.64 -47.44
N ASN C 118 20.83 -41.88 -47.03
CA ASN C 118 21.80 -42.76 -47.69
C ASN C 118 21.13 -44.02 -48.21
N LEU C 119 21.10 -44.16 -49.54
CA LEU C 119 20.43 -45.29 -50.18
C LEU C 119 21.15 -46.61 -49.88
N ILE C 120 20.41 -47.56 -49.30
CA ILE C 120 20.97 -48.86 -48.96
C ILE C 120 20.69 -49.88 -50.07
N SER C 121 19.43 -50.16 -50.35
CA SER C 121 19.08 -51.08 -51.43
C SER C 121 17.98 -50.55 -52.37
N PHE C 122 18.01 -51.03 -53.60
CA PHE C 122 17.00 -50.71 -54.61
C PHE C 122 16.76 -51.97 -55.47
N LYS C 123 15.54 -52.48 -55.45
CA LYS C 123 15.19 -53.69 -56.20
C LYS C 123 14.47 -53.37 -57.51
N SER C 124 14.98 -52.39 -58.24
CA SER C 124 14.48 -52.03 -59.57
C SER C 124 12.95 -52.00 -59.64
N SER C 125 12.39 -52.70 -60.62
CA SER C 125 10.95 -52.68 -60.89
C SER C 125 10.12 -53.66 -60.03
N LEU C 126 10.67 -54.05 -58.89
CA LEU C 126 9.85 -54.54 -57.78
C LEU C 126 9.31 -53.29 -57.12
N GLY C 127 10.17 -52.27 -57.08
CA GLY C 127 9.83 -50.99 -56.49
C GLY C 127 10.04 -50.97 -54.98
N ILE C 128 11.12 -51.61 -54.51
CA ILE C 128 11.52 -51.54 -53.11
C ILE C 128 12.82 -50.78 -52.97
N ALA C 129 12.78 -49.72 -52.17
CA ALA C 129 13.97 -48.95 -51.82
C ALA C 129 14.15 -48.88 -50.32
N LYS C 130 15.38 -49.12 -49.88
CA LYS C 130 15.74 -48.99 -48.46
C LYS C 130 16.82 -47.92 -48.27
N LEU C 131 16.65 -47.07 -47.26
CA LEU C 131 17.51 -45.92 -47.04
C LEU C 131 17.72 -45.62 -45.57
N SER C 132 18.90 -45.10 -45.23
CA SER C 132 19.16 -44.58 -43.89
C SER C 132 19.04 -43.06 -43.91
N GLY C 133 18.81 -42.46 -42.74
CA GLY C 133 18.62 -41.02 -42.64
C GLY C 133 19.03 -40.40 -41.32
N VAL C 134 19.58 -39.20 -41.40
CA VAL C 134 20.01 -38.42 -40.24
C VAL C 134 19.61 -36.95 -40.44
N GLY C 135 19.28 -36.27 -39.35
CA GLY C 135 18.99 -34.84 -39.41
C GLY C 135 19.83 -34.09 -38.40
N TYR C 136 20.12 -32.82 -38.71
CA TYR C 136 20.97 -31.99 -37.86
C TYR C 136 20.45 -30.56 -37.69
N VAL C 137 20.63 -30.02 -36.50
CA VAL C 137 20.47 -28.60 -36.24
C VAL C 137 21.74 -28.11 -35.54
N ASN C 138 22.48 -27.23 -36.23
CA ASN C 138 23.77 -26.72 -35.74
C ASN C 138 24.86 -27.80 -35.59
N GLY C 139 24.98 -28.66 -36.59
CA GLY C 139 25.97 -29.73 -36.56
C GLY C 139 25.68 -30.85 -35.59
N LYS C 140 24.62 -30.68 -34.79
CA LYS C 140 24.20 -31.65 -33.78
C LYS C 140 23.08 -32.55 -34.28
N VAL C 141 23.14 -33.84 -33.91
CA VAL C 141 22.15 -34.84 -34.34
C VAL C 141 20.82 -34.63 -33.64
N VAL C 142 19.75 -34.47 -34.42
CA VAL C 142 18.40 -34.27 -33.86
C VAL C 142 17.45 -35.42 -34.17
N ILE C 143 17.68 -36.11 -35.29
CA ILE C 143 16.94 -37.31 -35.67
C ILE C 143 17.83 -38.34 -36.37
N ASN C 144 17.68 -39.60 -35.95
CA ASN C 144 18.35 -40.74 -36.55
C ASN C 144 17.34 -41.77 -37.03
N ILE C 145 17.50 -42.23 -38.26
CA ILE C 145 16.64 -43.30 -38.80
C ILE C 145 17.48 -44.41 -39.45
N SER C 146 17.41 -45.61 -38.87
CA SER C 146 18.12 -46.79 -39.39
C SER C 146 17.71 -47.16 -40.82
N GLU C 147 16.39 -47.24 -41.06
CA GLU C 147 15.89 -47.79 -42.31
C GLU C 147 14.47 -47.31 -42.68
N MET C 148 14.37 -46.58 -43.79
CA MET C 148 13.10 -46.20 -44.40
C MET C 148 12.87 -47.11 -45.60
N THR C 149 11.70 -47.77 -45.63
CA THR C 149 11.36 -48.67 -46.74
C THR C 149 10.20 -48.11 -47.56
N PHE C 150 10.32 -48.15 -48.88
CA PHE C 150 9.28 -47.61 -49.75
C PHE C 150 8.76 -48.59 -50.78
N ALA C 151 7.47 -48.45 -51.10
CA ALA C 151 6.86 -49.08 -52.25
C ALA C 151 6.89 -48.07 -53.39
N LEU C 152 7.83 -48.26 -54.32
CA LEU C 152 8.09 -47.30 -55.41
C LEU C 152 6.86 -47.00 -56.29
N ASP D 8 -19.30 -47.27 -19.57
CA ASP D 8 -19.11 -45.84 -19.95
C ASP D 8 -17.73 -45.34 -19.47
N THR D 9 -16.69 -46.01 -19.95
CA THR D 9 -15.29 -45.75 -19.53
C THR D 9 -14.54 -44.80 -20.46
N SER D 10 -15.24 -44.26 -21.46
CA SER D 10 -14.60 -43.58 -22.60
C SER D 10 -14.41 -42.06 -22.48
N ILE D 11 -13.54 -41.50 -23.34
CA ILE D 11 -13.19 -40.07 -23.30
C ILE D 11 -13.48 -39.35 -24.61
N ASP D 12 -14.31 -38.32 -24.55
CA ASP D 12 -14.66 -37.55 -25.74
C ASP D 12 -13.70 -36.36 -25.94
N ILE D 13 -13.84 -35.69 -27.08
CA ILE D 13 -12.90 -34.64 -27.49
C ILE D 13 -12.49 -33.64 -26.39
N GLU D 14 -13.48 -33.10 -25.68
CA GLU D 14 -13.23 -32.08 -24.64
C GLU D 14 -12.26 -32.56 -23.56
N ASP D 15 -12.48 -33.78 -23.07
CA ASP D 15 -11.65 -34.34 -22.00
C ASP D 15 -10.28 -34.82 -22.52
N ILE D 16 -10.23 -35.19 -23.80
CA ILE D 16 -8.96 -35.52 -24.46
C ILE D 16 -8.07 -34.28 -24.47
N LYS D 17 -8.68 -33.13 -24.72
CA LYS D 17 -8.00 -31.83 -24.71
C LYS D 17 -7.57 -31.36 -23.31
N LYS D 18 -8.11 -32.00 -22.27
CA LYS D 18 -7.68 -31.74 -20.90
C LYS D 18 -6.47 -32.59 -20.56
N ILE D 19 -6.32 -33.69 -21.30
CA ILE D 19 -5.21 -34.63 -21.13
C ILE D 19 -4.03 -34.25 -22.04
N LEU D 20 -4.26 -34.22 -23.35
CA LEU D 20 -3.22 -33.89 -24.32
C LEU D 20 -3.15 -32.37 -24.57
N PRO D 21 -1.93 -31.83 -24.73
CA PRO D 21 -1.82 -30.40 -25.03
C PRO D 21 -2.05 -30.10 -26.51
N HIS D 22 -1.92 -31.13 -27.36
CA HIS D 22 -2.07 -31.02 -28.81
C HIS D 22 -3.33 -30.26 -29.17
N ARG D 23 -3.27 -29.46 -30.24
CA ARG D 23 -4.47 -28.80 -30.76
C ARG D 23 -4.50 -28.90 -32.28
N TYR D 24 -5.41 -28.16 -32.90
CA TYR D 24 -5.56 -28.16 -34.36
C TYR D 24 -4.36 -27.43 -34.98
N PRO D 25 -3.83 -27.96 -36.10
CA PRO D 25 -4.23 -29.18 -36.80
C PRO D 25 -3.31 -30.37 -36.52
N PHE D 26 -3.08 -30.69 -35.25
CA PHE D 26 -2.22 -31.82 -34.95
C PHE D 26 -2.72 -32.71 -33.84
N LEU D 27 -3.98 -32.53 -33.44
CA LEU D 27 -4.63 -33.44 -32.52
C LEU D 27 -5.33 -34.47 -33.38
N LEU D 28 -4.91 -35.74 -33.25
CA LEU D 28 -5.36 -36.80 -34.16
C LEU D 28 -6.07 -37.95 -33.44
N VAL D 29 -6.54 -37.68 -32.23
CA VAL D 29 -7.44 -38.60 -31.55
C VAL D 29 -8.81 -37.94 -31.45
N ASP D 30 -9.83 -38.56 -32.04
CA ASP D 30 -11.18 -38.04 -31.93
C ASP D 30 -11.84 -38.53 -30.65
N LYS D 31 -11.66 -39.82 -30.36
CA LYS D 31 -12.36 -40.49 -29.29
C LYS D 31 -11.49 -41.59 -28.69
N VAL D 32 -11.57 -41.76 -27.36
CA VAL D 32 -11.04 -42.94 -26.68
C VAL D 32 -12.23 -43.81 -26.31
N ILE D 33 -12.27 -45.05 -26.79
CA ILE D 33 -13.44 -45.92 -26.55
C ILE D 33 -13.25 -46.99 -25.48
N TYR D 34 -12.00 -47.36 -25.21
CA TYR D 34 -11.66 -48.25 -24.10
C TYR D 34 -10.28 -47.91 -23.54
N MET D 35 -10.14 -47.99 -22.22
CA MET D 35 -8.84 -47.78 -21.56
C MET D 35 -8.71 -48.60 -20.27
N GLN D 36 -7.62 -49.35 -20.16
CA GLN D 36 -7.25 -49.96 -18.89
C GLN D 36 -5.93 -49.39 -18.40
N PRO D 37 -5.97 -48.58 -17.31
CA PRO D 37 -4.78 -48.00 -16.73
C PRO D 37 -3.65 -49.01 -16.70
N ASN D 38 -2.44 -48.57 -17.10
CA ASN D 38 -1.24 -49.40 -17.08
C ASN D 38 -1.29 -50.65 -17.97
N LYS D 39 -2.35 -50.80 -18.77
CA LYS D 39 -2.47 -51.96 -19.65
C LYS D 39 -2.67 -51.63 -21.13
N THR D 40 -3.89 -51.28 -21.53
CA THR D 40 -4.20 -51.05 -22.94
C THR D 40 -5.17 -49.89 -23.17
N ILE D 41 -5.17 -49.34 -24.38
CA ILE D 41 -6.07 -48.25 -24.75
C ILE D 41 -6.61 -48.44 -26.16
N ILE D 42 -7.90 -48.23 -26.33
CA ILE D 42 -8.51 -48.30 -27.65
C ILE D 42 -9.21 -46.98 -27.97
N GLY D 43 -8.94 -46.45 -29.16
CA GLY D 43 -9.56 -45.20 -29.59
C GLY D 43 -9.83 -45.15 -31.08
N LEU D 44 -10.30 -44.00 -31.54
CA LEU D 44 -10.54 -43.80 -32.96
C LEU D 44 -10.28 -42.40 -33.47
N LYS D 45 -9.95 -42.32 -34.76
CA LYS D 45 -9.80 -41.08 -35.49
C LYS D 45 -10.65 -41.22 -36.73
N GLN D 46 -11.55 -40.27 -36.95
CA GLN D 46 -12.35 -40.27 -38.16
C GLN D 46 -11.56 -39.64 -39.30
N VAL D 47 -11.61 -40.28 -40.47
CA VAL D 47 -10.84 -39.84 -41.64
C VAL D 47 -11.75 -39.20 -42.67
N SER D 48 -11.67 -37.88 -42.79
CA SER D 48 -12.53 -37.11 -43.68
C SER D 48 -11.74 -36.33 -44.72
N THR D 49 -12.36 -36.05 -45.86
CA THR D 49 -11.76 -35.23 -46.91
C THR D 49 -11.57 -33.77 -46.45
N ASN D 50 -12.32 -33.41 -45.42
CA ASN D 50 -12.31 -32.07 -44.88
C ASN D 50 -11.23 -31.86 -43.81
N GLU D 51 -10.09 -32.48 -44.04
CA GLU D 51 -8.92 -32.29 -43.19
C GLU D 51 -7.80 -31.67 -43.99
N PRO D 52 -7.04 -30.73 -43.37
CA PRO D 52 -6.15 -29.84 -44.10
C PRO D 52 -4.94 -30.50 -44.78
N PHE D 53 -4.63 -31.76 -44.44
CA PHE D 53 -3.45 -32.40 -45.03
C PHE D 53 -3.68 -33.04 -46.40
N PHE D 54 -4.93 -33.32 -46.73
CA PHE D 54 -5.27 -34.09 -47.93
C PHE D 54 -5.00 -33.36 -49.24
N ASN D 55 -5.11 -32.04 -49.22
CA ASN D 55 -4.77 -31.21 -50.38
C ASN D 55 -3.33 -31.45 -50.84
N GLY D 56 -2.41 -31.58 -49.90
CA GLY D 56 -1.01 -31.83 -50.22
C GLY D 56 -0.58 -33.29 -50.29
N HIS D 57 -1.49 -34.21 -49.95
CA HIS D 57 -1.14 -35.64 -49.89
C HIS D 57 -2.25 -36.62 -50.34
N PHE D 58 -2.57 -36.66 -51.64
CA PHE D 58 -1.91 -35.89 -52.69
C PHE D 58 -3.01 -35.22 -53.51
N PRO D 59 -2.67 -34.15 -54.26
CA PRO D 59 -3.67 -33.51 -55.11
C PRO D 59 -4.45 -34.48 -56.00
N GLN D 60 -3.75 -35.41 -56.65
CA GLN D 60 -4.39 -36.37 -57.55
C GLN D 60 -5.03 -37.56 -56.82
N LYS D 61 -4.62 -37.80 -55.57
CA LYS D 61 -5.08 -38.99 -54.83
C LYS D 61 -4.93 -38.82 -53.32
N GLN D 62 -6.06 -38.77 -52.62
CA GLN D 62 -6.05 -38.53 -51.18
C GLN D 62 -5.73 -39.77 -50.33
N ILE D 63 -4.50 -39.80 -49.80
CA ILE D 63 -4.05 -40.86 -48.88
C ILE D 63 -3.60 -40.25 -47.55
N MET D 64 -4.12 -40.76 -46.44
CA MET D 64 -3.66 -40.29 -45.13
C MET D 64 -2.18 -40.66 -44.97
N PRO D 65 -1.31 -39.64 -44.83
CA PRO D 65 0.11 -39.89 -44.63
C PRO D 65 0.34 -40.89 -43.51
N GLY D 66 1.18 -41.88 -43.76
CA GLY D 66 1.49 -42.92 -42.79
C GLY D 66 2.11 -42.36 -41.53
N VAL D 67 2.87 -41.28 -41.66
CA VAL D 67 3.52 -40.66 -40.50
C VAL D 67 2.51 -40.04 -39.53
N LEU D 68 1.34 -39.66 -40.05
CA LEU D 68 0.28 -39.16 -39.18
C LEU D 68 -0.46 -40.31 -38.51
N GLN D 69 -0.39 -41.50 -39.12
CA GLN D 69 -0.90 -42.73 -38.48
C GLN D 69 -0.01 -43.15 -37.29
N ILE D 70 1.30 -42.90 -37.41
CA ILE D 70 2.21 -43.01 -36.27
C ILE D 70 1.82 -41.99 -35.21
N GLU D 71 1.54 -40.77 -35.63
CA GLU D 71 1.22 -39.67 -34.72
C GLU D 71 -0.05 -39.95 -33.91
N ALA D 72 -1.10 -40.41 -34.59
CA ALA D 72 -2.38 -40.63 -33.95
C ALA D 72 -2.28 -41.72 -32.90
N LEU D 73 -1.74 -42.88 -33.30
CA LEU D 73 -1.48 -43.99 -32.38
C LEU D 73 -0.65 -43.56 -31.16
N ALA D 74 0.32 -42.68 -31.40
CA ALA D 74 1.25 -42.24 -30.36
C ALA D 74 0.63 -41.21 -29.40
N GLN D 75 -0.28 -40.40 -29.92
CA GLN D 75 -1.11 -39.53 -29.08
C GLN D 75 -2.05 -40.35 -28.20
N LEU D 76 -2.63 -41.41 -28.77
CA LEU D 76 -3.49 -42.34 -28.05
C LEU D 76 -2.71 -43.07 -26.96
N ALA D 77 -1.47 -43.47 -27.30
CA ALA D 77 -0.52 -44.03 -26.34
C ALA D 77 -0.20 -43.05 -25.22
N GLY D 78 -0.09 -41.77 -25.59
CA GLY D 78 0.24 -40.71 -24.64
C GLY D 78 -0.80 -40.50 -23.57
N ILE D 79 -2.05 -40.76 -23.92
CA ILE D 79 -3.18 -40.65 -22.99
C ILE D 79 -3.07 -41.71 -21.91
N LEU D 80 -2.75 -42.94 -22.31
CA LEU D 80 -2.58 -44.06 -21.37
C LEU D 80 -1.50 -43.75 -20.33
N CYS D 81 -0.32 -43.32 -20.80
CA CYS D 81 0.77 -42.92 -19.90
C CYS D 81 0.33 -41.86 -18.88
N LEU D 82 -0.40 -40.85 -19.35
CA LEU D 82 -0.81 -39.74 -18.50
C LEU D 82 -1.89 -40.11 -17.49
N LYS D 83 -2.78 -41.02 -17.87
CA LYS D 83 -3.86 -41.45 -16.97
C LYS D 83 -3.45 -42.65 -16.11
N SER D 84 -2.42 -43.37 -16.54
CA SER D 84 -1.85 -44.45 -15.73
C SER D 84 -1.07 -43.89 -14.55
N ASP D 85 -0.42 -42.73 -14.75
CA ASP D 85 0.45 -42.13 -13.74
C ASP D 85 0.63 -40.63 -14.00
N ASP D 86 -0.07 -39.79 -13.23
CA ASP D 86 0.06 -38.34 -13.37
C ASP D 86 0.79 -37.67 -12.18
N SER D 87 1.59 -38.47 -11.46
CA SER D 87 2.50 -37.89 -10.46
C SER D 87 3.41 -36.88 -11.15
N GLN D 88 3.95 -37.25 -12.31
CA GLN D 88 4.66 -36.32 -13.18
C GLN D 88 3.65 -35.38 -13.87
N LYS D 89 3.28 -34.32 -13.16
CA LYS D 89 2.24 -33.39 -13.59
C LYS D 89 2.69 -32.49 -14.75
N ASN D 90 2.90 -33.14 -15.90
CA ASN D 90 3.37 -32.47 -17.11
C ASN D 90 2.88 -33.29 -18.31
N ASN D 91 2.08 -32.65 -19.16
CA ASN D 91 1.42 -33.35 -20.26
C ASN D 91 2.14 -33.28 -21.62
N LEU D 92 3.24 -32.53 -21.67
CA LEU D 92 4.10 -32.48 -22.85
C LEU D 92 5.13 -33.62 -22.84
N PHE D 93 4.67 -34.82 -23.21
CA PHE D 93 5.60 -35.90 -23.56
C PHE D 93 6.20 -35.60 -24.92
N LEU D 94 7.37 -36.19 -25.20
CA LEU D 94 7.94 -36.12 -26.53
C LEU D 94 8.25 -37.53 -26.99
N PHE D 95 8.00 -37.78 -28.25
CA PHE D 95 8.42 -39.00 -28.91
C PHE D 95 9.94 -39.10 -28.77
N ALA D 96 10.42 -40.23 -28.23
CA ALA D 96 11.85 -40.47 -28.12
C ALA D 96 12.38 -41.31 -29.29
N GLY D 97 11.59 -42.29 -29.73
CA GLY D 97 11.92 -43.10 -30.90
C GLY D 97 10.72 -43.92 -31.35
N VAL D 98 10.85 -44.57 -32.51
CA VAL D 98 9.81 -45.50 -32.98
C VAL D 98 10.44 -46.63 -33.81
N ASP D 99 9.94 -47.84 -33.62
CA ASP D 99 10.57 -49.02 -34.18
C ASP D 99 9.57 -50.08 -34.62
N GLY D 100 9.83 -50.66 -35.79
CA GLY D 100 8.98 -51.71 -36.34
C GLY D 100 7.66 -51.17 -36.83
N VAL D 101 7.73 -50.19 -37.73
CA VAL D 101 6.54 -49.66 -38.36
C VAL D 101 6.39 -50.31 -39.72
N ARG D 102 5.25 -50.95 -39.96
CA ARG D 102 4.92 -51.41 -41.30
C ARG D 102 3.53 -50.89 -41.66
N TRP D 103 3.37 -50.42 -42.90
CA TRP D 103 2.08 -49.94 -43.39
C TRP D 103 1.53 -50.93 -44.41
N LYS D 104 0.33 -51.43 -44.12
CA LYS D 104 -0.22 -52.57 -44.87
C LYS D 104 -1.17 -52.13 -45.95
N LYS D 105 -2.04 -51.18 -45.62
CA LYS D 105 -3.09 -50.74 -46.53
C LYS D 105 -3.27 -49.22 -46.42
N PRO D 106 -3.61 -48.56 -47.54
CA PRO D 106 -3.94 -47.14 -47.48
C PRO D 106 -5.11 -46.83 -46.54
N VAL D 107 -5.00 -45.68 -45.87
CA VAL D 107 -6.11 -45.13 -45.10
C VAL D 107 -6.69 -43.97 -45.92
N LEU D 108 -7.99 -44.02 -46.16
CA LEU D 108 -8.66 -43.10 -47.09
C LEU D 108 -9.77 -42.30 -46.41
N PRO D 109 -10.19 -41.17 -47.03
CA PRO D 109 -11.36 -40.44 -46.58
C PRO D 109 -12.62 -41.31 -46.65
N GLY D 110 -13.28 -41.49 -45.51
CA GLY D 110 -14.42 -42.40 -45.44
C GLY D 110 -14.19 -43.49 -44.40
N ASP D 111 -12.94 -43.89 -44.24
CA ASP D 111 -12.59 -44.89 -43.25
C ASP D 111 -12.77 -44.35 -41.83
N THR D 112 -12.90 -45.28 -40.89
CA THR D 112 -12.71 -44.97 -39.48
C THR D 112 -11.40 -45.66 -39.15
N LEU D 113 -10.52 -44.93 -38.47
CA LEU D 113 -9.25 -45.51 -38.03
C LEU D 113 -9.40 -45.93 -36.58
N THR D 114 -9.45 -47.24 -36.35
CA THR D 114 -9.56 -47.76 -34.99
C THR D 114 -8.17 -48.19 -34.52
N MET D 115 -7.75 -47.65 -33.38
CA MET D 115 -6.38 -47.79 -32.91
C MET D 115 -6.27 -48.43 -31.53
N GLN D 116 -5.36 -49.39 -31.40
CA GLN D 116 -5.00 -49.96 -30.10
C GLN D 116 -3.52 -49.76 -29.79
N ALA D 117 -3.25 -49.19 -28.62
CA ALA D 117 -1.90 -49.11 -28.09
C ALA D 117 -1.80 -49.88 -26.78
N ASN D 118 -0.73 -50.64 -26.63
CA ASN D 118 -0.53 -51.54 -25.50
C ASN D 118 0.76 -51.20 -24.77
N LEU D 119 0.63 -50.88 -23.48
CA LEU D 119 1.78 -50.51 -22.65
C LEU D 119 2.66 -51.72 -22.35
N ILE D 120 3.94 -51.57 -22.67
CA ILE D 120 4.93 -52.62 -22.44
C ILE D 120 5.73 -52.34 -21.17
N SER D 121 6.39 -51.19 -21.11
CA SER D 121 7.19 -50.83 -19.93
C SER D 121 7.11 -49.35 -19.57
N PHE D 122 7.10 -49.08 -18.26
CA PHE D 122 7.12 -47.72 -17.73
C PHE D 122 8.22 -47.69 -16.68
N LYS D 123 9.21 -46.82 -16.85
CA LYS D 123 10.35 -46.77 -15.92
C LYS D 123 10.11 -45.99 -14.61
N SER D 124 9.62 -46.74 -13.62
CA SER D 124 9.42 -46.25 -12.25
C SER D 124 10.76 -46.09 -11.54
N SER D 125 11.84 -46.10 -12.32
CA SER D 125 13.18 -45.86 -11.81
C SER D 125 13.97 -44.96 -12.77
N LEU D 126 14.10 -45.40 -14.02
CA LEU D 126 14.84 -44.64 -15.03
C LEU D 126 14.06 -43.43 -15.53
N GLY D 127 12.97 -43.70 -16.25
CA GLY D 127 12.14 -42.65 -16.84
C GLY D 127 11.95 -42.98 -18.31
N ILE D 128 10.67 -43.22 -18.70
CA ILE D 128 10.46 -43.61 -20.12
C ILE D 128 9.38 -44.69 -20.25
N ALA D 129 8.58 -44.56 -21.30
CA ALA D 129 7.50 -45.50 -21.56
C ALA D 129 7.66 -46.16 -22.93
N LYS D 130 7.42 -47.47 -22.98
CA LYS D 130 7.44 -48.21 -24.23
C LYS D 130 6.09 -48.86 -24.50
N LEU D 131 5.57 -48.66 -25.72
CA LEU D 131 4.25 -49.15 -26.08
C LEU D 131 4.21 -49.71 -27.50
N SER D 132 3.35 -50.71 -27.72
CA SER D 132 3.09 -51.22 -29.07
C SER D 132 1.79 -50.63 -29.62
N GLY D 133 1.69 -50.53 -30.95
CA GLY D 133 0.50 -49.96 -31.59
C GLY D 133 -0.01 -50.72 -32.80
N VAL D 134 -1.35 -50.82 -32.91
CA VAL D 134 -2.01 -51.39 -34.08
C VAL D 134 -3.17 -50.48 -34.49
N GLY D 135 -3.33 -50.27 -35.79
CA GLY D 135 -4.46 -49.50 -36.33
C GLY D 135 -5.25 -50.30 -37.35
N TYR D 136 -6.59 -50.24 -37.24
CA TYR D 136 -7.49 -51.03 -38.10
C TYR D 136 -8.48 -50.16 -38.88
N VAL D 137 -8.81 -50.60 -40.09
CA VAL D 137 -9.93 -50.06 -40.86
C VAL D 137 -10.81 -51.23 -41.26
N ASN D 138 -12.08 -51.21 -40.82
CA ASN D 138 -13.02 -52.30 -41.05
C ASN D 138 -12.46 -53.67 -40.62
N GLY D 139 -11.79 -53.69 -39.47
CA GLY D 139 -11.25 -54.92 -38.90
C GLY D 139 -9.94 -55.39 -39.52
N LYS D 140 -9.59 -54.81 -40.67
CA LYS D 140 -8.34 -55.12 -41.37
C LYS D 140 -7.18 -54.28 -40.83
N VAL D 141 -6.00 -54.89 -40.79
CA VAL D 141 -4.81 -54.24 -40.24
C VAL D 141 -4.21 -53.27 -41.26
N VAL D 142 -4.13 -51.99 -40.89
CA VAL D 142 -3.54 -50.98 -41.78
C VAL D 142 -2.16 -50.50 -41.34
N ILE D 143 -1.92 -50.44 -40.04
CA ILE D 143 -0.62 -50.04 -39.51
C ILE D 143 -0.18 -50.88 -38.30
N ASN D 144 1.07 -51.33 -38.34
CA ASN D 144 1.72 -52.04 -37.24
C ASN D 144 2.88 -51.28 -36.65
N ILE D 145 2.87 -51.07 -35.33
CA ILE D 145 4.01 -50.46 -34.64
C ILE D 145 4.47 -51.30 -33.45
N SER D 146 5.66 -51.88 -33.59
CA SER D 146 6.25 -52.73 -32.56
C SER D 146 6.57 -51.99 -31.27
N GLU D 147 7.23 -50.84 -31.40
CA GLU D 147 7.69 -50.09 -30.23
C GLU D 147 7.77 -48.58 -30.41
N MET D 148 6.92 -47.88 -29.67
CA MET D 148 6.99 -46.44 -29.52
C MET D 148 7.65 -46.14 -28.18
N THR D 149 8.63 -45.23 -28.20
CA THR D 149 9.37 -44.87 -26.98
C THR D 149 9.05 -43.43 -26.55
N PHE D 150 8.71 -43.28 -25.29
CA PHE D 150 8.30 -42.00 -24.72
C PHE D 150 9.16 -41.56 -23.54
N ALA D 151 9.43 -40.27 -23.47
CA ALA D 151 10.11 -39.66 -22.33
C ALA D 151 9.62 -38.23 -22.09
N ASP E 8 -16.44 1.63 -65.85
CA ASP E 8 -16.36 1.14 -67.27
C ASP E 8 -17.35 -0.02 -67.43
N THR E 9 -16.84 -1.10 -68.01
CA THR E 9 -17.40 -2.42 -67.79
C THR E 9 -16.56 -3.00 -66.65
N SER E 10 -17.22 -3.67 -65.71
CA SER E 10 -16.51 -4.25 -64.56
C SER E 10 -15.71 -5.49 -64.95
N ILE E 11 -14.58 -5.66 -64.26
CA ILE E 11 -13.88 -6.95 -64.24
C ILE E 11 -14.17 -7.59 -62.88
N ASP E 12 -15.09 -8.57 -62.89
CA ASP E 12 -15.42 -9.34 -61.70
C ASP E 12 -14.24 -10.22 -61.25
N ILE E 13 -14.46 -10.98 -60.19
CA ILE E 13 -13.43 -11.84 -59.59
C ILE E 13 -12.80 -12.87 -60.54
N GLU E 14 -13.64 -13.70 -61.20
CA GLU E 14 -13.10 -14.77 -62.06
C GLU E 14 -12.14 -14.21 -63.11
N ASP E 15 -12.49 -13.03 -63.64
CA ASP E 15 -11.66 -12.39 -64.64
C ASP E 15 -10.41 -11.72 -64.06
N ILE E 16 -10.46 -11.39 -62.75
CA ILE E 16 -9.29 -10.91 -62.04
C ILE E 16 -8.22 -12.02 -61.94
N LYS E 17 -8.66 -13.24 -61.64
CA LYS E 17 -7.78 -14.41 -61.58
C LYS E 17 -7.18 -14.84 -62.94
N LYS E 18 -7.75 -14.34 -64.03
CA LYS E 18 -7.19 -14.59 -65.36
C LYS E 18 -6.13 -13.54 -65.72
N ILE E 19 -6.15 -12.41 -65.03
CA ILE E 19 -5.16 -11.37 -65.23
C ILE E 19 -4.01 -11.51 -64.22
N LEU E 20 -4.35 -11.64 -62.94
CA LEU E 20 -3.34 -11.80 -61.89
C LEU E 20 -3.02 -13.27 -61.63
N PRO E 21 -1.75 -13.58 -61.27
CA PRO E 21 -1.41 -14.94 -60.88
C PRO E 21 -1.61 -15.21 -59.38
N HIS E 22 -1.84 -14.14 -58.60
CA HIS E 22 -2.10 -14.23 -57.16
C HIS E 22 -3.31 -15.12 -56.83
N ARG E 23 -3.17 -15.97 -55.81
CA ARG E 23 -4.31 -16.76 -55.31
C ARG E 23 -4.46 -16.64 -53.80
N TYR E 24 -5.29 -17.50 -53.21
CA TYR E 24 -5.55 -17.49 -51.77
C TYR E 24 -4.31 -17.99 -51.05
N PRO E 25 -3.95 -17.36 -49.91
CA PRO E 25 -4.63 -16.24 -49.25
C PRO E 25 -3.99 -14.88 -49.57
N PHE E 26 -3.58 -14.68 -50.83
CA PHE E 26 -2.84 -13.47 -51.16
C PHE E 26 -3.39 -12.70 -52.39
N LEU E 27 -4.66 -12.95 -52.71
CA LEU E 27 -5.37 -12.12 -53.67
C LEU E 27 -6.16 -11.12 -52.85
N LEU E 28 -5.82 -9.84 -53.00
CA LEU E 28 -6.39 -8.78 -52.17
C LEU E 28 -7.18 -7.72 -52.93
N VAL E 29 -7.66 -8.10 -54.11
CA VAL E 29 -8.53 -7.27 -54.94
C VAL E 29 -9.78 -8.08 -55.19
N ASP E 30 -10.91 -7.59 -54.68
CA ASP E 30 -12.19 -8.28 -54.77
C ASP E 30 -12.94 -7.95 -56.05
N LYS E 31 -12.76 -6.72 -56.55
CA LYS E 31 -13.50 -6.19 -57.69
C LYS E 31 -12.83 -4.94 -58.25
N VAL E 32 -12.82 -4.83 -59.57
CA VAL E 32 -12.44 -3.58 -60.25
C VAL E 32 -13.72 -2.91 -60.75
N ILE E 33 -14.01 -1.72 -60.22
CA ILE E 33 -15.25 -1.03 -60.61
C ILE E 33 -15.09 -0.09 -61.82
N TYR E 34 -13.88 0.41 -62.03
CA TYR E 34 -13.56 1.25 -63.21
C TYR E 34 -12.09 1.16 -63.60
N MET E 35 -11.84 1.07 -64.91
CA MET E 35 -10.48 1.07 -65.42
C MET E 35 -10.35 1.82 -66.74
N GLN E 36 -9.35 2.70 -66.81
CA GLN E 36 -8.95 3.31 -68.06
C GLN E 36 -7.53 2.88 -68.35
N PRO E 37 -7.33 2.07 -69.40
CA PRO E 37 -6.00 1.62 -69.79
C PRO E 37 -5.05 2.80 -69.89
N ASN E 38 -3.79 2.57 -69.48
CA ASN E 38 -2.77 3.61 -69.43
C ASN E 38 -3.05 4.84 -68.55
N LYS E 39 -4.17 4.83 -67.82
CA LYS E 39 -4.48 5.99 -66.96
C LYS E 39 -4.76 5.69 -65.48
N THR E 40 -5.94 5.14 -65.18
CA THR E 40 -6.32 4.95 -63.78
C THR E 40 -7.14 3.67 -63.58
N ILE E 41 -7.16 3.18 -62.35
CA ILE E 41 -7.94 1.99 -62.02
C ILE E 41 -8.58 2.12 -60.63
N ILE E 42 -9.88 1.85 -60.56
CA ILE E 42 -10.56 1.90 -59.27
C ILE E 42 -11.14 0.53 -58.92
N GLY E 43 -10.84 0.10 -57.71
CA GLY E 43 -11.30 -1.19 -57.22
C GLY E 43 -11.66 -1.15 -55.76
N LEU E 44 -12.02 -2.32 -55.24
CA LEU E 44 -12.40 -2.46 -53.86
C LEU E 44 -12.02 -3.82 -53.29
N LYS E 45 -11.74 -3.83 -51.98
CA LYS E 45 -11.52 -5.04 -51.23
C LYS E 45 -12.41 -4.99 -49.99
N GLN E 46 -13.28 -5.98 -49.86
CA GLN E 46 -14.15 -6.09 -48.70
C GLN E 46 -13.36 -6.59 -47.49
N VAL E 47 -13.44 -5.86 -46.38
CA VAL E 47 -12.69 -6.21 -45.18
C VAL E 47 -13.58 -6.95 -44.20
N SER E 48 -13.37 -8.27 -44.09
CA SER E 48 -14.17 -9.12 -43.21
C SER E 48 -13.31 -9.75 -42.12
N THR E 49 -13.97 -10.14 -41.03
CA THR E 49 -13.32 -10.86 -39.94
C THR E 49 -12.93 -12.27 -40.38
N ASN E 50 -13.71 -12.82 -41.30
CA ASN E 50 -13.48 -14.16 -41.84
C ASN E 50 -12.33 -14.19 -42.85
N GLU E 51 -11.24 -13.51 -42.50
CA GLU E 51 -10.02 -13.53 -43.29
C GLU E 51 -8.89 -14.05 -42.42
N PRO E 52 -7.97 -14.83 -43.03
CA PRO E 52 -7.00 -15.62 -42.25
C PRO E 52 -5.93 -14.83 -41.51
N PHE E 53 -5.73 -13.57 -41.85
CA PHE E 53 -4.70 -12.76 -41.18
C PHE E 53 -5.15 -12.14 -39.86
N PHE E 54 -6.45 -11.96 -39.67
CA PHE E 54 -6.94 -11.23 -38.48
C PHE E 54 -6.65 -11.88 -37.13
N ASN E 55 -6.53 -13.21 -37.10
CA ASN E 55 -6.17 -13.91 -35.86
C ASN E 55 -4.79 -13.50 -35.34
N GLY E 56 -3.87 -13.24 -36.26
CA GLY E 56 -2.51 -12.84 -35.90
C GLY E 56 -2.32 -11.34 -35.75
N HIS E 57 -3.31 -10.55 -36.19
CA HIS E 57 -3.17 -9.10 -36.22
C HIS E 57 -4.48 -8.35 -35.91
N PHE E 58 -4.87 -8.27 -34.63
CA PHE E 58 -4.20 -8.87 -33.48
C PHE E 58 -5.24 -9.65 -32.68
N PRO E 59 -4.79 -10.62 -31.86
CA PRO E 59 -5.73 -11.35 -30.99
C PRO E 59 -6.68 -10.42 -30.23
N GLN E 60 -6.14 -9.37 -29.61
CA GLN E 60 -6.92 -8.49 -28.76
C GLN E 60 -7.65 -7.39 -29.53
N LYS E 61 -7.23 -7.14 -30.76
CA LYS E 61 -7.75 -6.04 -31.57
C LYS E 61 -7.45 -6.26 -33.05
N GLN E 62 -8.50 -6.44 -33.85
CA GLN E 62 -8.36 -6.74 -35.27
C GLN E 62 -8.19 -5.49 -36.15
N ILE E 63 -6.97 -5.31 -36.67
CA ILE E 63 -6.63 -4.20 -37.56
C ILE E 63 -5.99 -4.75 -38.81
N MET E 64 -6.56 -4.39 -39.97
CA MET E 64 -5.99 -4.83 -41.24
C MET E 64 -4.55 -4.35 -41.32
N PRO E 65 -3.60 -5.30 -41.43
CA PRO E 65 -2.19 -4.91 -41.47
C PRO E 65 -1.96 -3.88 -42.57
N GLY E 66 -1.14 -2.88 -42.28
CA GLY E 66 -0.91 -1.77 -43.20
C GLY E 66 -0.20 -2.18 -44.48
N VAL E 67 0.65 -3.19 -44.36
CA VAL E 67 1.44 -3.69 -45.49
C VAL E 67 0.57 -4.46 -46.46
N LEU E 68 -0.58 -4.94 -45.98
CA LEU E 68 -1.51 -5.68 -46.83
C LEU E 68 -2.38 -4.75 -47.65
N GLN E 69 -2.50 -3.50 -47.19
CA GLN E 69 -3.19 -2.47 -47.94
C GLN E 69 -2.29 -1.97 -49.05
N ILE E 70 -0.98 -2.04 -48.82
CA ILE E 70 -0.01 -1.75 -49.86
C ILE E 70 -0.14 -2.83 -50.91
N GLU E 71 -0.29 -4.08 -50.46
CA GLU E 71 -0.37 -5.21 -51.37
C GLU E 71 -1.62 -5.17 -52.24
N ALA E 72 -2.74 -4.83 -51.63
CA ALA E 72 -4.01 -4.63 -52.35
C ALA E 72 -3.87 -3.58 -53.46
N LEU E 73 -3.32 -2.40 -53.13
CA LEU E 73 -3.11 -1.36 -54.13
C LEU E 73 -2.09 -1.74 -55.20
N ALA E 74 -1.12 -2.54 -54.81
CA ALA E 74 -0.08 -2.99 -55.72
C ALA E 74 -0.59 -4.04 -56.71
N GLN E 75 -1.57 -4.83 -56.27
CA GLN E 75 -2.27 -5.79 -57.13
C GLN E 75 -3.23 -5.08 -58.08
N LEU E 76 -3.89 -4.04 -57.56
CA LEU E 76 -4.77 -3.23 -58.39
C LEU E 76 -3.96 -2.54 -59.48
N ALA E 77 -2.85 -1.92 -59.09
CA ALA E 77 -1.89 -1.34 -60.03
C ALA E 77 -1.49 -2.37 -61.08
N GLY E 78 -1.14 -3.57 -60.61
CA GLY E 78 -0.76 -4.69 -61.48
C GLY E 78 -1.78 -5.01 -62.57
N ILE E 79 -3.06 -5.02 -62.20
CA ILE E 79 -4.13 -5.21 -63.18
C ILE E 79 -4.07 -4.14 -64.28
N LEU E 80 -3.88 -2.88 -63.88
CA LEU E 80 -3.79 -1.77 -64.82
C LEU E 80 -2.69 -1.99 -65.85
N CYS E 81 -1.46 -2.22 -65.37
CA CYS E 81 -0.30 -2.48 -66.23
C CYS E 81 -0.52 -3.62 -67.23
N LEU E 82 -1.05 -4.75 -66.75
CA LEU E 82 -1.21 -5.95 -67.58
C LEU E 82 -2.29 -5.81 -68.64
N LYS E 83 -3.28 -4.96 -68.38
CA LYS E 83 -4.35 -4.70 -69.34
C LYS E 83 -4.01 -3.52 -70.23
N SER E 84 -3.15 -2.63 -69.75
CA SER E 84 -2.67 -1.48 -70.51
C SER E 84 -1.73 -1.92 -71.64
N ASP E 85 -1.08 -3.07 -71.45
CA ASP E 85 -0.10 -3.60 -72.40
C ASP E 85 0.24 -5.05 -72.03
N ASP E 86 -0.24 -5.99 -72.86
CA ASP E 86 0.07 -7.40 -72.62
C ASP E 86 0.93 -7.99 -73.74
N SER E 87 1.67 -7.13 -74.44
CA SER E 87 2.69 -7.58 -75.39
C SER E 87 3.67 -8.48 -74.65
N GLN E 88 4.09 -8.05 -73.47
CA GLN E 88 4.82 -8.88 -72.52
C GLN E 88 3.81 -9.75 -71.77
N LYS E 89 3.48 -10.91 -72.36
CA LYS E 89 2.45 -11.80 -71.79
C LYS E 89 2.95 -12.60 -70.57
N ASN E 90 3.58 -11.89 -69.62
CA ASN E 90 4.11 -12.48 -68.40
C ASN E 90 3.44 -11.79 -67.21
N ASN E 91 2.48 -12.49 -66.59
CA ASN E 91 1.67 -11.88 -65.53
C ASN E 91 2.34 -11.82 -64.14
N LEU E 92 3.50 -12.47 -64.02
CA LEU E 92 4.30 -12.36 -62.80
C LEU E 92 5.07 -11.03 -62.75
N PHE E 93 4.39 -9.99 -62.26
CA PHE E 93 5.03 -8.71 -61.94
C PHE E 93 5.42 -8.69 -60.47
N LEU E 94 6.64 -8.24 -60.20
CA LEU E 94 7.16 -8.16 -58.82
C LEU E 94 7.41 -6.73 -58.34
N PHE E 95 7.15 -6.50 -57.06
CA PHE E 95 7.42 -5.22 -56.40
C PHE E 95 8.90 -4.91 -56.49
N ALA E 96 9.26 -3.68 -56.83
CA ALA E 96 10.65 -3.26 -56.95
C ALA E 96 10.99 -2.16 -55.97
N GLY E 97 10.08 -1.19 -55.84
CA GLY E 97 10.26 -0.08 -54.94
C GLY E 97 8.92 0.45 -54.50
N VAL E 98 8.86 1.03 -53.31
CA VAL E 98 7.69 1.75 -52.85
C VAL E 98 8.15 2.94 -52.02
N ASP E 99 7.53 4.10 -52.27
CA ASP E 99 7.99 5.33 -51.66
C ASP E 99 6.85 6.24 -51.21
N GLY E 100 7.03 6.85 -50.04
CA GLY E 100 6.06 7.77 -49.47
C GLY E 100 4.73 7.12 -49.11
N VAL E 101 4.76 6.21 -48.14
CA VAL E 101 3.53 5.64 -47.62
C VAL E 101 3.21 6.31 -46.28
N ARG E 102 1.96 6.73 -46.12
CA ARG E 102 1.48 7.32 -44.87
C ARG E 102 0.07 6.82 -44.55
N TRP E 103 -0.05 6.00 -43.52
CA TRP E 103 -1.33 5.42 -43.11
C TRP E 103 -2.06 6.40 -42.20
N LYS E 104 -3.27 6.77 -42.56
CA LYS E 104 -4.02 7.76 -41.79
C LYS E 104 -4.90 7.15 -40.70
N LYS E 105 -5.56 6.03 -41.02
CA LYS E 105 -6.63 5.50 -40.17
C LYS E 105 -6.68 3.96 -40.19
N PRO E 106 -7.02 3.34 -39.03
CA PRO E 106 -7.20 1.89 -38.99
C PRO E 106 -8.29 1.41 -39.93
N VAL E 107 -7.98 0.37 -40.69
CA VAL E 107 -8.96 -0.28 -41.55
C VAL E 107 -9.44 -1.50 -40.79
N LEU E 108 -10.75 -1.59 -40.58
CA LEU E 108 -11.31 -2.60 -39.69
C LEU E 108 -12.23 -3.58 -40.41
N PRO E 109 -12.58 -4.71 -39.76
CA PRO E 109 -13.66 -5.57 -40.25
C PRO E 109 -14.97 -4.78 -40.34
N GLY E 110 -15.69 -4.95 -41.44
CA GLY E 110 -16.91 -4.17 -41.67
C GLY E 110 -16.73 -3.10 -42.73
N ASP E 111 -15.52 -2.55 -42.83
CA ASP E 111 -15.19 -1.52 -43.81
C ASP E 111 -15.24 -2.01 -45.26
N THR E 112 -15.32 -1.05 -46.19
CA THR E 112 -15.11 -1.33 -47.60
C THR E 112 -13.92 -0.50 -48.02
N LEU E 113 -12.88 -1.18 -48.49
CA LEU E 113 -11.66 -0.50 -48.93
C LEU E 113 -11.79 -0.16 -50.41
N THR E 114 -11.99 1.13 -50.70
CA THR E 114 -12.06 1.58 -52.09
C THR E 114 -10.69 2.15 -52.47
N MET E 115 -10.17 1.71 -53.61
CA MET E 115 -8.78 1.94 -53.98
C MET E 115 -8.62 2.52 -55.39
N GLN E 116 -7.66 3.43 -55.54
CA GLN E 116 -7.33 3.99 -56.83
C GLN E 116 -5.82 4.05 -57.09
N ALA E 117 -5.40 3.46 -58.20
CA ALA E 117 -4.00 3.52 -58.63
C ALA E 117 -3.87 4.30 -59.93
N ASN E 118 -2.90 5.21 -59.98
CA ASN E 118 -2.72 6.10 -61.13
C ASN E 118 -1.37 5.92 -61.80
N LEU E 119 -1.39 5.46 -63.05
CA LEU E 119 -0.18 5.20 -63.81
C LEU E 119 0.59 6.49 -64.13
N ILE E 120 1.85 6.53 -63.71
CA ILE E 120 2.70 7.70 -63.90
C ILE E 120 3.62 7.51 -65.11
N SER E 121 4.44 6.47 -65.09
CA SER E 121 5.34 6.15 -66.21
C SER E 121 5.40 4.66 -66.53
N PHE E 122 5.62 4.37 -67.80
CA PHE E 122 5.75 3.00 -68.29
C PHE E 122 6.82 2.97 -69.37
N LYS E 123 7.86 2.14 -69.16
CA LYS E 123 8.87 1.91 -70.18
C LYS E 123 8.74 0.51 -70.79
N GLY E 127 9.66 -5.05 -67.34
CA GLY E 127 8.85 -3.86 -67.51
C GLY E 127 8.95 -2.91 -66.34
N ILE E 128 9.15 -1.63 -66.62
CA ILE E 128 9.27 -0.62 -65.58
C ILE E 128 8.02 0.27 -65.54
N ALA E 129 7.22 0.12 -64.49
CA ALA E 129 6.01 0.90 -64.32
C ALA E 129 5.96 1.56 -62.94
N LYS E 130 5.65 2.85 -62.93
CA LYS E 130 5.50 3.61 -61.69
C LYS E 130 4.04 4.09 -61.53
N LEU E 131 3.53 3.95 -60.31
CA LEU E 131 2.13 4.28 -60.02
C LEU E 131 1.93 4.86 -58.63
N SER E 132 1.01 5.82 -58.53
CA SER E 132 0.56 6.33 -57.24
C SER E 132 -0.66 5.53 -56.79
N GLY E 133 -0.91 5.52 -55.48
CA GLY E 133 -2.05 4.77 -54.93
C GLY E 133 -2.71 5.45 -53.75
N VAL E 134 -4.03 5.32 -53.66
CA VAL E 134 -4.81 5.84 -52.53
C VAL E 134 -5.97 4.89 -52.20
N GLY E 135 -6.20 4.66 -50.90
CA GLY E 135 -7.33 3.86 -50.43
C GLY E 135 -8.24 4.68 -49.54
N TYR E 136 -9.54 4.40 -49.59
CA TYR E 136 -10.54 5.10 -48.78
C TYR E 136 -11.50 4.15 -48.06
N VAL E 137 -11.98 4.58 -46.90
CA VAL E 137 -13.09 3.93 -46.20
C VAL E 137 -14.10 5.01 -45.80
N ASN E 138 -15.33 4.89 -46.29
CA ASN E 138 -16.36 5.92 -46.13
C ASN E 138 -15.92 7.27 -46.69
N GLY E 139 -15.33 7.26 -47.89
CA GLY E 139 -14.86 8.47 -48.55
C GLY E 139 -13.77 9.22 -47.80
N LYS E 140 -13.20 8.56 -46.78
CA LYS E 140 -12.10 9.12 -46.00
C LYS E 140 -10.80 8.39 -46.32
N VAL E 141 -9.72 9.16 -46.50
CA VAL E 141 -8.41 8.62 -46.85
C VAL E 141 -7.84 7.79 -45.70
N VAL E 142 -7.58 6.51 -45.97
CA VAL E 142 -6.95 5.63 -44.98
C VAL E 142 -5.45 5.41 -45.24
N ILE E 143 -5.07 5.36 -46.52
CA ILE E 143 -3.68 5.10 -46.91
C ILE E 143 -3.28 5.91 -48.15
N ASN E 144 -2.09 6.49 -48.08
CA ASN E 144 -1.50 7.19 -49.22
C ASN E 144 -0.21 6.55 -49.71
N ILE E 145 -0.08 6.39 -51.03
CA ILE E 145 1.18 5.92 -51.62
C ILE E 145 1.61 6.79 -52.79
N SER E 146 2.71 7.52 -52.59
CA SER E 146 3.30 8.35 -53.64
C SER E 146 3.71 7.52 -54.86
N GLU E 147 4.57 6.53 -54.65
CA GLU E 147 5.17 5.80 -55.77
C GLU E 147 5.36 4.31 -55.49
N MET E 148 4.74 3.50 -56.35
CA MET E 148 4.98 2.07 -56.36
C MET E 148 5.78 1.77 -57.62
N THR E 149 6.89 1.05 -57.47
CA THR E 149 7.68 0.65 -58.63
C THR E 149 7.61 -0.87 -58.79
N PHE E 150 7.47 -1.35 -60.03
CA PHE E 150 7.29 -2.79 -60.26
C PHE E 150 8.21 -3.38 -61.35
N ALA E 151 8.38 -4.70 -61.32
CA ALA E 151 9.34 -5.41 -62.17
C ALA E 151 8.81 -6.72 -62.76
N LEU E 152 9.13 -6.99 -64.03
CA LEU E 152 8.82 -8.29 -64.66
C LEU E 152 9.74 -9.40 -64.16
N ASP F 8 23.88 -10.04 -25.56
CA ASP F 8 23.74 -11.24 -26.42
C ASP F 8 22.92 -12.35 -25.75
N THR F 9 21.70 -11.97 -25.36
CA THR F 9 20.67 -12.94 -25.07
C THR F 9 20.05 -13.24 -26.43
N SER F 10 20.27 -14.44 -26.96
CA SER F 10 19.47 -14.88 -28.09
C SER F 10 18.04 -14.89 -27.59
N ILE F 11 17.12 -14.39 -28.42
CA ILE F 11 15.72 -14.37 -28.05
C ILE F 11 14.99 -15.41 -28.89
N ASP F 12 14.18 -16.25 -28.21
CA ASP F 12 13.58 -17.38 -28.92
C ASP F 12 12.07 -17.18 -29.02
N ILE F 13 11.46 -17.89 -29.96
CA ILE F 13 10.04 -17.74 -30.31
C ILE F 13 9.09 -17.38 -29.15
N GLU F 14 9.24 -18.05 -28.01
CA GLU F 14 8.35 -17.87 -26.87
C GLU F 14 8.45 -16.47 -26.25
N ASP F 15 9.67 -15.97 -26.11
CA ASP F 15 9.89 -14.68 -25.48
C ASP F 15 9.55 -13.52 -26.42
N ILE F 16 9.69 -13.76 -27.71
CA ILE F 16 9.25 -12.84 -28.75
C ILE F 16 7.73 -12.63 -28.65
N LYS F 17 7.00 -13.74 -28.46
CA LYS F 17 5.55 -13.69 -28.30
C LYS F 17 5.11 -12.96 -27.03
N LYS F 18 6.03 -12.84 -26.07
CA LYS F 18 5.79 -12.09 -24.82
C LYS F 18 6.01 -10.61 -25.04
N ILE F 19 6.77 -10.26 -26.07
CA ILE F 19 6.96 -8.88 -26.43
C ILE F 19 5.88 -8.42 -27.41
N LEU F 20 5.70 -9.17 -28.50
CA LEU F 20 4.78 -8.81 -29.58
C LEU F 20 3.40 -9.48 -29.45
N PRO F 21 2.33 -8.73 -29.78
CA PRO F 21 0.98 -9.32 -29.82
C PRO F 21 0.72 -10.18 -31.07
N HIS F 22 1.52 -9.99 -32.12
CA HIS F 22 1.37 -10.75 -33.36
C HIS F 22 1.31 -12.26 -33.09
N ARG F 23 0.43 -12.95 -33.79
CA ARG F 23 0.41 -14.42 -33.76
C ARG F 23 0.37 -14.97 -35.19
N TYR F 24 0.20 -16.27 -35.33
CA TYR F 24 0.03 -16.89 -36.63
C TYR F 24 -1.27 -16.43 -37.30
N PRO F 25 -1.26 -16.21 -38.63
CA PRO F 25 -0.13 -16.28 -39.57
C PRO F 25 0.51 -14.93 -39.86
N PHE F 26 0.79 -14.15 -38.81
CA PHE F 26 1.36 -12.83 -39.03
C PHE F 26 2.46 -12.43 -38.04
N LEU F 27 3.11 -13.45 -37.46
CA LEU F 27 4.35 -13.22 -36.73
C LEU F 27 5.48 -13.65 -37.67
N LEU F 28 6.36 -12.71 -38.02
CA LEU F 28 7.43 -12.97 -39.00
C LEU F 28 8.84 -12.76 -38.46
N VAL F 29 8.98 -12.84 -37.14
CA VAL F 29 10.29 -12.93 -36.52
C VAL F 29 10.39 -14.28 -35.81
N ASP F 30 11.40 -15.06 -36.20
CA ASP F 30 11.64 -16.36 -35.61
C ASP F 30 12.58 -16.27 -34.43
N LYS F 31 13.56 -15.37 -34.55
CA LYS F 31 14.61 -15.20 -33.55
C LYS F 31 15.17 -13.77 -33.56
N VAL F 32 15.61 -13.30 -32.39
CA VAL F 32 16.43 -12.11 -32.31
C VAL F 32 17.82 -12.55 -31.83
N ILE F 33 18.84 -12.33 -32.66
CA ILE F 33 20.20 -12.77 -32.32
C ILE F 33 21.06 -11.71 -31.63
N TYR F 34 20.72 -10.43 -31.83
CA TYR F 34 21.42 -9.32 -31.16
C TYR F 34 20.52 -8.13 -30.90
N MET F 35 20.60 -7.56 -29.70
CA MET F 35 19.86 -6.33 -29.40
C MET F 35 20.61 -5.34 -28.53
N GLN F 36 20.60 -4.08 -28.96
CA GLN F 36 21.06 -2.99 -28.13
C GLN F 36 19.94 -1.97 -27.95
N PRO F 37 19.39 -1.89 -26.71
CA PRO F 37 18.35 -0.94 -26.34
C PRO F 37 18.64 0.44 -26.87
N ASN F 38 17.62 1.09 -27.43
CA ASN F 38 17.74 2.45 -27.98
C ASN F 38 18.74 2.61 -29.13
N LYS F 39 19.39 1.50 -29.54
CA LYS F 39 20.32 1.56 -30.67
C LYS F 39 19.95 0.64 -31.85
N THR F 40 20.39 -0.61 -31.81
CA THR F 40 20.17 -1.52 -32.95
C THR F 40 19.65 -2.90 -32.54
N ILE F 41 19.12 -3.63 -33.52
CA ILE F 41 18.60 -4.97 -33.32
C ILE F 41 18.89 -5.83 -34.56
N ILE F 42 19.35 -7.05 -34.34
CA ILE F 42 19.53 -8.02 -35.42
C ILE F 42 18.76 -9.30 -35.12
N GLY F 43 17.98 -9.76 -36.11
CA GLY F 43 17.21 -10.99 -35.99
C GLY F 43 17.10 -11.70 -37.33
N LEU F 44 16.40 -12.83 -37.34
CA LEU F 44 16.18 -13.60 -38.57
C LEU F 44 14.78 -14.20 -38.71
N LYS F 45 14.40 -14.45 -39.97
CA LYS F 45 13.16 -15.15 -40.30
C LYS F 45 13.52 -16.26 -41.29
N GLN F 46 13.15 -17.49 -40.98
CA GLN F 46 13.42 -18.61 -41.86
C GLN F 46 12.32 -18.71 -42.90
N VAL F 47 12.72 -18.93 -44.14
CA VAL F 47 11.80 -18.96 -45.28
C VAL F 47 11.56 -20.39 -45.77
N SER F 48 10.36 -20.88 -45.49
CA SER F 48 10.01 -22.25 -45.82
C SER F 48 8.82 -22.34 -46.76
N THR F 49 8.83 -23.34 -47.64
CA THR F 49 7.71 -23.64 -48.53
C THR F 49 6.42 -23.85 -47.74
N ASN F 50 6.56 -24.43 -46.55
CA ASN F 50 5.43 -24.80 -45.69
C ASN F 50 4.80 -23.61 -44.94
N GLU F 51 4.79 -22.45 -45.59
CA GLU F 51 4.13 -21.28 -45.05
C GLU F 51 2.88 -21.00 -45.88
N PRO F 52 1.83 -20.46 -45.23
CA PRO F 52 0.53 -20.36 -45.89
C PRO F 52 0.42 -19.33 -47.02
N PHE F 53 1.31 -18.34 -47.04
CA PHE F 53 1.23 -17.29 -48.07
C PHE F 53 1.80 -17.71 -49.43
N PHE F 54 2.57 -18.80 -49.43
CA PHE F 54 3.33 -19.20 -50.61
C PHE F 54 2.48 -19.83 -51.70
N ASN F 55 1.39 -20.49 -51.31
CA ASN F 55 0.41 -21.02 -52.28
C ASN F 55 -0.14 -19.92 -53.20
N GLY F 56 -0.41 -18.75 -52.63
CA GLY F 56 -1.01 -17.66 -53.38
C GLY F 56 -0.03 -16.73 -54.08
N HIS F 57 1.24 -16.82 -53.72
CA HIS F 57 2.23 -15.85 -54.17
C HIS F 57 3.58 -16.52 -54.50
N PHE F 58 3.68 -17.27 -55.60
CA PHE F 58 2.63 -17.52 -56.59
C PHE F 58 2.55 -19.03 -56.85
N PRO F 59 1.40 -19.52 -57.37
CA PRO F 59 1.24 -20.94 -57.65
C PRO F 59 2.37 -21.54 -58.51
N GLN F 60 2.74 -20.82 -59.56
CA GLN F 60 3.77 -21.27 -60.50
C GLN F 60 5.19 -20.99 -60.01
N LYS F 61 5.33 -20.06 -59.06
CA LYS F 61 6.63 -19.58 -58.61
C LYS F 61 6.55 -18.92 -57.23
N GLN F 62 7.07 -19.61 -56.22
CA GLN F 62 7.02 -19.13 -54.85
C GLN F 62 8.09 -18.06 -54.58
N ILE F 63 7.62 -16.85 -54.28
CA ILE F 63 8.47 -15.71 -53.94
C ILE F 63 7.83 -15.06 -52.73
N MET F 64 8.63 -14.76 -51.72
CA MET F 64 8.11 -14.09 -50.53
C MET F 64 7.61 -12.71 -50.91
N PRO F 65 6.33 -12.43 -50.62
CA PRO F 65 5.78 -11.11 -50.88
C PRO F 65 6.64 -10.02 -50.27
N GLY F 66 7.14 -9.12 -51.11
CA GLY F 66 7.96 -7.98 -50.67
C GLY F 66 7.39 -7.24 -49.46
N VAL F 67 6.07 -7.19 -49.37
CA VAL F 67 5.38 -6.48 -48.29
C VAL F 67 5.59 -7.14 -46.92
N LEU F 68 5.66 -8.47 -46.92
CA LEU F 68 5.87 -9.24 -45.71
C LEU F 68 7.31 -9.10 -45.21
N GLN F 69 8.22 -8.84 -46.14
CA GLN F 69 9.59 -8.49 -45.77
C GLN F 69 9.61 -7.14 -45.03
N ILE F 70 8.78 -6.20 -45.47
CA ILE F 70 8.57 -4.95 -44.75
C ILE F 70 8.04 -5.26 -43.35
N GLU F 71 6.98 -6.06 -43.28
CA GLU F 71 6.34 -6.45 -42.03
C GLU F 71 7.30 -7.11 -41.05
N ALA F 72 8.20 -7.94 -41.57
CA ALA F 72 9.20 -8.64 -40.73
C ALA F 72 10.16 -7.63 -40.07
N LEU F 73 10.78 -6.77 -40.88
CA LEU F 73 11.61 -5.67 -40.34
C LEU F 73 10.82 -4.76 -39.40
N ALA F 74 9.52 -4.61 -39.68
CA ALA F 74 8.62 -3.79 -38.86
C ALA F 74 8.39 -4.42 -37.48
N GLN F 75 8.19 -5.74 -37.46
CA GLN F 75 8.09 -6.47 -36.20
C GLN F 75 9.40 -6.45 -35.43
N LEU F 76 10.53 -6.62 -36.14
CA LEU F 76 11.84 -6.60 -35.51
C LEU F 76 12.13 -5.24 -34.87
N ALA F 77 11.91 -4.17 -35.63
CA ALA F 77 12.04 -2.81 -35.12
C ALA F 77 11.14 -2.58 -33.91
N GLY F 78 9.92 -3.12 -33.98
CA GLY F 78 8.94 -3.04 -32.89
C GLY F 78 9.40 -3.70 -31.61
N ILE F 79 10.23 -4.73 -31.73
CA ILE F 79 10.81 -5.40 -30.56
C ILE F 79 11.80 -4.48 -29.84
N LEU F 80 12.65 -3.81 -30.62
CA LEU F 80 13.61 -2.82 -30.12
C LEU F 80 12.93 -1.69 -29.35
N CYS F 81 11.85 -1.14 -29.91
CA CYS F 81 11.09 -0.09 -29.23
C CYS F 81 10.56 -0.54 -27.87
N LEU F 82 9.96 -1.73 -27.84
CA LEU F 82 9.34 -2.24 -26.61
C LEU F 82 10.36 -2.68 -25.56
N LYS F 83 11.56 -3.05 -26.00
CA LYS F 83 12.64 -3.41 -25.08
C LYS F 83 13.60 -2.26 -24.79
N SER F 84 13.44 -1.15 -25.51
CA SER F 84 14.19 0.07 -25.20
C SER F 84 13.42 0.93 -24.20
N ASP F 85 12.09 0.84 -24.23
CA ASP F 85 11.22 1.68 -23.41
C ASP F 85 9.81 1.09 -23.34
N ASP F 86 9.43 0.57 -22.18
CA ASP F 86 8.08 0.02 -22.01
C ASP F 86 7.22 0.78 -21.00
N SER F 87 7.69 1.95 -20.59
CA SER F 87 6.91 2.86 -19.73
C SER F 87 5.47 2.94 -20.23
N GLN F 88 5.32 3.02 -21.55
CA GLN F 88 4.02 2.86 -22.20
C GLN F 88 3.75 1.37 -22.38
N LYS F 89 3.15 0.77 -21.35
CA LYS F 89 2.87 -0.67 -21.34
C LYS F 89 1.74 -1.05 -22.31
N ASN F 90 1.82 -0.52 -23.53
CA ASN F 90 0.88 -0.87 -24.61
C ASN F 90 1.67 -1.44 -25.79
N ASN F 91 1.62 -2.76 -25.95
CA ASN F 91 2.41 -3.45 -26.97
C ASN F 91 1.79 -3.48 -28.38
N LEU F 92 0.60 -2.91 -28.52
CA LEU F 92 -0.05 -2.79 -29.83
C LEU F 92 0.41 -1.54 -30.57
N PHE F 93 1.51 -1.69 -31.31
CA PHE F 93 2.02 -0.62 -32.16
C PHE F 93 1.55 -0.77 -33.60
N LEU F 94 1.23 0.35 -34.22
CA LEU F 94 0.76 0.36 -35.60
C LEU F 94 1.70 1.12 -36.53
N PHE F 95 1.78 0.64 -37.77
CA PHE F 95 2.54 1.26 -38.83
C PHE F 95 1.91 2.62 -39.15
N ALA F 96 2.73 3.67 -39.24
CA ALA F 96 2.21 5.04 -39.46
C ALA F 96 2.66 5.61 -40.80
N GLY F 97 3.89 5.30 -41.18
CA GLY F 97 4.43 5.67 -42.48
C GLY F 97 5.66 4.83 -42.80
N VAL F 98 5.92 4.63 -44.08
CA VAL F 98 7.14 3.94 -44.52
C VAL F 98 7.67 4.59 -45.80
N ASP F 99 8.98 4.79 -45.86
CA ASP F 99 9.57 5.60 -46.91
C ASP F 99 10.88 5.03 -47.41
N GLY F 100 11.06 5.06 -48.73
CA GLY F 100 12.30 4.60 -49.36
C GLY F 100 12.58 3.12 -49.20
N VAL F 101 11.62 2.30 -49.63
CA VAL F 101 11.79 0.85 -49.66
C VAL F 101 12.21 0.44 -51.07
N ARG F 102 13.32 -0.28 -51.16
CA ARG F 102 13.73 -0.87 -52.43
C ARG F 102 13.91 -2.38 -52.25
N TRP F 103 13.43 -3.13 -53.23
CA TRP F 103 13.68 -4.57 -53.25
C TRP F 103 14.72 -4.83 -54.32
N LYS F 104 15.74 -5.61 -53.96
CA LYS F 104 16.82 -5.92 -54.89
C LYS F 104 16.76 -7.38 -55.38
N LYS F 105 16.49 -8.31 -54.47
CA LYS F 105 16.57 -9.74 -54.80
C LYS F 105 15.37 -10.53 -54.28
N PRO F 106 14.92 -11.54 -55.05
CA PRO F 106 13.83 -12.41 -54.62
C PRO F 106 14.19 -13.24 -53.39
N VAL F 107 13.30 -13.24 -52.40
CA VAL F 107 13.46 -14.05 -51.20
C VAL F 107 12.71 -15.37 -51.38
N LEU F 108 13.46 -16.47 -51.31
CA LEU F 108 12.94 -17.78 -51.75
C LEU F 108 12.85 -18.81 -50.62
N PRO F 109 11.99 -19.83 -50.79
CA PRO F 109 11.95 -20.95 -49.85
C PRO F 109 13.33 -21.58 -49.71
N GLY F 110 13.81 -21.70 -48.47
CA GLY F 110 15.13 -22.26 -48.20
C GLY F 110 16.10 -21.20 -47.71
N ASP F 111 15.81 -19.94 -48.02
CA ASP F 111 16.64 -18.83 -47.60
C ASP F 111 16.49 -18.57 -46.10
N THR F 112 17.52 -17.96 -45.53
CA THR F 112 17.38 -17.30 -44.24
C THR F 112 17.37 -15.81 -44.51
N LEU F 113 16.38 -15.14 -43.94
CA LEU F 113 16.27 -13.69 -44.03
C LEU F 113 16.87 -13.11 -42.77
N THR F 114 18.06 -12.52 -42.88
CA THR F 114 18.72 -11.86 -41.75
C THR F 114 18.39 -10.36 -41.79
N MET F 115 17.86 -9.86 -40.67
CA MET F 115 17.28 -8.52 -40.64
C MET F 115 17.92 -7.63 -39.59
N GLN F 116 18.24 -6.40 -39.97
CA GLN F 116 18.71 -5.38 -39.02
C GLN F 116 17.87 -4.11 -39.08
N ALA F 117 17.42 -3.65 -37.91
CA ALA F 117 16.75 -2.37 -37.76
C ALA F 117 17.58 -1.40 -36.91
N ASN F 118 17.68 -0.16 -37.36
CA ASN F 118 18.41 0.89 -36.64
C ASN F 118 17.48 2.02 -36.20
N LEU F 119 17.47 2.31 -34.90
CA LEU F 119 16.62 3.37 -34.37
C LEU F 119 17.19 4.74 -34.71
N ILE F 120 16.34 5.62 -35.22
CA ILE F 120 16.73 6.98 -35.56
C ILE F 120 16.21 7.97 -34.51
N SER F 121 14.89 8.05 -34.37
CA SER F 121 14.27 8.94 -33.39
C SER F 121 13.16 8.25 -32.62
N PHE F 122 12.96 8.68 -31.38
CA PHE F 122 11.89 8.15 -30.52
C PHE F 122 11.40 9.20 -29.53
N LYS F 123 10.16 9.64 -29.69
CA LYS F 123 9.57 10.64 -28.79
C LYS F 123 8.62 9.94 -27.82
N SER F 124 8.93 10.00 -26.52
CA SER F 124 8.07 9.41 -25.48
C SER F 124 6.70 10.11 -25.42
N SER F 125 6.43 10.93 -26.42
CA SER F 125 5.30 11.85 -26.40
C SER F 125 4.02 11.26 -26.99
N LEU F 126 4.15 10.34 -27.96
CA LEU F 126 2.97 9.78 -28.63
C LEU F 126 3.09 8.31 -29.06
N GLY F 127 4.33 7.87 -29.26
CA GLY F 127 4.62 6.59 -29.88
C GLY F 127 5.34 6.80 -31.22
N ILE F 128 5.86 8.02 -31.43
CA ILE F 128 6.57 8.36 -32.68
C ILE F 128 8.02 7.87 -32.67
N ALA F 129 8.21 6.69 -33.25
CA ALA F 129 9.53 6.07 -33.40
C ALA F 129 9.87 5.91 -34.88
N LYS F 130 11.04 6.40 -35.26
CA LYS F 130 11.52 6.29 -36.64
C LYS F 130 12.75 5.38 -36.72
N LEU F 131 12.71 4.42 -37.66
CA LEU F 131 13.78 3.44 -37.79
C LEU F 131 14.10 3.11 -39.24
N SER F 132 15.38 2.88 -39.52
CA SER F 132 15.81 2.35 -40.81
C SER F 132 15.93 0.83 -40.69
N GLY F 133 15.95 0.14 -41.83
CA GLY F 133 16.00 -1.32 -41.84
C GLY F 133 16.57 -1.93 -43.10
N VAL F 134 17.39 -2.96 -42.93
CA VAL F 134 17.96 -3.70 -44.04
C VAL F 134 17.75 -5.21 -43.82
N GLY F 135 17.44 -5.92 -44.89
CA GLY F 135 17.34 -7.37 -44.86
C GLY F 135 18.34 -8.01 -45.79
N TYR F 136 18.87 -9.17 -45.38
CA TYR F 136 19.86 -9.88 -46.18
C TYR F 136 19.53 -11.36 -46.38
N VAL F 137 19.99 -11.90 -47.50
CA VAL F 137 20.06 -13.33 -47.73
C VAL F 137 21.46 -13.63 -48.24
N ASN F 138 22.19 -14.48 -47.53
CA ASN F 138 23.58 -14.77 -47.83
C ASN F 138 24.40 -13.48 -47.93
N GLY F 139 24.31 -12.64 -46.90
CA GLY F 139 25.11 -11.41 -46.83
C GLY F 139 24.76 -10.34 -47.84
N LYS F 140 24.07 -10.73 -48.90
CA LYS F 140 23.61 -9.80 -49.94
C LYS F 140 22.34 -9.07 -49.51
N VAL F 141 22.23 -7.81 -49.90
CA VAL F 141 21.07 -6.96 -49.59
C VAL F 141 19.85 -7.40 -50.41
N VAL F 142 18.75 -7.71 -49.73
CA VAL F 142 17.50 -8.06 -50.42
C VAL F 142 16.43 -6.98 -50.29
N ILE F 143 16.30 -6.42 -49.08
CA ILE F 143 15.37 -5.31 -48.85
C ILE F 143 16.04 -4.18 -48.07
N ASN F 144 15.86 -2.96 -48.57
CA ASN F 144 16.39 -1.76 -47.96
C ASN F 144 15.25 -0.80 -47.65
N ILE F 145 15.21 -0.28 -46.42
CA ILE F 145 14.17 0.65 -46.00
C ILE F 145 14.80 1.87 -45.31
N SER F 146 14.59 3.06 -45.87
CA SER F 146 15.13 4.30 -45.30
C SER F 146 14.48 4.67 -43.97
N GLU F 147 13.15 4.68 -43.94
CA GLU F 147 12.43 5.10 -42.74
C GLU F 147 11.09 4.39 -42.54
N MET F 148 10.96 3.76 -41.38
CA MET F 148 9.71 3.23 -40.89
C MET F 148 9.23 4.17 -39.78
N THR F 149 7.96 4.56 -39.83
CA THR F 149 7.38 5.38 -38.78
C THR F 149 6.29 4.59 -38.07
N PHE F 150 6.39 4.48 -36.75
CA PHE F 150 5.43 3.71 -35.98
C PHE F 150 4.74 4.55 -34.93
N ALA F 151 3.41 4.49 -34.93
CA ALA F 151 2.59 5.14 -33.92
C ALA F 151 2.11 4.11 -32.90
N LEU F 152 2.24 4.47 -31.62
CA LEU F 152 1.72 3.65 -30.52
C LEU F 152 0.34 4.17 -30.13
N SER F 153 -0.63 3.27 -30.07
CA SER F 153 -2.02 3.62 -29.78
C SER F 153 -2.19 3.98 -28.29
N ASP G 8 -18.98 -50.04 -16.36
CA ASP G 8 -18.86 -48.77 -15.57
C ASP G 8 -20.23 -48.13 -15.33
N THR G 9 -20.64 -47.27 -16.29
CA THR G 9 -21.86 -46.45 -16.23
C THR G 9 -22.02 -45.54 -14.98
N SER G 10 -20.90 -45.14 -14.38
CA SER G 10 -20.92 -44.37 -13.14
C SER G 10 -20.98 -42.85 -13.33
N ILE G 11 -21.83 -42.22 -12.53
CA ILE G 11 -21.94 -40.77 -12.47
C ILE G 11 -21.69 -40.40 -11.02
N ASP G 12 -20.49 -39.90 -10.73
CA ASP G 12 -20.15 -39.49 -9.36
C ASP G 12 -20.54 -38.03 -9.11
N ILE G 13 -20.29 -37.57 -7.87
CA ILE G 13 -20.94 -36.36 -7.34
C ILE G 13 -20.94 -35.08 -8.20
N GLU G 14 -19.93 -34.89 -9.04
CA GLU G 14 -19.80 -33.67 -9.85
C GLU G 14 -20.68 -33.65 -11.09
N ASP G 15 -20.79 -34.81 -11.75
CA ASP G 15 -21.61 -34.96 -12.96
C ASP G 15 -23.11 -34.97 -12.63
N ILE G 16 -23.47 -35.52 -11.47
CA ILE G 16 -24.86 -35.53 -11.00
C ILE G 16 -25.38 -34.10 -10.95
N LYS G 17 -24.57 -33.20 -10.38
CA LYS G 17 -24.88 -31.77 -10.33
C LYS G 17 -25.04 -31.12 -11.71
N LYS G 18 -24.55 -31.78 -12.76
CA LYS G 18 -24.78 -31.35 -14.14
C LYS G 18 -26.11 -31.87 -14.69
N ILE G 19 -26.73 -32.79 -13.96
CA ILE G 19 -28.04 -33.34 -14.32
C ILE G 19 -29.11 -32.72 -13.43
N LEU G 20 -29.05 -33.01 -12.13
CA LEU G 20 -30.01 -32.50 -11.16
C LEU G 20 -29.73 -31.02 -10.84
N PRO G 21 -30.81 -30.23 -10.63
CA PRO G 21 -30.66 -28.84 -10.19
C PRO G 21 -30.57 -28.70 -8.66
N HIS G 22 -30.93 -29.75 -7.94
CA HIS G 22 -30.86 -29.78 -6.48
C HIS G 22 -29.47 -29.43 -5.96
N ARG G 23 -29.41 -28.71 -4.85
CA ARG G 23 -28.14 -28.39 -4.18
C ARG G 23 -28.22 -28.67 -2.69
N TYR G 24 -27.11 -28.44 -1.97
CA TYR G 24 -27.05 -28.58 -0.52
C TYR G 24 -28.01 -27.60 0.15
N PRO G 25 -28.74 -28.05 1.20
CA PRO G 25 -28.79 -29.38 1.82
C PRO G 25 -29.96 -30.27 1.34
N PHE G 26 -30.20 -30.31 0.03
CA PHE G 26 -31.30 -31.10 -0.49
C PHE G 26 -30.88 -31.88 -1.74
N LEU G 27 -29.62 -32.32 -1.75
CA LEU G 27 -29.11 -33.21 -2.78
C LEU G 27 -28.78 -34.53 -2.11
N LEU G 28 -29.55 -35.55 -2.45
CA LEU G 28 -29.54 -36.80 -1.70
C LEU G 28 -29.11 -38.00 -2.56
N VAL G 29 -28.40 -37.74 -3.65
CA VAL G 29 -27.72 -38.80 -4.38
C VAL G 29 -26.21 -38.55 -4.38
N ASP G 30 -25.47 -39.38 -3.65
CA ASP G 30 -24.01 -39.26 -3.65
C ASP G 30 -23.37 -39.76 -4.94
N LYS G 31 -23.85 -40.89 -5.45
CA LYS G 31 -23.27 -41.50 -6.66
C LYS G 31 -24.31 -42.30 -7.46
N VAL G 32 -24.08 -42.41 -8.77
CA VAL G 32 -24.80 -43.37 -9.59
C VAL G 32 -23.85 -44.52 -9.94
N ILE G 33 -24.18 -45.74 -9.51
CA ILE G 33 -23.30 -46.89 -9.78
C ILE G 33 -23.65 -47.69 -11.05
N TYR G 34 -24.90 -47.62 -11.49
CA TYR G 34 -25.37 -48.28 -12.72
C TYR G 34 -26.65 -47.62 -13.24
N MET G 35 -26.75 -47.51 -14.57
CA MET G 35 -27.90 -46.88 -15.22
C MET G 35 -28.06 -47.40 -16.66
N GLN G 36 -29.27 -47.82 -16.99
CA GLN G 36 -29.62 -48.19 -18.34
C GLN G 36 -30.84 -47.37 -18.77
N PRO G 37 -30.68 -46.53 -19.82
CA PRO G 37 -31.73 -45.60 -20.24
C PRO G 37 -33.05 -46.30 -20.55
N ASN G 38 -34.14 -45.61 -20.26
CA ASN G 38 -35.51 -46.15 -20.40
C ASN G 38 -35.81 -47.42 -19.58
N LYS G 39 -34.85 -47.85 -18.75
CA LYS G 39 -35.06 -49.03 -17.92
C LYS G 39 -34.91 -48.77 -16.41
N THR G 40 -33.68 -48.82 -15.91
CA THR G 40 -33.42 -48.83 -14.47
C THR G 40 -32.15 -48.08 -14.08
N ILE G 41 -32.06 -47.69 -12.81
CA ILE G 41 -30.90 -46.99 -12.27
C ILE G 41 -30.59 -47.40 -10.84
N ILE G 42 -29.32 -47.73 -10.60
CA ILE G 42 -28.83 -47.99 -9.24
C ILE G 42 -27.86 -46.90 -8.81
N GLY G 43 -28.03 -46.42 -7.58
CA GLY G 43 -27.15 -45.41 -7.00
C GLY G 43 -27.13 -45.53 -5.50
N LEU G 44 -26.24 -44.78 -4.87
CA LEU G 44 -26.17 -44.79 -3.41
C LEU G 44 -26.17 -43.42 -2.78
N LYS G 45 -26.65 -43.36 -1.55
CA LYS G 45 -26.60 -42.19 -0.70
C LYS G 45 -25.94 -42.64 0.58
N GLN G 46 -24.84 -41.96 0.94
CA GLN G 46 -24.15 -42.26 2.19
C GLN G 46 -24.83 -41.51 3.33
N VAL G 47 -25.00 -42.21 4.46
CA VAL G 47 -25.71 -41.66 5.61
C VAL G 47 -24.70 -41.45 6.72
N SER G 48 -24.42 -40.18 7.02
CA SER G 48 -23.48 -39.84 8.09
C SER G 48 -24.14 -38.99 9.19
N THR G 49 -23.59 -39.06 10.40
CA THR G 49 -24.05 -38.23 11.53
C THR G 49 -23.78 -36.75 11.30
N ASN G 50 -22.88 -36.47 10.36
CA ASN G 50 -22.57 -35.12 9.97
C ASN G 50 -23.48 -34.63 8.84
N GLU G 51 -24.79 -34.71 9.07
CA GLU G 51 -25.79 -34.25 8.11
C GLU G 51 -26.81 -33.31 8.78
N PRO G 52 -27.09 -32.15 8.15
CA PRO G 52 -27.79 -31.05 8.82
C PRO G 52 -29.16 -31.41 9.40
N PHE G 53 -29.88 -32.32 8.75
CA PHE G 53 -31.18 -32.77 9.22
C PHE G 53 -31.14 -33.59 10.51
N PHE G 54 -30.00 -34.20 10.81
CA PHE G 54 -29.93 -35.13 11.96
C PHE G 54 -30.16 -34.52 13.33
N ASN G 55 -29.73 -33.27 13.54
CA ASN G 55 -29.99 -32.59 14.82
C ASN G 55 -31.48 -32.50 15.15
N GLY G 56 -32.31 -32.37 14.12
CA GLY G 56 -33.75 -32.23 14.28
C GLY G 56 -34.53 -33.54 14.31
N HIS G 57 -33.86 -34.65 13.99
CA HIS G 57 -34.56 -35.92 13.79
C HIS G 57 -33.70 -37.14 14.16
N PHE G 58 -33.52 -37.41 15.46
CA PHE G 58 -34.08 -36.64 16.57
C PHE G 58 -32.96 -36.39 17.57
N PRO G 59 -33.07 -35.31 18.38
CA PRO G 59 -32.00 -34.94 19.32
C PRO G 59 -31.43 -36.13 20.08
N GLN G 60 -32.31 -37.04 20.50
CA GLN G 60 -31.94 -38.15 21.36
C GLN G 60 -31.77 -39.46 20.59
N LYS G 61 -32.22 -39.46 19.34
CA LYS G 61 -32.18 -40.65 18.51
C LYS G 61 -32.16 -40.28 17.03
N GLN G 62 -31.00 -40.49 16.39
CA GLN G 62 -30.78 -40.07 15.01
C GLN G 62 -31.32 -41.11 14.03
N ILE G 63 -32.44 -40.78 13.39
CA ILE G 63 -33.03 -41.64 12.34
C ILE G 63 -33.23 -40.79 11.08
N MET G 64 -32.81 -41.32 9.93
CA MET G 64 -32.99 -40.60 8.68
C MET G 64 -34.45 -40.58 8.27
N PRO G 65 -35.05 -39.37 8.23
CA PRO G 65 -36.51 -39.26 8.07
C PRO G 65 -36.99 -40.01 6.83
N GLY G 66 -38.11 -40.71 6.98
CA GLY G 66 -38.71 -41.47 5.88
C GLY G 66 -38.82 -40.67 4.59
N VAL G 67 -39.29 -39.43 4.72
CA VAL G 67 -39.55 -38.59 3.55
C VAL G 67 -38.30 -38.30 2.73
N LEU G 68 -37.14 -38.31 3.38
CA LEU G 68 -35.89 -38.00 2.69
C LEU G 68 -35.34 -39.23 1.97
N GLN G 69 -35.70 -40.41 2.48
CA GLN G 69 -35.49 -41.66 1.75
C GLN G 69 -36.35 -41.62 0.48
N ILE G 70 -37.58 -41.12 0.60
CA ILE G 70 -38.43 -40.90 -0.58
C ILE G 70 -37.71 -40.00 -1.58
N GLU G 71 -37.31 -38.81 -1.12
CA GLU G 71 -36.77 -37.75 -1.97
C GLU G 71 -35.51 -38.19 -2.72
N ALA G 72 -34.69 -39.00 -2.05
CA ALA G 72 -33.48 -39.55 -2.67
C ALA G 72 -33.78 -40.48 -3.85
N LEU G 73 -34.75 -41.38 -3.67
CA LEU G 73 -35.22 -42.23 -4.75
C LEU G 73 -35.77 -41.42 -5.93
N ALA G 74 -36.54 -40.38 -5.61
CA ALA G 74 -37.11 -39.48 -6.61
C ALA G 74 -36.03 -38.76 -7.41
N GLN G 75 -34.97 -38.36 -6.70
CA GLN G 75 -33.82 -37.75 -7.34
C GLN G 75 -33.13 -38.76 -8.23
N LEU G 76 -32.96 -39.99 -7.72
CA LEU G 76 -32.43 -41.09 -8.51
C LEU G 76 -33.31 -41.36 -9.73
N ALA G 77 -34.63 -41.30 -9.54
CA ALA G 77 -35.58 -41.44 -10.65
C ALA G 77 -35.49 -40.26 -11.61
N GLY G 78 -35.41 -39.05 -11.06
CA GLY G 78 -35.26 -37.83 -11.86
C GLY G 78 -34.06 -37.88 -12.81
N ILE G 79 -32.94 -38.40 -12.31
CA ILE G 79 -31.74 -38.59 -13.11
C ILE G 79 -31.99 -39.49 -14.30
N LEU G 80 -32.64 -40.63 -14.05
CA LEU G 80 -32.99 -41.59 -15.09
C LEU G 80 -33.84 -40.94 -16.19
N CYS G 81 -34.97 -40.36 -15.80
CA CYS G 81 -35.86 -39.68 -16.73
C CYS G 81 -35.10 -38.71 -17.63
N LEU G 82 -34.16 -37.97 -17.04
CA LEU G 82 -33.41 -36.95 -17.75
C LEU G 82 -32.33 -37.50 -18.69
N LYS G 83 -31.77 -38.67 -18.33
CA LYS G 83 -30.78 -39.31 -19.19
C LYS G 83 -31.42 -40.28 -20.18
N SER G 84 -32.72 -40.58 -19.97
CA SER G 84 -33.48 -41.43 -20.87
C SER G 84 -34.02 -40.64 -22.07
N ASP G 85 -34.45 -39.40 -21.81
CA ASP G 85 -35.01 -38.50 -22.83
C ASP G 85 -34.78 -37.04 -22.42
N ASP G 86 -33.85 -36.36 -23.10
CA ASP G 86 -33.60 -34.94 -22.85
C ASP G 86 -33.93 -34.05 -24.06
N SER G 87 -34.98 -34.42 -24.80
CA SER G 87 -35.52 -33.58 -25.87
C SER G 87 -36.23 -32.37 -25.26
N GLN G 88 -36.81 -32.57 -24.07
CA GLN G 88 -37.30 -31.47 -23.25
C GLN G 88 -36.19 -31.00 -22.30
N LYS G 89 -35.47 -29.94 -22.72
CA LYS G 89 -34.31 -29.40 -21.98
C LYS G 89 -34.74 -28.68 -20.70
N ASN G 90 -35.41 -29.42 -19.81
CA ASN G 90 -35.89 -28.88 -18.54
C ASN G 90 -35.55 -29.86 -17.41
N ASN G 91 -34.47 -29.56 -16.69
CA ASN G 91 -33.99 -30.39 -15.59
C ASN G 91 -34.77 -30.19 -14.28
N LEU G 92 -35.83 -29.38 -14.34
CA LEU G 92 -36.67 -29.06 -13.18
C LEU G 92 -37.94 -29.92 -13.10
N PHE G 93 -37.76 -31.18 -12.66
CA PHE G 93 -38.87 -32.12 -12.50
C PHE G 93 -39.54 -31.95 -11.16
N LEU G 94 -40.87 -31.90 -11.18
CA LEU G 94 -41.65 -31.77 -9.96
C LEU G 94 -42.39 -33.05 -9.61
N PHE G 95 -42.26 -33.42 -8.34
CA PHE G 95 -43.02 -34.52 -7.76
C PHE G 95 -44.51 -34.18 -7.92
N ALA G 96 -45.24 -35.05 -8.62
CA ALA G 96 -46.67 -34.82 -8.88
C ALA G 96 -47.54 -35.76 -8.05
N GLY G 97 -46.95 -36.88 -7.63
CA GLY G 97 -47.63 -37.85 -6.77
C GLY G 97 -46.73 -38.99 -6.33
N VAL G 98 -47.09 -39.65 -5.23
CA VAL G 98 -46.40 -40.85 -4.77
C VAL G 98 -47.36 -41.86 -4.12
N ASP G 99 -47.19 -43.15 -4.45
CA ASP G 99 -48.12 -44.20 -4.03
C ASP G 99 -47.42 -45.49 -3.61
N GLY G 100 -47.91 -46.07 -2.51
CA GLY G 100 -47.41 -47.35 -2.01
C GLY G 100 -46.04 -47.29 -1.36
N VAL G 101 -45.90 -46.38 -0.40
CA VAL G 101 -44.63 -46.20 0.31
C VAL G 101 -44.66 -46.97 1.63
N ARG G 102 -43.61 -47.75 1.86
CA ARG G 102 -43.50 -48.59 3.05
C ARG G 102 -42.05 -48.60 3.56
N TRP G 103 -41.87 -48.20 4.81
CA TRP G 103 -40.56 -48.22 5.46
C TRP G 103 -40.45 -49.38 6.43
N LYS G 104 -39.54 -50.31 6.15
CA LYS G 104 -39.44 -51.54 6.91
C LYS G 104 -38.48 -51.42 8.09
N LYS G 105 -37.38 -50.71 7.87
CA LYS G 105 -36.29 -50.65 8.84
C LYS G 105 -35.73 -49.24 8.96
N PRO G 106 -35.42 -48.79 10.20
CA PRO G 106 -34.79 -47.49 10.42
C PRO G 106 -33.46 -47.39 9.69
N VAL G 107 -33.25 -46.30 8.96
CA VAL G 107 -31.97 -46.06 8.30
C VAL G 107 -31.12 -45.12 9.15
N LEU G 108 -30.06 -45.69 9.72
CA LEU G 108 -29.26 -45.03 10.76
C LEU G 108 -27.97 -44.45 10.19
N PRO G 109 -27.33 -43.50 10.92
CA PRO G 109 -26.02 -43.00 10.53
C PRO G 109 -24.99 -44.13 10.53
N GLY G 110 -24.20 -44.20 9.45
CA GLY G 110 -23.23 -45.27 9.24
C GLY G 110 -23.61 -46.16 8.05
N ASP G 111 -24.89 -46.11 7.69
CA ASP G 111 -25.44 -47.00 6.67
C ASP G 111 -25.15 -46.50 5.24
N THR G 112 -24.98 -47.44 4.32
CA THR G 112 -24.91 -47.13 2.91
C THR G 112 -26.27 -47.44 2.31
N LEU G 113 -26.99 -46.39 1.88
CA LEU G 113 -28.29 -46.57 1.27
C LEU G 113 -28.12 -46.78 -0.22
N THR G 114 -28.32 -48.03 -0.66
CA THR G 114 -28.29 -48.35 -2.08
C THR G 114 -29.71 -48.34 -2.64
N MET G 115 -29.92 -47.46 -3.62
CA MET G 115 -31.26 -47.27 -4.16
C MET G 115 -31.39 -47.76 -5.59
N GLN G 116 -32.56 -48.29 -5.93
CA GLN G 116 -32.86 -48.72 -7.29
C GLN G 116 -34.24 -48.20 -7.73
N ALA G 117 -34.23 -47.36 -8.76
CA ALA G 117 -35.47 -46.85 -9.36
C ALA G 117 -35.70 -47.44 -10.76
N ASN G 118 -36.95 -47.77 -11.06
CA ASN G 118 -37.30 -48.49 -12.28
C ASN G 118 -38.41 -47.78 -13.06
N LEU G 119 -38.26 -47.70 -14.40
CA LEU G 119 -39.23 -46.97 -15.23
C LEU G 119 -40.43 -47.82 -15.64
N ILE G 120 -41.63 -47.26 -15.43
CA ILE G 120 -42.89 -47.96 -15.72
C ILE G 120 -43.57 -47.45 -17.00
N SER G 121 -43.71 -46.13 -17.12
CA SER G 121 -44.27 -45.51 -18.32
C SER G 121 -43.72 -44.11 -18.54
N PHE G 122 -43.19 -43.86 -19.74
CA PHE G 122 -42.77 -42.52 -20.14
C PHE G 122 -43.69 -41.99 -21.23
N LYS G 123 -44.30 -40.83 -20.96
CA LYS G 123 -45.20 -40.20 -21.92
C LYS G 123 -44.67 -38.83 -22.33
N SER G 124 -43.69 -38.81 -23.23
CA SER G 124 -42.97 -37.58 -23.61
C SER G 124 -43.90 -36.43 -23.95
N SER G 125 -45.07 -36.78 -24.50
CA SER G 125 -46.10 -35.81 -24.81
C SER G 125 -46.57 -35.10 -23.55
N LEU G 126 -47.31 -35.83 -22.71
CA LEU G 126 -47.83 -35.30 -21.44
C LEU G 126 -46.68 -34.87 -20.53
N GLY G 127 -45.56 -35.59 -20.61
CA GLY G 127 -44.42 -35.37 -19.74
C GLY G 127 -44.61 -36.09 -18.41
N ILE G 128 -45.54 -37.06 -18.40
CA ILE G 128 -45.81 -37.86 -17.22
C ILE G 128 -44.95 -39.13 -17.19
N ALA G 129 -44.08 -39.19 -16.19
CA ALA G 129 -43.25 -40.37 -15.98
C ALA G 129 -43.68 -41.04 -14.69
N LYS G 130 -43.73 -42.37 -14.72
CA LYS G 130 -44.04 -43.14 -13.53
C LYS G 130 -42.96 -44.17 -13.29
N LEU G 131 -42.54 -44.28 -12.03
CA LEU G 131 -41.45 -45.16 -11.65
C LEU G 131 -41.70 -45.79 -10.28
N SER G 132 -41.10 -46.95 -10.06
CA SER G 132 -41.07 -47.58 -8.75
C SER G 132 -39.65 -47.48 -8.18
N GLY G 133 -39.52 -47.66 -6.87
CA GLY G 133 -38.21 -47.61 -6.24
C GLY G 133 -38.06 -48.56 -5.07
N VAL G 134 -36.82 -48.92 -4.77
CA VAL G 134 -36.47 -49.74 -3.61
C VAL G 134 -35.18 -49.18 -2.98
N GLY G 135 -35.07 -49.27 -1.65
CA GLY G 135 -33.85 -48.85 -0.96
C GLY G 135 -33.31 -49.95 -0.05
N TYR G 136 -32.01 -50.18 -0.12
CA TYR G 136 -31.35 -51.23 0.67
C TYR G 136 -30.25 -50.71 1.58
N VAL G 137 -30.19 -51.29 2.77
CA VAL G 137 -29.02 -51.15 3.64
C VAL G 137 -28.55 -52.58 3.95
N ASN G 138 -27.38 -52.94 3.40
CA ASN G 138 -26.76 -54.24 3.62
C ASN G 138 -27.57 -55.39 3.02
N GLY G 139 -28.11 -55.18 1.82
CA GLY G 139 -28.95 -56.18 1.16
C GLY G 139 -30.34 -56.31 1.75
N LYS G 140 -30.58 -55.60 2.86
CA LYS G 140 -31.88 -55.61 3.52
C LYS G 140 -32.78 -54.53 2.91
N VAL G 141 -34.06 -54.84 2.75
CA VAL G 141 -35.01 -53.86 2.25
C VAL G 141 -35.39 -52.92 3.38
N VAL G 142 -35.25 -51.61 3.14
CA VAL G 142 -35.61 -50.61 4.15
C VAL G 142 -36.78 -49.73 3.71
N ILE G 143 -36.86 -49.44 2.41
CA ILE G 143 -37.97 -48.68 1.85
C ILE G 143 -38.50 -49.26 0.54
N ASN G 144 -39.83 -49.20 0.40
CA ASN G 144 -40.50 -49.54 -0.83
C ASN G 144 -41.43 -48.45 -1.31
N ILE G 145 -41.32 -48.12 -2.59
CA ILE G 145 -42.24 -47.21 -3.24
C ILE G 145 -42.74 -47.91 -4.50
N SER G 146 -44.06 -48.13 -4.54
CA SER G 146 -44.68 -48.83 -5.65
C SER G 146 -44.78 -47.94 -6.89
N GLU G 147 -45.01 -46.64 -6.68
CA GLU G 147 -45.13 -45.69 -7.78
C GLU G 147 -44.79 -44.25 -7.40
N MET G 148 -43.89 -43.66 -8.18
CA MET G 148 -43.58 -42.24 -8.14
C MET G 148 -44.05 -41.61 -9.45
N THR G 149 -44.71 -40.45 -9.37
CA THR G 149 -45.20 -39.77 -10.57
C THR G 149 -44.68 -38.34 -10.68
N PHE G 150 -44.18 -37.99 -11.85
CA PHE G 150 -43.64 -36.65 -12.12
C PHE G 150 -44.28 -35.99 -13.34
N ALA G 151 -44.24 -34.66 -13.36
CA ALA G 151 -44.37 -33.88 -14.58
C ALA G 151 -42.97 -33.41 -15.01
N LEU G 152 -42.92 -32.48 -15.96
CA LEU G 152 -41.67 -31.95 -16.48
C LEU G 152 -41.78 -30.44 -16.67
N SER G 153 -42.00 -29.74 -15.56
CA SER G 153 -42.17 -28.27 -15.55
C SER G 153 -40.98 -27.49 -16.13
N THR H 9 -58.92 -27.65 20.11
CA THR H 9 -58.16 -26.64 20.92
C THR H 9 -56.89 -26.19 20.16
N SER H 10 -56.21 -25.17 20.70
CA SER H 10 -55.17 -24.50 19.93
C SER H 10 -53.80 -24.55 20.61
N ILE H 11 -52.80 -25.01 19.87
CA ILE H 11 -51.43 -25.01 20.39
C ILE H 11 -50.55 -24.02 19.63
N ASP H 12 -49.46 -23.60 20.28
CA ASP H 12 -48.49 -22.67 19.71
C ASP H 12 -47.07 -23.25 19.71
N ILE H 13 -46.13 -22.51 19.12
CA ILE H 13 -44.81 -23.02 18.73
C ILE H 13 -43.84 -23.40 19.87
N GLU H 14 -44.21 -23.08 21.13
CA GLU H 14 -43.43 -23.47 22.31
C GLU H 14 -43.94 -24.77 22.90
N ASP H 15 -45.27 -24.91 22.84
CA ASP H 15 -45.96 -26.08 23.36
C ASP H 15 -45.86 -27.24 22.38
N ILE H 16 -46.00 -26.95 21.07
CA ILE H 16 -45.79 -27.97 20.04
C ILE H 16 -44.51 -28.76 20.32
N LYS H 17 -43.40 -28.04 20.52
CA LYS H 17 -42.09 -28.63 20.81
C LYS H 17 -42.08 -29.48 22.08
N LYS H 18 -43.13 -29.35 22.90
CA LYS H 18 -43.28 -30.18 24.09
C LYS H 18 -43.97 -31.52 23.78
N ILE H 19 -44.68 -31.57 22.65
CA ILE H 19 -45.28 -32.81 22.15
C ILE H 19 -44.30 -33.52 21.21
N LEU H 20 -44.03 -32.89 20.06
CA LEU H 20 -43.15 -33.44 19.04
C LEU H 20 -41.67 -33.46 19.49
N PRO H 21 -40.89 -34.44 19.00
CA PRO H 21 -39.44 -34.41 19.25
C PRO H 21 -38.66 -33.71 18.12
N HIS H 22 -39.36 -33.36 17.04
CA HIS H 22 -38.75 -32.74 15.86
C HIS H 22 -38.20 -31.35 16.17
N ARG H 23 -36.99 -31.08 15.67
CA ARG H 23 -36.37 -29.76 15.83
C ARG H 23 -35.89 -29.22 14.49
N TYR H 24 -35.27 -28.04 14.53
CA TYR H 24 -34.70 -27.40 13.34
C TYR H 24 -33.55 -28.29 12.86
N PRO H 25 -33.42 -28.47 11.53
CA PRO H 25 -34.22 -27.94 10.44
C PRO H 25 -35.27 -28.93 9.96
N PHE H 26 -35.94 -29.61 10.87
CA PHE H 26 -36.97 -30.59 10.49
C PHE H 26 -38.23 -30.55 11.36
N LEU H 27 -38.69 -29.33 11.66
CA LEU H 27 -39.95 -29.11 12.39
C LEU H 27 -40.82 -28.29 11.47
N LEU H 28 -41.87 -28.92 10.95
CA LEU H 28 -42.64 -28.33 9.87
C LEU H 28 -44.09 -28.02 10.21
N VAL H 29 -44.40 -27.83 11.50
CA VAL H 29 -45.69 -27.26 11.92
C VAL H 29 -45.49 -26.00 12.77
N ASP H 30 -45.87 -24.85 12.23
CA ASP H 30 -45.74 -23.57 12.96
C ASP H 30 -46.72 -23.41 14.12
N LYS H 31 -48.02 -23.61 13.86
CA LYS H 31 -49.05 -23.42 14.89
C LYS H 31 -50.23 -24.37 14.71
N VAL H 32 -50.74 -24.89 15.83
CA VAL H 32 -51.96 -25.71 15.80
C VAL H 32 -53.19 -24.83 16.04
N ILE H 33 -54.03 -24.71 15.01
CA ILE H 33 -55.15 -23.79 15.13
C ILE H 33 -56.41 -24.44 15.72
N TYR H 34 -56.66 -25.70 15.38
CA TYR H 34 -57.75 -26.47 16.01
C TYR H 34 -57.40 -27.94 16.13
N MET H 35 -57.82 -28.57 17.23
CA MET H 35 -57.53 -29.98 17.47
C MET H 35 -58.57 -30.66 18.38
N GLN H 36 -59.26 -31.66 17.84
CA GLN H 36 -60.18 -32.46 18.65
C GLN H 36 -59.66 -33.88 18.81
N PRO H 37 -59.38 -34.30 20.06
CA PRO H 37 -58.86 -35.63 20.36
C PRO H 37 -59.66 -36.74 19.69
N ASN H 38 -58.94 -37.75 19.19
CA ASN H 38 -59.52 -38.88 18.45
C ASN H 38 -60.34 -38.53 17.18
N LYS H 39 -60.14 -37.33 16.62
CA LYS H 39 -60.90 -36.93 15.42
C LYS H 39 -60.16 -36.16 14.30
N THR H 40 -59.89 -34.87 14.54
CA THR H 40 -59.27 -34.02 13.52
C THR H 40 -58.44 -32.87 14.09
N ILE H 41 -57.46 -32.43 13.30
CA ILE H 41 -56.56 -31.36 13.68
C ILE H 41 -56.26 -30.45 12.48
N ILE H 42 -56.37 -29.15 12.71
CA ILE H 42 -56.04 -28.15 11.71
C ILE H 42 -54.89 -27.32 12.25
N GLY H 43 -53.94 -27.02 11.37
CA GLY H 43 -52.75 -26.27 11.76
C GLY H 43 -52.17 -25.57 10.56
N LEU H 44 -51.07 -24.84 10.77
CA LEU H 44 -50.43 -24.13 9.68
C LEU H 44 -48.92 -24.07 9.74
N LYS H 45 -48.31 -24.12 8.56
CA LYS H 45 -46.89 -23.95 8.35
C LYS H 45 -46.71 -22.80 7.36
N GLN H 46 -45.93 -21.79 7.74
CA GLN H 46 -45.71 -20.64 6.87
C GLN H 46 -44.47 -20.83 6.00
N VAL H 47 -44.58 -20.40 4.75
CA VAL H 47 -43.57 -20.72 3.73
C VAL H 47 -42.79 -19.46 3.35
N SER H 48 -41.60 -19.33 3.92
CA SER H 48 -40.72 -18.20 3.64
C SER H 48 -39.55 -18.59 2.75
N THR H 49 -38.95 -17.59 2.10
CA THR H 49 -37.67 -17.79 1.40
C THR H 49 -36.50 -18.01 2.35
N ASN H 50 -36.67 -17.66 3.62
CA ASN H 50 -35.57 -17.74 4.59
C ASN H 50 -35.56 -19.11 5.27
N GLU H 51 -35.86 -20.14 4.47
CA GLU H 51 -35.91 -21.52 4.94
C GLU H 51 -34.80 -22.34 4.26
N PRO H 52 -33.96 -23.02 5.06
CA PRO H 52 -32.69 -23.63 4.64
C PRO H 52 -32.77 -24.65 3.49
N PHE H 53 -33.96 -25.14 3.16
CA PHE H 53 -34.10 -26.05 2.03
C PHE H 53 -34.20 -25.33 0.69
N PHE H 54 -34.67 -24.08 0.74
CA PHE H 54 -34.93 -23.31 -0.49
C PHE H 54 -33.70 -23.11 -1.38
N ASN H 55 -32.53 -22.91 -0.77
CA ASN H 55 -31.27 -22.87 -1.51
C ASN H 55 -31.07 -24.04 -2.46
N GLY H 56 -31.52 -25.23 -2.05
CA GLY H 56 -31.32 -26.46 -2.81
C GLY H 56 -32.47 -26.90 -3.70
N HIS H 57 -33.63 -26.24 -3.58
CA HIS H 57 -34.84 -26.67 -4.29
C HIS H 57 -35.72 -25.49 -4.65
N PHE H 58 -35.38 -24.72 -5.71
CA PHE H 58 -34.17 -24.88 -6.52
C PHE H 58 -33.50 -23.51 -6.65
N PRO H 59 -32.16 -23.48 -6.82
CA PRO H 59 -31.39 -22.24 -6.98
C PRO H 59 -32.07 -21.24 -7.93
N GLN H 60 -32.73 -21.77 -8.96
CA GLN H 60 -33.24 -21.00 -10.08
C GLN H 60 -34.77 -20.82 -10.02
N LYS H 61 -35.40 -21.50 -9.06
CA LYS H 61 -36.86 -21.45 -8.87
C LYS H 61 -37.18 -22.08 -7.52
N GLN H 62 -37.72 -21.30 -6.60
CA GLN H 62 -37.93 -21.74 -5.24
C GLN H 62 -39.33 -22.36 -5.05
N ILE H 63 -39.37 -23.69 -5.01
CA ILE H 63 -40.61 -24.43 -4.80
C ILE H 63 -40.42 -25.30 -3.57
N MET H 64 -41.37 -25.23 -2.63
CA MET H 64 -41.32 -26.10 -1.46
C MET H 64 -41.48 -27.55 -1.92
N PRO H 65 -40.53 -28.42 -1.52
CA PRO H 65 -40.52 -29.78 -2.03
C PRO H 65 -41.74 -30.56 -1.55
N GLY H 66 -42.36 -31.27 -2.47
CA GLY H 66 -43.55 -32.06 -2.18
C GLY H 66 -43.45 -32.89 -0.92
N VAL H 67 -42.26 -33.45 -0.68
CA VAL H 67 -42.04 -34.39 0.44
C VAL H 67 -41.95 -33.71 1.80
N LEU H 68 -41.78 -32.39 1.82
CA LEU H 68 -41.82 -31.67 3.09
C LEU H 68 -43.24 -31.24 3.43
N GLN H 69 -44.06 -31.06 2.39
CA GLN H 69 -45.50 -30.89 2.58
C GLN H 69 -46.08 -32.18 3.19
N ILE H 70 -45.53 -33.34 2.81
CA ILE H 70 -45.91 -34.60 3.44
C ILE H 70 -45.51 -34.60 4.92
N GLU H 71 -44.23 -34.35 5.18
CA GLU H 71 -43.70 -34.46 6.55
C GLU H 71 -44.46 -33.58 7.54
N ALA H 72 -44.81 -32.39 7.10
CA ALA H 72 -45.62 -31.47 7.90
C ALA H 72 -46.97 -32.09 8.29
N LEU H 73 -47.69 -32.62 7.31
CA LEU H 73 -48.98 -33.25 7.57
C LEU H 73 -48.81 -34.41 8.56
N ALA H 74 -47.79 -35.23 8.34
CA ALA H 74 -47.43 -36.31 9.25
C ALA H 74 -47.19 -35.80 10.67
N GLN H 75 -46.46 -34.69 10.77
CA GLN H 75 -46.15 -34.08 12.07
C GLN H 75 -47.41 -33.57 12.74
N LEU H 76 -48.29 -32.93 11.97
CA LEU H 76 -49.58 -32.47 12.48
C LEU H 76 -50.44 -33.67 12.90
N ALA H 77 -50.36 -34.76 12.13
CA ALA H 77 -51.00 -36.03 12.48
C ALA H 77 -50.33 -36.67 13.69
N GLY H 78 -49.02 -36.41 13.85
CA GLY H 78 -48.27 -36.95 14.98
C GLY H 78 -48.67 -36.30 16.29
N ILE H 79 -49.04 -35.03 16.21
CA ILE H 79 -49.50 -34.25 17.35
C ILE H 79 -50.83 -34.79 17.86
N LEU H 80 -51.73 -35.07 16.92
CA LEU H 80 -53.03 -35.65 17.24
C LEU H 80 -52.85 -36.96 17.99
N CYS H 81 -52.25 -37.95 17.33
CA CYS H 81 -52.08 -39.28 17.93
C CYS H 81 -51.64 -39.18 19.37
N LEU H 82 -50.74 -38.23 19.63
CA LEU H 82 -50.12 -38.07 20.94
C LEU H 82 -51.04 -37.40 21.97
N LYS H 83 -51.83 -36.43 21.54
CA LYS H 83 -52.81 -35.79 22.42
C LYS H 83 -54.07 -36.65 22.60
N SER H 84 -54.35 -37.47 21.58
CA SER H 84 -55.49 -38.40 21.62
C SER H 84 -55.24 -39.53 22.62
N ASP H 85 -54.04 -40.10 22.58
CA ASP H 85 -53.65 -41.17 23.49
C ASP H 85 -52.17 -41.05 23.86
N ASP H 86 -51.90 -40.66 25.12
CA ASP H 86 -50.54 -40.61 25.64
C ASP H 86 -50.37 -41.62 26.79
N SER H 87 -51.02 -42.77 26.66
CA SER H 87 -50.75 -43.91 27.53
C SER H 87 -49.40 -44.52 27.17
N GLN H 88 -49.09 -44.52 25.87
CA GLN H 88 -47.76 -44.92 25.39
C GLN H 88 -46.83 -43.72 25.44
N LYS H 89 -46.04 -43.63 26.50
CA LYS H 89 -45.17 -42.49 26.75
C LYS H 89 -43.97 -42.43 25.82
N ASN H 90 -44.23 -42.50 24.52
CA ASN H 90 -43.21 -42.49 23.48
C ASN H 90 -43.58 -41.47 22.40
N ASN H 91 -42.91 -40.32 22.40
CA ASN H 91 -43.20 -39.29 21.40
C ASN H 91 -42.47 -39.50 20.06
N LEU H 92 -41.58 -40.49 20.03
CA LEU H 92 -40.80 -40.85 18.84
C LEU H 92 -41.62 -41.68 17.83
N PHE H 93 -42.45 -41.00 17.05
CA PHE H 93 -43.28 -41.69 16.05
C PHE H 93 -42.58 -41.80 14.70
N LEU H 94 -42.53 -43.02 14.17
CA LEU H 94 -41.92 -43.26 12.87
C LEU H 94 -42.98 -43.47 11.79
N PHE H 95 -42.73 -42.85 10.64
CA PHE H 95 -43.51 -43.06 9.42
C PHE H 95 -43.35 -44.53 9.01
N ALA H 96 -44.48 -45.22 8.84
CA ALA H 96 -44.47 -46.65 8.49
C ALA H 96 -44.91 -46.86 7.04
N GLY H 97 -45.95 -46.12 6.63
CA GLY H 97 -46.43 -46.15 5.27
C GLY H 97 -47.15 -44.86 4.91
N VAL H 98 -47.21 -44.54 3.63
CA VAL H 98 -48.07 -43.47 3.14
C VAL H 98 -48.64 -43.83 1.77
N ASP H 99 -49.91 -43.47 1.57
CA ASP H 99 -50.63 -43.85 0.36
C ASP H 99 -51.45 -42.68 -0.19
N GLY H 100 -51.69 -42.70 -1.50
CA GLY H 100 -52.55 -41.73 -2.17
C GLY H 100 -52.16 -40.27 -2.03
N VAL H 101 -50.94 -39.94 -2.46
CA VAL H 101 -50.45 -38.56 -2.43
C VAL H 101 -50.56 -37.90 -3.80
N ARG H 102 -51.16 -36.71 -3.82
CA ARG H 102 -51.40 -35.97 -5.05
C ARG H 102 -51.13 -34.47 -4.81
N TRP H 103 -50.04 -33.97 -5.39
CA TRP H 103 -49.67 -32.55 -5.32
C TRP H 103 -50.28 -31.77 -6.49
N LYS H 104 -51.21 -30.87 -6.18
CA LYS H 104 -51.97 -30.13 -7.22
C LYS H 104 -51.30 -28.83 -7.67
N LYS H 105 -50.81 -28.04 -6.70
CA LYS H 105 -50.27 -26.71 -7.00
C LYS H 105 -48.92 -26.56 -6.32
N PRO H 106 -47.92 -25.97 -7.02
CA PRO H 106 -46.66 -25.65 -6.35
C PRO H 106 -46.91 -24.69 -5.19
N VAL H 107 -46.32 -24.98 -4.04
CA VAL H 107 -46.44 -24.13 -2.85
C VAL H 107 -45.20 -23.28 -2.73
N LEU H 108 -45.35 -22.00 -3.03
CA LEU H 108 -44.23 -21.06 -3.15
C LEU H 108 -43.92 -20.32 -1.84
N PRO H 109 -42.76 -19.61 -1.78
CA PRO H 109 -42.53 -18.68 -0.68
C PRO H 109 -43.55 -17.55 -0.73
N GLY H 110 -44.05 -17.12 0.43
CA GLY H 110 -45.12 -16.14 0.46
C GLY H 110 -46.48 -16.77 0.67
N ASP H 111 -46.49 -18.11 0.78
CA ASP H 111 -47.72 -18.85 1.00
C ASP H 111 -47.97 -19.21 2.47
N THR H 112 -49.25 -19.24 2.86
CA THR H 112 -49.69 -19.87 4.10
C THR H 112 -50.05 -21.30 3.76
N LEU H 113 -49.59 -22.26 4.57
CA LEU H 113 -49.96 -23.66 4.38
C LEU H 113 -50.84 -24.11 5.53
N THR H 114 -52.15 -24.00 5.33
CA THR H 114 -53.11 -24.54 6.27
C THR H 114 -53.24 -26.03 5.98
N MET H 115 -53.08 -26.84 7.03
CA MET H 115 -53.09 -28.31 6.91
C MET H 115 -54.17 -28.92 7.79
N GLN H 116 -54.85 -29.95 7.28
CA GLN H 116 -55.84 -30.68 8.06
C GLN H 116 -55.60 -32.20 8.06
N ALA H 117 -55.46 -32.77 9.25
CA ALA H 117 -55.24 -34.21 9.43
C ALA H 117 -56.43 -34.89 10.13
N ASN H 118 -56.87 -36.01 9.56
CA ASN H 118 -58.06 -36.71 10.06
C ASN H 118 -57.76 -38.14 10.50
N LEU H 119 -58.03 -38.45 11.77
CA LEU H 119 -57.77 -39.78 12.31
C LEU H 119 -58.82 -40.81 11.84
N ILE H 120 -58.34 -41.90 11.21
CA ILE H 120 -59.22 -42.93 10.65
C ILE H 120 -59.36 -44.11 11.61
N SER H 121 -58.23 -44.62 12.11
CA SER H 121 -58.23 -45.70 13.09
C SER H 121 -57.08 -45.58 14.06
N PHE H 122 -57.31 -46.03 15.29
CA PHE H 122 -56.25 -46.18 16.29
C PHE H 122 -56.35 -47.58 16.90
N LYS H 123 -55.22 -48.27 17.00
CA LYS H 123 -55.19 -49.67 17.47
C LYS H 123 -54.26 -49.88 18.68
N ILE H 128 -50.81 -49.08 15.97
CA ILE H 128 -50.92 -48.64 14.57
C ILE H 128 -52.00 -47.56 14.44
N ALA H 129 -51.59 -46.35 14.07
CA ALA H 129 -52.54 -45.28 13.75
C ALA H 129 -52.50 -44.97 12.27
N LYS H 130 -53.68 -44.76 11.68
CA LYS H 130 -53.78 -44.34 10.29
C LYS H 130 -54.56 -43.03 10.20
N LEU H 131 -54.08 -42.13 9.35
CA LEU H 131 -54.68 -40.79 9.19
C LEU H 131 -54.66 -40.34 7.73
N SER H 132 -55.55 -39.39 7.42
CA SER H 132 -55.63 -38.77 6.09
C SER H 132 -55.29 -37.29 6.23
N GLY H 133 -54.89 -36.65 5.13
CA GLY H 133 -54.50 -35.23 5.18
C GLY H 133 -54.79 -34.40 3.95
N VAL H 134 -55.08 -33.11 4.15
CA VAL H 134 -55.25 -32.12 3.08
C VAL H 134 -54.54 -30.81 3.43
N GLY H 135 -53.93 -30.18 2.43
CA GLY H 135 -53.19 -28.93 2.67
C GLY H 135 -53.59 -27.84 1.69
N TYR H 136 -53.82 -26.63 2.22
CA TYR H 136 -54.34 -25.52 1.42
C TYR H 136 -53.43 -24.30 1.33
N VAL H 137 -53.44 -23.66 0.16
CA VAL H 137 -52.87 -22.31 -0.03
C VAL H 137 -53.96 -21.39 -0.58
N ASN H 138 -54.54 -20.58 0.32
CA ASN H 138 -55.67 -19.70 -0.01
C ASN H 138 -56.93 -20.47 -0.37
N GLY H 139 -57.42 -21.29 0.56
CA GLY H 139 -58.65 -22.06 0.37
C GLY H 139 -58.68 -22.97 -0.84
N LYS H 140 -57.55 -23.08 -1.54
CA LYS H 140 -57.41 -24.02 -2.66
C LYS H 140 -56.59 -25.22 -2.20
N VAL H 141 -56.89 -26.39 -2.77
CA VAL H 141 -56.19 -27.62 -2.41
C VAL H 141 -54.83 -27.66 -3.10
N VAL H 142 -53.77 -27.91 -2.33
CA VAL H 142 -52.43 -28.07 -2.91
C VAL H 142 -51.88 -29.49 -2.78
N ILE H 143 -52.23 -30.17 -1.68
CA ILE H 143 -51.73 -31.52 -1.41
C ILE H 143 -52.77 -32.42 -0.74
N ASN H 144 -53.12 -33.51 -1.44
CA ASN H 144 -54.00 -34.55 -0.90
C ASN H 144 -53.20 -35.73 -0.41
N ILE H 145 -53.60 -36.28 0.73
CA ILE H 145 -53.04 -37.53 1.24
C ILE H 145 -54.18 -38.46 1.68
N SER H 146 -54.30 -39.59 0.99
CA SER H 146 -55.35 -40.57 1.24
C SER H 146 -55.17 -41.23 2.59
N GLU H 147 -53.95 -41.68 2.88
CA GLU H 147 -53.69 -42.43 4.09
C GLU H 147 -52.23 -42.34 4.54
N MET H 148 -52.04 -41.97 5.80
CA MET H 148 -50.74 -42.01 6.49
C MET H 148 -50.79 -43.14 7.51
N THR H 149 -49.67 -43.84 7.67
CA THR H 149 -49.59 -44.96 8.62
C THR H 149 -48.45 -44.77 9.63
N PHE H 150 -48.83 -44.72 10.91
CA PHE H 150 -47.91 -44.49 12.02
C PHE H 150 -47.88 -45.67 13.01
N ALA H 151 -46.78 -45.79 13.74
CA ALA H 151 -46.59 -46.82 14.78
C ALA H 151 -45.28 -46.60 15.56
N LEU H 152 -45.18 -47.26 16.72
CA LEU H 152 -44.01 -47.10 17.62
C LEU H 152 -43.23 -48.42 17.81
N SER H 153 -41.91 -48.31 17.92
CA SER H 153 -41.03 -49.48 18.05
C SER H 153 -40.12 -49.42 19.28
N THR I 9 1.83 -5.64 1.93
CA THR I 9 0.60 -4.78 1.98
C THR I 9 -0.64 -5.59 2.34
N SER I 10 -1.62 -4.90 2.93
CA SER I 10 -2.88 -5.49 3.39
C SER I 10 -3.69 -6.15 2.26
N ILE I 11 -4.21 -7.34 2.54
CA ILE I 11 -5.15 -8.01 1.63
C ILE I 11 -6.47 -8.26 2.36
N ASP I 12 -7.54 -7.63 1.85
CA ASP I 12 -8.85 -7.71 2.49
C ASP I 12 -9.48 -9.08 2.30
N ILE I 13 -10.69 -9.27 2.83
CA ILE I 13 -11.39 -10.55 2.67
C ILE I 13 -11.84 -10.83 1.23
N GLU I 14 -12.07 -9.78 0.44
CA GLU I 14 -12.58 -9.91 -0.95
C GLU I 14 -11.52 -10.42 -1.92
N ASP I 15 -10.29 -9.93 -1.75
CA ASP I 15 -9.17 -10.28 -2.63
C ASP I 15 -8.65 -11.69 -2.35
N ILE I 16 -8.69 -12.08 -1.07
CA ILE I 16 -8.36 -13.44 -0.66
C ILE I 16 -9.16 -14.46 -1.46
N LYS I 17 -10.48 -14.22 -1.57
CA LYS I 17 -11.38 -15.11 -2.32
C LYS I 17 -11.05 -15.18 -3.81
N LYS I 18 -10.27 -14.21 -4.30
CA LYS I 18 -9.81 -14.21 -5.69
C LYS I 18 -8.57 -15.09 -5.85
N ILE I 19 -7.92 -15.38 -4.74
CA ILE I 19 -6.77 -16.28 -4.73
C ILE I 19 -7.24 -17.70 -4.40
N LEU I 20 -7.68 -17.91 -3.16
CA LEU I 20 -8.14 -19.22 -2.70
C LEU I 20 -9.52 -19.57 -3.26
N PRO I 21 -9.76 -20.87 -3.53
CA PRO I 21 -11.07 -21.35 -3.98
C PRO I 21 -12.01 -21.71 -2.82
N HIS I 22 -11.49 -21.63 -1.60
CA HIS I 22 -12.23 -22.04 -0.41
C HIS I 22 -13.39 -21.08 -0.19
N ARG I 23 -14.51 -21.59 0.32
CA ARG I 23 -15.61 -20.71 0.72
C ARG I 23 -16.12 -21.05 2.11
N TYR I 24 -17.25 -20.45 2.49
CA TYR I 24 -17.93 -20.77 3.74
C TYR I 24 -18.47 -22.19 3.59
N PRO I 25 -18.31 -23.04 4.62
CA PRO I 25 -17.71 -22.78 5.93
C PRO I 25 -16.27 -23.26 6.11
N PHE I 26 -15.43 -23.08 5.10
CA PHE I 26 -14.08 -23.61 5.18
C PHE I 26 -13.02 -22.64 4.66
N LEU I 27 -13.34 -21.35 4.71
CA LEU I 27 -12.36 -20.30 4.48
C LEU I 27 -11.88 -19.83 5.85
N LEU I 28 -10.61 -20.03 6.13
CA LEU I 28 -10.06 -19.83 7.47
C LEU I 28 -8.93 -18.80 7.55
N VAL I 29 -8.88 -17.91 6.55
CA VAL I 29 -7.95 -16.78 6.60
C VAL I 29 -8.78 -15.50 6.48
N ASP I 30 -8.70 -14.65 7.47
CA ASP I 30 -9.54 -13.46 7.48
C ASP I 30 -8.87 -12.28 6.79
N LYS I 31 -7.58 -12.10 7.06
CA LYS I 31 -6.83 -10.99 6.46
C LYS I 31 -5.35 -11.33 6.30
N VAL I 32 -4.74 -10.84 5.23
CA VAL I 32 -3.29 -10.97 5.02
C VAL I 32 -2.63 -9.62 5.32
N ILE I 33 -1.86 -9.55 6.41
CA ILE I 33 -1.28 -8.28 6.85
C ILE I 33 0.11 -8.00 6.28
N TYR I 34 0.88 -9.07 6.02
CA TYR I 34 2.19 -8.95 5.37
C TYR I 34 2.50 -10.19 4.52
N MET I 35 3.13 -9.97 3.37
CA MET I 35 3.56 -11.07 2.51
C MET I 35 4.70 -10.64 1.59
N GLN I 36 5.81 -11.37 1.67
CA GLN I 36 6.90 -11.21 0.72
C GLN I 36 7.01 -12.45 -0.16
N PRO I 37 6.94 -12.26 -1.49
CA PRO I 37 6.92 -13.37 -2.44
C PRO I 37 8.13 -14.29 -2.30
N ASN I 38 7.91 -15.60 -2.47
CA ASN I 38 8.94 -16.63 -2.34
C ASN I 38 9.56 -16.74 -0.94
N LYS I 39 9.09 -15.91 -0.01
CA LYS I 39 9.63 -15.94 1.34
C LYS I 39 8.62 -16.33 2.41
N THR I 40 7.86 -15.36 2.91
CA THR I 40 6.98 -15.58 4.05
C THR I 40 5.65 -14.86 3.90
N ILE I 41 4.68 -15.26 4.72
CA ILE I 41 3.36 -14.60 4.75
C ILE I 41 2.79 -14.56 6.17
N ILE I 42 2.32 -13.38 6.55
CA ILE I 42 1.63 -13.17 7.83
C ILE I 42 0.17 -12.78 7.58
N GLY I 43 -0.73 -13.35 8.37
CA GLY I 43 -2.17 -13.07 8.27
C GLY I 43 -2.87 -13.44 9.56
N LEU I 44 -4.18 -13.19 9.62
CA LEU I 44 -4.95 -13.50 10.82
C LEU I 44 -6.32 -14.14 10.57
N LYS I 45 -6.76 -14.92 11.55
CA LYS I 45 -8.06 -15.57 11.56
C LYS I 45 -8.72 -15.19 12.88
N GLN I 46 -9.85 -14.48 12.79
CA GLN I 46 -10.55 -14.00 13.99
C GLN I 46 -11.47 -15.11 14.49
N VAL I 47 -11.42 -15.35 15.80
CA VAL I 47 -12.09 -16.48 16.41
C VAL I 47 -13.32 -16.02 17.20
N SER I 48 -14.51 -16.26 16.64
CA SER I 48 -15.77 -15.85 17.26
C SER I 48 -16.62 -17.02 17.67
N THR I 49 -17.52 -16.80 18.64
CA THR I 49 -18.53 -17.80 19.01
C THR I 49 -19.55 -18.00 17.89
N ASN I 50 -19.72 -16.99 17.04
CA ASN I 50 -20.64 -17.12 15.91
C ASN I 50 -20.01 -17.88 14.74
N GLU I 51 -19.35 -19.00 15.04
CA GLU I 51 -18.70 -19.83 14.03
C GLU I 51 -19.21 -21.29 14.04
N PRO I 52 -19.81 -21.73 12.91
CA PRO I 52 -20.64 -22.95 12.82
C PRO I 52 -20.05 -24.21 13.45
N PHE I 53 -18.72 -24.32 13.52
CA PHE I 53 -18.10 -25.49 14.13
C PHE I 53 -18.24 -25.52 15.65
N PHE I 54 -18.30 -24.34 16.27
CA PHE I 54 -18.31 -24.24 17.73
C PHE I 54 -19.42 -25.02 18.45
N ASN I 55 -20.61 -25.10 17.85
CA ASN I 55 -21.70 -25.92 18.41
C ASN I 55 -21.26 -27.36 18.60
N GLY I 56 -20.38 -27.83 17.74
CA GLY I 56 -19.93 -29.22 17.75
C GLY I 56 -18.57 -29.49 18.36
N HIS I 57 -17.88 -28.44 18.81
CA HIS I 57 -16.56 -28.61 19.43
C HIS I 57 -16.24 -27.51 20.46
N PHE I 58 -16.83 -27.55 21.66
CA PHE I 58 -17.77 -28.57 22.11
C PHE I 58 -19.00 -27.87 22.75
N PRO I 59 -20.19 -28.52 22.72
CA PRO I 59 -21.44 -27.96 23.25
C PRO I 59 -21.29 -27.31 24.62
N GLN I 60 -20.40 -27.87 25.45
CA GLN I 60 -20.24 -27.43 26.83
C GLN I 60 -18.94 -26.65 27.04
N LYS I 61 -18.05 -26.66 26.05
CA LYS I 61 -16.78 -25.95 26.13
C LYS I 61 -16.23 -25.66 24.73
N GLN I 62 -16.27 -24.38 24.34
CA GLN I 62 -15.93 -24.00 22.97
C GLN I 62 -14.44 -23.83 22.78
N ILE I 63 -13.85 -24.76 22.02
CA ILE I 63 -12.42 -24.78 21.76
C ILE I 63 -12.23 -24.97 20.27
N MET I 64 -11.59 -23.99 19.62
CA MET I 64 -11.27 -24.11 18.19
C MET I 64 -10.45 -25.38 17.94
N PRO I 65 -11.01 -26.31 17.15
CA PRO I 65 -10.40 -27.59 16.84
C PRO I 65 -8.99 -27.42 16.28
N GLY I 66 -8.08 -28.26 16.74
CA GLY I 66 -6.68 -28.15 16.36
C GLY I 66 -6.47 -28.23 14.86
N VAL I 67 -7.20 -29.13 14.22
CA VAL I 67 -6.98 -29.40 12.80
C VAL I 67 -7.33 -28.23 11.88
N LEU I 68 -8.27 -27.39 12.34
CA LEU I 68 -8.68 -26.20 11.57
C LEU I 68 -7.66 -25.08 11.73
N GLN I 69 -6.88 -25.14 12.82
CA GLN I 69 -5.74 -24.24 12.99
C GLN I 69 -4.65 -24.59 11.99
N ILE I 70 -4.41 -25.89 11.81
CA ILE I 70 -3.57 -26.37 10.70
C ILE I 70 -4.13 -25.81 9.40
N GLU I 71 -5.38 -26.13 9.10
CA GLU I 71 -6.03 -25.74 7.85
C GLU I 71 -5.90 -24.25 7.55
N ALA I 72 -6.04 -23.43 8.60
CA ALA I 72 -5.89 -21.97 8.48
C ALA I 72 -4.48 -21.61 8.00
N LEU I 73 -3.48 -22.27 8.58
CA LEU I 73 -2.10 -22.06 8.16
C LEU I 73 -1.87 -22.56 6.73
N ALA I 74 -2.53 -23.65 6.37
CA ALA I 74 -2.42 -24.27 5.05
C ALA I 74 -2.94 -23.35 3.96
N GLN I 75 -4.09 -22.73 4.23
CA GLN I 75 -4.66 -21.73 3.34
C GLN I 75 -3.76 -20.52 3.24
N LEU I 76 -3.25 -20.04 4.38
CA LEU I 76 -2.28 -18.94 4.39
C LEU I 76 -1.04 -19.27 3.57
N ALA I 77 -0.54 -20.50 3.72
CA ALA I 77 0.59 -20.98 2.92
C ALA I 77 0.21 -21.08 1.44
N GLY I 78 -1.03 -21.53 1.19
CA GLY I 78 -1.56 -21.66 -0.17
C GLY I 78 -1.64 -20.35 -0.92
N ILE I 79 -1.93 -19.27 -0.20
CA ILE I 79 -1.95 -17.91 -0.77
C ILE I 79 -0.55 -17.54 -1.27
N LEU I 80 0.45 -17.75 -0.41
CA LEU I 80 1.85 -17.46 -0.76
C LEU I 80 2.28 -18.18 -2.03
N CYS I 81 2.31 -19.51 -1.99
CA CYS I 81 2.62 -20.34 -3.17
C CYS I 81 2.05 -19.75 -4.46
N LEU I 82 0.80 -19.29 -4.39
CA LEU I 82 0.07 -18.79 -5.55
C LEU I 82 0.41 -17.35 -5.94
N LYS I 83 0.82 -16.54 -4.98
CA LYS I 83 1.28 -15.17 -5.27
C LYS I 83 2.79 -15.10 -5.51
N SER I 84 3.47 -16.21 -5.20
CA SER I 84 4.89 -16.36 -5.53
C SER I 84 5.03 -16.83 -6.98
N ASP I 85 4.29 -17.87 -7.35
CA ASP I 85 4.35 -18.48 -8.67
C ASP I 85 2.96 -18.87 -9.17
N ASP I 86 2.42 -18.08 -10.11
CA ASP I 86 1.14 -18.43 -10.75
C ASP I 86 1.29 -18.69 -12.27
N SER I 87 2.42 -19.30 -12.65
CA SER I 87 2.58 -19.79 -14.02
C SER I 87 1.73 -21.04 -14.22
N GLN I 88 1.54 -21.78 -13.11
CA GLN I 88 0.57 -22.87 -13.04
C GLN I 88 -0.77 -22.29 -12.60
N LYS I 89 -1.64 -22.01 -13.57
CA LYS I 89 -2.96 -21.40 -13.30
C LYS I 89 -3.91 -22.39 -12.61
N ASN I 90 -3.46 -22.93 -11.48
CA ASN I 90 -4.21 -23.91 -10.70
C ASN I 90 -4.29 -23.52 -9.24
N ASN I 91 -5.35 -22.78 -8.88
CA ASN I 91 -5.54 -22.33 -7.49
C ASN I 91 -6.05 -23.43 -6.53
N LEU I 92 -6.42 -24.57 -7.10
CA LEU I 92 -6.78 -25.76 -6.32
C LEU I 92 -5.53 -26.47 -5.81
N PHE I 93 -5.20 -26.21 -4.54
CA PHE I 93 -4.05 -26.81 -3.87
C PHE I 93 -4.50 -27.81 -2.81
N LEU I 94 -4.08 -29.08 -2.98
CA LEU I 94 -4.45 -30.15 -2.04
C LEU I 94 -3.33 -30.48 -1.07
N PHE I 95 -3.72 -30.68 0.19
CA PHE I 95 -2.82 -31.14 1.23
C PHE I 95 -2.28 -32.53 0.88
N ALA I 96 -0.95 -32.63 0.71
CA ALA I 96 -0.31 -33.90 0.37
C ALA I 96 0.31 -34.56 1.59
N GLY I 97 0.77 -33.74 2.53
CA GLY I 97 1.39 -34.22 3.77
C GLY I 97 1.62 -33.11 4.78
N VAL I 98 1.80 -33.50 6.04
CA VAL I 98 2.08 -32.55 7.14
C VAL I 98 2.87 -33.21 8.28
N ASP I 99 3.85 -32.47 8.80
CA ASP I 99 4.83 -33.02 9.74
C ASP I 99 5.13 -32.04 10.86
N GLY I 100 5.33 -32.57 12.08
CA GLY I 100 5.71 -31.77 13.24
C GLY I 100 4.67 -30.76 13.71
N VAL I 101 3.48 -31.26 14.03
CA VAL I 101 2.43 -30.40 14.57
C VAL I 101 2.40 -30.50 16.09
N ARG I 102 2.47 -29.35 16.75
CA ARG I 102 2.38 -29.25 18.20
C ARG I 102 1.40 -28.13 18.59
N TRP I 103 0.39 -28.47 19.38
CA TRP I 103 -0.56 -27.49 19.90
C TRP I 103 -0.28 -27.21 21.38
N LYS I 104 0.16 -25.99 21.69
CA LYS I 104 0.50 -25.63 23.07
C LYS I 104 -0.70 -25.24 23.93
N LYS I 105 -1.59 -24.43 23.34
CA LYS I 105 -2.57 -23.69 24.12
C LYS I 105 -3.92 -23.68 23.38
N PRO I 106 -5.03 -23.82 24.13
CA PRO I 106 -6.35 -23.77 23.48
C PRO I 106 -6.65 -22.39 22.91
N VAL I 107 -7.16 -22.35 21.68
CA VAL I 107 -7.54 -21.09 21.06
C VAL I 107 -9.05 -20.90 21.25
N LEU I 108 -9.40 -19.87 22.00
CA LEU I 108 -10.77 -19.69 22.49
C LEU I 108 -11.53 -18.62 21.70
N PRO I 109 -12.86 -18.58 21.84
CA PRO I 109 -13.62 -17.49 21.23
C PRO I 109 -13.18 -16.15 21.83
N GLY I 110 -12.99 -15.16 20.96
CA GLY I 110 -12.50 -13.84 21.38
C GLY I 110 -11.07 -13.58 20.96
N ASP I 111 -10.31 -14.66 20.79
CA ASP I 111 -8.90 -14.58 20.42
C ASP I 111 -8.70 -14.12 18.99
N THR I 112 -7.55 -13.49 18.76
CA THR I 112 -7.06 -13.23 17.42
C THR I 112 -5.94 -14.21 17.14
N LEU I 113 -6.07 -14.97 16.08
CA LEU I 113 -5.02 -15.89 15.66
C LEU I 113 -4.20 -15.28 14.54
N THR I 114 -3.12 -14.60 14.93
CA THR I 114 -2.11 -14.14 13.97
C THR I 114 -1.25 -15.34 13.59
N MET I 115 -1.15 -15.58 12.28
CA MET I 115 -0.47 -16.74 11.73
C MET I 115 0.69 -16.32 10.83
N GLN I 116 1.75 -17.11 10.83
CA GLN I 116 2.89 -16.88 9.92
C GLN I 116 3.41 -18.17 9.28
N ALA I 117 3.39 -18.19 7.95
CA ALA I 117 3.91 -19.32 7.18
C ALA I 117 5.19 -18.92 6.44
N ASN I 118 6.12 -19.87 6.30
CA ASN I 118 7.40 -19.62 5.65
C ASN I 118 7.70 -20.62 4.52
N LEU I 119 8.05 -20.12 3.34
CA LEU I 119 8.40 -21.00 2.21
C LEU I 119 9.77 -21.64 2.38
N ILE I 120 9.81 -22.96 2.22
CA ILE I 120 11.02 -23.76 2.39
C ILE I 120 11.63 -24.15 1.04
N SER I 121 10.85 -24.85 0.21
CA SER I 121 11.28 -25.27 -1.11
C SER I 121 10.13 -25.27 -2.11
N PHE I 122 10.43 -24.85 -3.34
CA PHE I 122 9.46 -24.86 -4.44
C PHE I 122 10.07 -25.61 -5.61
N LYS I 123 9.32 -26.55 -6.20
CA LYS I 123 9.86 -27.41 -7.25
C LYS I 123 9.44 -27.12 -8.72
N SER I 124 9.23 -25.83 -9.01
CA SER I 124 9.25 -25.27 -10.38
C SER I 124 8.08 -25.61 -11.33
N SER I 125 7.92 -26.90 -11.65
CA SER I 125 6.80 -27.36 -12.50
C SER I 125 6.35 -28.82 -12.36
N LEU I 126 6.46 -29.33 -11.13
CA LEU I 126 5.90 -30.61 -10.73
C LEU I 126 4.92 -30.38 -9.57
N GLY I 127 5.00 -29.17 -9.02
CA GLY I 127 4.06 -28.69 -8.00
C GLY I 127 4.22 -29.34 -6.64
N ILE I 128 5.44 -29.33 -6.11
CA ILE I 128 5.65 -29.70 -4.71
C ILE I 128 6.29 -28.54 -3.97
N ALA I 129 5.47 -27.85 -3.18
CA ALA I 129 5.95 -26.79 -2.31
C ALA I 129 5.87 -27.25 -0.87
N LYS I 130 6.90 -26.91 -0.10
CA LYS I 130 6.95 -27.22 1.32
C LYS I 130 7.06 -25.94 2.13
N LEU I 131 6.30 -25.86 3.22
CA LEU I 131 6.22 -24.66 4.07
C LEU I 131 6.10 -24.99 5.55
N SER I 132 6.62 -24.07 6.39
CA SER I 132 6.46 -24.17 7.84
C SER I 132 5.51 -23.07 8.33
N GLY I 133 4.98 -23.25 9.54
CA GLY I 133 3.99 -22.33 10.07
C GLY I 133 3.93 -22.27 11.57
N VAL I 134 3.57 -21.09 12.07
CA VAL I 134 3.36 -20.86 13.49
C VAL I 134 2.12 -19.98 13.61
N GLY I 135 1.37 -20.18 14.70
CA GLY I 135 0.21 -19.36 14.98
C GLY I 135 0.35 -18.80 16.38
N TYR I 136 -0.11 -17.56 16.57
CA TYR I 136 -0.01 -16.92 17.87
C TYR I 136 -1.38 -16.48 18.37
N VAL I 137 -1.51 -16.46 19.70
CA VAL I 137 -2.54 -15.67 20.36
C VAL I 137 -1.83 -14.80 21.38
N ASN I 138 -1.90 -13.48 21.16
CA ASN I 138 -1.31 -12.49 22.05
C ASN I 138 0.22 -12.59 22.19
N GLY I 139 0.91 -12.70 21.06
CA GLY I 139 2.36 -12.85 21.03
C GLY I 139 2.86 -14.20 21.54
N LYS I 140 1.95 -14.99 22.10
CA LYS I 140 2.26 -16.30 22.65
C LYS I 140 1.91 -17.42 21.66
N VAL I 141 2.80 -18.39 21.51
CA VAL I 141 2.63 -19.47 20.55
C VAL I 141 1.49 -20.40 20.95
N VAL I 142 0.65 -20.77 19.99
CA VAL I 142 -0.42 -21.75 20.21
C VAL I 142 -0.23 -23.01 19.36
N ILE I 143 0.17 -22.84 18.10
CA ILE I 143 0.37 -23.96 17.19
C ILE I 143 1.70 -23.87 16.43
N ASN I 144 2.39 -25.00 16.36
CA ASN I 144 3.60 -25.13 15.56
C ASN I 144 3.43 -26.17 14.48
N ILE I 145 3.89 -25.84 13.28
CA ILE I 145 3.99 -26.82 12.21
C ILE I 145 5.39 -26.76 11.61
N SER I 146 6.08 -27.89 11.69
CA SER I 146 7.42 -28.03 11.13
C SER I 146 7.36 -27.97 9.60
N GLU I 147 6.47 -28.76 9.01
CA GLU I 147 6.42 -28.90 7.56
C GLU I 147 5.01 -29.13 7.02
N MET I 148 4.65 -28.32 6.03
CA MET I 148 3.42 -28.51 5.27
C MET I 148 3.79 -28.86 3.83
N THR I 149 3.21 -29.95 3.31
CA THR I 149 3.46 -30.36 1.94
C THR I 149 2.16 -30.37 1.13
N PHE I 150 2.10 -29.53 0.09
CA PHE I 150 0.87 -29.38 -0.71
C PHE I 150 1.02 -29.91 -2.13
N ALA I 151 0.07 -30.75 -2.56
CA ALA I 151 0.02 -31.28 -3.93
C ALA I 151 -0.69 -30.29 -4.86
N LEU I 152 0.05 -29.78 -5.83
CA LEU I 152 -0.36 -28.60 -6.60
C LEU I 152 -0.98 -28.94 -7.96
N ASP J 8 -19.20 -59.67 17.50
CA ASP J 8 -19.89 -58.35 17.62
C ASP J 8 -19.36 -57.57 18.82
N THR J 9 -18.16 -57.01 18.66
CA THR J 9 -17.56 -56.11 19.65
C THR J 9 -17.85 -54.64 19.26
N SER J 10 -18.86 -54.48 18.40
CA SER J 10 -19.12 -53.25 17.65
C SER J 10 -20.11 -52.28 18.31
N ILE J 11 -20.19 -51.06 17.76
CA ILE J 11 -20.96 -49.95 18.33
C ILE J 11 -21.56 -49.02 17.26
N ASP J 12 -22.90 -48.93 17.24
CA ASP J 12 -23.59 -47.96 16.38
C ASP J 12 -23.32 -46.52 16.85
N ILE J 13 -24.02 -45.55 16.24
CA ILE J 13 -23.79 -44.14 16.57
C ILE J 13 -24.13 -43.77 18.03
N GLU J 14 -25.38 -43.97 18.46
CA GLU J 14 -25.87 -43.54 19.79
C GLU J 14 -24.87 -43.77 20.93
N ASP J 15 -24.22 -44.93 20.90
CA ASP J 15 -23.24 -45.29 21.93
C ASP J 15 -21.94 -44.49 21.81
N ILE J 16 -21.55 -44.15 20.57
CA ILE J 16 -20.37 -43.30 20.33
C ILE J 16 -20.53 -41.97 21.04
N LYS J 17 -21.69 -41.34 20.82
CA LYS J 17 -22.02 -40.07 21.45
C LYS J 17 -22.01 -40.13 22.98
N LYS J 18 -21.92 -41.34 23.53
CA LYS J 18 -21.78 -41.55 24.98
C LYS J 18 -20.31 -41.68 25.40
N ILE J 19 -19.44 -41.88 24.42
CA ILE J 19 -17.98 -41.94 24.64
C ILE J 19 -17.32 -40.61 24.26
N LEU J 20 -17.49 -40.22 22.99
CA LEU J 20 -16.97 -38.95 22.49
C LEU J 20 -17.87 -37.79 22.87
N PRO J 21 -17.27 -36.61 23.16
CA PRO J 21 -18.03 -35.37 23.41
C PRO J 21 -18.38 -34.58 22.15
N HIS J 22 -17.81 -35.00 21.02
CA HIS J 22 -17.98 -34.31 19.74
C HIS J 22 -19.45 -34.31 19.31
N ARG J 23 -19.91 -33.20 18.73
CA ARG J 23 -21.26 -33.13 18.16
C ARG J 23 -21.24 -32.50 16.78
N TYR J 24 -22.40 -32.46 16.12
CA TYR J 24 -22.51 -31.84 14.81
C TYR J 24 -22.10 -30.37 14.90
N PRO J 25 -21.37 -29.86 13.89
CA PRO J 25 -20.88 -30.53 12.68
C PRO J 25 -19.42 -31.00 12.77
N PHE J 26 -19.06 -31.70 13.85
CA PHE J 26 -17.67 -32.12 14.03
C PHE J 26 -17.53 -33.52 14.62
N LEU J 27 -18.57 -34.34 14.48
CA LEU J 27 -18.48 -35.75 14.83
C LEU J 27 -18.20 -36.50 13.54
N LEU J 28 -17.06 -37.18 13.47
CA LEU J 28 -16.56 -37.72 12.22
C LEU J 28 -16.29 -39.23 12.26
N VAL J 29 -17.00 -39.93 13.13
CA VAL J 29 -16.99 -41.39 13.16
C VAL J 29 -18.43 -41.88 13.20
N ASP J 30 -18.84 -42.60 12.15
CA ASP J 30 -20.23 -43.05 12.05
C ASP J 30 -20.46 -44.34 12.83
N LYS J 31 -19.57 -45.32 12.66
CA LYS J 31 -19.73 -46.62 13.30
C LYS J 31 -18.38 -47.28 13.61
N VAL J 32 -18.27 -47.83 14.82
CA VAL J 32 -17.12 -48.66 15.20
C VAL J 32 -17.46 -50.11 14.90
N ILE J 33 -16.72 -50.74 13.98
CA ILE J 33 -17.03 -52.13 13.57
C ILE J 33 -16.24 -53.21 14.33
N TYR J 34 -15.10 -52.83 14.91
CA TYR J 34 -14.25 -53.73 15.69
C TYR J 34 -13.37 -52.91 16.63
N MET J 35 -13.13 -53.42 17.83
CA MET J 35 -12.30 -52.74 18.83
C MET J 35 -11.73 -53.70 19.88
N GLN J 36 -10.41 -53.79 19.96
CA GLN J 36 -9.75 -54.57 21.01
C GLN J 36 -9.01 -53.65 21.99
N PRO J 37 -9.43 -53.66 23.29
CA PRO J 37 -8.90 -52.74 24.30
C PRO J 37 -7.39 -52.80 24.40
N ASN J 38 -6.77 -51.64 24.64
CA ASN J 38 -5.31 -51.50 24.71
C ASN J 38 -4.54 -51.81 23.43
N LYS J 39 -5.27 -52.14 22.36
CA LYS J 39 -4.65 -52.49 21.09
C LYS J 39 -5.11 -51.67 19.87
N THR J 40 -6.19 -52.12 19.22
CA THR J 40 -6.59 -51.52 17.94
C THR J 40 -8.10 -51.32 17.83
N ILE J 41 -8.51 -50.58 16.81
CA ILE J 41 -9.91 -50.23 16.62
C ILE J 41 -10.16 -49.90 15.14
N ILE J 42 -11.13 -50.60 14.55
CA ILE J 42 -11.55 -50.33 13.19
C ILE J 42 -12.95 -49.72 13.21
N GLY J 43 -13.12 -48.67 12.42
CA GLY J 43 -14.42 -48.00 12.26
C GLY J 43 -14.52 -47.36 10.88
N LEU J 44 -15.68 -46.74 10.60
CA LEU J 44 -15.89 -46.07 9.32
C LEU J 44 -16.60 -44.72 9.40
N LYS J 45 -16.30 -43.87 8.42
CA LYS J 45 -16.94 -42.57 8.25
C LYS J 45 -17.47 -42.51 6.82
N GLN J 46 -18.78 -42.31 6.68
CA GLN J 46 -19.39 -42.26 5.36
C GLN J 46 -19.28 -40.85 4.76
N VAL J 47 -18.94 -40.79 3.49
CA VAL J 47 -18.69 -39.51 2.83
C VAL J 47 -19.85 -39.18 1.90
N SER J 48 -20.69 -38.25 2.32
CA SER J 48 -21.85 -37.83 1.54
C SER J 48 -21.75 -36.39 1.08
N THR J 49 -22.32 -36.10 -0.10
CA THR J 49 -22.42 -34.72 -0.58
C THR J 49 -23.26 -33.85 0.36
N ASN J 50 -24.21 -34.47 1.05
CA ASN J 50 -25.01 -33.78 2.04
C ASN J 50 -24.24 -33.61 3.34
N GLU J 51 -23.01 -33.09 3.25
CA GLU J 51 -22.19 -32.74 4.42
C GLU J 51 -21.82 -31.26 4.37
N PRO J 52 -21.92 -30.56 5.51
CA PRO J 52 -21.86 -29.10 5.56
C PRO J 52 -20.56 -28.50 5.06
N PHE J 53 -19.46 -29.24 5.18
CA PHE J 53 -18.16 -28.72 4.71
C PHE J 53 -18.03 -28.71 3.19
N PHE J 54 -18.81 -29.55 2.51
CA PHE J 54 -18.59 -29.76 1.08
C PHE J 54 -18.81 -28.55 0.21
N ASN J 55 -19.70 -27.66 0.65
CA ASN J 55 -19.93 -26.38 -0.02
C ASN J 55 -18.67 -25.55 -0.19
N GLY J 56 -17.77 -25.61 0.79
CA GLY J 56 -16.58 -24.76 0.79
C GLY J 56 -15.25 -25.44 0.45
N HIS J 57 -15.33 -26.71 0.03
CA HIS J 57 -14.13 -27.49 -0.26
C HIS J 57 -14.41 -28.57 -1.33
N PHE J 58 -14.68 -28.18 -2.57
CA PHE J 58 -14.76 -26.80 -3.06
C PHE J 58 -16.00 -26.64 -3.94
N PRO J 59 -16.53 -25.40 -4.03
CA PRO J 59 -17.67 -25.13 -4.89
C PRO J 59 -17.64 -25.91 -6.21
N GLN J 60 -16.48 -25.97 -6.84
CA GLN J 60 -16.32 -26.58 -8.17
C GLN J 60 -15.77 -28.01 -8.16
N LYS J 61 -15.32 -28.46 -7.00
CA LYS J 61 -14.80 -29.82 -6.85
C LYS J 61 -14.82 -30.25 -5.39
N GLN J 62 -15.79 -31.10 -5.06
CA GLN J 62 -15.96 -31.54 -3.69
C GLN J 62 -14.95 -32.63 -3.31
N ILE J 63 -13.95 -32.24 -2.53
CA ILE J 63 -12.94 -33.17 -1.98
C ILE J 63 -12.94 -33.04 -0.47
N MET J 64 -13.15 -34.17 0.23
CA MET J 64 -13.17 -34.17 1.70
C MET J 64 -11.80 -33.72 2.22
N PRO J 65 -11.76 -32.57 2.92
CA PRO J 65 -10.53 -31.91 3.37
C PRO J 65 -9.62 -32.84 4.17
N GLY J 66 -8.33 -32.85 3.81
CA GLY J 66 -7.34 -33.73 4.41
C GLY J 66 -7.31 -33.73 5.93
N VAL J 67 -7.39 -32.54 6.51
CA VAL J 67 -7.35 -32.39 7.97
C VAL J 67 -8.56 -33.03 8.69
N LEU J 68 -9.70 -33.16 8.02
CA LEU J 68 -10.87 -33.81 8.62
C LEU J 68 -10.80 -35.33 8.51
N GLN J 69 -9.95 -35.82 7.58
CA GLN J 69 -9.52 -37.22 7.57
C GLN J 69 -8.61 -37.49 8.77
N ILE J 70 -7.78 -36.49 9.12
CA ILE J 70 -6.98 -36.58 10.35
C ILE J 70 -7.95 -36.68 11.54
N GLU J 71 -8.82 -35.68 11.65
CA GLU J 71 -9.71 -35.56 12.80
C GLU J 71 -10.50 -36.84 13.05
N ALA J 72 -11.06 -37.40 11.99
CA ALA J 72 -11.80 -38.67 12.04
C ALA J 72 -10.97 -39.81 12.66
N LEU J 73 -9.74 -39.98 12.21
CA LEU J 73 -8.84 -40.98 12.81
C LEU J 73 -8.57 -40.70 14.29
N ALA J 74 -8.28 -39.44 14.62
CA ALA J 74 -8.01 -39.04 16.00
C ALA J 74 -9.18 -39.34 16.93
N GLN J 75 -10.38 -39.00 16.46
CA GLN J 75 -11.61 -39.35 17.15
C GLN J 75 -11.75 -40.87 17.30
N LEU J 76 -11.40 -41.62 16.26
CA LEU J 76 -11.37 -43.08 16.36
C LEU J 76 -10.36 -43.52 17.42
N ALA J 77 -9.20 -42.89 17.44
CA ALA J 77 -8.17 -43.15 18.45
C ALA J 77 -8.66 -42.76 19.85
N GLY J 78 -9.37 -41.64 19.93
CA GLY J 78 -9.94 -41.14 21.19
C GLY J 78 -10.90 -42.12 21.84
N ILE J 79 -11.73 -42.75 21.01
CA ILE J 79 -12.64 -43.81 21.47
C ILE J 79 -11.85 -44.96 22.11
N LEU J 80 -10.90 -45.51 21.38
CA LEU J 80 -10.03 -46.56 21.92
C LEU J 80 -9.49 -46.18 23.30
N CYS J 81 -8.80 -45.04 23.36
CA CYS J 81 -8.22 -44.53 24.62
C CYS J 81 -9.21 -44.61 25.79
N LEU J 82 -10.43 -44.11 25.55
CA LEU J 82 -11.46 -44.01 26.59
C LEU J 82 -12.17 -45.33 26.93
N LYS J 83 -12.06 -46.32 26.03
CA LYS J 83 -12.58 -47.66 26.33
C LYS J 83 -11.46 -48.59 26.83
N SER J 84 -10.22 -48.19 26.59
CA SER J 84 -9.05 -48.91 27.08
C SER J 84 -8.81 -48.58 28.56
N ASP J 85 -8.90 -47.29 28.89
CA ASP J 85 -8.73 -46.82 30.27
C ASP J 85 -9.65 -45.64 30.58
N ASP J 86 -10.73 -45.89 31.32
CA ASP J 86 -11.60 -44.82 31.81
C ASP J 86 -11.51 -44.62 33.32
N SER J 87 -10.29 -44.76 33.87
CA SER J 87 -10.05 -44.42 35.28
C SER J 87 -10.00 -42.90 35.44
N GLN J 88 -9.44 -42.22 34.45
CA GLN J 88 -9.51 -40.77 34.36
C GLN J 88 -10.81 -40.39 33.62
N LYS J 89 -11.83 -40.06 34.39
CA LYS J 89 -13.19 -39.84 33.86
C LYS J 89 -13.32 -38.53 33.06
N ASN J 90 -12.40 -38.32 32.12
CA ASN J 90 -12.36 -37.12 31.30
C ASN J 90 -12.41 -37.45 29.81
N ASN J 91 -13.62 -37.38 29.24
CA ASN J 91 -13.83 -37.65 27.80
C ASN J 91 -13.36 -36.54 26.86
N LEU J 92 -12.98 -35.39 27.42
CA LEU J 92 -12.43 -34.28 26.65
C LEU J 92 -10.93 -34.45 26.35
N PHE J 93 -10.64 -35.09 25.23
CA PHE J 93 -9.26 -35.37 24.82
C PHE J 93 -8.79 -34.37 23.77
N LEU J 94 -7.67 -33.69 24.05
CA LEU J 94 -7.14 -32.68 23.15
C LEU J 94 -5.96 -33.17 22.31
N PHE J 95 -5.99 -32.78 21.04
CA PHE J 95 -4.89 -33.02 20.13
C PHE J 95 -3.68 -32.21 20.62
N ALA J 96 -2.60 -32.91 20.96
CA ALA J 96 -1.37 -32.27 21.41
C ALA J 96 -0.35 -32.18 20.27
N GLY J 97 -0.32 -33.23 19.44
CA GLY J 97 0.58 -33.29 18.29
C GLY J 97 0.17 -34.33 17.26
N VAL J 98 0.73 -34.21 16.05
CA VAL J 98 0.55 -35.21 15.00
C VAL J 98 1.75 -35.21 14.05
N ASP J 99 2.12 -36.41 13.57
CA ASP J 99 3.32 -36.56 12.75
C ASP J 99 3.16 -37.64 11.69
N GLY J 100 3.79 -37.41 10.54
CA GLY J 100 3.85 -38.38 9.46
C GLY J 100 2.52 -38.61 8.75
N VAL J 101 1.87 -37.52 8.35
CA VAL J 101 0.61 -37.60 7.64
C VAL J 101 0.86 -37.50 6.13
N ARG J 102 0.36 -38.50 5.40
CA ARG J 102 0.51 -38.57 3.95
C ARG J 102 -0.84 -38.90 3.32
N TRP J 103 -1.30 -38.03 2.43
CA TRP J 103 -2.55 -38.22 1.69
C TRP J 103 -2.24 -38.78 0.29
N LYS J 104 -2.69 -40.00 0.02
CA LYS J 104 -2.37 -40.72 -1.22
C LYS J 104 -3.37 -40.48 -2.36
N LYS J 105 -4.63 -40.25 -1.98
CA LYS J 105 -5.75 -40.27 -2.92
C LYS J 105 -6.84 -39.35 -2.37
N PRO J 106 -7.50 -38.57 -3.24
CA PRO J 106 -8.62 -37.73 -2.77
C PRO J 106 -9.80 -38.57 -2.30
N VAL J 107 -10.44 -38.16 -1.21
CA VAL J 107 -11.60 -38.89 -0.68
C VAL J 107 -12.90 -38.18 -1.06
N LEU J 108 -13.64 -38.76 -2.00
CA LEU J 108 -14.79 -38.13 -2.64
C LEU J 108 -16.13 -38.48 -1.98
N PRO J 109 -17.19 -37.69 -2.28
CA PRO J 109 -18.55 -38.07 -1.86
C PRO J 109 -19.01 -39.37 -2.50
N GLY J 110 -19.53 -40.28 -1.70
CA GLY J 110 -19.94 -41.59 -2.18
C GLY J 110 -19.02 -42.70 -1.69
N ASP J 111 -17.87 -42.30 -1.15
CA ASP J 111 -16.88 -43.25 -0.64
C ASP J 111 -17.20 -43.65 0.77
N THR J 112 -16.70 -44.82 1.16
CA THR J 112 -16.77 -45.27 2.54
C THR J 112 -15.35 -45.28 3.11
N LEU J 113 -15.12 -44.41 4.10
CA LEU J 113 -13.82 -44.28 4.72
C LEU J 113 -13.66 -45.26 5.87
N THR J 114 -13.03 -46.40 5.59
CA THR J 114 -12.72 -47.38 6.62
C THR J 114 -11.41 -46.95 7.26
N MET J 115 -11.41 -46.87 8.59
CA MET J 115 -10.27 -46.35 9.33
C MET J 115 -9.82 -47.34 10.37
N GLN J 116 -8.50 -47.41 10.57
CA GLN J 116 -7.93 -48.24 11.61
C GLN J 116 -6.85 -47.47 12.36
N ALA J 117 -6.99 -47.41 13.69
CA ALA J 117 -6.02 -46.79 14.58
C ALA J 117 -5.43 -47.79 15.57
N ASN J 118 -4.14 -47.65 15.84
CA ASN J 118 -3.38 -48.61 16.65
C ASN J 118 -2.65 -47.94 17.80
N LEU J 119 -2.75 -48.53 18.99
CA LEU J 119 -2.08 -47.98 20.18
C LEU J 119 -0.59 -48.33 20.22
N ILE J 120 0.23 -47.29 20.39
CA ILE J 120 1.68 -47.44 20.48
C ILE J 120 2.12 -47.46 21.95
N SER J 121 1.73 -46.43 22.70
CA SER J 121 2.05 -46.33 24.12
C SER J 121 0.96 -45.59 24.89
N PHE J 122 0.79 -45.97 26.17
CA PHE J 122 -0.07 -45.25 27.09
C PHE J 122 0.75 -45.01 28.36
N LYS J 123 0.73 -43.77 28.86
CA LYS J 123 1.57 -43.40 30.01
C LYS J 123 0.85 -43.28 31.36
N SER J 124 1.17 -44.21 32.25
CA SER J 124 0.65 -44.26 33.64
C SER J 124 1.07 -43.08 34.52
N SER J 125 2.39 -42.87 34.61
CA SER J 125 2.95 -41.89 35.55
C SER J 125 3.01 -40.47 34.98
N LEU J 126 3.33 -40.36 33.69
CA LEU J 126 3.49 -39.06 33.03
C LEU J 126 2.17 -38.50 32.54
N GLY J 127 1.44 -39.29 31.75
CA GLY J 127 0.18 -38.85 31.14
C GLY J 127 0.36 -38.50 29.68
N ILE J 128 -0.28 -39.28 28.79
CA ILE J 128 -0.14 -39.04 27.34
C ILE J 128 -0.12 -40.35 26.55
N ALA J 129 -1.04 -40.45 25.57
CA ALA J 129 -1.14 -41.59 24.67
C ALA J 129 -0.71 -41.25 23.24
N LYS J 130 -0.12 -42.25 22.57
CA LYS J 130 0.39 -42.10 21.19
C LYS J 130 -0.14 -43.21 20.28
N LEU J 131 -0.66 -42.83 19.11
CA LEU J 131 -1.27 -43.78 18.18
C LEU J 131 -0.95 -43.53 16.70
N SER J 132 -1.01 -44.60 15.90
CA SER J 132 -0.92 -44.51 14.44
C SER J 132 -2.29 -44.71 13.82
N GLY J 133 -2.43 -44.38 12.54
CA GLY J 133 -3.71 -44.49 11.85
C GLY J 133 -3.59 -44.62 10.34
N VAL J 134 -4.55 -45.33 9.74
CA VAL J 134 -4.58 -45.57 8.29
C VAL J 134 -6.04 -45.60 7.83
N GLY J 135 -6.34 -44.87 6.76
CA GLY J 135 -7.69 -44.84 6.21
C GLY J 135 -7.74 -45.41 4.80
N TYR J 136 -8.76 -46.23 4.53
CA TYR J 136 -8.93 -46.87 3.22
C TYR J 136 -10.23 -46.50 2.52
N VAL J 137 -10.13 -46.29 1.21
CA VAL J 137 -11.29 -46.27 0.33
C VAL J 137 -11.14 -47.48 -0.60
N ASN J 138 -12.03 -48.46 -0.41
CA ASN J 138 -12.02 -49.72 -1.17
C ASN J 138 -10.72 -50.52 -0.99
N GLY J 139 -10.33 -50.71 0.27
CA GLY J 139 -9.11 -51.46 0.60
C GLY J 139 -7.81 -50.80 0.16
N LYS J 140 -7.92 -49.71 -0.61
CA LYS J 140 -6.77 -48.95 -1.06
C LYS J 140 -6.51 -47.84 -0.04
N VAL J 141 -5.24 -47.65 0.28
CA VAL J 141 -4.82 -46.62 1.23
C VAL J 141 -5.15 -45.22 0.68
N VAL J 142 -5.72 -44.36 1.54
CA VAL J 142 -5.94 -42.96 1.18
C VAL J 142 -5.21 -41.97 2.10
N ILE J 143 -5.07 -42.34 3.38
CA ILE J 143 -4.35 -41.51 4.34
C ILE J 143 -3.50 -42.34 5.31
N ASN J 144 -2.28 -41.85 5.56
CA ASN J 144 -1.36 -42.46 6.53
C ASN J 144 -0.98 -41.49 7.62
N ILE J 145 -1.08 -41.93 8.86
CA ILE J 145 -0.59 -41.14 9.99
C ILE J 145 0.31 -42.02 10.84
N SER J 146 1.61 -41.71 10.81
CA SER J 146 2.63 -42.44 11.57
C SER J 146 2.39 -42.36 13.09
N GLU J 147 2.05 -41.16 13.57
CA GLU J 147 1.86 -40.92 14.99
C GLU J 147 0.89 -39.78 15.29
N MET J 148 0.04 -40.01 16.28
CA MET J 148 -0.79 -38.98 16.87
C MET J 148 -0.47 -38.92 18.36
N THR J 149 -0.55 -37.73 18.95
CA THR J 149 -0.25 -37.54 20.36
C THR J 149 -1.38 -36.83 21.11
N PHE J 150 -1.88 -37.47 22.17
CA PHE J 150 -2.97 -36.92 22.98
C PHE J 150 -2.66 -37.01 24.46
N ALA J 151 -3.21 -36.07 25.22
CA ALA J 151 -3.24 -36.16 26.69
C ALA J 151 -4.68 -35.92 27.20
N ASP K 8 -50.86 -2.81 -8.86
CA ASP K 8 -49.95 -3.35 -9.91
C ASP K 8 -49.60 -4.82 -9.69
N THR K 9 -48.77 -5.35 -10.59
CA THR K 9 -48.43 -6.76 -10.60
C THR K 9 -47.56 -7.14 -9.41
N SER K 10 -47.94 -8.23 -8.75
CA SER K 10 -47.12 -8.83 -7.71
C SER K 10 -45.73 -9.16 -8.25
N ILE K 11 -44.69 -8.72 -7.56
CA ILE K 11 -43.32 -9.12 -7.91
C ILE K 11 -42.91 -10.34 -7.06
N ASP K 12 -42.69 -11.46 -7.74
CA ASP K 12 -42.29 -12.70 -7.07
C ASP K 12 -40.80 -12.67 -6.70
N ILE K 13 -40.40 -13.63 -5.86
CA ILE K 13 -39.05 -13.72 -5.30
C ILE K 13 -37.94 -13.89 -6.35
N GLU K 14 -38.20 -14.71 -7.38
CA GLU K 14 -37.27 -14.90 -8.50
C GLU K 14 -36.92 -13.54 -9.12
N ASP K 15 -37.92 -12.65 -9.16
CA ASP K 15 -37.75 -11.28 -9.65
C ASP K 15 -37.10 -10.37 -8.61
N ILE K 16 -37.53 -10.50 -7.34
CA ILE K 16 -36.91 -9.77 -6.22
C ILE K 16 -35.40 -9.99 -6.22
N LYS K 17 -34.99 -11.27 -6.39
CA LYS K 17 -33.57 -11.65 -6.50
C LYS K 17 -32.85 -10.99 -7.69
N LYS K 18 -33.63 -10.58 -8.69
CA LYS K 18 -33.07 -9.84 -9.84
C LYS K 18 -32.99 -8.35 -9.55
N ILE K 19 -33.61 -7.92 -8.45
CA ILE K 19 -33.48 -6.55 -7.97
C ILE K 19 -32.44 -6.53 -6.83
N LEU K 20 -32.78 -7.13 -5.69
CA LEU K 20 -31.89 -7.18 -4.53
C LEU K 20 -30.70 -8.16 -4.70
N PRO K 21 -29.50 -7.74 -4.24
CA PRO K 21 -28.34 -8.63 -4.18
C PRO K 21 -28.35 -9.57 -2.97
N HIS K 22 -29.20 -9.28 -1.98
CA HIS K 22 -29.31 -10.09 -0.75
C HIS K 22 -29.70 -11.52 -1.10
N ARG K 23 -29.16 -12.48 -0.36
CA ARG K 23 -29.52 -13.89 -0.54
C ARG K 23 -29.75 -14.55 0.83
N TYR K 24 -30.11 -15.83 0.83
CA TYR K 24 -30.14 -16.63 2.06
C TYR K 24 -28.79 -16.57 2.80
N PRO K 25 -28.81 -16.41 4.14
CA PRO K 25 -29.97 -16.30 5.04
C PRO K 25 -30.32 -14.86 5.46
N PHE K 26 -30.26 -13.93 4.51
CA PHE K 26 -30.51 -12.53 4.82
C PHE K 26 -31.40 -11.84 3.76
N LEU K 27 -32.24 -12.64 3.11
CA LEU K 27 -33.26 -12.11 2.21
C LEU K 27 -34.60 -12.20 2.92
N LEU K 28 -35.14 -11.05 3.34
CA LEU K 28 -36.32 -11.01 4.21
C LEU K 28 -37.55 -10.31 3.57
N VAL K 29 -37.66 -10.43 2.25
CA VAL K 29 -38.88 -10.05 1.55
C VAL K 29 -39.31 -11.23 0.68
N ASP K 30 -40.42 -11.84 1.06
CA ASP K 30 -40.95 -12.99 0.33
C ASP K 30 -41.63 -12.60 -0.97
N LYS K 31 -42.47 -11.57 -0.92
CA LYS K 31 -43.21 -11.13 -2.11
C LYS K 31 -43.46 -9.63 -2.09
N VAL K 32 -43.64 -9.05 -3.27
CA VAL K 32 -44.10 -7.66 -3.39
C VAL K 32 -45.51 -7.70 -3.97
N ILE K 33 -46.50 -7.27 -3.19
CA ILE K 33 -47.91 -7.35 -3.61
C ILE K 33 -48.41 -6.12 -4.38
N TYR K 34 -47.82 -4.96 -4.08
CA TYR K 34 -48.09 -3.70 -4.77
C TYR K 34 -46.88 -2.79 -4.70
N MET K 35 -46.65 -2.03 -5.78
CA MET K 35 -45.56 -1.04 -5.86
C MET K 35 -45.89 0.07 -6.84
N GLN K 36 -45.77 1.32 -6.39
CA GLN K 36 -45.88 2.47 -7.28
C GLN K 36 -44.58 3.27 -7.24
N PRO K 37 -43.98 3.52 -8.42
CA PRO K 37 -42.69 4.23 -8.51
C PRO K 37 -42.71 5.61 -7.87
N ASN K 38 -41.61 5.97 -7.22
CA ASN K 38 -41.46 7.27 -6.54
C ASN K 38 -42.46 7.54 -5.40
N LYS K 39 -43.16 6.49 -4.94
CA LYS K 39 -44.17 6.69 -3.91
C LYS K 39 -44.12 5.68 -2.76
N THR K 40 -44.65 4.49 -2.99
CA THR K 40 -44.85 3.52 -1.91
C THR K 40 -44.78 2.09 -2.40
N ILE K 41 -44.69 1.16 -1.45
CA ILE K 41 -44.54 -0.25 -1.78
C ILE K 41 -45.14 -1.11 -0.66
N ILE K 42 -45.88 -2.14 -1.06
CA ILE K 42 -46.38 -3.12 -0.11
C ILE K 42 -45.83 -4.50 -0.46
N GLY K 43 -45.41 -5.23 0.57
CA GLY K 43 -44.79 -6.54 0.41
C GLY K 43 -44.95 -7.36 1.69
N LEU K 44 -44.60 -8.64 1.64
CA LEU K 44 -44.81 -9.51 2.79
C LEU K 44 -43.67 -10.48 3.04
N LYS K 45 -43.44 -10.77 4.32
CA LYS K 45 -42.43 -11.72 4.75
C LYS K 45 -43.06 -12.75 5.67
N GLN K 46 -43.11 -14.00 5.22
CA GLN K 46 -43.74 -15.07 6.00
C GLN K 46 -42.81 -15.57 7.10
N VAL K 47 -43.36 -15.66 8.31
CA VAL K 47 -42.56 -15.96 9.50
C VAL K 47 -42.75 -17.43 9.87
N SER K 48 -41.68 -18.22 9.75
CA SER K 48 -41.75 -19.66 9.97
C SER K 48 -40.79 -20.14 11.03
N THR K 49 -41.14 -21.20 11.75
CA THR K 49 -40.23 -21.81 12.74
C THR K 49 -39.07 -22.50 12.05
N ASN K 50 -39.23 -22.76 10.75
CA ASN K 50 -38.16 -23.34 9.96
C ASN K 50 -37.27 -22.27 9.33
N GLU K 51 -36.90 -21.27 10.15
CA GLU K 51 -35.97 -20.22 9.74
C GLU K 51 -34.78 -20.21 10.71
N PRO K 52 -33.55 -20.14 10.14
CA PRO K 52 -32.27 -20.36 10.85
C PRO K 52 -31.99 -19.48 12.08
N PHE K 53 -32.59 -18.28 12.14
CA PHE K 53 -32.37 -17.38 13.27
C PHE K 53 -33.20 -17.76 14.50
N PHE K 54 -34.18 -18.64 14.32
CA PHE K 54 -35.13 -18.96 15.40
C PHE K 54 -34.55 -19.82 16.51
N ASN K 55 -33.56 -20.65 16.17
CA ASN K 55 -32.85 -21.42 17.19
C ASN K 55 -32.19 -20.49 18.21
N GLY K 56 -31.77 -19.31 17.76
CA GLY K 56 -30.98 -18.42 18.62
C GLY K 56 -31.76 -17.28 19.24
N HIS K 57 -33.01 -17.08 18.82
CA HIS K 57 -33.81 -15.95 19.28
C HIS K 57 -35.29 -16.34 19.57
N PHE K 58 -35.55 -17.19 20.56
CA PHE K 58 -34.58 -17.74 21.52
C PHE K 58 -34.94 -19.22 21.75
N PRO K 59 -33.97 -20.04 22.23
CA PRO K 59 -34.16 -21.48 22.39
C PRO K 59 -35.53 -21.84 22.99
N GLN K 60 -35.91 -21.14 24.05
CA GLN K 60 -37.12 -21.46 24.81
C GLN K 60 -38.30 -20.55 24.50
N LYS K 61 -38.10 -19.55 23.62
CA LYS K 61 -39.19 -18.69 23.17
C LYS K 61 -38.84 -18.02 21.86
N GLN K 62 -39.58 -18.40 20.82
CA GLN K 62 -39.30 -17.97 19.45
C GLN K 62 -40.00 -16.66 19.15
N ILE K 63 -39.19 -15.62 18.92
CA ILE K 63 -39.68 -14.27 18.58
C ILE K 63 -38.77 -13.68 17.52
N MET K 64 -39.36 -13.21 16.43
CA MET K 64 -38.61 -12.62 15.34
C MET K 64 -37.94 -11.32 15.76
N PRO K 65 -36.60 -11.31 15.79
CA PRO K 65 -35.80 -10.19 16.29
C PRO K 65 -36.24 -8.86 15.69
N GLY K 66 -36.50 -7.88 16.54
CA GLY K 66 -36.89 -6.55 16.10
C GLY K 66 -36.08 -6.03 14.93
N VAL K 67 -34.76 -6.21 14.99
CA VAL K 67 -33.85 -5.67 13.97
C VAL K 67 -34.08 -6.27 12.57
N LEU K 68 -34.50 -7.53 12.50
CA LEU K 68 -34.72 -8.18 11.21
C LEU K 68 -36.02 -7.74 10.55
N GLN K 69 -36.98 -7.31 11.37
CA GLN K 69 -38.15 -6.59 10.88
C GLN K 69 -37.71 -5.26 10.24
N ILE K 70 -36.83 -4.53 10.93
CA ILE K 70 -36.19 -3.34 10.35
C ILE K 70 -35.56 -3.66 8.99
N GLU K 71 -34.75 -4.72 8.96
CA GLU K 71 -34.00 -5.10 7.77
C GLU K 71 -34.96 -5.39 6.61
N ALA K 72 -36.01 -6.16 6.89
CA ALA K 72 -37.05 -6.46 5.91
C ALA K 72 -37.64 -5.21 5.25
N LEU K 73 -38.10 -4.27 6.09
CA LEU K 73 -38.64 -3.00 5.62
C LEU K 73 -37.64 -2.19 4.79
N ALA K 74 -36.37 -2.26 5.17
CA ALA K 74 -35.28 -1.60 4.45
C ALA K 74 -35.08 -2.20 3.06
N GLN K 75 -35.15 -3.53 2.99
CA GLN K 75 -35.07 -4.27 1.72
C GLN K 75 -36.26 -3.95 0.84
N LEU K 76 -37.45 -3.84 1.46
CA LEU K 76 -38.65 -3.40 0.75
C LEU K 76 -38.47 -1.98 0.24
N ALA K 77 -37.98 -1.09 1.10
CA ALA K 77 -37.62 0.28 0.71
C ALA K 77 -36.56 0.29 -0.39
N GLY K 78 -35.62 -0.64 -0.31
CA GLY K 78 -34.53 -0.77 -1.28
C GLY K 78 -34.97 -1.14 -2.68
N ILE K 79 -35.97 -2.02 -2.77
CA ILE K 79 -36.61 -2.37 -4.04
C ILE K 79 -37.31 -1.16 -4.68
N LEU K 80 -37.96 -0.34 -3.85
CA LEU K 80 -38.66 0.84 -4.37
C LEU K 80 -37.69 1.79 -5.04
N CYS K 81 -36.69 2.24 -4.27
CA CYS K 81 -35.62 3.11 -4.76
C CYS K 81 -35.05 2.68 -6.12
N LEU K 82 -34.80 1.37 -6.25
CA LEU K 82 -34.20 0.78 -7.45
C LEU K 82 -35.15 0.73 -8.65
N LYS K 83 -36.44 0.54 -8.41
CA LYS K 83 -37.42 0.56 -9.51
C LYS K 83 -37.85 1.98 -9.86
N SER K 84 -37.81 2.87 -8.85
CA SER K 84 -38.12 4.28 -9.04
C SER K 84 -37.05 4.93 -9.91
N ASP K 85 -35.78 4.65 -9.59
CA ASP K 85 -34.64 5.16 -10.34
C ASP K 85 -33.51 4.14 -10.41
N ASP K 86 -33.26 3.60 -11.61
CA ASP K 86 -32.12 2.71 -11.83
C ASP K 86 -31.12 3.32 -12.84
N SER K 87 -31.06 4.65 -12.89
CA SER K 87 -30.03 5.35 -13.67
C SER K 87 -28.65 5.02 -13.09
N GLN K 88 -28.60 4.97 -11.75
CA GLN K 88 -27.42 4.53 -11.02
C GLN K 88 -27.41 3.00 -10.97
N LYS K 89 -26.62 2.39 -11.85
CA LYS K 89 -26.58 0.93 -11.98
C LYS K 89 -25.79 0.26 -10.84
N ASN K 90 -26.36 0.37 -9.62
CA ASN K 90 -25.72 -0.17 -8.40
C ASN K 90 -26.77 -0.65 -7.38
N ASN K 91 -27.03 -1.96 -7.36
CA ASN K 91 -28.02 -2.55 -6.44
C ASN K 91 -27.54 -2.68 -4.99
N LEU K 92 -26.28 -2.34 -4.76
CA LEU K 92 -25.71 -2.40 -3.41
C LEU K 92 -26.04 -1.14 -2.60
N PHE K 93 -27.20 -1.16 -1.94
CA PHE K 93 -27.67 -0.07 -1.09
C PHE K 93 -27.41 -0.35 0.38
N LEU K 94 -26.63 0.54 1.01
CA LEU K 94 -26.25 0.38 2.40
C LEU K 94 -27.06 1.25 3.34
N PHE K 95 -27.39 0.69 4.51
CA PHE K 95 -28.06 1.42 5.58
C PHE K 95 -27.11 2.49 6.11
N ALA K 96 -27.55 3.75 6.01
CA ALA K 96 -26.75 4.89 6.47
C ALA K 96 -27.23 5.42 7.82
N GLY K 97 -28.51 5.19 8.11
CA GLY K 97 -29.12 5.61 9.36
C GLY K 97 -30.58 5.22 9.44
N VAL K 98 -31.11 5.16 10.67
CA VAL K 98 -32.52 4.85 10.91
C VAL K 98 -33.02 5.59 12.15
N ASP K 99 -34.31 5.92 12.18
CA ASP K 99 -34.85 6.83 13.18
C ASP K 99 -36.33 6.56 13.50
N GLY K 100 -36.65 6.57 14.79
CA GLY K 100 -38.04 6.48 15.25
C GLY K 100 -38.64 5.09 15.07
N VAL K 101 -37.86 4.08 15.44
CA VAL K 101 -38.32 2.70 15.37
C VAL K 101 -39.03 2.32 16.66
N ARG K 102 -40.23 1.76 16.53
CA ARG K 102 -41.06 1.39 17.67
C ARG K 102 -41.72 0.03 17.42
N TRP K 103 -41.43 -0.94 18.28
CA TRP K 103 -42.03 -2.27 18.17
C TRP K 103 -43.20 -2.36 19.14
N LYS K 104 -44.36 -2.78 18.63
CA LYS K 104 -45.60 -2.76 19.41
C LYS K 104 -46.03 -4.14 19.85
N LYS K 105 -45.59 -5.16 19.13
CA LYS K 105 -46.13 -6.50 19.31
C LYS K 105 -45.11 -7.52 18.84
N PRO K 106 -44.86 -8.58 19.65
CA PRO K 106 -43.96 -9.63 19.18
C PRO K 106 -44.48 -10.22 17.88
N VAL K 107 -43.58 -10.45 16.93
CA VAL K 107 -43.92 -11.17 15.71
C VAL K 107 -43.47 -12.62 15.90
N LEU K 108 -44.44 -13.54 15.81
CA LEU K 108 -44.26 -14.95 16.18
C LEU K 108 -44.32 -15.88 14.97
N PRO K 109 -43.74 -17.11 15.09
CA PRO K 109 -43.88 -18.17 14.10
C PRO K 109 -45.33 -18.45 13.74
N GLY K 110 -45.67 -18.30 12.45
CA GLY K 110 -47.03 -18.50 11.99
C GLY K 110 -47.68 -17.23 11.46
N ASP K 111 -47.05 -16.09 11.76
CA ASP K 111 -47.60 -14.80 11.36
C ASP K 111 -47.22 -14.44 9.94
N THR K 112 -48.10 -13.68 9.28
CA THR K 112 -47.77 -13.08 8.01
C THR K 112 -47.34 -11.66 8.30
N LEU K 113 -46.14 -11.29 7.85
CA LEU K 113 -45.69 -9.91 8.01
C LEU K 113 -45.94 -9.15 6.72
N THR K 114 -47.06 -8.41 6.69
CA THR K 114 -47.32 -7.42 5.66
C THR K 114 -46.53 -6.16 6.04
N MET K 115 -45.81 -5.59 5.08
CA MET K 115 -45.02 -4.39 5.33
C MET K 115 -45.32 -3.32 4.27
N GLN K 116 -45.28 -2.05 4.68
CA GLN K 116 -45.44 -0.94 3.75
C GLN K 116 -44.38 0.15 3.96
N ALA K 117 -43.59 0.42 2.92
CA ALA K 117 -42.61 1.51 2.94
C ALA K 117 -43.03 2.66 2.02
N ASN K 118 -42.74 3.88 2.44
CA ASN K 118 -43.17 5.10 1.73
C ASN K 118 -42.01 6.08 1.46
N LEU K 119 -41.83 6.46 0.19
CA LEU K 119 -40.74 7.36 -0.20
C LEU K 119 -40.99 8.82 0.21
N ILE K 120 -40.01 9.39 0.93
CA ILE K 120 -40.09 10.78 1.43
C ILE K 120 -39.30 11.76 0.55
N SER K 121 -38.03 11.43 0.29
CA SER K 121 -37.18 12.27 -0.57
C SER K 121 -36.08 11.48 -1.28
N PHE K 122 -35.93 11.73 -2.57
CA PHE K 122 -34.83 11.17 -3.37
C PHE K 122 -33.97 12.31 -3.91
N LYS K 123 -32.66 12.20 -3.76
CA LYS K 123 -31.75 13.24 -4.22
C LYS K 123 -30.63 12.67 -5.14
N GLY K 127 -26.56 8.13 -3.96
CA GLY K 127 -27.21 9.32 -3.44
C GLY K 127 -27.98 9.04 -2.16
N ILE K 128 -28.66 10.07 -1.65
CA ILE K 128 -29.43 9.98 -0.40
C ILE K 128 -30.93 9.76 -0.64
N ALA K 129 -31.44 8.58 -0.24
CA ALA K 129 -32.88 8.33 -0.22
C ALA K 129 -33.39 8.16 1.21
N LYS K 130 -34.56 8.75 1.50
CA LYS K 130 -35.18 8.66 2.83
C LYS K 130 -36.62 8.13 2.76
N LEU K 131 -36.94 7.16 3.62
CA LEU K 131 -38.24 6.48 3.57
C LEU K 131 -38.79 6.19 4.97
N SER K 132 -40.11 6.08 5.08
CA SER K 132 -40.77 5.65 6.31
C SER K 132 -41.38 4.26 6.12
N GLY K 133 -41.73 3.58 7.22
CA GLY K 133 -42.17 2.20 7.13
C GLY K 133 -43.02 1.67 8.28
N VAL K 134 -44.00 0.84 7.91
CA VAL K 134 -44.89 0.18 8.88
C VAL K 134 -44.96 -1.31 8.54
N GLY K 135 -44.99 -2.15 9.58
CA GLY K 135 -45.22 -3.59 9.40
C GLY K 135 -46.44 -4.00 10.19
N TYR K 136 -47.21 -4.94 9.65
CA TYR K 136 -48.44 -5.40 10.29
C TYR K 136 -48.51 -6.91 10.38
N VAL K 137 -49.06 -7.39 11.51
CA VAL K 137 -49.50 -8.76 11.63
C VAL K 137 -51.00 -8.69 11.90
N ASN K 138 -51.79 -8.98 10.86
CA ASN K 138 -53.24 -9.04 10.95
C ASN K 138 -53.90 -7.67 11.14
N GLY K 139 -53.59 -6.73 10.24
CA GLY K 139 -54.16 -5.38 10.31
C GLY K 139 -53.73 -4.58 11.53
N LYS K 140 -53.03 -5.24 12.46
CA LYS K 140 -52.48 -4.62 13.66
C LYS K 140 -51.02 -4.23 13.47
N VAL K 141 -50.67 -2.99 13.83
CA VAL K 141 -49.28 -2.50 13.72
C VAL K 141 -48.36 -3.27 14.68
N VAL K 142 -47.22 -3.73 14.15
CA VAL K 142 -46.19 -4.39 14.99
C VAL K 142 -44.90 -3.59 15.08
N ILE K 143 -44.59 -2.83 14.02
CA ILE K 143 -43.36 -2.04 13.94
C ILE K 143 -43.58 -0.71 13.20
N ASN K 144 -43.11 0.38 13.79
CA ASN K 144 -43.09 1.69 13.14
C ASN K 144 -41.68 2.20 12.92
N ILE K 145 -41.43 2.76 11.74
CA ILE K 145 -40.16 3.41 11.45
C ILE K 145 -40.46 4.77 10.83
N SER K 146 -40.11 5.82 11.56
CA SER K 146 -40.37 7.19 11.11
C SER K 146 -39.48 7.56 9.91
N GLU K 147 -38.24 7.07 9.92
CA GLU K 147 -37.30 7.37 8.84
C GLU K 147 -36.22 6.31 8.65
N MET K 148 -36.02 5.93 7.39
CA MET K 148 -34.91 5.09 6.97
C MET K 148 -34.04 5.92 6.03
N THR K 149 -32.72 5.78 6.13
CA THR K 149 -31.80 6.54 5.26
C THR K 149 -30.69 5.67 4.64
N PHE K 150 -30.53 5.79 3.32
CA PHE K 150 -29.55 5.00 2.56
C PHE K 150 -28.73 5.86 1.61
N ALA K 151 -27.59 5.32 1.22
CA ALA K 151 -26.76 5.88 0.15
C ALA K 151 -26.13 4.73 -0.59
N LEU K 152 -25.90 4.91 -1.90
CA LEU K 152 -25.30 3.87 -2.75
C LEU K 152 -24.12 3.20 -2.06
N ASP L 8 -16.03 -4.36 36.70
CA ASP L 8 -14.75 -4.42 35.94
C ASP L 8 -14.54 -5.79 35.32
N THR L 9 -15.46 -6.70 35.61
CA THR L 9 -15.39 -8.10 35.20
C THR L 9 -14.84 -8.28 33.77
N SER L 10 -13.90 -9.23 33.65
CA SER L 10 -13.41 -9.70 32.34
C SER L 10 -14.02 -11.08 32.08
N ILE L 11 -14.96 -11.13 31.12
CA ILE L 11 -15.78 -12.32 30.91
C ILE L 11 -15.28 -13.20 29.76
N ASP L 12 -15.55 -14.51 29.86
CA ASP L 12 -15.45 -15.42 28.72
C ASP L 12 -16.87 -15.84 28.28
N ILE L 13 -17.00 -16.20 27.00
CA ILE L 13 -18.29 -16.60 26.38
C ILE L 13 -19.22 -17.47 27.25
N GLU L 14 -18.66 -18.47 27.94
CA GLU L 14 -19.45 -19.44 28.70
C GLU L 14 -20.42 -18.79 29.70
N ASP L 15 -19.93 -17.77 30.40
CA ASP L 15 -20.72 -17.05 31.39
C ASP L 15 -21.81 -16.19 30.75
N ILE L 16 -21.48 -15.57 29.61
CA ILE L 16 -22.46 -14.75 28.86
C ILE L 16 -23.75 -15.55 28.64
N LYS L 17 -23.61 -16.74 28.06
CA LYS L 17 -24.74 -17.62 27.75
C LYS L 17 -25.60 -17.95 28.97
N LYS L 18 -25.02 -17.79 30.17
CA LYS L 18 -25.73 -17.98 31.42
C LYS L 18 -26.58 -16.75 31.77
N ILE L 19 -26.28 -15.62 31.11
CA ILE L 19 -27.01 -14.37 31.29
C ILE L 19 -28.02 -14.20 30.16
N LEU L 20 -27.51 -14.11 28.93
CA LEU L 20 -28.36 -13.94 27.75
C LEU L 20 -28.97 -15.27 27.31
N PRO L 21 -30.24 -15.24 26.85
CA PRO L 21 -30.90 -16.42 26.29
C PRO L 21 -30.51 -16.68 24.83
N HIS L 22 -29.80 -15.72 24.24
CA HIS L 22 -29.36 -15.78 22.84
C HIS L 22 -28.43 -16.96 22.59
N ARG L 23 -28.60 -17.64 21.46
CA ARG L 23 -27.64 -18.65 21.02
C ARG L 23 -27.32 -18.46 19.53
N TYR L 24 -26.57 -19.40 18.97
CA TYR L 24 -26.25 -19.42 17.53
C TYR L 24 -27.49 -19.68 16.67
N PRO L 25 -27.63 -18.95 15.54
CA PRO L 25 -26.74 -17.91 15.00
C PRO L 25 -27.21 -16.49 15.31
N PHE L 26 -27.51 -16.22 16.58
CA PHE L 26 -27.96 -14.89 16.97
C PHE L 26 -27.49 -14.47 18.36
N LEU L 27 -26.23 -14.83 18.66
CA LEU L 27 -25.52 -14.37 19.84
C LEU L 27 -24.31 -13.64 19.31
N LEU L 28 -24.31 -12.32 19.49
CA LEU L 28 -23.37 -11.43 18.83
C LEU L 28 -22.49 -10.66 19.82
N VAL L 29 -22.31 -11.24 21.00
CA VAL L 29 -21.35 -10.73 21.96
C VAL L 29 -20.34 -11.84 22.26
N ASP L 30 -19.10 -11.66 21.83
CA ASP L 30 -18.07 -12.67 22.07
C ASP L 30 -17.53 -12.63 23.49
N LYS L 31 -17.26 -11.44 24.00
CA LYS L 31 -16.64 -11.27 25.33
C LYS L 31 -17.00 -9.92 25.93
N VAL L 32 -17.24 -9.90 27.24
CA VAL L 32 -17.36 -8.65 27.99
C VAL L 32 -16.01 -8.34 28.64
N ILE L 33 -15.40 -7.21 28.25
CA ILE L 33 -14.09 -6.85 28.80
C ILE L 33 -14.17 -6.03 30.08
N TYR L 34 -15.17 -5.15 30.16
CA TYR L 34 -15.44 -4.35 31.36
C TYR L 34 -16.94 -4.15 31.56
N MET L 35 -17.36 -4.03 32.82
CA MET L 35 -18.74 -3.72 33.15
C MET L 35 -18.85 -3.13 34.56
N GLN L 36 -19.55 -2.01 34.68
CA GLN L 36 -19.90 -1.44 35.97
C GLN L 36 -21.42 -1.40 36.09
N PRO L 37 -21.99 -2.10 37.10
CA PRO L 37 -23.44 -2.18 37.32
C PRO L 37 -24.11 -0.81 37.43
N ASN L 38 -25.29 -0.69 36.82
CA ASN L 38 -26.06 0.56 36.73
C ASN L 38 -25.39 1.70 35.93
N LYS L 39 -24.30 1.39 35.24
CA LYS L 39 -23.56 2.42 34.50
C LYS L 39 -23.20 2.06 33.04
N THR L 40 -22.11 1.31 32.86
CA THR L 40 -21.50 1.17 31.55
C THR L 40 -20.96 -0.25 31.34
N ILE L 41 -20.93 -0.67 30.08
CA ILE L 41 -20.37 -1.97 29.72
C ILE L 41 -19.54 -1.86 28.43
N ILE L 42 -18.37 -2.48 28.46
CA ILE L 42 -17.53 -2.58 27.27
C ILE L 42 -17.38 -4.06 26.90
N GLY L 43 -17.48 -4.36 25.61
CA GLY L 43 -17.47 -5.73 25.13
C GLY L 43 -17.17 -5.80 23.66
N LEU L 44 -16.65 -6.96 23.22
CA LEU L 44 -16.20 -7.10 21.83
C LEU L 44 -16.85 -8.26 21.07
N LYS L 45 -16.95 -8.08 19.74
CA LYS L 45 -17.51 -9.08 18.84
C LYS L 45 -16.55 -9.19 17.68
N GLN L 46 -15.98 -10.38 17.51
CA GLN L 46 -15.04 -10.64 16.45
C GLN L 46 -15.79 -10.91 15.16
N VAL L 47 -15.30 -10.32 14.08
CA VAL L 47 -15.98 -10.42 12.79
C VAL L 47 -15.16 -11.30 11.87
N SER L 48 -15.69 -12.48 11.57
CA SER L 48 -14.99 -13.43 10.70
C SER L 48 -15.78 -13.76 9.43
N THR L 49 -15.06 -14.18 8.39
CA THR L 49 -15.70 -14.66 7.17
C THR L 49 -16.49 -15.93 7.43
N ASN L 50 -16.01 -16.74 8.38
CA ASN L 50 -16.72 -17.95 8.79
C ASN L 50 -17.92 -17.62 9.69
N GLU L 51 -18.77 -16.73 9.20
CA GLU L 51 -20.00 -16.35 9.86
C GLU L 51 -21.21 -16.49 8.93
N PRO L 52 -22.27 -17.18 9.43
CA PRO L 52 -23.36 -17.71 8.61
C PRO L 52 -24.21 -16.68 7.87
N PHE L 53 -24.14 -15.40 8.29
CA PHE L 53 -24.88 -14.33 7.61
C PHE L 53 -24.12 -13.75 6.41
N PHE L 54 -22.81 -13.98 6.38
CA PHE L 54 -21.97 -13.35 5.35
C PHE L 54 -22.29 -13.82 3.94
N ASN L 55 -22.59 -15.12 3.80
CA ASN L 55 -23.01 -15.67 2.50
C ASN L 55 -24.15 -14.92 1.83
N GLY L 56 -24.93 -14.20 2.63
CA GLY L 56 -26.11 -13.48 2.13
C GLY L 56 -25.97 -11.97 2.12
N HIS L 57 -24.87 -11.46 2.68
CA HIS L 57 -24.67 -10.02 2.76
C HIS L 57 -23.20 -9.58 2.59
N PHE L 58 -22.66 -9.58 1.35
CA PHE L 58 -23.30 -10.05 0.12
C PHE L 58 -22.32 -10.98 -0.62
N PRO L 59 -22.84 -11.98 -1.37
CA PRO L 59 -22.01 -12.90 -2.15
C PRO L 59 -20.73 -12.28 -2.72
N GLN L 60 -20.84 -11.10 -3.33
CA GLN L 60 -19.72 -10.46 -4.04
C GLN L 60 -19.05 -9.34 -3.23
N LYS L 61 -19.57 -9.03 -2.05
CA LYS L 61 -18.97 -8.05 -1.15
C LYS L 61 -19.43 -8.29 0.28
N GLN L 62 -18.51 -8.72 1.15
CA GLN L 62 -18.86 -9.06 2.54
C GLN L 62 -18.82 -7.85 3.47
N ILE L 63 -20.01 -7.35 3.80
CA ILE L 63 -20.16 -6.25 4.75
C ILE L 63 -21.04 -6.74 5.89
N MET L 64 -20.60 -6.51 7.13
CA MET L 64 -21.43 -6.82 8.26
C MET L 64 -22.67 -5.93 8.22
N PRO L 65 -23.86 -6.57 8.12
CA PRO L 65 -25.09 -5.80 8.01
C PRO L 65 -25.25 -4.83 9.18
N GLY L 66 -25.74 -3.63 8.86
CA GLY L 66 -26.03 -2.61 9.88
C GLY L 66 -26.84 -3.10 11.06
N VAL L 67 -27.94 -3.81 10.80
CA VAL L 67 -28.89 -4.19 11.85
C VAL L 67 -28.35 -5.16 12.91
N LEU L 68 -27.37 -5.97 12.52
CA LEU L 68 -26.70 -6.89 13.45
C LEU L 68 -25.71 -6.13 14.33
N GLN L 69 -25.21 -5.01 13.79
CA GLN L 69 -24.38 -4.10 14.55
C GLN L 69 -25.21 -3.51 15.69
N ILE L 70 -26.48 -3.20 15.39
CA ILE L 70 -27.42 -2.75 16.41
C ILE L 70 -27.71 -3.87 17.42
N GLU L 71 -28.00 -5.08 16.91
CA GLU L 71 -28.40 -6.19 17.77
C GLU L 71 -27.31 -6.55 18.80
N ALA L 72 -26.06 -6.52 18.35
CA ALA L 72 -24.91 -6.81 19.18
C ALA L 72 -24.82 -5.87 20.39
N LEU L 73 -25.02 -4.57 20.13
CA LEU L 73 -25.05 -3.56 21.18
C LEU L 73 -26.21 -3.77 22.14
N ALA L 74 -27.38 -4.13 21.59
CA ALA L 74 -28.56 -4.44 22.41
C ALA L 74 -28.28 -5.59 23.38
N GLN L 75 -27.56 -6.60 22.90
CA GLN L 75 -27.18 -7.75 23.73
C GLN L 75 -26.16 -7.33 24.80
N LEU L 76 -25.25 -6.43 24.42
CA LEU L 76 -24.29 -5.86 25.36
C LEU L 76 -25.02 -5.04 26.42
N ALA L 77 -26.01 -4.26 25.98
CA ALA L 77 -26.89 -3.55 26.89
C ALA L 77 -27.70 -4.54 27.73
N GLY L 78 -28.23 -5.58 27.09
CA GLY L 78 -29.04 -6.61 27.76
C GLY L 78 -28.34 -7.42 28.84
N ILE L 79 -27.02 -7.52 28.75
CA ILE L 79 -26.23 -8.12 29.83
C ILE L 79 -26.19 -7.16 31.02
N LEU L 80 -25.86 -5.90 30.76
CA LEU L 80 -25.82 -4.86 31.79
C LEU L 80 -27.12 -4.82 32.59
N CYS L 81 -28.24 -4.54 31.92
CA CYS L 81 -29.56 -4.48 32.57
C CYS L 81 -29.81 -5.65 33.53
N LEU L 82 -29.24 -6.80 33.19
CA LEU L 82 -29.48 -8.04 33.93
C LEU L 82 -28.54 -8.23 35.10
N LYS L 83 -27.30 -7.73 34.98
CA LYS L 83 -26.36 -7.73 36.11
C LYS L 83 -26.57 -6.53 37.02
N SER L 84 -27.27 -5.51 36.51
CA SER L 84 -27.61 -4.32 37.27
C SER L 84 -28.78 -4.62 38.21
N ASP L 85 -29.81 -5.24 37.66
CA ASP L 85 -31.01 -5.57 38.42
C ASP L 85 -31.59 -6.91 37.96
N ASP L 86 -31.35 -7.95 38.75
CA ASP L 86 -31.98 -9.26 38.51
C ASP L 86 -32.96 -9.65 39.63
N SER L 87 -33.73 -8.66 40.11
CA SER L 87 -34.83 -8.95 41.02
C SER L 87 -36.00 -9.50 40.21
N GLN L 88 -36.06 -9.08 38.94
CA GLN L 88 -36.98 -9.65 37.96
C GLN L 88 -36.24 -10.84 37.34
N LYS L 89 -36.79 -12.05 37.53
CA LYS L 89 -36.12 -13.28 37.11
C LYS L 89 -36.46 -13.65 35.66
N ASN L 90 -36.24 -12.69 34.75
CA ASN L 90 -36.65 -12.82 33.36
C ASN L 90 -35.53 -12.38 32.41
N ASN L 91 -34.74 -13.34 31.92
CA ASN L 91 -33.60 -13.01 31.05
C ASN L 91 -34.00 -12.74 29.58
N LEU L 92 -35.28 -12.92 29.27
CA LEU L 92 -35.85 -12.61 27.96
C LEU L 92 -36.19 -11.11 27.82
N PHE L 93 -35.25 -10.34 27.28
CA PHE L 93 -35.46 -8.91 27.01
C PHE L 93 -35.78 -8.67 25.53
N LEU L 94 -36.83 -7.90 25.28
CA LEU L 94 -37.26 -7.58 23.92
C LEU L 94 -37.03 -6.12 23.58
N PHE L 95 -36.55 -5.90 22.35
CA PHE L 95 -36.41 -4.56 21.81
C PHE L 95 -37.80 -3.96 21.66
N ALA L 96 -38.00 -2.78 22.27
CA ALA L 96 -39.28 -2.08 22.23
C ALA L 96 -39.17 -0.77 21.43
N GLY L 97 -37.95 -0.25 21.33
CA GLY L 97 -37.70 0.93 20.50
C GLY L 97 -36.22 1.20 20.34
N VAL L 98 -35.86 1.90 19.27
CA VAL L 98 -34.48 2.35 19.04
C VAL L 98 -34.51 3.66 18.26
N ASP L 99 -33.49 4.50 18.45
CA ASP L 99 -33.50 5.85 17.92
C ASP L 99 -32.09 6.39 17.68
N GLY L 100 -31.98 7.28 16.68
CA GLY L 100 -30.73 7.96 16.36
C GLY L 100 -29.57 7.04 16.03
N VAL L 101 -29.77 6.18 15.03
CA VAL L 101 -28.73 5.22 14.62
C VAL L 101 -28.01 5.73 13.37
N ARG L 102 -26.68 5.84 13.46
CA ARG L 102 -25.85 6.29 12.33
C ARG L 102 -24.68 5.32 12.13
N TRP L 103 -24.56 4.81 10.90
CA TRP L 103 -23.45 3.94 10.51
C TRP L 103 -22.42 4.74 9.72
N LYS L 104 -21.21 4.86 10.28
CA LYS L 104 -20.16 5.72 9.73
C LYS L 104 -19.25 4.97 8.77
N LYS L 105 -19.02 3.68 9.06
CA LYS L 105 -17.99 2.92 8.36
C LYS L 105 -18.39 1.45 8.23
N PRO L 106 -18.23 0.88 7.02
CA PRO L 106 -18.46 -0.55 6.83
C PRO L 106 -17.60 -1.39 7.76
N VAL L 107 -18.22 -2.32 8.47
CA VAL L 107 -17.48 -3.26 9.32
C VAL L 107 -17.28 -4.58 8.58
N LEU L 108 -16.01 -4.83 8.23
CA LEU L 108 -15.61 -5.95 7.38
C LEU L 108 -15.13 -7.15 8.20
N PRO L 109 -15.09 -8.34 7.57
CA PRO L 109 -14.42 -9.49 8.19
C PRO L 109 -12.97 -9.17 8.55
N GLY L 110 -12.55 -9.57 9.75
CA GLY L 110 -11.17 -9.37 10.21
C GLY L 110 -11.08 -8.31 11.29
N ASP L 111 -12.06 -7.40 11.29
CA ASP L 111 -12.12 -6.32 12.27
C ASP L 111 -12.58 -6.86 13.62
N THR L 112 -12.03 -6.26 14.68
CA THR L 112 -12.59 -6.40 16.01
C THR L 112 -13.64 -5.31 16.21
N LEU L 113 -14.83 -5.71 16.66
CA LEU L 113 -15.87 -4.75 16.98
C LEU L 113 -15.89 -4.54 18.48
N THR L 114 -15.28 -3.45 18.93
CA THR L 114 -15.35 -3.05 20.34
C THR L 114 -16.58 -2.18 20.55
N MET L 115 -17.45 -2.63 21.47
CA MET L 115 -18.72 -1.96 21.73
C MET L 115 -18.75 -1.38 23.15
N GLN L 116 -19.42 -0.25 23.30
CA GLN L 116 -19.68 0.35 24.61
C GLN L 116 -21.11 0.89 24.74
N ALA L 117 -21.83 0.37 25.73
CA ALA L 117 -23.21 0.77 25.99
C ALA L 117 -23.37 1.37 27.37
N ASN L 118 -24.15 2.44 27.44
CA ASN L 118 -24.33 3.23 28.68
C ASN L 118 -25.79 3.31 29.12
N LEU L 119 -26.04 3.08 30.41
CA LEU L 119 -27.38 3.17 30.97
C LEU L 119 -27.83 4.62 31.21
N ILE L 120 -29.07 4.93 30.81
CA ILE L 120 -29.62 6.29 30.89
C ILE L 120 -30.70 6.42 31.99
N SER L 121 -31.68 5.51 31.95
CA SER L 121 -32.75 5.48 32.94
C SER L 121 -33.34 4.08 33.10
N PHE L 122 -33.35 3.61 34.36
CA PHE L 122 -33.95 2.32 34.72
C PHE L 122 -35.21 2.61 35.54
N LYS L 123 -36.32 1.96 35.18
CA LYS L 123 -37.57 2.15 35.90
C LYS L 123 -38.25 0.78 36.15
N SER L 124 -38.64 0.51 37.40
CA SER L 124 -39.45 -0.68 37.69
C SER L 124 -40.94 -0.39 37.41
N SER L 125 -41.20 0.54 36.50
CA SER L 125 -42.56 0.89 36.08
C SER L 125 -43.15 -0.17 35.15
N LEU L 126 -42.65 -0.18 33.91
CA LEU L 126 -42.97 -1.23 32.94
C LEU L 126 -41.67 -1.95 32.59
N GLY L 127 -40.71 -1.91 33.52
CA GLY L 127 -39.35 -2.44 33.29
C GLY L 127 -38.42 -1.55 32.46
N ILE L 128 -39.01 -0.59 31.74
CA ILE L 128 -38.34 0.22 30.69
C ILE L 128 -36.92 0.63 31.09
N ALA L 129 -35.96 0.07 30.34
CA ALA L 129 -34.56 0.47 30.42
C ALA L 129 -34.20 1.16 29.12
N LYS L 130 -33.52 2.30 29.24
CA LYS L 130 -33.08 3.06 28.07
C LYS L 130 -31.57 3.18 28.07
N LEU L 131 -30.94 2.92 26.93
CA LEU L 131 -29.48 2.94 26.83
C LEU L 131 -28.96 3.57 25.54
N SER L 132 -27.73 4.06 25.59
CA SER L 132 -27.01 4.56 24.42
C SER L 132 -25.84 3.61 24.11
N GLY L 133 -25.31 3.71 22.89
CA GLY L 133 -24.27 2.78 22.45
C GLY L 133 -23.42 3.30 21.32
N VAL L 134 -22.16 2.86 21.30
CA VAL L 134 -21.19 3.27 20.29
C VAL L 134 -20.31 2.06 19.93
N GLY L 135 -20.02 1.90 18.63
CA GLY L 135 -19.18 0.80 18.18
C GLY L 135 -17.93 1.28 17.46
N TYR L 136 -16.81 0.57 17.67
CA TYR L 136 -15.54 0.95 17.03
C TYR L 136 -14.84 -0.17 16.29
N VAL L 137 -14.14 0.22 15.23
CA VAL L 137 -13.16 -0.62 14.56
C VAL L 137 -11.86 0.19 14.53
N ASN L 138 -10.89 -0.23 15.34
CA ASN L 138 -9.62 0.47 15.50
C ASN L 138 -9.77 1.90 16.04
N GLY L 139 -10.41 2.02 17.21
CA GLY L 139 -10.64 3.31 17.86
C GLY L 139 -11.51 4.29 17.09
N LYS L 140 -11.87 3.92 15.86
CA LYS L 140 -12.69 4.76 14.98
C LYS L 140 -14.16 4.38 15.11
N VAL L 141 -15.03 5.39 15.16
CA VAL L 141 -16.47 5.19 15.31
C VAL L 141 -17.07 4.60 14.03
N VAL L 142 -17.79 3.50 14.19
CA VAL L 142 -18.46 2.87 13.06
C VAL L 142 -19.98 2.96 13.20
N ILE L 143 -20.47 2.83 14.43
CA ILE L 143 -21.91 2.92 14.69
C ILE L 143 -22.21 3.78 15.93
N ASN L 144 -23.20 4.65 15.78
CA ASN L 144 -23.73 5.41 16.89
C ASN L 144 -25.21 5.11 17.11
N ILE L 145 -25.59 4.95 18.37
CA ILE L 145 -27.00 4.76 18.71
C ILE L 145 -27.31 5.66 19.90
N SER L 146 -28.14 6.66 19.63
CA SER L 146 -28.54 7.64 20.64
C SER L 146 -29.29 6.95 21.77
N GLU L 147 -30.23 6.08 21.41
CA GLU L 147 -31.07 5.43 22.40
C GLU L 147 -31.57 4.07 21.97
N MET L 148 -31.51 3.13 22.92
CA MET L 148 -32.21 1.86 22.79
C MET L 148 -33.27 1.79 23.90
N THR L 149 -34.43 1.22 23.60
CA THR L 149 -35.50 1.03 24.59
C THR L 149 -35.82 -0.47 24.69
N PHE L 150 -35.99 -0.98 25.93
CA PHE L 150 -36.24 -2.41 26.10
C PHE L 150 -37.48 -2.78 26.92
N ALA L 151 -38.01 -3.98 26.66
CA ALA L 151 -39.22 -4.50 27.30
C ALA L 151 -39.07 -5.98 27.66
N LEU L 152 -39.43 -6.32 28.89
CA LEU L 152 -39.42 -7.72 29.36
C LEU L 152 -40.79 -8.34 29.20
N SER L 153 -40.83 -9.56 28.67
CA SER L 153 -42.09 -10.22 28.33
C SER L 153 -42.39 -11.43 29.22
N ASP M 8 -4.20 27.00 -6.14
CA ASP M 8 -2.84 26.86 -5.55
C ASP M 8 -1.81 27.71 -6.31
N THR M 9 -1.82 27.58 -7.65
CA THR M 9 -1.03 28.42 -8.58
C THR M 9 0.52 28.42 -8.43
N SER M 10 1.07 27.50 -7.63
CA SER M 10 2.52 27.43 -7.42
C SER M 10 3.21 26.32 -8.22
N ILE M 11 4.30 26.69 -8.90
CA ILE M 11 5.09 25.74 -9.72
C ILE M 11 6.53 25.67 -9.21
N ASP M 12 6.90 24.52 -8.66
CA ASP M 12 8.25 24.35 -8.12
C ASP M 12 9.25 23.90 -9.19
N ILE M 13 10.52 23.93 -8.82
CA ILE M 13 11.66 23.59 -9.68
C ILE M 13 11.48 22.42 -10.69
N GLU M 14 10.82 21.33 -10.28
CA GLU M 14 10.71 20.15 -11.16
C GLU M 14 9.68 20.33 -12.27
N ASP M 15 8.64 21.11 -12.01
CA ASP M 15 7.63 21.43 -13.02
C ASP M 15 8.14 22.52 -13.94
N ILE M 16 8.99 23.40 -13.41
CA ILE M 16 9.66 24.42 -14.20
C ILE M 16 10.54 23.78 -15.26
N LYS M 17 11.27 22.75 -14.88
CA LYS M 17 12.17 22.06 -15.81
C LYS M 17 11.38 21.32 -16.88
N LYS M 18 10.13 21.00 -16.57
CA LYS M 18 9.22 20.37 -17.54
C LYS M 18 8.62 21.37 -18.54
N ILE M 19 8.66 22.65 -18.20
CA ILE M 19 8.22 23.73 -19.08
C ILE M 19 9.39 24.31 -19.88
N LEU M 20 10.41 24.82 -19.18
CA LEU M 20 11.60 25.38 -19.84
C LEU M 20 12.65 24.32 -20.20
N PRO M 21 13.39 24.54 -21.31
CA PRO M 21 14.46 23.62 -21.70
C PRO M 21 15.78 23.94 -21.01
N HIS M 22 15.84 25.09 -20.34
CA HIS M 22 17.05 25.57 -19.69
C HIS M 22 17.46 24.63 -18.58
N ARG M 23 18.76 24.50 -18.39
CA ARG M 23 19.33 23.70 -17.31
C ARG M 23 20.56 24.41 -16.74
N TYR M 24 21.20 23.78 -15.76
CA TYR M 24 22.44 24.30 -15.19
C TYR M 24 23.52 24.45 -16.28
N PRO M 25 24.30 25.55 -16.25
CA PRO M 25 24.25 26.66 -15.29
C PRO M 25 23.44 27.86 -15.77
N PHE M 26 22.38 27.61 -16.53
CA PHE M 26 21.62 28.70 -17.15
C PHE M 26 20.10 28.63 -16.96
N LEU M 27 19.68 27.92 -15.92
CA LEU M 27 18.29 28.00 -15.46
C LEU M 27 18.25 28.98 -14.29
N LEU M 28 17.49 30.07 -14.45
CA LEU M 28 17.51 31.17 -13.48
C LEU M 28 16.15 31.50 -12.91
N VAL M 29 15.25 30.52 -12.88
CA VAL M 29 13.98 30.69 -12.18
C VAL M 29 13.79 29.55 -11.16
N ASP M 30 13.96 29.91 -9.88
CA ASP M 30 13.89 28.93 -8.78
C ASP M 30 12.49 28.44 -8.46
N LYS M 31 11.50 29.32 -8.57
CA LYS M 31 10.11 28.99 -8.21
C LYS M 31 9.10 30.02 -8.73
N VAL M 32 7.95 29.52 -9.17
CA VAL M 32 6.85 30.37 -9.63
C VAL M 32 5.76 30.41 -8.55
N ILE M 33 5.59 31.58 -7.92
CA ILE M 33 4.62 31.71 -6.83
C ILE M 33 3.18 32.03 -7.27
N TYR M 34 3.03 32.82 -8.35
CA TYR M 34 1.70 33.13 -8.87
C TYR M 34 1.67 33.22 -10.41
N MET M 35 0.69 32.54 -11.00
CA MET M 35 0.51 32.60 -12.45
C MET M 35 -0.96 32.64 -12.90
N GLN M 36 -1.26 33.67 -13.69
CA GLN M 36 -2.54 33.82 -14.37
C GLN M 36 -2.26 33.85 -15.86
N PRO M 37 -2.64 32.78 -16.58
CA PRO M 37 -2.43 32.67 -18.02
C PRO M 37 -2.77 33.95 -18.78
N ASN M 38 -2.06 34.17 -19.88
CA ASN M 38 -2.29 35.30 -20.79
C ASN M 38 -2.24 36.71 -20.14
N LYS M 39 -1.95 36.79 -18.84
CA LYS M 39 -1.90 38.09 -18.16
C LYS M 39 -0.62 38.38 -17.37
N THR M 40 -0.43 37.70 -16.24
CA THR M 40 0.71 38.03 -15.37
C THR M 40 1.35 36.80 -14.72
N ILE M 41 2.61 36.97 -14.32
CA ILE M 41 3.36 35.92 -13.64
C ILE M 41 4.35 36.51 -12.64
N ILE M 42 4.33 35.95 -11.43
CA ILE M 42 5.34 36.29 -10.44
C ILE M 42 6.13 35.01 -10.13
N GLY M 43 7.43 35.20 -9.90
CA GLY M 43 8.32 34.12 -9.51
C GLY M 43 9.53 34.69 -8.78
N LEU M 44 10.44 33.81 -8.36
CA LEU M 44 11.64 34.26 -7.67
C LEU M 44 12.90 33.48 -8.04
N LYS M 45 14.04 34.13 -7.80
CA LYS M 45 15.35 33.56 -8.01
C LYS M 45 16.19 33.83 -6.77
N GLN M 46 16.56 32.75 -6.06
CA GLN M 46 17.41 32.89 -4.89
C GLN M 46 18.83 33.13 -5.35
N VAL M 47 19.47 34.13 -4.73
CA VAL M 47 20.80 34.56 -5.14
C VAL M 47 21.80 34.16 -4.06
N SER M 48 22.74 33.28 -4.43
CA SER M 48 23.72 32.76 -3.49
C SER M 48 25.16 32.99 -3.95
N THR M 49 26.08 33.00 -2.99
CA THR M 49 27.51 33.05 -3.28
C THR M 49 27.96 31.77 -3.98
N ASN M 50 27.19 30.70 -3.77
CA ASN M 50 27.47 29.39 -4.36
C ASN M 50 26.84 29.25 -5.74
N GLU M 51 27.08 30.25 -6.59
CA GLU M 51 26.64 30.21 -7.99
C GLU M 51 27.88 30.41 -8.84
N PRO M 52 28.02 29.62 -9.94
CA PRO M 52 29.30 29.61 -10.66
C PRO M 52 29.75 30.98 -11.18
N PHE M 53 28.80 31.83 -11.59
CA PHE M 53 29.17 33.12 -12.19
C PHE M 53 29.89 34.10 -11.25
N PHE M 54 29.68 33.94 -9.94
CA PHE M 54 30.18 34.93 -8.97
C PHE M 54 31.69 35.06 -8.91
N ASN M 55 32.39 34.00 -9.30
CA ASN M 55 33.85 34.02 -9.33
C ASN M 55 34.41 34.93 -10.42
N GLY M 56 33.60 35.19 -11.43
CA GLY M 56 34.01 36.03 -12.55
C GLY M 56 33.44 37.43 -12.48
N HIS M 57 32.44 37.61 -11.61
CA HIS M 57 31.69 38.87 -11.56
C HIS M 57 31.33 39.32 -10.14
N PHE M 58 32.29 39.77 -9.31
CA PHE M 58 33.71 39.93 -9.63
C PHE M 58 34.53 39.36 -8.47
N PRO M 59 35.82 39.03 -8.70
CA PRO M 59 36.66 38.51 -7.63
C PRO M 59 36.60 39.34 -6.33
N GLN M 60 36.66 40.67 -6.45
CA GLN M 60 36.68 41.57 -5.28
C GLN M 60 35.29 41.91 -4.75
N LYS M 61 34.26 41.74 -5.59
CA LYS M 61 32.92 42.21 -5.26
C LYS M 61 31.80 41.43 -5.99
N GLN M 62 31.12 40.55 -5.26
CA GLN M 62 30.12 39.67 -5.87
C GLN M 62 28.79 40.36 -6.17
N ILE M 63 28.58 40.66 -7.46
CA ILE M 63 27.42 41.41 -7.93
C ILE M 63 26.79 40.65 -9.09
N MET M 64 25.50 40.31 -8.96
CA MET M 64 24.81 39.57 -10.02
C MET M 64 24.75 40.37 -11.32
N PRO M 65 25.32 39.80 -12.40
CA PRO M 65 25.37 40.42 -13.73
C PRO M 65 24.01 40.91 -14.17
N GLY M 66 23.94 42.20 -14.51
CA GLY M 66 22.70 42.78 -15.04
C GLY M 66 22.05 41.91 -16.12
N VAL M 67 22.87 41.41 -17.04
CA VAL M 67 22.37 40.61 -18.17
C VAL M 67 21.69 39.32 -17.74
N LEU M 68 22.14 38.74 -16.63
CA LEU M 68 21.51 37.55 -16.08
C LEU M 68 20.17 37.85 -15.41
N GLN M 69 20.03 39.05 -14.85
CA GLN M 69 18.76 39.51 -14.29
C GLN M 69 17.70 39.62 -15.39
N ILE M 70 18.09 40.18 -16.53
CA ILE M 70 17.23 40.18 -17.72
C ILE M 70 16.85 38.74 -18.02
N GLU M 71 17.86 37.86 -18.03
CA GLU M 71 17.64 36.46 -18.36
C GLU M 71 16.62 35.81 -17.43
N ALA M 72 16.72 36.08 -16.14
CA ALA M 72 15.76 35.50 -15.18
C ALA M 72 14.35 35.98 -15.52
N LEU M 73 14.14 37.30 -15.51
CA LEU M 73 12.87 37.90 -15.93
C LEU M 73 12.37 37.40 -17.28
N ALA M 74 13.29 37.27 -18.24
CA ALA M 74 12.92 36.79 -19.57
C ALA M 74 12.51 35.32 -19.56
N GLN M 75 13.23 34.48 -18.83
CA GLN M 75 12.84 33.08 -18.65
C GLN M 75 11.46 32.97 -18.01
N LEU M 76 11.23 33.78 -16.97
CA LEU M 76 9.93 33.82 -16.27
C LEU M 76 8.83 34.15 -17.27
N ALA M 77 9.08 35.17 -18.09
CA ALA M 77 8.19 35.53 -19.19
C ALA M 77 7.94 34.31 -20.08
N GLY M 78 9.00 33.54 -20.36
CA GLY M 78 8.93 32.36 -21.22
C GLY M 78 7.92 31.33 -20.74
N ILE M 79 7.87 31.15 -19.42
CA ILE M 79 6.94 30.21 -18.78
C ILE M 79 5.48 30.61 -19.04
N LEU M 80 5.17 31.88 -18.75
CA LEU M 80 3.83 32.43 -18.99
C LEU M 80 3.36 32.12 -20.40
N CYS M 81 4.13 32.55 -21.41
CA CYS M 81 3.85 32.23 -22.81
C CYS M 81 3.51 30.76 -22.98
N LEU M 82 4.47 29.90 -22.67
CA LEU M 82 4.34 28.45 -22.85
C LEU M 82 3.10 27.85 -22.20
N LYS M 83 2.67 28.43 -21.09
CA LYS M 83 1.45 28.00 -20.41
C LYS M 83 0.19 28.75 -20.91
N SER M 84 0.38 29.98 -21.39
CA SER M 84 -0.73 30.76 -21.98
C SER M 84 -1.26 30.11 -23.26
N ASP M 85 -0.34 29.59 -24.08
CA ASP M 85 -0.67 29.00 -25.38
C ASP M 85 0.41 27.98 -25.77
N ASP M 86 0.10 26.69 -25.63
CA ASP M 86 1.07 25.63 -25.95
C ASP M 86 0.73 24.86 -27.22
N SER M 87 -0.22 25.38 -28.00
CA SER M 87 -0.56 24.77 -29.29
C SER M 87 0.71 24.61 -30.16
N GLN M 88 1.58 25.62 -30.13
CA GLN M 88 2.91 25.49 -30.72
C GLN M 88 3.78 24.64 -29.80
N LYS M 89 3.88 23.35 -30.11
CA LYS M 89 4.58 22.37 -29.26
C LYS M 89 6.10 22.51 -29.38
N ASN M 90 6.61 23.63 -28.87
CA ASN M 90 8.01 24.03 -29.00
C ASN M 90 8.38 24.93 -27.82
N ASN M 91 9.17 24.38 -26.89
CA ASN M 91 9.57 25.13 -25.69
C ASN M 91 10.80 26.02 -25.90
N LEU M 92 11.59 25.70 -26.93
CA LEU M 92 12.73 26.51 -27.31
C LEU M 92 12.30 27.87 -27.87
N PHE M 93 12.21 28.86 -26.97
CA PHE M 93 12.00 30.23 -27.40
C PHE M 93 13.35 30.91 -27.53
N LEU M 94 13.40 31.95 -28.37
CA LEU M 94 14.61 32.74 -28.50
C LEU M 94 14.31 34.21 -28.23
N PHE M 95 15.27 34.89 -27.62
CA PHE M 95 15.20 36.31 -27.33
C PHE M 95 15.40 37.11 -28.63
N ALA M 96 14.31 37.65 -29.17
CA ALA M 96 14.39 38.46 -30.40
C ALA M 96 14.91 39.88 -30.13
N GLY M 97 14.43 40.48 -29.04
CA GLY M 97 14.88 41.80 -28.63
C GLY M 97 14.48 42.17 -27.21
N VAL M 98 15.21 43.12 -26.63
CA VAL M 98 14.90 43.67 -25.32
C VAL M 98 15.04 45.20 -25.34
N ASP M 99 14.09 45.91 -24.69
CA ASP M 99 14.04 47.37 -24.81
C ASP M 99 13.74 48.06 -23.50
N GLY M 100 14.45 49.16 -23.25
CA GLY M 100 14.25 49.97 -22.06
C GLY M 100 14.55 49.22 -20.80
N VAL M 101 15.81 48.85 -20.62
CA VAL M 101 16.27 48.17 -19.41
C VAL M 101 17.01 49.16 -18.51
N ARG M 102 16.53 49.27 -17.27
CA ARG M 102 17.16 50.11 -16.26
C ARG M 102 17.43 49.29 -14.99
N TRP M 103 18.67 49.30 -14.55
CA TRP M 103 19.03 48.71 -13.26
C TRP M 103 19.21 49.85 -12.25
N LYS M 104 18.57 49.70 -11.10
CA LYS M 104 18.53 50.73 -10.07
C LYS M 104 19.52 50.45 -8.95
N LYS M 105 19.76 49.17 -8.69
CA LYS M 105 20.48 48.73 -7.50
C LYS M 105 21.18 47.40 -7.80
N PRO M 106 22.33 47.14 -7.16
CA PRO M 106 22.94 45.84 -7.36
C PRO M 106 22.17 44.74 -6.61
N VAL M 107 22.03 43.57 -7.23
CA VAL M 107 21.56 42.37 -6.52
C VAL M 107 22.79 41.63 -5.96
N LEU M 108 22.70 41.17 -4.71
CA LEU M 108 23.85 40.63 -3.99
C LEU M 108 23.62 39.22 -3.41
N PRO M 109 24.70 38.45 -3.16
CA PRO M 109 24.52 37.15 -2.50
C PRO M 109 23.76 37.35 -1.20
N GLY M 110 22.66 36.62 -1.05
CA GLY M 110 21.81 36.77 0.14
C GLY M 110 20.40 37.23 -0.18
N ASP M 111 20.25 37.99 -1.27
CA ASP M 111 18.95 38.52 -1.68
C ASP M 111 18.01 37.45 -2.25
N THR M 112 16.73 37.81 -2.33
CA THR M 112 15.71 37.03 -3.03
C THR M 112 15.14 37.95 -4.09
N LEU M 113 15.28 37.55 -5.35
CA LEU M 113 14.87 38.40 -6.45
C LEU M 113 13.44 38.04 -6.82
N THR M 114 12.49 38.86 -6.36
CA THR M 114 11.09 38.66 -6.68
C THR M 114 10.80 39.33 -8.01
N MET M 115 10.37 38.53 -8.99
CA MET M 115 10.25 39.00 -10.37
C MET M 115 8.82 38.96 -10.85
N GLN M 116 8.44 39.95 -11.66
CA GLN M 116 7.14 39.97 -12.29
C GLN M 116 7.20 40.31 -13.77
N ALA M 117 6.51 39.49 -14.57
CA ALA M 117 6.41 39.70 -16.01
C ALA M 117 4.93 39.77 -16.44
N ASN M 118 4.63 40.76 -17.28
CA ASN M 118 3.26 41.00 -17.73
C ASN M 118 3.19 40.91 -19.25
N LEU M 119 2.19 40.18 -19.76
CA LEU M 119 2.04 40.02 -21.20
C LEU M 119 1.46 41.27 -21.85
N ILE M 120 2.10 41.73 -22.91
CA ILE M 120 1.67 42.92 -23.65
C ILE M 120 0.83 42.53 -24.88
N SER M 121 1.39 41.69 -25.75
CA SER M 121 0.69 41.24 -26.95
C SER M 121 1.16 39.86 -27.38
N PHE M 122 0.21 39.05 -27.84
CA PHE M 122 0.53 37.72 -28.37
C PHE M 122 0.02 37.62 -29.80
N LYS M 123 0.92 37.29 -30.72
CA LYS M 123 0.55 36.90 -32.09
C LYS M 123 1.12 35.50 -32.41
N SER M 124 0.72 34.49 -31.63
CA SER M 124 1.25 33.11 -31.76
C SER M 124 1.30 32.60 -33.21
N SER M 125 0.52 33.26 -34.07
CA SER M 125 0.47 32.98 -35.50
C SER M 125 1.85 32.83 -36.14
N LEU M 126 2.80 33.67 -35.72
CA LEU M 126 4.18 33.59 -36.18
C LEU M 126 5.11 33.32 -34.99
N GLY M 127 4.56 33.48 -33.78
CA GLY M 127 5.28 33.21 -32.55
C GLY M 127 6.05 34.41 -32.05
N ILE M 128 5.38 35.57 -31.99
CA ILE M 128 6.01 36.78 -31.46
C ILE M 128 5.20 37.39 -30.31
N ALA M 129 5.72 37.19 -29.09
CA ALA M 129 5.09 37.67 -27.86
C ALA M 129 5.96 38.75 -27.21
N LYS M 130 5.31 39.83 -26.78
CA LYS M 130 5.98 40.96 -26.15
C LYS M 130 5.53 41.08 -24.71
N LEU M 131 6.49 41.30 -23.80
CA LEU M 131 6.19 41.42 -22.37
C LEU M 131 7.04 42.49 -21.68
N SER M 132 6.58 42.96 -20.53
CA SER M 132 7.36 43.83 -19.67
C SER M 132 7.76 43.04 -18.42
N GLY M 133 8.74 43.56 -17.68
CA GLY M 133 9.25 42.88 -16.49
C GLY M 133 9.80 43.79 -15.42
N VAL M 134 9.61 43.39 -14.16
CA VAL M 134 10.15 44.12 -12.99
C VAL M 134 10.72 43.12 -11.97
N GLY M 135 11.85 43.49 -11.38
CA GLY M 135 12.48 42.69 -10.32
C GLY M 135 12.57 43.45 -9.01
N TYR M 136 12.30 42.74 -7.90
CA TYR M 136 12.24 43.35 -6.57
C TYR M 136 13.16 42.69 -5.57
N VAL M 137 13.74 43.52 -4.69
CA VAL M 137 14.59 43.07 -3.60
C VAL M 137 14.20 43.88 -2.35
N ASN M 138 13.54 43.20 -1.41
CA ASN M 138 13.03 43.82 -0.18
C ASN M 138 12.04 44.95 -0.46
N GLY M 139 11.12 44.68 -1.40
CA GLY M 139 10.09 45.65 -1.78
C GLY M 139 10.59 46.80 -2.65
N LYS M 140 11.90 46.85 -2.87
CA LYS M 140 12.49 47.92 -3.68
C LYS M 140 12.82 47.41 -5.08
N VAL M 141 12.47 48.22 -6.08
CA VAL M 141 12.72 47.90 -7.49
C VAL M 141 14.22 47.90 -7.76
N VAL M 142 14.71 46.83 -8.40
CA VAL M 142 16.11 46.76 -8.82
C VAL M 142 16.26 46.82 -10.35
N ILE M 143 15.34 46.18 -11.06
CA ILE M 143 15.39 46.16 -12.52
C ILE M 143 14.02 46.43 -13.15
N ASN M 144 14.02 47.32 -14.15
CA ASN M 144 12.86 47.60 -14.98
C ASN M 144 13.14 47.21 -16.43
N ILE M 145 12.20 46.52 -17.08
CA ILE M 145 12.30 46.24 -18.52
C ILE M 145 10.99 46.58 -19.21
N SER M 146 11.02 47.68 -19.99
CA SER M 146 9.84 48.16 -20.71
C SER M 146 9.32 47.10 -21.67
N GLU M 147 10.21 46.48 -22.44
CA GLU M 147 9.78 45.54 -23.45
C GLU M 147 10.75 44.38 -23.69
N MET M 148 10.18 43.18 -23.67
CA MET M 148 10.86 41.94 -24.04
C MET M 148 10.12 41.29 -25.19
N THR M 149 10.82 41.03 -26.29
CA THR M 149 10.20 40.45 -27.48
C THR M 149 10.76 39.04 -27.78
N PHE M 150 9.85 38.11 -28.11
CA PHE M 150 10.22 36.70 -28.25
C PHE M 150 9.96 36.02 -29.58
N ALA M 151 10.76 35.00 -29.87
CA ALA M 151 10.68 34.24 -31.12
C ALA M 151 10.64 32.73 -30.91
N LEU M 152 9.60 32.09 -31.44
CA LEU M 152 9.44 30.64 -31.42
C LEU M 152 9.86 30.07 -32.78
N SER M 153 11.18 29.91 -32.97
CA SER M 153 11.73 29.50 -34.27
C SER M 153 11.85 27.98 -34.42
N THR N 9 46.18 50.87 -30.17
CA THR N 9 46.94 49.78 -29.49
C THR N 9 46.18 48.43 -29.62
N SER N 10 46.94 47.34 -29.84
CA SER N 10 46.36 46.00 -30.04
C SER N 10 46.47 45.14 -28.77
N ILE N 11 45.32 44.78 -28.20
CA ILE N 11 45.30 44.18 -26.85
C ILE N 11 44.87 42.70 -26.79
N ASP N 12 45.78 41.86 -26.29
CA ASP N 12 45.55 40.43 -26.09
C ASP N 12 44.84 40.16 -24.75
N ILE N 13 44.69 38.87 -24.42
CA ILE N 13 43.98 38.45 -23.22
C ILE N 13 44.65 38.87 -21.89
N GLU N 14 45.97 38.81 -21.84
CA GLU N 14 46.75 39.10 -20.63
C GLU N 14 46.65 40.56 -20.19
N ASP N 15 46.57 41.45 -21.17
CA ASP N 15 46.42 42.89 -20.93
C ASP N 15 44.95 43.23 -20.75
N ILE N 16 44.07 42.37 -21.27
CA ILE N 16 42.63 42.55 -21.07
C ILE N 16 42.32 42.36 -19.59
N LYS N 17 42.76 41.26 -19.02
CA LYS N 17 42.60 40.97 -17.57
C LYS N 17 43.23 42.06 -16.69
N LYS N 18 44.23 42.76 -17.21
CA LYS N 18 44.84 43.90 -16.53
C LYS N 18 43.95 45.15 -16.58
N ILE N 19 43.06 45.23 -17.57
CA ILE N 19 42.15 46.37 -17.72
C ILE N 19 40.78 46.12 -17.08
N LEU N 20 40.11 45.03 -17.49
CA LEU N 20 38.84 44.61 -16.90
C LEU N 20 39.03 43.74 -15.65
N PRO N 21 38.09 43.82 -14.69
CA PRO N 21 38.12 42.98 -13.49
C PRO N 21 37.46 41.60 -13.65
N HIS N 22 36.74 41.41 -14.76
CA HIS N 22 36.03 40.15 -15.04
C HIS N 22 37.00 38.97 -15.13
N ARG N 23 36.56 37.81 -14.64
CA ARG N 23 37.31 36.57 -14.79
C ARG N 23 36.41 35.43 -15.27
N TYR N 24 36.95 34.22 -15.29
CA TYR N 24 36.19 33.00 -15.60
C TYR N 24 35.17 32.69 -14.48
N PRO N 25 33.92 32.34 -14.86
CA PRO N 25 33.38 32.13 -16.19
C PRO N 25 32.57 33.30 -16.74
N PHE N 26 33.09 34.52 -16.61
CA PHE N 26 32.33 35.69 -17.08
C PHE N 26 33.17 36.76 -17.79
N LEU N 27 34.37 36.39 -18.23
CA LEU N 27 35.16 37.22 -19.14
C LEU N 27 34.84 36.75 -20.55
N LEU N 28 34.30 37.65 -21.37
CA LEU N 28 33.85 37.27 -22.71
C LEU N 28 34.46 38.15 -23.82
N VAL N 29 35.66 38.68 -23.56
CA VAL N 29 36.42 39.38 -24.59
C VAL N 29 37.76 38.68 -24.73
N ASP N 30 37.90 37.92 -25.80
CA ASP N 30 39.11 37.13 -26.04
C ASP N 30 40.30 37.96 -26.53
N LYS N 31 40.04 38.90 -27.44
CA LYS N 31 41.10 39.76 -27.98
C LYS N 31 40.54 41.06 -28.54
N VAL N 32 41.29 42.14 -28.36
CA VAL N 32 40.97 43.44 -28.97
C VAL N 32 41.89 43.64 -30.18
N ILE N 33 41.28 43.82 -31.35
CA ILE N 33 42.08 43.97 -32.58
C ILE N 33 42.32 45.44 -32.98
N TYR N 34 41.32 46.30 -32.82
CA TYR N 34 41.51 47.74 -33.06
C TYR N 34 40.86 48.61 -31.99
N MET N 35 41.61 49.59 -31.49
CA MET N 35 41.07 50.57 -30.56
C MET N 35 41.59 51.97 -30.85
N GLN N 36 40.67 52.93 -30.88
CA GLN N 36 40.99 54.34 -31.02
C GLN N 36 40.30 55.15 -29.92
N PRO N 37 41.08 55.59 -28.91
CA PRO N 37 40.59 56.25 -27.70
C PRO N 37 39.44 57.22 -27.92
N ASN N 38 38.53 57.26 -26.94
CA ASN N 38 37.37 58.18 -26.93
C ASN N 38 36.37 58.02 -28.09
N LYS N 39 36.65 57.10 -29.02
CA LYS N 39 35.85 56.98 -30.23
C LYS N 39 35.29 55.58 -30.48
N THR N 40 36.14 54.64 -30.90
CA THR N 40 35.64 53.31 -31.28
C THR N 40 36.59 52.19 -30.86
N ILE N 41 36.03 50.98 -30.75
CA ILE N 41 36.80 49.81 -30.36
C ILE N 41 36.25 48.54 -31.02
N ILE N 42 37.17 47.74 -31.56
CA ILE N 42 36.84 46.47 -32.20
C ILE N 42 37.58 45.33 -31.49
N GLY N 43 36.84 44.26 -31.21
CA GLY N 43 37.39 43.06 -30.58
C GLY N 43 36.55 41.84 -30.89
N LEU N 44 37.10 40.66 -30.63
CA LEU N 44 36.38 39.42 -30.93
C LEU N 44 36.21 38.49 -29.74
N LYS N 45 35.19 37.62 -29.84
CA LYS N 45 34.97 36.55 -28.90
C LYS N 45 34.79 35.26 -29.68
N GLN N 46 35.72 34.32 -29.49
CA GLN N 46 35.59 33.02 -30.11
C GLN N 46 34.54 32.21 -29.37
N VAL N 47 33.73 31.47 -30.13
CA VAL N 47 32.61 30.74 -29.57
C VAL N 47 32.85 29.25 -29.73
N SER N 48 32.97 28.56 -28.60
CA SER N 48 33.32 27.13 -28.59
C SER N 48 32.36 26.29 -27.75
N THR N 49 32.10 25.06 -28.19
CA THR N 49 31.30 24.07 -27.44
C THR N 49 31.83 23.84 -26.02
N ASN N 50 33.15 23.97 -25.87
CA ASN N 50 33.82 23.81 -24.59
C ASN N 50 33.71 25.04 -23.69
N GLU N 51 32.49 25.52 -23.50
CA GLU N 51 32.20 26.67 -22.64
C GLU N 51 31.10 26.30 -21.67
N PRO N 52 31.18 26.79 -20.42
CA PRO N 52 30.32 26.22 -19.37
C PRO N 52 28.82 26.44 -19.56
N PHE N 53 28.43 27.53 -20.23
CA PHE N 53 27.00 27.84 -20.43
C PHE N 53 26.24 26.93 -21.41
N PHE N 54 26.94 26.37 -22.40
CA PHE N 54 26.30 25.58 -23.46
C PHE N 54 25.61 24.29 -23.01
N ASN N 55 26.04 23.73 -21.87
CA ASN N 55 25.30 22.62 -21.26
C ASN N 55 23.94 23.03 -20.71
N GLY N 56 23.78 24.32 -20.45
CA GLY N 56 22.52 24.86 -19.97
C GLY N 56 21.68 25.52 -21.04
N HIS N 57 22.28 25.76 -22.20
CA HIS N 57 21.67 26.63 -23.21
C HIS N 57 22.00 26.20 -24.65
N PHE N 58 21.48 25.07 -25.13
CA PHE N 58 20.58 24.19 -24.41
C PHE N 58 21.10 22.78 -24.62
N PRO N 59 20.60 21.79 -23.84
CA PRO N 59 21.03 20.42 -24.13
C PRO N 59 20.85 20.03 -25.61
N GLN N 60 19.63 20.19 -26.12
CA GLN N 60 19.26 19.78 -27.48
C GLN N 60 19.86 20.64 -28.59
N LYS N 61 20.19 21.89 -28.26
CA LYS N 61 20.59 22.87 -29.26
C LYS N 61 21.46 23.97 -28.68
N GLN N 62 22.74 23.91 -29.03
CA GLN N 62 23.73 24.82 -28.45
C GLN N 62 23.71 26.17 -29.14
N ILE N 63 23.19 27.17 -28.42
CA ILE N 63 23.06 28.54 -28.92
C ILE N 63 23.56 29.48 -27.83
N MET N 64 24.54 30.34 -28.17
CA MET N 64 25.05 31.30 -27.21
C MET N 64 23.94 32.25 -26.77
N PRO N 65 23.75 32.38 -25.45
CA PRO N 65 22.77 33.29 -24.86
C PRO N 65 22.91 34.70 -25.40
N GLY N 66 21.78 35.28 -25.81
CA GLY N 66 21.73 36.66 -26.29
C GLY N 66 22.26 37.61 -25.25
N VAL N 67 21.85 37.39 -24.01
CA VAL N 67 22.28 38.23 -22.88
C VAL N 67 23.81 38.22 -22.67
N LEU N 68 24.47 37.14 -23.08
CA LEU N 68 25.94 37.07 -22.98
C LEU N 68 26.59 37.77 -24.16
N GLN N 69 25.83 37.97 -25.23
CA GLN N 69 26.28 38.75 -26.38
C GLN N 69 26.28 40.22 -25.99
N ILE N 70 25.19 40.65 -25.36
CA ILE N 70 25.13 41.97 -24.72
C ILE N 70 26.35 42.18 -23.83
N GLU N 71 26.57 41.26 -22.90
CA GLU N 71 27.67 41.36 -21.95
C GLU N 71 28.99 41.49 -22.70
N ALA N 72 29.24 40.57 -23.63
CA ALA N 72 30.46 40.59 -24.43
C ALA N 72 30.73 41.98 -25.02
N LEU N 73 29.73 42.54 -25.68
CA LEU N 73 29.84 43.88 -26.26
C LEU N 73 30.06 44.94 -25.21
N ALA N 74 29.31 44.82 -24.12
CA ALA N 74 29.40 45.73 -22.98
C ALA N 74 30.80 45.71 -22.39
N GLN N 75 31.37 44.51 -22.27
CA GLN N 75 32.71 44.37 -21.72
C GLN N 75 33.70 45.10 -22.59
N LEU N 76 33.58 44.87 -23.91
CA LEU N 76 34.38 45.55 -24.92
C LEU N 76 34.27 47.07 -24.71
N ALA N 77 33.02 47.55 -24.69
CA ALA N 77 32.72 48.96 -24.43
C ALA N 77 33.37 49.49 -23.15
N GLY N 78 33.38 48.67 -22.10
CA GLY N 78 34.07 48.99 -20.84
C GLY N 78 35.56 49.20 -21.02
N ILE N 79 36.18 48.42 -21.92
CA ILE N 79 37.62 48.55 -22.19
C ILE N 79 37.94 49.91 -22.79
N LEU N 80 37.21 50.26 -23.85
CA LEU N 80 37.35 51.55 -24.52
C LEU N 80 37.21 52.71 -23.53
N CYS N 81 36.16 52.65 -22.70
CA CYS N 81 35.94 53.63 -21.64
C CYS N 81 37.14 53.76 -20.71
N LEU N 82 37.57 52.63 -20.15
CA LEU N 82 38.65 52.60 -19.16
C LEU N 82 39.99 53.09 -19.71
N LYS N 83 40.18 52.94 -21.02
CA LYS N 83 41.40 53.43 -21.68
C LYS N 83 41.24 54.85 -22.20
N SER N 84 40.00 55.29 -22.40
CA SER N 84 39.70 56.64 -22.87
C SER N 84 39.94 57.69 -21.79
N ASP N 85 39.83 57.27 -20.53
CA ASP N 85 39.89 58.15 -19.36
C ASP N 85 40.03 57.30 -18.10
N ASP N 86 41.28 57.10 -17.64
CA ASP N 86 41.52 56.32 -16.42
C ASP N 86 41.92 57.17 -15.21
N SER N 87 41.66 58.48 -15.28
CA SER N 87 41.82 59.36 -14.11
C SER N 87 40.97 58.83 -12.95
N GLN N 88 39.82 58.22 -13.29
CA GLN N 88 39.04 57.46 -12.33
C GLN N 88 39.65 56.06 -12.17
N LYS N 89 40.41 55.87 -11.09
CA LYS N 89 41.16 54.63 -10.85
C LYS N 89 40.27 53.51 -10.30
N ASN N 90 39.24 53.16 -11.07
CA ASN N 90 38.19 52.25 -10.66
C ASN N 90 37.71 51.45 -11.88
N ASN N 91 38.27 50.24 -12.05
CA ASN N 91 37.95 49.40 -13.21
C ASN N 91 36.60 48.67 -13.12
N LEU N 92 36.05 48.59 -11.90
CA LEU N 92 34.72 48.03 -11.71
C LEU N 92 33.64 48.94 -12.29
N PHE N 93 33.13 48.56 -13.46
CA PHE N 93 32.04 49.30 -14.10
C PHE N 93 30.75 48.49 -14.06
N LEU N 94 29.64 49.19 -13.83
CA LEU N 94 28.34 48.54 -13.69
C LEU N 94 27.36 48.95 -14.79
N PHE N 95 26.56 47.97 -15.21
CA PHE N 95 25.59 48.13 -16.28
C PHE N 95 24.36 48.90 -15.77
N ALA N 96 24.24 50.17 -16.15
CA ALA N 96 23.18 51.06 -15.64
C ALA N 96 21.91 51.01 -16.48
N GLY N 97 22.09 51.04 -17.80
CA GLY N 97 20.98 50.90 -18.74
C GLY N 97 21.42 50.35 -20.08
N VAL N 98 20.55 49.51 -20.68
CA VAL N 98 20.75 49.03 -22.05
C VAL N 98 19.46 49.26 -22.83
N ASP N 99 19.59 49.62 -24.10
CA ASP N 99 18.45 50.09 -24.89
C ASP N 99 18.60 49.74 -26.37
N GLY N 100 17.51 49.23 -26.95
CA GLY N 100 17.46 48.94 -28.38
C GLY N 100 18.31 47.75 -28.78
N VAL N 101 18.04 46.62 -28.15
CA VAL N 101 18.75 45.37 -28.42
C VAL N 101 17.97 44.54 -29.43
N ARG N 102 18.64 44.08 -30.49
CA ARG N 102 18.01 43.24 -31.51
C ARG N 102 18.95 42.11 -31.93
N TRP N 103 18.55 40.86 -31.66
CA TRP N 103 19.30 39.71 -32.14
C TRP N 103 18.72 39.25 -33.47
N LYS N 104 19.57 39.24 -34.50
CA LYS N 104 19.14 38.90 -35.86
C LYS N 104 19.28 37.41 -36.11
N LYS N 105 20.38 36.85 -35.65
CA LYS N 105 20.83 35.51 -36.03
C LYS N 105 21.37 34.78 -34.81
N PRO N 106 21.15 33.45 -34.75
CA PRO N 106 21.75 32.64 -33.68
C PRO N 106 23.27 32.56 -33.82
N VAL N 107 23.98 32.67 -32.69
CA VAL N 107 25.45 32.51 -32.62
C VAL N 107 25.76 31.12 -32.05
N LEU N 108 26.58 30.37 -32.79
CA LEU N 108 26.76 28.92 -32.55
C LEU N 108 28.23 28.55 -32.31
N PRO N 109 28.49 27.40 -31.65
CA PRO N 109 29.86 26.89 -31.48
C PRO N 109 30.56 26.80 -32.83
N GLY N 110 31.76 27.36 -32.92
CA GLY N 110 32.49 27.41 -34.17
C GLY N 110 32.57 28.82 -34.75
N ASP N 111 31.75 29.72 -34.23
CA ASP N 111 31.71 31.08 -34.77
C ASP N 111 32.78 31.99 -34.18
N THR N 112 33.12 33.03 -34.93
CA THR N 112 33.86 34.16 -34.38
C THR N 112 32.86 35.29 -34.25
N LEU N 113 32.85 35.95 -33.10
CA LEU N 113 31.92 37.04 -32.85
C LEU N 113 32.68 38.35 -32.85
N THR N 114 32.72 38.97 -34.04
CA THR N 114 33.41 40.24 -34.22
C THR N 114 32.51 41.36 -33.74
N MET N 115 33.03 42.16 -32.81
CA MET N 115 32.24 43.16 -32.11
C MET N 115 32.82 44.55 -32.25
N GLN N 116 31.94 45.54 -32.34
CA GLN N 116 32.32 46.94 -32.38
C GLN N 116 31.48 47.74 -31.41
N ALA N 117 32.13 48.65 -30.70
CA ALA N 117 31.45 49.56 -29.78
C ALA N 117 31.95 50.98 -30.02
N ASN N 118 31.01 51.92 -30.14
CA ASN N 118 31.34 53.31 -30.42
C ASN N 118 30.83 54.25 -29.34
N LEU N 119 31.74 55.01 -28.74
CA LEU N 119 31.39 55.96 -27.67
C LEU N 119 30.48 57.07 -28.19
N ILE N 120 29.46 57.39 -27.41
CA ILE N 120 28.52 58.45 -27.74
C ILE N 120 28.79 59.70 -26.90
N SER N 121 28.91 59.52 -25.58
CA SER N 121 29.08 60.63 -24.64
C SER N 121 29.78 60.20 -23.35
N PHE N 122 30.77 60.98 -22.93
CA PHE N 122 31.44 60.79 -21.64
C PHE N 122 31.30 62.05 -20.78
N LYS N 123 30.80 61.87 -19.57
CA LYS N 123 30.61 63.00 -18.64
C LYS N 123 31.67 63.01 -17.52
N ILE N 128 29.13 58.75 -16.10
CA ILE N 128 28.01 58.40 -16.99
C ILE N 128 28.48 58.36 -18.45
N ALA N 129 28.73 57.15 -18.94
CA ALA N 129 29.19 56.93 -20.32
C ALA N 129 28.17 56.14 -21.13
N LYS N 130 28.02 56.52 -22.39
CA LYS N 130 26.99 55.94 -23.26
C LYS N 130 27.62 55.45 -24.56
N LEU N 131 27.32 54.21 -24.94
CA LEU N 131 27.90 53.60 -26.14
C LEU N 131 26.92 52.75 -26.91
N SER N 132 27.09 52.70 -28.23
CA SER N 132 26.36 51.77 -29.08
C SER N 132 27.23 50.52 -29.34
N GLY N 133 26.68 49.52 -30.03
CA GLY N 133 27.41 48.27 -30.25
C GLY N 133 26.81 47.32 -31.29
N VAL N 134 27.68 46.66 -32.06
CA VAL N 134 27.28 45.76 -33.14
C VAL N 134 28.22 44.57 -33.20
N GLY N 135 27.64 43.36 -33.26
CA GLY N 135 28.41 42.12 -33.39
C GLY N 135 28.14 41.39 -34.69
N TYR N 136 29.20 40.86 -35.30
CA TYR N 136 29.10 40.20 -36.60
C TYR N 136 29.61 38.76 -36.61
N VAL N 137 29.03 37.96 -37.50
CA VAL N 137 29.49 36.60 -37.75
C VAL N 137 29.51 36.42 -39.27
N ASN N 138 30.72 36.26 -39.82
CA ASN N 138 30.93 36.20 -41.26
C ASN N 138 30.34 37.41 -42.00
N GLY N 139 30.76 38.60 -41.59
CA GLY N 139 30.33 39.85 -42.22
C GLY N 139 28.85 40.17 -42.08
N LYS N 140 28.09 39.29 -41.43
CA LYS N 140 26.67 39.50 -41.21
C LYS N 140 26.39 39.94 -39.76
N VAL N 141 25.59 40.99 -39.60
CA VAL N 141 25.12 41.47 -38.30
C VAL N 141 24.37 40.35 -37.59
N VAL N 142 24.71 40.10 -36.32
CA VAL N 142 23.94 39.18 -35.48
C VAL N 142 23.26 39.89 -34.32
N ILE N 143 23.87 41.00 -33.86
CA ILE N 143 23.32 41.78 -32.77
C ILE N 143 23.52 43.29 -32.95
N ASN N 144 22.46 44.04 -32.64
CA ASN N 144 22.51 45.50 -32.56
C ASN N 144 22.07 46.00 -31.19
N ILE N 145 22.79 46.97 -30.68
CA ILE N 145 22.42 47.67 -29.45
C ILE N 145 22.55 49.16 -29.69
N SER N 146 21.42 49.87 -29.60
CA SER N 146 21.38 51.32 -29.80
C SER N 146 22.21 52.04 -28.75
N GLU N 147 22.08 51.63 -27.50
CA GLU N 147 22.65 52.38 -26.38
C GLU N 147 22.94 51.51 -25.16
N MET N 148 24.19 51.54 -24.71
CA MET N 148 24.62 50.92 -23.46
C MET N 148 25.04 52.02 -22.53
N THR N 149 24.47 52.05 -21.34
CA THR N 149 24.80 53.05 -20.34
C THR N 149 25.56 52.38 -19.19
N PHE N 150 26.81 52.82 -18.98
CA PHE N 150 27.62 52.30 -17.88
C PHE N 150 27.64 53.23 -16.68
N ALA N 151 28.17 52.74 -15.57
CA ALA N 151 28.34 53.52 -14.34
C ALA N 151 29.72 53.33 -13.74
N LEU N 152 30.41 54.45 -13.52
CA LEU N 152 31.71 54.46 -12.88
C LEU N 152 31.60 54.27 -11.37
N SER N 153 31.42 53.02 -10.94
CA SER N 153 31.36 52.69 -9.52
C SER N 153 32.16 51.42 -9.24
N THR O 9 31.46 -10.06 -3.36
CA THR O 9 31.66 -9.60 -4.76
C THR O 9 31.95 -8.09 -4.85
N SER O 10 32.69 -7.72 -5.88
CA SER O 10 33.13 -6.36 -6.13
C SER O 10 32.08 -5.58 -6.94
N ILE O 11 32.31 -4.27 -7.13
CA ILE O 11 31.47 -3.44 -8.00
C ILE O 11 32.24 -2.27 -8.62
N ASP O 12 32.22 -2.19 -9.95
CA ASP O 12 32.86 -1.09 -10.67
C ASP O 12 31.95 0.15 -10.68
N ILE O 13 32.54 1.30 -11.02
CA ILE O 13 31.82 2.56 -11.07
C ILE O 13 30.50 2.52 -11.85
N GLU O 14 30.53 1.92 -13.03
CA GLU O 14 29.35 1.84 -13.90
C GLU O 14 28.19 1.12 -13.21
N ASP O 15 28.50 0.07 -12.46
CA ASP O 15 27.49 -0.62 -11.64
C ASP O 15 27.08 0.20 -10.42
N ILE O 16 28.01 1.00 -9.89
CA ILE O 16 27.71 1.92 -8.79
C ILE O 16 26.65 2.92 -9.24
N LYS O 17 26.83 3.46 -10.44
CA LYS O 17 25.89 4.41 -11.02
C LYS O 17 24.50 3.81 -11.28
N LYS O 18 24.44 2.51 -11.53
CA LYS O 18 23.17 1.82 -11.70
C LYS O 18 22.43 1.58 -10.38
N ILE O 19 23.16 1.71 -9.27
CA ILE O 19 22.58 1.48 -7.94
C ILE O 19 22.16 2.80 -7.32
N LEU O 20 23.12 3.72 -7.24
CA LEU O 20 22.90 5.03 -6.64
C LEU O 20 22.47 6.04 -7.69
N PRO O 21 21.70 7.07 -7.29
CA PRO O 21 21.32 8.12 -8.22
C PRO O 21 22.29 9.32 -8.20
N HIS O 22 23.25 9.32 -7.29
CA HIS O 22 24.27 10.38 -7.22
C HIS O 22 25.10 10.45 -8.49
N ARG O 23 25.34 11.67 -8.95
CA ARG O 23 26.14 11.93 -10.12
C ARG O 23 27.10 13.07 -9.81
N TYR O 24 28.00 13.36 -10.75
CA TYR O 24 28.96 14.43 -10.56
C TYR O 24 28.20 15.73 -10.26
N PRO O 25 28.71 16.55 -9.33
CA PRO O 25 29.92 16.42 -8.49
C PRO O 25 29.64 15.90 -7.08
N PHE O 26 28.77 14.90 -6.97
CA PHE O 26 28.35 14.44 -5.64
C PHE O 26 28.26 12.93 -5.47
N LEU O 27 28.75 12.18 -6.45
CA LEU O 27 28.94 10.75 -6.29
C LEU O 27 30.34 10.54 -5.73
N LEU O 28 30.43 10.03 -4.50
CA LEU O 28 31.70 10.00 -3.78
C LEU O 28 32.19 8.59 -3.41
N VAL O 29 31.81 7.60 -4.21
CA VAL O 29 32.30 6.23 -4.03
C VAL O 29 32.87 5.75 -5.36
N ASP O 30 34.18 5.52 -5.38
CA ASP O 30 34.88 5.16 -6.61
C ASP O 30 34.85 3.68 -6.90
N LYS O 31 34.87 2.87 -5.84
CA LYS O 31 34.85 1.42 -6.01
C LYS O 31 34.36 0.70 -4.75
N VAL O 32 33.49 -0.28 -4.94
CA VAL O 32 33.07 -1.19 -3.87
C VAL O 32 33.96 -2.42 -3.98
N ILE O 33 34.73 -2.70 -2.92
CA ILE O 33 35.72 -3.78 -2.98
C ILE O 33 35.22 -5.10 -2.38
N TYR O 34 34.34 -5.00 -1.38
CA TYR O 34 33.67 -6.17 -0.82
C TYR O 34 32.29 -5.80 -0.33
N MET O 35 31.32 -6.65 -0.64
CA MET O 35 29.98 -6.51 -0.09
C MET O 35 29.42 -7.88 0.32
N GLN O 36 28.77 -7.89 1.48
CA GLN O 36 28.07 -9.06 1.97
C GLN O 36 26.71 -8.58 2.47
N PRO O 37 25.65 -8.78 1.65
CA PRO O 37 24.28 -8.37 1.90
C PRO O 37 23.79 -8.49 3.34
N ASN O 38 23.04 -7.47 3.78
CA ASN O 38 22.47 -7.39 5.15
C ASN O 38 23.49 -7.25 6.30
N LYS O 39 24.78 -7.21 5.98
CA LYS O 39 25.81 -7.19 7.04
C LYS O 39 26.84 -6.06 6.89
N THR O 40 27.78 -6.22 5.96
CA THR O 40 28.90 -5.30 5.87
C THR O 40 29.25 -4.93 4.43
N ILE O 41 29.83 -3.74 4.25
CA ILE O 41 30.33 -3.30 2.95
C ILE O 41 31.64 -2.53 3.07
N ILE O 42 32.56 -2.86 2.17
CA ILE O 42 33.82 -2.16 2.10
C ILE O 42 33.98 -1.52 0.73
N GLY O 43 34.25 -0.22 0.73
CA GLY O 43 34.51 0.51 -0.51
C GLY O 43 35.64 1.51 -0.33
N LEU O 44 36.05 2.13 -1.42
CA LEU O 44 37.08 3.16 -1.35
C LEU O 44 36.77 4.42 -2.16
N LYS O 45 37.30 5.54 -1.68
CA LYS O 45 37.22 6.81 -2.37
C LYS O 45 38.64 7.32 -2.57
N GLN O 46 39.03 7.49 -3.84
CA GLN O 46 40.30 8.08 -4.16
C GLN O 46 40.23 9.59 -3.96
N VAL O 47 41.26 10.16 -3.33
CA VAL O 47 41.30 11.59 -3.09
C VAL O 47 42.36 12.24 -3.98
N SER O 48 41.95 13.23 -4.76
CA SER O 48 42.87 13.91 -5.68
C SER O 48 42.72 15.42 -5.61
N THR O 49 43.74 16.15 -6.06
CA THR O 49 43.67 17.61 -6.13
C THR O 49 42.58 18.02 -7.12
N ASN O 50 42.45 17.21 -8.17
CA ASN O 50 41.58 17.50 -9.28
C ASN O 50 40.13 17.12 -8.98
N GLU O 51 39.63 17.67 -7.88
CA GLU O 51 38.22 17.57 -7.50
C GLU O 51 37.69 18.97 -7.28
N PRO O 52 36.38 19.21 -7.55
CA PRO O 52 35.92 20.60 -7.53
C PRO O 52 35.80 21.25 -6.14
N PHE O 53 35.75 20.47 -5.07
CA PHE O 53 35.62 21.09 -3.74
C PHE O 53 36.92 21.70 -3.21
N PHE O 54 38.06 21.23 -3.72
CA PHE O 54 39.37 21.59 -3.15
C PHE O 54 39.79 23.04 -3.32
N ASN O 55 39.18 23.74 -4.29
CA ASN O 55 39.48 25.15 -4.49
C ASN O 55 38.85 26.07 -3.43
N GLY O 56 37.80 25.56 -2.77
CA GLY O 56 37.12 26.33 -1.75
C GLY O 56 37.37 25.83 -0.33
N HIS O 57 38.16 24.77 -0.23
CA HIS O 57 38.39 24.11 1.06
C HIS O 57 39.78 23.45 1.15
N PHE O 58 40.85 24.24 1.17
CA PHE O 58 40.84 25.70 1.21
C PHE O 58 41.85 26.21 0.18
N PRO O 59 41.84 27.52 -0.13
CA PRO O 59 42.86 28.03 -1.06
C PRO O 59 44.29 27.74 -0.62
N GLN O 60 44.56 27.93 0.67
CA GLN O 60 45.90 27.76 1.25
C GLN O 60 46.26 26.30 1.55
N LYS O 61 45.25 25.50 1.86
CA LYS O 61 45.46 24.16 2.39
C LYS O 61 44.35 23.23 1.94
N GLN O 62 44.72 22.20 1.20
CA GLN O 62 43.71 21.29 0.65
C GLN O 62 43.39 20.15 1.61
N ILE O 63 42.21 20.26 2.24
CA ILE O 63 41.74 19.34 3.27
C ILE O 63 40.34 18.86 2.92
N MET O 64 40.17 17.56 2.69
CA MET O 64 38.87 17.02 2.35
C MET O 64 37.84 17.33 3.44
N PRO O 65 36.78 18.07 3.08
CA PRO O 65 35.72 18.43 4.03
C PRO O 65 35.14 17.19 4.70
N GLY O 66 35.11 17.22 6.03
CA GLY O 66 34.60 16.11 6.83
C GLY O 66 33.15 15.77 6.52
N VAL O 67 32.36 16.79 6.22
CA VAL O 67 30.98 16.58 5.79
C VAL O 67 30.90 15.70 4.54
N LEU O 68 31.93 15.75 3.70
CA LEU O 68 31.98 14.92 2.49
C LEU O 68 32.47 13.51 2.78
N GLN O 69 33.22 13.35 3.87
CA GLN O 69 33.61 12.02 4.36
C GLN O 69 32.40 11.26 4.89
N ILE O 70 31.52 12.01 5.56
CA ILE O 70 30.21 11.50 5.98
C ILE O 70 29.46 11.05 4.75
N GLU O 71 29.41 11.91 3.74
CA GLU O 71 28.68 11.63 2.52
C GLU O 71 29.13 10.34 1.84
N ALA O 72 30.44 10.17 1.68
CA ALA O 72 30.99 9.00 1.01
C ALA O 72 30.68 7.72 1.78
N LEU O 73 30.83 7.77 3.10
CA LEU O 73 30.43 6.64 3.95
C LEU O 73 28.94 6.35 3.80
N ALA O 74 28.14 7.39 3.94
CA ALA O 74 26.70 7.27 3.82
C ALA O 74 26.22 6.77 2.44
N GLN O 75 26.88 7.18 1.37
CA GLN O 75 26.60 6.65 0.02
C GLN O 75 26.85 5.15 -0.06
N LEU O 76 28.03 4.75 0.42
CA LEU O 76 28.43 3.35 0.51
C LEU O 76 27.44 2.53 1.33
N ALA O 77 27.00 3.10 2.46
CA ALA O 77 25.97 2.49 3.28
C ALA O 77 24.73 2.24 2.45
N GLY O 78 24.27 3.29 1.75
CA GLY O 78 23.12 3.23 0.86
C GLY O 78 23.22 2.13 -0.18
N ILE O 79 24.43 1.88 -0.67
CA ILE O 79 24.67 0.81 -1.66
C ILE O 79 24.30 -0.54 -1.04
N LEU O 80 24.83 -0.80 0.16
CA LEU O 80 24.56 -2.03 0.89
C LEU O 80 23.08 -2.19 1.19
N CYS O 81 22.41 -1.09 1.57
CA CYS O 81 20.98 -1.12 1.82
C CYS O 81 20.20 -1.57 0.59
N LEU O 82 20.49 -0.92 -0.54
CA LEU O 82 19.77 -1.17 -1.79
C LEU O 82 19.99 -2.58 -2.35
N LYS O 83 21.09 -3.23 -1.98
CA LYS O 83 21.36 -4.60 -2.42
C LYS O 83 20.94 -5.64 -1.39
N SER O 84 20.87 -5.21 -0.12
CA SER O 84 20.39 -6.06 0.98
C SER O 84 18.90 -6.34 0.87
N ASP O 85 18.16 -5.39 0.29
CA ASP O 85 16.71 -5.49 0.11
C ASP O 85 16.27 -4.49 -0.96
N ASP O 86 16.08 -4.99 -2.18
CA ASP O 86 15.63 -4.14 -3.30
C ASP O 86 14.18 -4.39 -3.72
N SER O 87 13.40 -5.02 -2.84
CA SER O 87 11.96 -5.12 -3.06
C SER O 87 11.36 -3.71 -3.19
N GLN O 88 11.83 -2.79 -2.34
CA GLN O 88 11.50 -1.37 -2.47
C GLN O 88 12.19 -0.79 -3.71
N LYS O 89 11.43 -0.69 -4.80
CA LYS O 89 11.91 -0.11 -6.07
C LYS O 89 12.12 1.40 -5.99
N ASN O 90 13.01 1.80 -5.09
CA ASN O 90 13.32 3.21 -4.85
C ASN O 90 14.78 3.33 -4.48
N ASN O 91 15.58 3.89 -5.39
CA ASN O 91 17.00 4.10 -5.13
C ASN O 91 17.30 5.42 -4.41
N LEU O 92 16.38 6.38 -4.50
CA LEU O 92 16.49 7.63 -3.77
C LEU O 92 16.30 7.42 -2.26
N PHE O 93 17.41 7.47 -1.52
CA PHE O 93 17.38 7.42 -0.05
C PHE O 93 17.71 8.79 0.50
N LEU O 94 17.17 9.10 1.67
CA LEU O 94 17.46 10.39 2.29
C LEU O 94 18.09 10.24 3.67
N PHE O 95 19.06 11.11 3.95
CA PHE O 95 19.72 11.18 5.23
C PHE O 95 18.77 11.73 6.29
N ALA O 96 18.32 10.85 7.18
CA ALA O 96 17.41 11.21 8.25
C ALA O 96 18.14 11.74 9.48
N GLY O 97 19.16 11.00 9.91
CA GLY O 97 19.97 11.40 11.05
C GLY O 97 21.37 10.84 10.99
N VAL O 98 22.27 11.49 11.72
CA VAL O 98 23.63 11.00 11.89
C VAL O 98 24.11 11.31 13.32
N ASP O 99 24.85 10.39 13.91
CA ASP O 99 25.21 10.50 15.31
C ASP O 99 26.63 10.03 15.61
N GLY O 100 27.28 10.72 16.55
CA GLY O 100 28.61 10.36 17.01
C GLY O 100 29.67 10.38 15.92
N VAL O 101 29.80 11.52 15.25
CA VAL O 101 30.79 11.68 14.20
C VAL O 101 32.07 12.29 14.76
N ARG O 102 33.17 11.55 14.63
CA ARG O 102 34.47 12.02 15.08
C ARG O 102 35.46 11.94 13.92
N TRP O 103 36.05 13.07 13.58
CA TRP O 103 37.19 13.09 12.67
C TRP O 103 38.47 13.09 13.50
N LYS O 104 39.37 12.17 13.16
CA LYS O 104 40.62 12.00 13.88
C LYS O 104 41.77 12.71 13.14
N LYS O 105 41.84 12.51 11.84
CA LYS O 105 42.98 12.94 11.03
C LYS O 105 42.48 13.52 9.72
N PRO O 106 43.10 14.64 9.25
CA PRO O 106 42.73 15.23 7.96
C PRO O 106 43.02 14.32 6.77
N VAL O 107 42.03 14.20 5.88
CA VAL O 107 42.19 13.44 4.63
C VAL O 107 42.67 14.38 3.52
N LEU O 108 43.74 14.00 2.82
CA LEU O 108 44.44 14.90 1.92
C LEU O 108 44.54 14.40 0.48
N PRO O 109 44.71 15.33 -0.50
CA PRO O 109 45.00 14.88 -1.86
C PRO O 109 46.22 13.93 -1.82
N GLY O 110 46.09 12.77 -2.47
CA GLY O 110 47.10 11.74 -2.38
C GLY O 110 46.58 10.50 -1.66
N ASP O 111 45.69 10.70 -0.68
CA ASP O 111 45.15 9.60 0.13
C ASP O 111 44.20 8.68 -0.62
N THR O 112 44.00 7.49 -0.07
CA THR O 112 42.91 6.61 -0.49
C THR O 112 42.05 6.38 0.74
N LEU O 113 40.78 6.75 0.62
CA LEU O 113 39.85 6.62 1.72
C LEU O 113 39.17 5.27 1.61
N THR O 114 39.63 4.32 2.42
CA THR O 114 38.99 3.01 2.53
C THR O 114 37.90 3.14 3.58
N MET O 115 36.66 2.82 3.18
CA MET O 115 35.50 3.02 4.05
C MET O 115 34.79 1.71 4.30
N GLN O 116 34.30 1.54 5.52
CA GLN O 116 33.48 0.39 5.86
C GLN O 116 32.18 0.82 6.52
N ALA O 117 31.07 0.23 6.05
CA ALA O 117 29.75 0.48 6.62
C ALA O 117 29.09 -0.82 7.07
N ASN O 118 28.55 -0.83 8.29
CA ASN O 118 27.96 -2.03 8.86
C ASN O 118 26.49 -1.83 9.24
N LEU O 119 25.61 -2.64 8.65
CA LEU O 119 24.19 -2.58 8.95
C LEU O 119 23.91 -2.93 10.40
N ILE O 120 23.05 -2.15 11.05
CA ILE O 120 22.70 -2.38 12.45
C ILE O 120 21.26 -2.90 12.56
N SER O 121 20.33 -2.17 11.96
CA SER O 121 18.92 -2.55 11.97
C SER O 121 18.24 -2.10 10.68
N PHE O 122 17.57 -3.06 10.01
CA PHE O 122 16.80 -2.74 8.83
C PHE O 122 15.33 -3.03 9.06
N LYS O 123 14.52 -1.98 9.03
CA LYS O 123 13.09 -2.15 9.13
C LYS O 123 12.53 -2.19 7.69
N SER O 124 11.87 -3.30 7.36
CA SER O 124 11.44 -3.64 6.00
C SER O 124 10.77 -2.54 5.16
N SER O 125 9.53 -2.18 5.54
CA SER O 125 8.70 -1.27 4.76
C SER O 125 8.47 0.03 5.55
N LEU O 126 8.94 0.03 6.80
CA LEU O 126 9.10 1.26 7.56
C LEU O 126 10.17 2.10 6.88
N GLY O 127 11.20 1.43 6.37
CA GLY O 127 12.23 2.08 5.57
C GLY O 127 13.15 2.92 6.45
N ILE O 128 13.41 2.43 7.67
CA ILE O 128 14.45 2.98 8.54
C ILE O 128 15.61 2.01 8.59
N ALA O 129 16.72 2.39 7.96
CA ALA O 129 17.96 1.63 8.07
C ALA O 129 18.95 2.40 8.93
N LYS O 130 19.57 1.70 9.88
CA LYS O 130 20.58 2.30 10.74
C LYS O 130 21.90 1.57 10.56
N LEU O 131 22.96 2.35 10.34
CA LEU O 131 24.29 1.79 10.06
C LEU O 131 25.39 2.52 10.83
N SER O 132 26.49 1.81 11.08
CA SER O 132 27.69 2.43 11.60
C SER O 132 28.71 2.55 10.46
N GLY O 133 29.72 3.39 10.65
CA GLY O 133 30.74 3.58 9.63
C GLY O 133 32.10 3.98 10.16
N VAL O 134 33.14 3.52 9.47
CA VAL O 134 34.54 3.86 9.77
C VAL O 134 35.28 4.08 8.45
N GLY O 135 36.25 5.00 8.45
CA GLY O 135 37.04 5.28 7.27
C GLY O 135 38.54 5.32 7.58
N TYR O 136 39.32 4.58 6.78
CA TYR O 136 40.76 4.44 7.03
C TYR O 136 41.64 5.10 5.97
N VAL O 137 42.80 5.59 6.42
CA VAL O 137 43.84 6.09 5.54
C VAL O 137 45.18 5.54 6.03
N ASN O 138 45.74 4.60 5.26
CA ASN O 138 46.99 3.90 5.58
C ASN O 138 46.89 3.04 6.83
N GLY O 139 45.84 2.22 6.89
CA GLY O 139 45.58 1.34 8.03
C GLY O 139 45.04 2.07 9.25
N LYS O 140 45.15 3.40 9.25
CA LYS O 140 44.82 4.23 10.41
C LYS O 140 43.48 4.95 10.28
N VAL O 141 42.65 4.85 11.32
CA VAL O 141 41.30 5.44 11.36
C VAL O 141 41.36 6.96 11.21
N VAL O 142 40.49 7.50 10.37
CA VAL O 142 40.39 8.95 10.18
C VAL O 142 39.02 9.49 10.56
N ILE O 143 37.97 8.71 10.28
CA ILE O 143 36.61 9.08 10.64
C ILE O 143 35.81 7.91 11.23
N ASN O 144 35.19 8.19 12.38
CA ASN O 144 34.20 7.30 12.99
C ASN O 144 32.81 7.91 12.97
N ILE O 145 31.81 7.08 12.66
CA ILE O 145 30.40 7.46 12.81
C ILE O 145 29.65 6.34 13.53
N SER O 146 29.10 6.66 14.69
CA SER O 146 28.38 5.67 15.51
C SER O 146 27.14 5.16 14.81
N GLU O 147 26.37 6.08 14.23
CA GLU O 147 25.08 5.74 13.64
C GLU O 147 24.65 6.71 12.52
N MET O 148 24.22 6.13 11.40
CA MET O 148 23.61 6.87 10.28
C MET O 148 22.20 6.33 10.06
N THR O 149 21.24 7.25 9.97
CA THR O 149 19.83 6.90 9.87
C THR O 149 19.23 7.47 8.59
N PHE O 150 18.30 6.73 7.97
CA PHE O 150 17.76 7.16 6.67
C PHE O 150 16.23 7.16 6.53
N ALA O 151 15.77 7.94 5.55
CA ALA O 151 14.43 7.82 4.98
C ALA O 151 14.60 7.19 3.59
N LEU O 152 13.88 6.10 3.35
CA LEU O 152 14.07 5.26 2.15
C LEU O 152 13.27 5.77 0.93
N ASP P 8 22.93 48.60 12.98
CA ASP P 8 23.27 47.49 12.01
C ASP P 8 24.44 46.62 12.52
N THR P 9 24.13 45.57 13.26
CA THR P 9 25.17 44.66 13.78
C THR P 9 25.47 43.47 12.85
N SER P 10 25.26 43.66 11.53
CA SER P 10 25.29 42.57 10.54
C SER P 10 26.54 42.52 9.63
N ILE P 11 26.64 41.46 8.82
CA ILE P 11 27.82 41.18 8.00
C ILE P 11 27.47 40.70 6.57
N ASP P 12 27.88 41.47 5.57
CA ASP P 12 27.68 41.08 4.16
C ASP P 12 28.75 40.08 3.69
N ILE P 13 28.63 39.63 2.45
CA ILE P 13 29.50 38.59 1.90
C ILE P 13 31.01 38.92 1.94
N GLU P 14 31.36 40.16 1.57
CA GLU P 14 32.76 40.60 1.53
C GLU P 14 33.44 40.56 2.89
N ASP P 15 32.67 40.86 3.94
CA ASP P 15 33.17 40.79 5.30
C ASP P 15 33.23 39.34 5.75
N ILE P 16 32.22 38.54 5.36
CA ILE P 16 32.21 37.10 5.64
C ILE P 16 33.51 36.46 5.15
N LYS P 17 33.86 36.76 3.89
CA LYS P 17 35.11 36.28 3.26
C LYS P 17 36.38 36.75 3.98
N LYS P 18 36.32 37.89 4.64
CA LYS P 18 37.45 38.34 5.47
C LYS P 18 37.56 37.56 6.78
N ILE P 19 36.50 36.86 7.18
CA ILE P 19 36.48 36.13 8.45
C ILE P 19 36.77 34.64 8.24
N LEU P 20 35.95 33.97 7.43
CA LEU P 20 36.16 32.57 7.08
C LEU P 20 37.12 32.46 5.89
N PRO P 21 37.88 31.34 5.82
CA PRO P 21 38.78 31.09 4.69
C PRO P 21 38.12 30.32 3.52
N HIS P 22 36.92 29.80 3.75
CA HIS P 22 36.18 29.05 2.74
C HIS P 22 35.92 29.93 1.52
N ARG P 23 35.97 29.31 0.33
CA ARG P 23 35.63 29.96 -0.92
C ARG P 23 34.77 29.04 -1.77
N TYR P 24 34.32 29.55 -2.92
CA TYR P 24 33.54 28.77 -3.87
C TYR P 24 34.32 27.53 -4.29
N PRO P 25 33.65 26.36 -4.33
CA PRO P 25 32.24 26.11 -4.06
C PRO P 25 31.96 25.55 -2.65
N PHE P 26 32.67 26.02 -1.64
CA PHE P 26 32.46 25.51 -0.29
C PHE P 26 32.18 26.60 0.77
N LEU P 27 31.84 27.81 0.32
CA LEU P 27 31.31 28.85 1.19
C LEU P 27 29.78 28.79 1.15
N LEU P 28 29.16 28.60 2.32
CA LEU P 28 27.73 28.31 2.40
C LEU P 28 27.00 29.20 3.39
N VAL P 29 27.55 30.38 3.65
CA VAL P 29 26.85 31.39 4.43
C VAL P 29 26.76 32.63 3.55
N ASP P 30 25.54 32.96 3.13
CA ASP P 30 25.33 34.13 2.27
C ASP P 30 25.32 35.45 3.04
N LYS P 31 24.66 35.49 4.20
CA LYS P 31 24.55 36.73 4.98
C LYS P 31 24.37 36.49 6.47
N VAL P 32 25.13 37.23 7.28
CA VAL P 32 24.93 37.20 8.74
C VAL P 32 24.05 38.37 9.17
N ILE P 33 22.88 38.06 9.74
CA ILE P 33 21.91 39.10 10.12
C ILE P 33 22.01 39.56 11.58
N TYR P 34 22.33 38.63 12.48
CA TYR P 34 22.48 38.97 13.91
C TYR P 34 23.61 38.17 14.56
N MET P 35 24.43 38.87 15.35
CA MET P 35 25.45 38.22 16.18
C MET P 35 25.66 38.95 17.50
N GLN P 36 25.74 38.17 18.56
CA GLN P 36 26.09 38.65 19.88
C GLN P 36 27.26 37.79 20.35
N PRO P 37 28.47 38.39 20.43
CA PRO P 37 29.71 37.70 20.81
C PRO P 37 29.53 36.78 22.01
N ASN P 38 30.18 35.61 21.96
CA ASN P 38 30.21 34.63 23.04
C ASN P 38 28.86 33.97 23.36
N LYS P 39 27.83 34.30 22.59
CA LYS P 39 26.49 33.78 22.86
C LYS P 39 25.83 33.15 21.63
N THR P 40 25.34 33.97 20.70
CA THR P 40 24.50 33.46 19.60
C THR P 40 24.71 34.18 18.26
N ILE P 41 24.61 33.42 17.17
CA ILE P 41 24.70 33.97 15.81
C ILE P 41 23.62 33.47 14.86
N ILE P 42 22.89 34.41 14.27
CA ILE P 42 21.91 34.10 13.22
C ILE P 42 22.43 34.59 11.87
N GLY P 43 22.29 33.75 10.85
CA GLY P 43 22.57 34.11 9.47
C GLY P 43 21.68 33.32 8.54
N LEU P 44 21.89 33.46 7.24
CA LEU P 44 21.11 32.69 6.28
C LEU P 44 21.92 32.22 5.04
N LYS P 45 21.34 31.26 4.33
CA LYS P 45 21.90 30.76 3.08
C LYS P 45 20.77 30.68 2.07
N GLN P 46 20.99 31.21 0.87
CA GLN P 46 19.98 31.16 -0.19
C GLN P 46 20.22 29.93 -1.06
N VAL P 47 19.12 29.23 -1.37
CA VAL P 47 19.19 27.90 -1.98
C VAL P 47 18.64 27.96 -3.40
N SER P 48 19.54 27.87 -4.38
CA SER P 48 19.14 28.01 -5.79
C SER P 48 19.43 26.80 -6.64
N THR P 49 18.58 26.57 -7.63
CA THR P 49 18.85 25.60 -8.70
C THR P 49 20.22 25.83 -9.36
N ASN P 50 20.69 27.08 -9.28
CA ASN P 50 21.98 27.48 -9.85
C ASN P 50 23.14 27.32 -8.88
N GLU P 51 23.25 26.12 -8.30
CA GLU P 51 24.34 25.77 -7.39
C GLU P 51 24.98 24.46 -7.89
N PRO P 52 26.33 24.38 -7.89
CA PRO P 52 27.01 23.27 -8.59
C PRO P 52 26.64 21.88 -8.09
N PHE P 53 26.26 21.75 -6.82
CA PHE P 53 25.96 20.43 -6.24
C PHE P 53 24.64 19.80 -6.69
N PHE P 54 23.70 20.62 -7.16
CA PHE P 54 22.35 20.12 -7.48
C PHE P 54 22.27 19.17 -8.66
N ASN P 55 23.24 19.27 -9.57
CA ASN P 55 23.31 18.34 -10.70
C ASN P 55 23.66 16.92 -10.30
N GLY P 56 24.32 16.79 -9.15
CA GLY P 56 24.65 15.48 -8.62
C GLY P 56 23.72 15.00 -7.52
N HIS P 57 22.76 15.83 -7.13
CA HIS P 57 21.95 15.53 -5.95
C HIS P 57 20.54 16.15 -5.95
N PHE P 58 19.60 15.59 -6.72
CA PHE P 58 19.83 14.47 -7.63
C PHE P 58 19.36 14.88 -9.01
N PRO P 59 19.79 14.18 -10.09
CA PRO P 59 19.29 14.53 -11.42
C PRO P 59 17.74 14.60 -11.46
N GLN P 60 17.08 13.60 -10.86
CA GLN P 60 15.63 13.52 -10.85
C GLN P 60 14.95 14.45 -9.85
N LYS P 61 15.70 14.86 -8.82
CA LYS P 61 15.12 15.60 -7.68
C LYS P 61 16.15 16.41 -6.90
N GLN P 62 16.03 17.74 -6.99
CA GLN P 62 17.01 18.65 -6.40
C GLN P 62 16.79 18.91 -4.90
N ILE P 63 17.54 18.16 -4.07
CA ILE P 63 17.42 18.24 -2.61
C ILE P 63 18.78 18.59 -2.02
N MET P 64 18.87 19.73 -1.35
CA MET P 64 20.16 20.13 -0.78
C MET P 64 20.67 19.05 0.18
N PRO P 65 21.93 18.61 -0.02
CA PRO P 65 22.55 17.64 0.88
C PRO P 65 22.48 18.09 2.34
N GLY P 66 22.14 17.15 3.22
CA GLY P 66 22.08 17.38 4.65
C GLY P 66 23.47 17.64 5.18
N VAL P 67 24.45 16.94 4.61
CA VAL P 67 25.85 17.18 4.94
C VAL P 67 26.28 18.63 4.67
N LEU P 68 25.67 19.27 3.68
CA LEU P 68 25.97 20.68 3.41
C LEU P 68 25.18 21.62 4.30
N GLN P 69 24.10 21.12 4.88
CA GLN P 69 23.34 21.88 5.86
C GLN P 69 24.14 21.92 7.15
N ILE P 70 24.77 20.80 7.48
CA ILE P 70 25.70 20.74 8.61
C ILE P 70 26.80 21.79 8.40
N GLU P 71 27.38 21.78 7.20
CA GLU P 71 28.50 22.64 6.83
C GLU P 71 28.15 24.13 6.90
N ALA P 72 26.93 24.47 6.48
CA ALA P 72 26.46 25.85 6.54
C ALA P 72 26.31 26.33 7.99
N LEU P 73 25.64 25.52 8.82
CA LEU P 73 25.54 25.84 10.25
C LEU P 73 26.90 25.95 10.92
N ALA P 74 27.78 25.00 10.61
CA ALA P 74 29.09 24.99 11.21
C ALA P 74 29.90 26.20 10.76
N GLN P 75 29.83 26.56 9.48
CA GLN P 75 30.51 27.76 8.98
C GLN P 75 30.02 29.01 9.71
N LEU P 76 28.70 29.12 9.85
CA LEU P 76 28.06 30.14 10.69
C LEU P 76 28.59 30.10 12.12
N ALA P 77 28.65 28.89 12.69
CA ALA P 77 29.17 28.68 14.04
C ALA P 77 30.61 29.18 14.15
N GLY P 78 31.43 28.83 13.16
CA GLY P 78 32.83 29.25 13.13
C GLY P 78 33.00 30.76 13.16
N ILE P 79 32.16 31.48 12.42
CA ILE P 79 32.19 32.95 12.41
C ILE P 79 32.06 33.48 13.83
N LEU P 80 31.05 32.97 14.56
CA LEU P 80 30.79 33.34 15.94
C LEU P 80 32.04 33.19 16.81
N CYS P 81 32.63 31.99 16.78
CA CYS P 81 33.89 31.72 17.49
C CYS P 81 34.96 32.75 17.13
N LEU P 82 35.12 32.98 15.83
CA LEU P 82 36.15 33.86 15.29
C LEU P 82 35.96 35.32 15.70
N LYS P 83 34.73 35.69 16.04
CA LYS P 83 34.43 37.04 16.51
C LYS P 83 34.21 37.07 18.02
N SER P 84 34.15 35.88 18.63
CA SER P 84 34.04 35.75 20.09
C SER P 84 35.40 35.89 20.76
N ASP P 85 36.43 35.37 20.10
CA ASP P 85 37.79 35.35 20.61
C ASP P 85 38.77 35.20 19.44
N ASP P 86 39.39 36.30 19.02
CA ASP P 86 40.32 36.28 17.88
C ASP P 86 41.79 36.49 18.28
N SER P 87 42.10 36.32 19.56
CA SER P 87 43.50 36.30 20.01
C SER P 87 44.26 35.21 19.24
N GLN P 88 43.61 34.05 19.09
CA GLN P 88 44.12 32.98 18.22
C GLN P 88 44.00 33.39 16.75
N LYS P 89 45.04 34.05 16.24
CA LYS P 89 45.06 34.57 14.87
C LYS P 89 45.16 33.42 13.84
N ASN P 90 44.15 32.55 13.87
CA ASN P 90 44.10 31.37 13.03
C ASN P 90 42.64 31.10 12.66
N ASN P 91 42.26 31.53 11.46
CA ASN P 91 40.88 31.34 11.00
C ASN P 91 40.58 29.92 10.55
N LEU P 92 41.63 29.14 10.28
CA LEU P 92 41.47 27.73 9.91
C LEU P 92 41.02 26.89 11.12
N PHE P 93 39.71 26.75 11.29
CA PHE P 93 39.15 25.82 12.26
C PHE P 93 38.88 24.48 11.58
N LEU P 94 38.91 23.40 12.37
CA LEU P 94 38.61 22.09 11.83
C LEU P 94 37.51 21.38 12.60
N PHE P 95 36.56 20.84 11.83
CA PHE P 95 35.42 20.10 12.37
C PHE P 95 35.92 18.84 13.07
N ALA P 96 36.07 18.90 14.39
CA ALA P 96 36.57 17.76 15.14
C ALA P 96 35.47 16.72 15.35
N GLY P 97 34.24 17.19 15.57
CA GLY P 97 33.11 16.30 15.79
C GLY P 97 31.76 16.95 15.57
N VAL P 98 30.75 16.11 15.38
CA VAL P 98 29.36 16.55 15.32
C VAL P 98 28.46 15.45 15.88
N ASP P 99 27.39 15.86 16.56
CA ASP P 99 26.57 14.95 17.34
C ASP P 99 25.11 15.37 17.39
N GLY P 100 24.20 14.39 17.24
CA GLY P 100 22.76 14.63 17.38
C GLY P 100 22.17 15.42 16.24
N VAL P 101 22.50 15.02 15.02
CA VAL P 101 21.99 15.65 13.84
C VAL P 101 20.67 15.03 13.43
N ARG P 102 19.67 15.88 13.23
CA ARG P 102 18.34 15.46 12.79
C ARG P 102 17.88 16.34 11.64
N TRP P 103 17.64 15.71 10.49
CA TRP P 103 17.01 16.40 9.36
C TRP P 103 15.53 16.07 9.33
N LYS P 104 14.71 17.12 9.41
CA LYS P 104 13.26 16.97 9.55
C LYS P 104 12.59 16.96 8.19
N LYS P 105 13.04 17.88 7.34
CA LYS P 105 12.34 18.27 6.13
C LYS P 105 13.37 18.55 5.04
N PRO P 106 13.09 18.12 3.79
CA PRO P 106 13.97 18.44 2.65
C PRO P 106 14.14 19.94 2.45
N VAL P 107 15.34 20.37 2.08
CA VAL P 107 15.57 21.76 1.67
C VAL P 107 15.73 21.82 0.16
N LEU P 108 14.94 22.69 -0.48
CA LEU P 108 14.79 22.70 -1.94
C LEU P 108 15.24 24.02 -2.61
N PRO P 109 15.38 24.01 -3.96
CA PRO P 109 15.60 25.29 -4.63
C PRO P 109 14.36 26.17 -4.50
N GLY P 110 14.57 27.39 -4.01
CA GLY P 110 13.48 28.32 -3.71
C GLY P 110 13.44 28.70 -2.24
N ASP P 111 14.09 27.89 -1.39
CA ASP P 111 14.09 28.12 0.07
C ASP P 111 15.13 29.15 0.53
N THR P 112 14.87 29.72 1.70
CA THR P 112 15.85 30.51 2.44
C THR P 112 16.17 29.73 3.71
N LEU P 113 17.45 29.47 3.94
CA LEU P 113 17.83 28.69 5.11
C LEU P 113 18.23 29.62 6.25
N THR P 114 17.27 29.87 7.14
CA THR P 114 17.54 30.71 8.31
C THR P 114 18.19 29.86 9.37
N MET P 115 19.43 30.20 9.72
CA MET P 115 20.25 29.38 10.60
C MET P 115 20.61 30.12 11.88
N GLN P 116 20.67 29.38 12.98
CA GLN P 116 21.05 29.93 14.28
C GLN P 116 22.00 29.00 15.04
N ALA P 117 23.18 29.52 15.38
CA ALA P 117 24.18 28.76 16.13
C ALA P 117 24.39 29.37 17.51
N ASN P 118 24.48 28.51 18.52
CA ASN P 118 24.61 28.94 19.91
C ASN P 118 25.81 28.28 20.59
N LEU P 119 26.73 29.11 21.08
CA LEU P 119 27.90 28.64 21.82
C LEU P 119 27.46 27.94 23.10
N ILE P 120 28.13 26.83 23.41
CA ILE P 120 27.84 26.07 24.63
C ILE P 120 29.04 26.15 25.57
N SER P 121 30.24 25.94 25.01
CA SER P 121 31.47 26.01 25.78
C SER P 121 32.65 26.40 24.90
N PHE P 122 33.53 27.23 25.45
CA PHE P 122 34.76 27.63 24.79
C PHE P 122 35.89 27.47 25.82
N LYS P 123 36.85 26.61 25.50
CA LYS P 123 37.96 26.31 26.42
C LYS P 123 39.17 27.23 26.25
N SER P 124 39.14 28.35 26.99
CA SER P 124 40.31 29.26 27.09
C SER P 124 41.37 28.69 28.03
N SER P 125 41.34 27.35 28.15
CA SER P 125 42.29 26.62 29.01
C SER P 125 42.71 25.27 28.42
N LEU P 126 41.81 24.66 27.64
CA LEU P 126 42.05 23.33 27.11
C LEU P 126 42.20 23.30 25.59
N GLY P 127 41.25 23.89 24.86
CA GLY P 127 41.34 23.97 23.40
C GLY P 127 40.20 23.25 22.69
N ILE P 128 39.15 24.02 22.32
CA ILE P 128 37.99 23.41 21.65
C ILE P 128 36.69 24.16 21.95
N ALA P 129 35.95 24.51 20.89
CA ALA P 129 34.68 25.20 21.03
C ALA P 129 33.51 24.27 20.70
N LYS P 130 32.45 24.34 21.51
CA LYS P 130 31.28 23.49 21.33
C LYS P 130 30.01 24.31 21.14
N LEU P 131 29.21 23.95 20.13
CA LEU P 131 28.04 24.75 19.74
C LEU P 131 26.85 23.90 19.30
N SER P 132 25.65 24.46 19.43
CA SER P 132 24.45 23.83 18.89
C SER P 132 23.88 24.70 17.76
N GLY P 133 23.12 24.07 16.86
CA GLY P 133 22.58 24.77 15.70
C GLY P 133 21.21 24.30 15.25
N VAL P 134 20.40 25.25 14.76
CA VAL P 134 19.09 24.95 14.21
C VAL P 134 18.92 25.73 12.92
N GLY P 135 18.33 25.10 11.91
CA GLY P 135 18.02 25.77 10.63
C GLY P 135 16.54 25.75 10.28
N TYR P 136 16.03 26.89 9.83
CA TYR P 136 14.61 27.08 9.53
C TYR P 136 14.31 27.40 8.06
N VAL P 137 13.13 26.96 7.62
CA VAL P 137 12.57 27.30 6.31
C VAL P 137 11.07 27.61 6.48
N ASN P 138 10.71 28.89 6.27
CA ASN P 138 9.34 29.38 6.48
C ASN P 138 8.87 29.14 7.93
N GLY P 139 9.71 29.55 8.88
CA GLY P 139 9.43 29.35 10.30
C GLY P 139 9.41 27.89 10.76
N LYS P 140 9.77 26.97 9.87
CA LYS P 140 9.73 25.54 10.16
C LYS P 140 11.13 24.96 10.34
N VAL P 141 11.33 24.25 11.46
CA VAL P 141 12.58 23.55 11.73
C VAL P 141 12.85 22.52 10.62
N VAL P 142 14.06 22.57 10.06
CA VAL P 142 14.48 21.58 9.06
C VAL P 142 15.70 20.78 9.53
N ILE P 143 16.57 21.43 10.31
CA ILE P 143 17.75 20.76 10.83
C ILE P 143 18.03 21.05 12.32
N ASN P 144 18.27 19.97 13.07
CA ASN P 144 18.81 20.05 14.42
C ASN P 144 20.18 19.44 14.54
N ILE P 145 21.06 20.17 15.23
CA ILE P 145 22.35 19.66 15.64
C ILE P 145 22.50 19.98 17.11
N SER P 146 22.57 18.93 17.94
CA SER P 146 22.78 19.11 19.38
C SER P 146 24.15 19.71 19.65
N GLU P 147 25.17 19.19 18.98
CA GLU P 147 26.55 19.56 19.29
C GLU P 147 27.57 19.48 18.12
N MET P 148 28.17 20.63 17.83
CA MET P 148 29.29 20.74 16.90
C MET P 148 30.57 21.03 17.68
N THR P 149 31.59 20.21 17.48
CA THR P 149 32.85 20.38 18.19
C THR P 149 33.99 20.87 17.28
N PHE P 150 34.41 22.12 17.55
CA PHE P 150 35.51 22.77 16.83
C PHE P 150 36.77 22.78 17.69
N ALA P 151 37.89 23.21 17.10
CA ALA P 151 39.13 23.47 17.84
C ALA P 151 40.11 24.27 16.99
N ASP Q 8 30.91 17.76 -46.24
CA ASP Q 8 30.36 18.36 -47.44
C ASP Q 8 29.58 19.60 -47.06
N THR Q 9 28.37 19.37 -46.54
CA THR Q 9 27.64 20.39 -45.85
C THR Q 9 28.36 20.25 -44.55
N SER Q 10 28.60 21.33 -43.83
CA SER Q 10 29.33 21.19 -42.57
C SER Q 10 28.69 20.10 -41.68
N ILE Q 11 29.51 19.46 -40.83
CA ILE Q 11 28.91 18.71 -39.72
C ILE Q 11 28.88 19.60 -38.47
N ASP Q 12 27.66 20.03 -38.14
CA ASP Q 12 27.40 20.89 -36.99
C ASP Q 12 27.48 20.12 -35.67
N ILE Q 13 27.72 20.86 -34.60
CA ILE Q 13 27.92 20.31 -33.25
C ILE Q 13 26.85 19.32 -32.75
N GLU Q 14 25.58 19.52 -33.12
CA GLU Q 14 24.51 18.61 -32.69
C GLU Q 14 24.60 17.28 -33.41
N ASP Q 15 25.21 17.31 -34.60
CA ASP Q 15 25.44 16.11 -35.38
C ASP Q 15 26.80 15.52 -35.02
N ILE Q 16 27.70 16.38 -34.57
CA ILE Q 16 28.99 15.98 -34.00
C ILE Q 16 28.74 15.16 -32.73
N LYS Q 17 27.89 15.67 -31.85
CA LYS Q 17 27.58 14.99 -30.59
C LYS Q 17 26.87 13.65 -30.83
N LYS Q 18 26.26 13.52 -32.01
CA LYS Q 18 25.59 12.29 -32.42
C LYS Q 18 26.58 11.23 -32.91
N ILE Q 19 27.74 11.66 -33.42
CA ILE Q 19 28.77 10.72 -33.86
C ILE Q 19 29.71 10.35 -32.70
N LEU Q 20 30.32 11.36 -32.07
CA LEU Q 20 31.25 11.17 -30.95
C LEU Q 20 30.56 11.10 -29.59
N PRO Q 21 31.08 10.26 -28.66
CA PRO Q 21 30.53 10.18 -27.31
C PRO Q 21 31.08 11.23 -26.34
N HIS Q 22 32.03 12.04 -26.80
CA HIS Q 22 32.62 13.12 -25.98
C HIS Q 22 31.60 14.20 -25.66
N ARG Q 23 31.69 14.75 -24.45
CA ARG Q 23 30.87 15.89 -24.03
C ARG Q 23 31.70 16.87 -23.22
N TYR Q 24 31.05 17.89 -22.65
CA TYR Q 24 31.72 18.87 -21.79
C TYR Q 24 32.23 18.22 -20.49
N PRO Q 25 33.48 18.54 -20.08
CA PRO Q 25 34.39 19.51 -20.66
C PRO Q 25 35.44 18.85 -21.54
N PHE Q 26 35.05 17.82 -22.29
CA PHE Q 26 36.04 17.09 -23.08
C PHE Q 26 35.68 16.85 -24.54
N LEU Q 27 34.75 17.65 -25.07
CA LEU Q 27 34.52 17.67 -26.50
C LEU Q 27 35.32 18.84 -27.09
N LEU Q 28 36.25 18.51 -27.97
CA LEU Q 28 37.17 19.52 -28.47
C LEU Q 28 37.09 19.73 -29.98
N VAL Q 29 35.94 19.44 -30.57
CA VAL Q 29 35.67 19.74 -31.97
C VAL Q 29 34.41 20.60 -32.07
N ASP Q 30 34.55 21.81 -32.58
CA ASP Q 30 33.46 22.77 -32.62
C ASP Q 30 32.65 22.70 -33.90
N LYS Q 31 33.34 22.40 -35.00
CA LYS Q 31 32.73 22.31 -36.32
C LYS Q 31 33.63 21.47 -37.23
N VAL Q 32 32.99 20.60 -38.03
CA VAL Q 32 33.67 19.89 -39.11
C VAL Q 32 33.28 20.57 -40.40
N ILE Q 33 34.27 21.15 -41.09
CA ILE Q 33 33.98 21.95 -42.28
C ILE Q 33 34.04 21.16 -43.60
N TYR Q 34 34.86 20.09 -43.61
CA TYR Q 34 34.91 19.19 -44.75
C TYR Q 34 35.22 17.75 -44.34
N MET Q 35 34.50 16.81 -44.96
CA MET Q 35 34.84 15.39 -44.86
C MET Q 35 34.73 14.64 -46.18
N GLN Q 36 35.68 13.74 -46.40
CA GLN Q 36 35.64 12.79 -47.49
C GLN Q 36 35.96 11.41 -46.90
N PRO Q 37 34.91 10.61 -46.61
CA PRO Q 37 35.03 9.28 -46.00
C PRO Q 37 36.26 8.48 -46.46
N ASN Q 38 36.87 7.77 -45.50
CA ASN Q 38 38.08 6.95 -45.73
C ASN Q 38 39.31 7.70 -46.22
N LYS Q 39 39.21 9.03 -46.35
CA LYS Q 39 40.32 9.82 -46.88
C LYS Q 39 40.81 10.91 -45.92
N THR Q 40 40.01 11.95 -45.76
CA THR Q 40 40.43 13.14 -45.04
C THR Q 40 39.27 13.82 -44.35
N ILE Q 41 39.61 14.65 -43.37
CA ILE Q 41 38.64 15.46 -42.65
C ILE Q 41 39.31 16.76 -42.17
N ILE Q 42 38.58 17.86 -42.35
CA ILE Q 42 39.00 19.17 -41.88
C ILE Q 42 37.92 19.72 -40.96
N GLY Q 43 38.34 20.33 -39.87
CA GLY Q 43 37.43 20.90 -38.89
C GLY Q 43 38.14 21.98 -38.11
N LEU Q 44 37.45 22.56 -37.13
CA LEU Q 44 38.04 23.66 -36.36
C LEU Q 44 37.62 23.67 -34.89
N LYS Q 45 38.48 24.28 -34.06
CA LYS Q 45 38.23 24.44 -32.64
C LYS Q 45 38.48 25.89 -32.26
N GLN Q 46 37.43 26.58 -31.82
CA GLN Q 46 37.55 27.95 -31.33
C GLN Q 46 38.12 27.95 -29.92
N VAL Q 47 39.08 28.83 -29.69
CA VAL Q 47 39.87 28.84 -28.47
C VAL Q 47 39.64 30.13 -27.68
N SER Q 48 38.93 30.01 -26.57
CA SER Q 48 38.50 31.18 -25.81
C SER Q 48 39.05 31.20 -24.38
N THR Q 49 38.97 32.36 -23.74
CA THR Q 49 39.38 32.51 -22.34
C THR Q 49 38.36 31.84 -21.44
N ASN Q 50 37.13 31.75 -21.96
CA ASN Q 50 36.02 31.13 -21.26
C ASN Q 50 36.00 29.61 -21.41
N GLU Q 51 37.15 28.97 -21.21
CA GLU Q 51 37.24 27.51 -21.23
C GLU Q 51 37.78 26.99 -19.89
N PRO Q 52 37.24 25.86 -19.39
CA PRO Q 52 37.56 25.49 -18.01
C PRO Q 52 39.05 25.26 -17.72
N PHE Q 53 39.81 24.77 -18.70
CA PHE Q 53 41.23 24.43 -18.49
C PHE Q 53 42.14 25.63 -18.29
N PHE Q 54 41.80 26.77 -18.90
CA PHE Q 54 42.71 27.91 -18.95
C PHE Q 54 43.15 28.48 -17.60
N ASN Q 55 42.27 28.36 -16.60
CA ASN Q 55 42.58 28.76 -15.24
C ASN Q 55 43.72 27.96 -14.61
N GLY Q 56 43.86 26.70 -15.03
CA GLY Q 56 44.94 25.84 -14.54
C GLY Q 56 46.20 25.83 -15.41
N HIS Q 57 46.11 26.37 -16.62
CA HIS Q 57 47.21 26.29 -17.59
C HIS Q 57 47.33 27.53 -18.49
N PHE Q 58 47.92 28.63 -17.98
CA PHE Q 58 48.37 28.78 -16.60
C PHE Q 58 47.78 30.10 -16.06
N PRO Q 59 47.72 30.26 -14.72
CA PRO Q 59 47.31 31.51 -14.08
C PRO Q 59 47.99 32.76 -14.65
N GLN Q 60 49.30 32.70 -14.84
CA GLN Q 60 50.05 33.86 -15.33
C GLN Q 60 49.92 34.04 -16.83
N LYS Q 61 49.69 32.94 -17.54
CA LYS Q 61 49.74 32.94 -19.00
C LYS Q 61 48.84 31.84 -19.55
N GLN Q 62 47.86 32.22 -20.36
CA GLN Q 62 46.91 31.25 -20.90
C GLN Q 62 47.36 30.64 -22.23
N ILE Q 63 47.85 29.40 -22.15
CA ILE Q 63 48.37 28.65 -23.30
C ILE Q 63 47.62 27.32 -23.42
N MET Q 64 46.89 27.15 -24.52
CA MET Q 64 46.17 25.90 -24.76
C MET Q 64 47.10 24.70 -24.66
N PRO Q 65 46.79 23.77 -23.74
CA PRO Q 65 47.60 22.59 -23.48
C PRO Q 65 47.89 21.79 -24.74
N GLY Q 66 49.17 21.54 -25.00
CA GLY Q 66 49.61 20.70 -26.10
C GLY Q 66 48.85 19.39 -26.21
N VAL Q 67 48.68 18.70 -25.08
CA VAL Q 67 47.97 17.41 -25.06
C VAL Q 67 46.50 17.52 -25.46
N LEU Q 68 45.89 18.68 -25.23
CA LEU Q 68 44.50 18.90 -25.65
C LEU Q 68 44.42 19.18 -27.14
N GLN Q 69 45.48 19.73 -27.71
CA GLN Q 69 45.60 19.88 -29.14
C GLN Q 69 45.66 18.51 -29.80
N ILE Q 70 46.40 17.58 -29.19
CA ILE Q 70 46.39 16.19 -29.65
C ILE Q 70 44.96 15.64 -29.59
N GLU Q 71 44.29 15.87 -28.46
CA GLU Q 71 42.94 15.37 -28.23
C GLU Q 71 41.92 15.89 -29.24
N ALA Q 72 42.03 17.16 -29.61
CA ALA Q 72 41.15 17.76 -30.63
C ALA Q 72 41.31 17.09 -32.01
N LEU Q 73 42.54 17.03 -32.50
CA LEU Q 73 42.86 16.35 -33.77
C LEU Q 73 42.44 14.88 -33.76
N ALA Q 74 42.67 14.22 -32.63
CA ALA Q 74 42.35 12.81 -32.53
C ALA Q 74 40.85 12.56 -32.44
N GLN Q 75 40.11 13.50 -31.85
CA GLN Q 75 38.64 13.44 -31.85
C GLN Q 75 38.11 13.62 -33.27
N LEU Q 76 38.73 14.57 -34.01
CA LEU Q 76 38.42 14.78 -35.41
C LEU Q 76 38.68 13.50 -36.22
N ALA Q 77 39.84 12.89 -36.03
CA ALA Q 77 40.16 11.61 -36.66
C ALA Q 77 39.10 10.57 -36.32
N GLY Q 78 38.67 10.57 -35.06
CA GLY Q 78 37.59 9.69 -34.60
C GLY Q 78 36.32 9.83 -35.42
N ILE Q 79 35.91 11.07 -35.68
CA ILE Q 79 34.73 11.35 -36.50
C ILE Q 79 34.89 10.71 -37.87
N LEU Q 80 36.03 10.96 -38.51
CA LEU Q 80 36.34 10.36 -39.81
C LEU Q 80 36.15 8.83 -39.79
N CYS Q 81 36.85 8.15 -38.89
CA CYS Q 81 36.73 6.70 -38.78
C CYS Q 81 35.27 6.26 -38.68
N LEU Q 82 34.52 6.91 -37.80
CA LEU Q 82 33.15 6.50 -37.47
C LEU Q 82 32.17 6.69 -38.64
N LYS Q 83 32.51 7.60 -39.55
CA LYS Q 83 31.71 7.82 -40.75
C LYS Q 83 32.28 7.08 -41.97
N SER Q 84 33.55 6.68 -41.88
CA SER Q 84 34.22 5.89 -42.92
C SER Q 84 33.63 4.49 -43.00
N ASP Q 85 33.32 3.94 -41.83
CA ASP Q 85 32.83 2.59 -41.67
C ASP Q 85 32.12 2.49 -40.31
N ASP Q 86 30.79 2.44 -40.36
CA ASP Q 86 29.98 2.38 -39.13
C ASP Q 86 29.27 1.03 -38.94
N SER Q 87 29.67 0.03 -39.72
CA SER Q 87 29.17 -1.33 -39.53
C SER Q 87 29.38 -1.76 -38.07
N GLN Q 88 30.52 -1.37 -37.49
CA GLN Q 88 30.82 -1.66 -36.08
C GLN Q 88 30.16 -0.61 -35.17
N LYS Q 89 28.98 -0.97 -34.65
CA LYS Q 89 28.13 -0.03 -33.89
C LYS Q 89 28.70 0.33 -32.51
N ASN Q 90 29.86 1.00 -32.53
CA ASN Q 90 30.58 1.34 -31.32
C ASN Q 90 31.36 2.64 -31.51
N ASN Q 91 30.79 3.74 -31.01
CA ASN Q 91 31.44 5.05 -31.10
C ASN Q 91 32.62 5.24 -30.13
N LEU Q 92 32.61 4.46 -29.04
CA LEU Q 92 33.72 4.49 -28.08
C LEU Q 92 35.02 3.96 -28.71
N PHE Q 93 35.79 4.87 -29.33
CA PHE Q 93 37.14 4.53 -29.78
C PHE Q 93 38.14 4.86 -28.68
N LEU Q 94 39.29 4.17 -28.69
CA LEU Q 94 40.32 4.45 -27.69
C LEU Q 94 41.69 4.68 -28.34
N PHE Q 95 42.45 5.61 -27.75
CA PHE Q 95 43.78 5.98 -28.21
C PHE Q 95 44.78 4.90 -27.81
N ALA Q 96 45.28 4.16 -28.80
CA ALA Q 96 46.23 3.08 -28.53
C ALA Q 96 47.68 3.55 -28.68
N GLY Q 97 47.94 4.36 -29.71
CA GLY Q 97 49.28 4.88 -29.93
C GLY Q 97 49.24 6.28 -30.51
N VAL Q 98 50.31 7.03 -30.26
CA VAL Q 98 50.56 8.32 -30.90
C VAL Q 98 52.07 8.46 -31.07
N ASP Q 99 52.49 9.06 -32.20
CA ASP Q 99 53.90 9.07 -32.56
C ASP Q 99 54.26 10.30 -33.39
N GLY Q 100 55.44 10.86 -33.11
CA GLY Q 100 55.96 12.00 -33.87
C GLY Q 100 55.15 13.26 -33.71
N VAL Q 101 54.91 13.65 -32.46
CA VAL Q 101 54.17 14.87 -32.18
C VAL Q 101 55.18 16.01 -32.06
N ARG Q 102 54.85 17.13 -32.70
CA ARG Q 102 55.69 18.32 -32.71
C ARG Q 102 54.82 19.57 -32.60
N TRP Q 103 55.01 20.33 -31.52
CA TRP Q 103 54.35 21.62 -31.34
C TRP Q 103 55.31 22.73 -31.79
N LYS Q 104 54.85 23.56 -32.73
CA LYS Q 104 55.67 24.62 -33.31
C LYS Q 104 55.42 25.95 -32.62
N LYS Q 105 54.16 26.20 -32.30
CA LYS Q 105 53.72 27.49 -31.78
C LYS Q 105 52.70 27.29 -30.65
N PRO Q 106 52.68 28.22 -29.67
CA PRO Q 106 51.63 28.11 -28.66
C PRO Q 106 50.27 28.53 -29.23
N VAL Q 107 49.20 27.87 -28.81
CA VAL Q 107 47.83 28.28 -29.16
C VAL Q 107 47.26 29.11 -28.02
N LEU Q 108 46.73 30.28 -28.35
CA LEU Q 108 46.30 31.27 -27.34
C LEU Q 108 44.80 31.63 -27.49
N PRO Q 109 44.19 32.14 -26.39
CA PRO Q 109 42.80 32.62 -26.49
C PRO Q 109 42.64 33.63 -27.62
N GLY Q 110 41.63 33.39 -28.46
CA GLY Q 110 41.35 34.27 -29.60
C GLY Q 110 41.68 33.63 -30.94
N ASP Q 111 42.53 32.60 -30.91
CA ASP Q 111 42.88 31.85 -32.12
C ASP Q 111 41.75 30.93 -32.57
N THR Q 112 41.78 30.56 -33.85
CA THR Q 112 40.97 29.48 -34.35
C THR Q 112 41.94 28.36 -34.68
N LEU Q 113 41.58 27.14 -34.30
CA LEU Q 113 42.41 25.99 -34.60
C LEU Q 113 41.85 25.22 -35.79
N THR Q 114 42.46 25.40 -36.96
CA THR Q 114 42.02 24.67 -38.14
C THR Q 114 42.78 23.36 -38.21
N MET Q 115 42.03 22.27 -38.26
CA MET Q 115 42.60 20.93 -38.10
C MET Q 115 42.35 20.06 -39.32
N GLN Q 116 43.33 19.22 -39.65
CA GLN Q 116 43.16 18.25 -40.72
C GLN Q 116 43.67 16.88 -40.29
N ALA Q 117 42.89 15.85 -40.58
CA ALA Q 117 43.27 14.48 -40.29
C ALA Q 117 43.09 13.60 -41.52
N ASN Q 118 44.13 12.81 -41.82
CA ASN Q 118 44.15 11.97 -43.00
C ASN Q 118 44.35 10.50 -42.63
N LEU Q 119 43.43 9.65 -43.07
CA LEU Q 119 43.52 8.21 -42.83
C LEU Q 119 44.65 7.58 -43.64
N ILE Q 120 45.38 6.66 -43.00
CA ILE Q 120 46.53 6.00 -43.60
C ILE Q 120 46.21 4.54 -43.90
N SER Q 121 45.73 3.82 -42.88
CA SER Q 121 45.40 2.41 -43.01
C SER Q 121 44.29 2.05 -42.04
N PHE Q 122 43.27 1.35 -42.56
CA PHE Q 122 42.14 0.90 -41.75
C PHE Q 122 42.00 -0.60 -41.93
N LYS Q 123 42.08 -1.34 -40.82
CA LYS Q 123 41.82 -2.77 -40.84
C LYS Q 123 40.48 -3.09 -40.15
N GLY Q 127 39.21 -2.46 -33.78
CA GLY Q 127 39.43 -1.63 -34.97
C GLY Q 127 40.75 -0.86 -34.92
N ILE Q 128 41.75 -1.37 -35.66
CA ILE Q 128 43.06 -0.72 -35.74
C ILE Q 128 43.14 0.24 -36.94
N ALA Q 129 43.01 1.53 -36.63
CA ALA Q 129 43.08 2.59 -37.64
C ALA Q 129 44.23 3.54 -37.34
N LYS Q 130 44.93 3.95 -38.40
CA LYS Q 130 46.08 4.84 -38.27
C LYS Q 130 45.87 6.09 -39.10
N LEU Q 131 46.07 7.25 -38.47
CA LEU Q 131 45.86 8.53 -39.12
C LEU Q 131 47.00 9.50 -38.81
N SER Q 132 47.09 10.56 -39.61
CA SER Q 132 48.04 11.64 -39.40
C SER Q 132 47.25 12.93 -39.21
N GLY Q 133 47.83 13.91 -38.51
CA GLY Q 133 47.10 15.13 -38.19
C GLY Q 133 47.95 16.38 -38.15
N VAL Q 134 47.36 17.49 -38.58
CA VAL Q 134 48.00 18.80 -38.55
C VAL Q 134 46.98 19.83 -38.04
N GLY Q 135 47.47 20.86 -37.36
CA GLY Q 135 46.62 21.98 -36.93
C GLY Q 135 47.21 23.31 -37.35
N TYR Q 136 46.32 24.24 -37.72
CA TYR Q 136 46.73 25.55 -38.24
C TYR Q 136 46.15 26.71 -37.47
N VAL Q 137 46.96 27.75 -37.30
CA VAL Q 137 46.48 29.04 -36.78
C VAL Q 137 47.05 30.12 -37.71
N ASN Q 138 46.15 30.78 -38.43
CA ASN Q 138 46.50 31.77 -39.45
C ASN Q 138 47.43 31.22 -40.55
N GLY Q 139 46.97 30.16 -41.21
CA GLY Q 139 47.73 29.51 -42.29
C GLY Q 139 49.04 28.87 -41.89
N LYS Q 140 49.44 29.04 -40.62
CA LYS Q 140 50.70 28.49 -40.12
C LYS Q 140 50.46 27.21 -39.31
N VAL Q 141 51.39 26.26 -39.44
CA VAL Q 141 51.32 25.01 -38.70
C VAL Q 141 51.68 25.24 -37.24
N VAL Q 142 50.82 24.78 -36.34
CA VAL Q 142 51.10 24.83 -34.91
C VAL Q 142 51.39 23.44 -34.33
N ILE Q 143 50.72 22.42 -34.86
CA ILE Q 143 50.92 21.05 -34.40
C ILE Q 143 51.02 20.05 -35.54
N ASN Q 144 52.06 19.21 -35.48
CA ASN Q 144 52.21 18.06 -36.37
C ASN Q 144 52.05 16.75 -35.61
N ILE Q 145 51.43 15.77 -36.26
CA ILE Q 145 51.36 14.41 -35.74
C ILE Q 145 51.53 13.42 -36.90
N SER Q 146 52.68 12.75 -36.92
CA SER Q 146 52.96 11.72 -37.93
C SER Q 146 51.95 10.57 -37.88
N GLU Q 147 51.69 10.05 -36.68
CA GLU Q 147 50.83 8.90 -36.55
C GLU Q 147 49.99 8.89 -35.28
N MET Q 148 48.68 8.70 -35.45
CA MET Q 148 47.76 8.42 -34.37
C MET Q 148 47.15 7.04 -34.59
N THR Q 149 47.17 6.22 -33.54
CA THR Q 149 46.63 4.85 -33.59
C THR Q 149 45.45 4.71 -32.64
N PHE Q 150 44.43 3.96 -33.07
CA PHE Q 150 43.23 3.77 -32.26
C PHE Q 150 42.67 2.35 -32.35
N ALA Q 151 41.77 2.03 -31.42
CA ALA Q 151 41.04 0.75 -31.43
C ALA Q 151 39.53 0.95 -31.33
N LEU Q 152 38.78 0.08 -32.02
CA LEU Q 152 37.31 0.10 -32.09
C LEU Q 152 36.65 0.97 -31.02
N ASP R 8 65.02 10.20 -1.48
CA ASP R 8 63.67 9.73 -1.00
C ASP R 8 62.76 10.88 -0.55
N THR R 9 62.69 11.92 -1.37
CA THR R 9 61.83 13.07 -1.14
C THR R 9 60.37 12.65 -1.30
N SER R 10 59.51 13.10 -0.38
CA SER R 10 58.06 12.81 -0.48
C SER R 10 57.26 14.12 -0.47
N ILE R 11 56.95 14.63 -1.66
CA ILE R 11 56.42 16.00 -1.83
C ILE R 11 54.88 16.11 -1.81
N ASP R 12 54.33 16.71 -0.75
CA ASP R 12 52.88 16.90 -0.62
C ASP R 12 52.29 17.88 -1.67
N ILE R 13 50.97 18.02 -1.66
CA ILE R 13 50.25 18.79 -2.68
C ILE R 13 50.50 20.31 -2.63
N GLU R 14 50.97 20.79 -1.48
CA GLU R 14 51.26 22.21 -1.29
C GLU R 14 52.61 22.59 -1.88
N ASP R 15 53.57 21.68 -1.75
CA ASP R 15 54.93 21.86 -2.27
C ASP R 15 55.02 21.61 -3.76
N ILE R 16 54.11 20.80 -4.29
CA ILE R 16 53.98 20.61 -5.74
C ILE R 16 53.51 21.92 -6.38
N LYS R 17 52.54 22.57 -5.74
CA LYS R 17 51.99 23.85 -6.20
C LYS R 17 52.99 25.00 -6.16
N LYS R 18 54.04 24.86 -5.34
CA LYS R 18 55.14 25.82 -5.30
C LYS R 18 56.15 25.58 -6.42
N ILE R 19 56.23 24.35 -6.90
CA ILE R 19 57.16 23.99 -7.97
C ILE R 19 56.57 24.25 -9.37
N LEU R 20 55.36 23.73 -9.62
CA LEU R 20 54.69 23.86 -10.92
C LEU R 20 53.69 25.02 -10.90
N PRO R 21 53.43 25.60 -12.09
CA PRO R 21 52.41 26.64 -12.19
C PRO R 21 51.01 26.10 -12.47
N HIS R 22 50.89 24.78 -12.62
CA HIS R 22 49.62 24.13 -12.95
C HIS R 22 48.62 24.22 -11.80
N ARG R 23 47.34 24.40 -12.14
CA ARG R 23 46.26 24.49 -11.15
C ARG R 23 45.03 23.72 -11.60
N TYR R 24 43.95 23.80 -10.81
CA TYR R 24 42.68 23.15 -11.14
C TYR R 24 42.05 23.87 -12.34
N PRO R 25 41.57 23.10 -13.33
CA PRO R 25 41.42 21.66 -13.40
C PRO R 25 42.47 20.92 -14.22
N PHE R 26 43.72 21.38 -14.15
CA PHE R 26 44.78 20.80 -14.96
C PHE R 26 46.08 20.45 -14.20
N LEU R 27 46.00 20.37 -12.87
CA LEU R 27 47.11 19.85 -12.07
C LEU R 27 46.86 18.35 -11.88
N LEU R 28 47.78 17.53 -12.38
CA LEU R 28 47.53 16.09 -12.49
C LEU R 28 48.59 15.22 -11.83
N VAL R 29 49.33 15.81 -10.90
CA VAL R 29 50.24 15.06 -10.04
C VAL R 29 49.79 15.32 -8.61
N ASP R 30 49.38 14.27 -7.91
CA ASP R 30 48.88 14.42 -6.54
C ASP R 30 49.96 14.34 -5.47
N LYS R 31 50.96 13.48 -5.69
CA LYS R 31 52.07 13.30 -4.76
C LYS R 31 53.32 12.79 -5.47
N VAL R 32 54.49 13.25 -5.01
CA VAL R 32 55.78 12.74 -5.45
C VAL R 32 56.36 11.95 -4.29
N ILE R 33 56.62 10.66 -4.51
CA ILE R 33 57.08 9.74 -3.43
C ILE R 33 58.60 9.54 -3.39
N TYR R 34 59.24 9.55 -4.56
CA TYR R 34 60.70 9.48 -4.65
C TYR R 34 61.18 10.39 -5.77
N MET R 35 62.26 11.11 -5.48
CA MET R 35 62.93 11.92 -6.49
C MET R 35 64.44 11.83 -6.28
N GLN R 36 65.17 11.85 -7.40
CA GLN R 36 66.62 11.91 -7.36
C GLN R 36 67.07 12.86 -8.47
N PRO R 37 67.50 14.08 -8.09
CA PRO R 37 67.81 15.15 -9.04
C PRO R 37 68.68 14.68 -10.20
N ASN R 38 68.35 15.18 -11.40
CA ASN R 38 69.09 14.90 -12.64
C ASN R 38 69.03 13.44 -13.13
N LYS R 39 68.20 12.63 -12.47
CA LYS R 39 68.10 11.20 -12.82
C LYS R 39 66.67 10.68 -12.98
N THR R 40 65.93 10.57 -11.87
CA THR R 40 64.64 9.88 -11.89
C THR R 40 63.63 10.44 -10.88
N ILE R 41 62.35 10.38 -11.25
CA ILE R 41 61.28 10.82 -10.35
C ILE R 41 60.07 9.88 -10.38
N ILE R 42 59.57 9.56 -9.20
CA ILE R 42 58.38 8.76 -9.06
C ILE R 42 57.29 9.56 -8.35
N GLY R 43 56.09 9.53 -8.92
CA GLY R 43 54.93 10.19 -8.34
C GLY R 43 53.67 9.37 -8.53
N LEU R 44 52.55 9.90 -8.07
CA LEU R 44 51.26 9.23 -8.25
C LEU R 44 50.10 10.20 -8.44
N LYS R 45 49.05 9.70 -9.11
CA LYS R 45 47.83 10.46 -9.38
C LYS R 45 46.64 9.56 -9.09
N GLN R 46 45.83 9.95 -8.13
CA GLN R 46 44.66 9.17 -7.72
C GLN R 46 43.47 9.47 -8.62
N VAL R 47 42.85 8.39 -9.09
CA VAL R 47 41.83 8.46 -10.14
C VAL R 47 40.44 8.33 -9.54
N SER R 48 39.66 9.40 -9.62
CA SER R 48 38.35 9.44 -8.99
C SER R 48 37.23 9.80 -9.95
N THR R 49 36.07 9.19 -9.74
CA THR R 49 34.84 9.56 -10.45
C THR R 49 34.53 11.06 -10.29
N ASN R 50 34.95 11.64 -9.17
CA ASN R 50 34.71 13.05 -8.86
C ASN R 50 35.75 14.01 -9.48
N GLU R 51 36.15 13.73 -10.72
CA GLU R 51 37.00 14.63 -11.48
C GLU R 51 36.18 15.21 -12.63
N PRO R 52 36.46 16.48 -13.02
CA PRO R 52 35.57 17.13 -13.99
C PRO R 52 35.56 16.48 -15.38
N PHE R 53 36.69 15.94 -15.82
CA PHE R 53 36.74 15.39 -17.18
C PHE R 53 35.82 14.19 -17.42
N PHE R 54 35.54 13.41 -16.36
CA PHE R 54 34.82 12.14 -16.50
C PHE R 54 33.38 12.23 -17.01
N ASN R 55 32.77 13.40 -16.88
CA ASN R 55 31.44 13.62 -17.44
C ASN R 55 31.42 13.61 -18.97
N GLY R 56 32.51 14.08 -19.58
CA GLY R 56 32.63 14.08 -21.02
C GLY R 56 33.46 12.93 -21.59
N HIS R 57 34.02 12.09 -20.72
CA HIS R 57 34.89 11.02 -21.19
C HIS R 57 34.83 9.71 -20.37
N PHE R 58 33.71 8.99 -20.42
CA PHE R 58 32.55 9.28 -21.27
C PHE R 58 31.31 9.19 -20.39
N PRO R 59 30.16 9.70 -20.88
CA PRO R 59 28.93 9.48 -20.12
C PRO R 59 28.62 7.99 -19.84
N GLN R 60 28.74 7.14 -20.86
CA GLN R 60 28.44 5.70 -20.71
C GLN R 60 29.54 4.91 -20.02
N LYS R 61 30.77 5.41 -20.08
CA LYS R 61 31.91 4.63 -19.62
C LYS R 61 33.06 5.55 -19.27
N GLN R 62 33.39 5.60 -17.99
CA GLN R 62 34.41 6.54 -17.51
C GLN R 62 35.81 5.96 -17.63
N ILE R 63 36.55 6.54 -18.58
CA ILE R 63 37.91 6.11 -18.93
C ILE R 63 38.79 7.34 -18.93
N MET R 64 39.82 7.35 -18.08
CA MET R 64 40.72 8.49 -18.07
C MET R 64 41.32 8.70 -19.47
N PRO R 65 41.19 9.93 -20.00
CA PRO R 65 41.78 10.23 -21.30
C PRO R 65 43.29 10.00 -21.29
N GLY R 66 43.77 9.35 -22.35
CA GLY R 66 45.19 9.03 -22.49
C GLY R 66 46.08 10.25 -22.61
N VAL R 67 45.56 11.32 -23.23
CA VAL R 67 46.32 12.56 -23.30
C VAL R 67 46.55 13.12 -21.91
N LEU R 68 45.59 12.91 -21.02
CA LEU R 68 45.73 13.37 -19.64
C LEU R 68 46.75 12.53 -18.88
N GLN R 69 46.92 11.28 -19.32
CA GLN R 69 48.00 10.43 -18.83
C GLN R 69 49.36 10.92 -19.30
N ILE R 70 49.45 11.39 -20.54
CA ILE R 70 50.68 12.02 -21.00
C ILE R 70 50.96 13.21 -20.11
N GLU R 71 49.97 14.11 -20.00
CA GLU R 71 50.06 15.32 -19.19
C GLU R 71 50.50 15.05 -17.75
N ALA R 72 49.98 13.97 -17.16
CA ALA R 72 50.34 13.58 -15.80
C ALA R 72 51.84 13.32 -15.66
N LEU R 73 52.36 12.44 -16.52
CA LEU R 73 53.80 12.18 -16.61
C LEU R 73 54.59 13.42 -17.01
N ALA R 74 54.05 14.21 -17.93
CA ALA R 74 54.72 15.44 -18.39
C ALA R 74 54.93 16.43 -17.25
N GLN R 75 53.89 16.61 -16.42
CA GLN R 75 53.98 17.45 -15.24
C GLN R 75 54.99 16.89 -14.22
N LEU R 76 54.95 15.57 -14.03
CA LEU R 76 55.91 14.90 -13.15
C LEU R 76 57.35 15.16 -13.63
N ALA R 77 57.60 14.88 -14.91
CA ALA R 77 58.88 15.16 -15.55
C ALA R 77 59.29 16.60 -15.31
N GLY R 78 58.32 17.51 -15.41
CA GLY R 78 58.52 18.96 -15.20
C GLY R 78 59.04 19.28 -13.81
N ILE R 79 58.54 18.57 -12.81
CA ILE R 79 59.06 18.70 -11.44
C ILE R 79 60.54 18.31 -11.36
N LEU R 80 60.91 17.17 -11.94
CA LEU R 80 62.30 16.69 -11.95
C LEU R 80 63.26 17.73 -12.53
N CYS R 81 62.95 18.22 -13.73
CA CYS R 81 63.72 19.29 -14.36
C CYS R 81 63.91 20.45 -13.39
N LEU R 82 62.80 21.07 -12.98
CA LEU R 82 62.80 22.27 -12.14
C LEU R 82 63.53 22.09 -10.80
N LYS R 83 63.65 20.85 -10.34
CA LYS R 83 64.39 20.57 -9.12
C LYS R 83 65.84 20.12 -9.36
N SER R 84 66.12 19.67 -10.59
CA SER R 84 67.48 19.30 -10.98
C SER R 84 68.32 20.54 -11.26
N ASP R 85 67.66 21.57 -11.78
CA ASP R 85 68.30 22.79 -12.24
C ASP R 85 67.29 23.93 -12.20
N ASP R 86 67.40 24.81 -11.20
CA ASP R 86 66.52 25.97 -11.12
C ASP R 86 67.26 27.30 -11.35
N SER R 87 68.42 27.23 -12.03
CA SER R 87 69.14 28.46 -12.40
C SER R 87 68.32 29.33 -13.35
N GLN R 88 67.65 28.69 -14.33
CA GLN R 88 66.62 29.36 -15.12
C GLN R 88 65.37 29.58 -14.27
N LYS R 89 65.17 30.83 -13.84
CA LYS R 89 64.10 31.18 -12.92
C LYS R 89 62.78 31.36 -13.68
N ASN R 90 62.26 30.21 -14.14
CA ASN R 90 61.10 30.14 -15.03
C ASN R 90 60.46 28.76 -14.86
N ASN R 91 59.30 28.71 -14.22
CA ASN R 91 58.62 27.43 -14.04
C ASN R 91 57.71 27.03 -15.23
N LEU R 92 57.41 28.00 -16.09
CA LEU R 92 56.59 27.73 -17.28
C LEU R 92 57.34 26.89 -18.31
N PHE R 93 57.10 25.58 -18.26
CA PHE R 93 57.63 24.64 -19.24
C PHE R 93 56.53 24.27 -20.24
N LEU R 94 56.89 24.28 -21.52
CA LEU R 94 55.95 23.94 -22.57
C LEU R 94 56.32 22.66 -23.29
N PHE R 95 55.29 21.94 -23.74
CA PHE R 95 55.43 20.69 -24.45
C PHE R 95 55.87 20.96 -25.90
N ALA R 96 57.12 20.62 -26.21
CA ALA R 96 57.68 20.84 -27.55
C ALA R 96 57.45 19.65 -28.48
N GLY R 97 57.63 18.45 -27.95
CA GLY R 97 57.40 17.22 -28.72
C GLY R 97 57.28 15.98 -27.84
N VAL R 98 56.46 15.03 -28.30
CA VAL R 98 56.34 13.73 -27.64
C VAL R 98 56.42 12.62 -28.68
N ASP R 99 57.01 11.49 -28.29
CA ASP R 99 57.32 10.42 -29.24
C ASP R 99 57.23 9.03 -28.62
N GLY R 100 56.67 8.10 -29.39
CA GLY R 100 56.54 6.70 -28.98
C GLY R 100 55.64 6.53 -27.77
N VAL R 101 54.40 6.98 -27.88
CA VAL R 101 53.44 6.84 -26.79
C VAL R 101 52.52 5.66 -27.08
N ARG R 102 52.50 4.72 -26.14
CA ARG R 102 51.63 3.55 -26.24
C ARG R 102 50.78 3.41 -24.98
N TRP R 103 49.47 3.27 -25.17
CA TRP R 103 48.58 2.94 -24.06
C TRP R 103 48.23 1.45 -24.10
N LYS R 104 48.39 0.78 -22.96
CA LYS R 104 48.21 -0.67 -22.88
C LYS R 104 46.85 -1.04 -22.30
N LYS R 105 46.42 -0.27 -21.31
CA LYS R 105 45.28 -0.65 -20.48
C LYS R 105 44.51 0.58 -20.02
N PRO R 106 43.17 0.53 -20.01
CA PRO R 106 42.38 1.68 -19.55
C PRO R 106 42.59 2.01 -18.07
N VAL R 107 42.73 3.29 -17.78
CA VAL R 107 42.82 3.78 -16.41
C VAL R 107 41.42 4.23 -16.00
N LEU R 108 40.93 3.69 -14.88
CA LEU R 108 39.53 3.86 -14.48
C LEU R 108 39.36 4.50 -13.10
N PRO R 109 38.16 5.06 -12.81
CA PRO R 109 37.91 5.59 -11.46
C PRO R 109 38.15 4.51 -10.41
N GLY R 110 38.89 4.87 -9.37
CA GLY R 110 39.28 3.93 -8.32
C GLY R 110 40.75 3.56 -8.37
N ASP R 111 41.39 3.76 -9.53
CA ASP R 111 42.78 3.38 -9.73
C ASP R 111 43.75 4.38 -9.13
N THR R 112 45.00 3.95 -8.94
CA THR R 112 46.12 4.85 -8.63
C THR R 112 47.05 4.74 -9.83
N LEU R 113 47.49 5.88 -10.33
CA LEU R 113 48.43 5.93 -11.44
C LEU R 113 49.82 6.23 -10.89
N THR R 114 50.62 5.17 -10.76
CA THR R 114 52.01 5.30 -10.34
C THR R 114 52.78 5.68 -11.59
N MET R 115 53.61 6.71 -11.48
CA MET R 115 54.28 7.28 -12.65
C MET R 115 55.77 7.49 -12.38
N GLN R 116 56.59 7.13 -13.36
CA GLN R 116 58.03 7.37 -13.29
C GLN R 116 58.54 8.06 -14.55
N ALA R 117 59.33 9.11 -14.35
CA ALA R 117 59.90 9.89 -15.43
C ALA R 117 61.42 9.98 -15.28
N ASN R 118 62.13 9.65 -16.35
CA ASN R 118 63.59 9.53 -16.31
C ASN R 118 64.27 10.49 -17.27
N LEU R 119 65.09 11.37 -16.72
CA LEU R 119 65.84 12.33 -17.52
C LEU R 119 66.84 11.63 -18.42
N ILE R 120 66.80 11.99 -19.70
CA ILE R 120 67.73 11.48 -20.71
C ILE R 120 68.84 12.49 -20.90
N SER R 121 68.46 13.71 -21.31
CA SER R 121 69.40 14.76 -21.67
C SER R 121 68.91 16.14 -21.26
N PHE R 122 69.81 16.94 -20.69
CA PHE R 122 69.49 18.31 -20.32
C PHE R 122 70.51 19.24 -20.97
N LYS R 123 69.99 20.25 -21.66
CA LYS R 123 70.82 21.25 -22.34
C LYS R 123 70.41 22.66 -21.91
N SER R 124 71.22 23.32 -21.08
CA SER R 124 71.00 24.75 -20.77
C SER R 124 71.04 25.59 -22.05
N SER R 125 71.74 25.06 -23.07
CA SER R 125 71.93 25.70 -24.38
C SER R 125 70.76 26.49 -24.95
N LEU R 126 69.68 25.77 -25.28
CA LEU R 126 68.45 26.40 -25.74
C LEU R 126 67.40 26.21 -24.63
N GLY R 127 67.75 25.38 -23.65
CA GLY R 127 66.81 24.99 -22.59
C GLY R 127 65.92 23.85 -23.05
N ILE R 128 66.55 22.77 -23.50
CA ILE R 128 65.82 21.61 -24.03
C ILE R 128 66.08 20.39 -23.17
N ALA R 129 65.02 19.92 -22.52
CA ALA R 129 65.08 18.71 -21.71
C ALA R 129 64.33 17.57 -22.38
N LYS R 130 64.94 16.38 -22.37
CA LYS R 130 64.31 15.18 -22.90
C LYS R 130 64.20 14.12 -21.81
N LEU R 131 63.00 13.55 -21.67
CA LEU R 131 62.75 12.53 -20.66
C LEU R 131 61.96 11.37 -21.25
N SER R 132 62.01 10.23 -20.57
CA SER R 132 61.08 9.12 -20.85
C SER R 132 60.14 8.98 -19.65
N GLY R 133 59.05 8.24 -19.83
CA GLY R 133 58.07 8.07 -18.78
C GLY R 133 57.25 6.80 -18.90
N VAL R 134 56.86 6.24 -17.76
CA VAL R 134 56.02 5.06 -17.68
C VAL R 134 54.99 5.24 -16.55
N GLY R 135 53.74 4.88 -16.81
CA GLY R 135 52.68 4.88 -15.80
C GLY R 135 52.17 3.47 -15.53
N TYR R 136 51.96 3.17 -14.25
CA TYR R 136 51.52 1.83 -13.82
C TYR R 136 50.17 1.85 -13.09
N VAL R 137 49.44 0.73 -13.21
CA VAL R 137 48.25 0.45 -12.40
C VAL R 137 48.38 -0.99 -11.94
N ASN R 138 48.46 -1.19 -10.62
CA ASN R 138 48.58 -2.51 -10.02
C ASN R 138 49.78 -3.31 -10.54
N GLY R 139 50.96 -2.68 -10.49
CA GLY R 139 52.21 -3.30 -10.93
C GLY R 139 52.33 -3.51 -12.43
N LYS R 140 51.24 -3.23 -13.16
CA LYS R 140 51.19 -3.43 -14.61
C LYS R 140 51.22 -2.12 -15.42
N VAL R 141 52.01 -2.13 -16.49
CA VAL R 141 52.21 -0.97 -17.38
C VAL R 141 50.93 -0.59 -18.14
N VAL R 142 50.55 0.69 -18.04
CA VAL R 142 49.41 1.22 -18.79
C VAL R 142 49.80 2.22 -19.88
N ILE R 143 50.92 2.93 -19.68
CA ILE R 143 51.38 3.90 -20.66
C ILE R 143 52.90 3.98 -20.79
N ASN R 144 53.38 3.81 -22.02
CA ASN R 144 54.79 4.02 -22.37
C ASN R 144 55.02 5.30 -23.16
N ILE R 145 56.08 6.01 -22.80
CA ILE R 145 56.53 7.16 -23.57
C ILE R 145 58.05 7.04 -23.73
N SER R 146 58.49 6.88 -24.98
CA SER R 146 59.92 6.78 -25.29
C SER R 146 60.62 8.12 -25.02
N GLU R 147 59.96 9.22 -25.39
CA GLU R 147 60.56 10.54 -25.30
C GLU R 147 59.53 11.67 -25.13
N MET R 148 59.79 12.52 -24.15
CA MET R 148 59.08 13.78 -23.95
C MET R 148 60.10 14.91 -24.09
N THR R 149 59.82 15.87 -24.96
CA THR R 149 60.73 17.00 -25.16
C THR R 149 60.12 18.30 -24.66
N PHE R 150 60.84 19.01 -23.78
CA PHE R 150 60.32 20.25 -23.20
C PHE R 150 61.23 21.46 -23.40
N ALA R 151 60.64 22.66 -23.28
CA ALA R 151 61.36 23.91 -23.56
C ALA R 151 60.97 25.04 -22.60
N LEU R 152 61.99 25.73 -22.07
CA LEU R 152 61.78 26.91 -21.24
C LEU R 152 61.25 28.06 -22.07
N SER R 153 60.06 28.56 -21.71
CA SER R 153 59.49 29.76 -22.33
C SER R 153 60.21 31.00 -21.83
N ASP S 8 34.69 20.84 40.43
CA ASP S 8 33.69 21.73 39.77
C ASP S 8 33.43 23.01 40.61
N THR S 9 33.28 22.79 41.92
CA THR S 9 32.79 23.80 42.89
C THR S 9 31.38 24.36 42.57
N SER S 10 30.68 23.66 41.66
CA SER S 10 29.27 23.95 41.35
C SER S 10 28.39 22.72 41.60
N ILE S 11 27.54 22.80 42.61
CA ILE S 11 26.73 21.66 43.08
C ILE S 11 25.26 21.73 42.64
N ASP S 12 24.58 20.59 42.68
CA ASP S 12 23.22 20.47 42.14
C ASP S 12 22.12 20.27 43.19
N ILE S 13 20.87 20.42 42.74
CA ILE S 13 19.69 20.28 43.60
C ILE S 13 19.63 18.97 44.41
N GLU S 14 20.21 17.90 43.86
CA GLU S 14 20.22 16.60 44.52
C GLU S 14 21.26 16.56 45.62
N ASP S 15 22.33 17.35 45.45
CA ASP S 15 23.40 17.41 46.42
C ASP S 15 23.13 18.45 47.50
N ILE S 16 22.64 19.63 47.09
CA ILE S 16 22.17 20.65 48.04
C ILE S 16 21.25 20.01 49.07
N LYS S 17 20.41 19.07 48.62
CA LYS S 17 19.50 18.33 49.47
C LYS S 17 20.24 17.44 50.49
N LYS S 18 21.41 16.94 50.10
CA LYS S 18 22.20 16.11 51.02
C LYS S 18 22.98 16.92 52.05
N ILE S 19 23.10 18.23 51.81
CA ILE S 19 23.64 19.15 52.81
C ILE S 19 22.50 19.75 53.64
N LEU S 20 21.64 20.53 52.98
CA LEU S 20 20.54 21.24 53.66
C LEU S 20 19.35 20.32 53.98
N PRO S 21 18.69 20.55 55.13
CA PRO S 21 17.46 19.81 55.40
C PRO S 21 16.21 20.42 54.78
N HIS S 22 16.30 21.70 54.36
CA HIS S 22 15.16 22.44 53.77
C HIS S 22 14.54 21.72 52.57
N ARG S 23 13.21 21.62 52.55
CA ARG S 23 12.49 20.99 51.44
C ARG S 23 11.40 21.92 50.89
N TYR S 24 10.64 21.43 49.92
CA TYR S 24 9.51 22.19 49.38
C TYR S 24 8.58 22.46 50.55
N PRO S 25 7.96 23.67 50.60
CA PRO S 25 8.08 24.81 49.70
C PRO S 25 9.03 25.87 50.24
N PHE S 26 10.09 25.45 50.94
CA PHE S 26 10.98 26.38 51.64
C PHE S 26 12.48 26.17 51.39
N LEU S 27 12.81 25.46 50.32
CA LEU S 27 14.18 25.42 49.82
C LEU S 27 14.26 26.48 48.72
N LEU S 28 15.16 27.45 48.93
CA LEU S 28 15.25 28.63 48.07
C LEU S 28 16.66 28.80 47.50
N VAL S 29 17.40 27.69 47.44
CA VAL S 29 18.67 27.65 46.73
C VAL S 29 18.54 26.63 45.60
N ASP S 30 18.55 27.10 44.36
CA ASP S 30 18.45 26.21 43.22
C ASP S 30 19.80 25.59 42.85
N LYS S 31 20.85 26.41 42.79
CA LYS S 31 22.17 25.92 42.40
C LYS S 31 23.33 26.67 43.06
N VAL S 32 24.30 25.92 43.56
CA VAL S 32 25.57 26.48 44.01
C VAL S 32 26.55 26.44 42.85
N ILE S 33 27.15 27.59 42.53
CA ILE S 33 28.04 27.69 41.36
C ILE S 33 29.53 27.88 41.67
N TYR S 34 29.82 28.41 42.86
CA TYR S 34 31.21 28.48 43.40
C TYR S 34 31.17 28.46 44.94
N MET S 35 32.16 27.82 45.55
CA MET S 35 32.22 27.71 47.01
C MET S 35 33.62 27.40 47.54
N GLN S 36 34.18 28.39 48.24
CA GLN S 36 35.51 28.28 48.84
C GLN S 36 35.42 28.10 50.36
N PRO S 37 35.80 26.90 50.85
CA PRO S 37 35.66 26.54 52.28
C PRO S 37 36.19 27.62 53.21
N ASN S 38 35.40 27.98 54.21
CA ASN S 38 35.77 29.00 55.21
C ASN S 38 36.01 30.41 54.64
N LYS S 39 35.56 30.64 53.40
CA LYS S 39 35.78 31.93 52.74
C LYS S 39 34.48 32.55 52.21
N THR S 40 34.02 32.04 51.06
CA THR S 40 32.88 32.63 50.37
C THR S 40 32.07 31.54 49.66
N ILE S 41 30.87 31.91 49.23
CA ILE S 41 30.00 31.01 48.47
C ILE S 41 29.16 31.85 47.52
N ILE S 42 28.89 31.28 46.35
CA ILE S 42 28.09 31.94 45.33
C ILE S 42 27.08 30.92 44.81
N GLY S 43 25.85 31.39 44.60
CA GLY S 43 24.77 30.55 44.10
C GLY S 43 23.67 31.39 43.48
N LEU S 44 22.59 30.72 43.06
CA LEU S 44 21.44 31.41 42.49
C LEU S 44 20.09 30.80 42.86
N LYS S 45 19.04 31.62 42.81
CA LYS S 45 17.67 31.17 43.01
C LYS S 45 16.84 31.66 41.84
N GLN S 46 16.28 30.73 41.10
CA GLN S 46 15.45 31.09 39.96
C GLN S 46 14.05 31.45 40.43
N VAL S 47 13.59 32.62 39.99
CA VAL S 47 12.34 33.20 40.45
C VAL S 47 11.28 33.10 39.35
N SER S 48 10.45 32.07 39.45
CA SER S 48 9.37 31.89 38.50
C SER S 48 8.05 32.43 39.06
N THR S 49 7.08 32.61 38.18
CA THR S 49 5.71 32.90 38.62
C THR S 49 5.07 31.66 39.20
N ASN S 50 5.58 30.49 38.78
CA ASN S 50 4.96 29.24 39.17
C ASN S 50 5.40 28.79 40.56
N GLU S 51 5.31 29.69 41.52
CA GLU S 51 5.73 29.38 42.88
C GLU S 51 4.58 29.62 43.84
N PRO S 52 4.45 28.78 44.87
CA PRO S 52 3.31 28.85 45.78
C PRO S 52 3.08 30.24 46.40
N PHE S 53 4.16 30.92 46.82
CA PHE S 53 4.00 32.21 47.52
C PHE S 53 3.41 33.31 46.66
N PHE S 54 3.66 33.27 45.35
CA PHE S 54 3.36 34.41 44.49
C PHE S 54 1.91 34.87 44.43
N ASN S 55 0.98 33.93 44.62
CA ASN S 55 -0.45 34.24 44.67
C ASN S 55 -0.88 35.12 45.85
N GLY S 56 0.05 35.36 46.78
CA GLY S 56 -0.28 36.07 48.01
C GLY S 56 0.61 37.26 48.29
N HIS S 57 1.50 37.56 47.36
CA HIS S 57 2.41 38.70 47.47
C HIS S 57 2.89 39.16 46.09
N PHE S 58 2.05 39.81 45.28
CA PHE S 58 0.67 40.15 45.61
C PHE S 58 -0.25 39.78 44.44
N PRO S 59 -1.57 39.60 44.70
CA PRO S 59 -2.51 39.31 43.64
C PRO S 59 -2.40 40.31 42.48
N GLN S 60 -2.34 41.61 42.80
CA GLN S 60 -2.26 42.68 41.80
C GLN S 60 -0.84 42.87 41.26
N LYS S 61 0.17 42.50 42.04
CA LYS S 61 1.56 42.78 41.69
C LYS S 61 2.53 41.77 42.30
N GLN S 62 2.88 40.74 41.52
CA GLN S 62 3.77 39.68 41.97
C GLN S 62 5.19 40.19 42.25
N ILE S 63 5.57 40.22 43.53
CA ILE S 63 6.90 40.65 43.97
C ILE S 63 7.45 39.73 45.04
N MET S 64 8.62 39.12 44.78
CA MET S 64 9.25 38.24 45.75
C MET S 64 9.41 38.95 47.12
N PRO S 65 8.82 38.36 48.18
CA PRO S 65 8.89 38.97 49.51
C PRO S 65 10.34 39.06 49.99
N GLY S 66 10.67 40.19 50.63
CA GLY S 66 12.03 40.47 51.10
C GLY S 66 12.56 39.46 52.10
N VAL S 67 11.66 38.92 52.93
CA VAL S 67 12.06 37.92 53.92
C VAL S 67 12.54 36.64 53.24
N LEU S 68 11.96 36.33 52.07
CA LEU S 68 12.35 35.14 51.32
C LEU S 68 13.64 35.37 50.52
N GLN S 69 14.03 36.64 50.37
CA GLN S 69 15.37 36.96 49.85
C GLN S 69 16.39 36.70 50.95
N ILE S 70 16.02 37.01 52.19
CA ILE S 70 16.86 36.78 53.35
C ILE S 70 17.10 35.29 53.54
N GLU S 71 16.01 34.54 53.62
CA GLU S 71 16.06 33.08 53.79
C GLU S 71 16.94 32.43 52.72
N ALA S 72 16.82 32.89 51.48
CA ALA S 72 17.66 32.41 50.37
C ALA S 72 19.14 32.53 50.75
N LEU S 73 19.61 33.76 50.93
CA LEU S 73 20.98 34.01 51.40
C LEU S 73 21.31 33.17 52.65
N ALA S 74 20.40 33.15 53.62
CA ALA S 74 20.59 32.35 54.84
C ALA S 74 20.95 30.90 54.52
N GLN S 75 20.13 30.27 53.69
CA GLN S 75 20.37 28.89 53.27
C GLN S 75 21.72 28.71 52.58
N LEU S 76 22.08 29.64 51.71
CA LEU S 76 23.34 29.60 50.99
C LEU S 76 24.48 29.63 51.99
N ALA S 77 24.51 30.67 52.82
CA ALA S 77 25.50 30.81 53.88
C ALA S 77 25.57 29.55 54.74
N GLY S 78 24.40 28.95 54.96
CA GLY S 78 24.27 27.69 55.68
C GLY S 78 25.07 26.58 55.01
N ILE S 79 24.98 26.49 53.69
CA ILE S 79 25.72 25.48 52.91
C ILE S 79 27.22 25.63 53.17
N LEU S 80 27.70 26.86 53.04
CA LEU S 80 29.11 27.20 53.30
C LEU S 80 29.54 26.66 54.66
N CYS S 81 28.78 27.01 55.71
CA CYS S 81 29.04 26.55 57.07
C CYS S 81 29.14 25.02 57.17
N LEU S 82 28.19 24.32 56.55
CA LEU S 82 28.09 22.85 56.68
C LEU S 82 29.11 22.08 55.84
N LYS S 83 29.81 22.78 54.93
CA LYS S 83 30.88 22.15 54.15
C LYS S 83 32.25 22.60 54.63
N SER S 84 32.30 23.76 55.28
CA SER S 84 33.55 24.26 55.86
C SER S 84 33.94 23.48 57.14
N ASP S 85 32.93 23.03 57.88
CA ASP S 85 33.15 22.39 59.18
C ASP S 85 31.95 21.52 59.59
N ASP S 86 32.00 20.24 59.26
CA ASP S 86 30.90 19.32 59.57
C ASP S 86 31.21 18.38 60.75
N SER S 87 32.24 18.71 61.53
CA SER S 87 32.62 17.90 62.70
C SER S 87 31.46 17.75 63.68
N GLN S 88 30.64 18.80 63.81
CA GLN S 88 29.34 18.71 64.46
C GLN S 88 28.33 18.25 63.41
N LYS S 89 27.92 16.99 63.53
CA LYS S 89 27.07 16.34 62.53
C LYS S 89 25.61 16.77 62.60
N ASN S 90 25.40 18.07 62.81
CA ASN S 90 24.06 18.64 62.85
C ASN S 90 23.87 19.60 61.68
N ASN S 91 22.84 19.36 60.87
CA ASN S 91 22.55 20.20 59.70
C ASN S 91 21.40 21.20 59.92
N LEU S 92 20.71 21.05 61.06
CA LEU S 92 19.64 21.98 61.45
C LEU S 92 20.23 23.24 62.06
N PHE S 93 20.47 24.23 61.20
CA PHE S 93 20.97 25.54 61.63
C PHE S 93 19.82 26.53 61.70
N LEU S 94 19.65 27.15 62.87
CA LEU S 94 18.58 28.13 63.08
C LEU S 94 19.10 29.57 63.13
N PHE S 95 18.35 30.46 62.47
CA PHE S 95 18.61 31.90 62.44
C PHE S 95 18.56 32.46 63.86
N ALA S 96 19.71 32.88 64.38
CA ALA S 96 19.76 33.47 65.72
C ALA S 96 19.52 34.97 65.66
N GLY S 97 19.94 35.60 64.57
CA GLY S 97 19.85 37.04 64.43
C GLY S 97 20.28 37.48 63.05
N VAL S 98 19.89 38.70 62.70
CA VAL S 98 20.26 39.30 61.43
C VAL S 98 20.31 40.83 61.61
N ASP S 99 21.15 41.48 60.81
CA ASP S 99 21.42 42.89 60.99
C ASP S 99 21.70 43.59 59.68
N GLY S 100 21.33 44.86 59.62
CA GLY S 100 21.69 45.73 58.49
C GLY S 100 21.20 45.24 57.14
N VAL S 101 19.98 44.70 57.09
CA VAL S 101 19.34 44.27 55.85
C VAL S 101 18.75 45.47 55.12
N ARG S 102 19.08 45.60 53.84
CA ARG S 102 18.50 46.65 53.00
C ARG S 102 18.05 46.07 51.66
N TRP S 103 16.84 46.44 51.26
CA TRP S 103 16.30 46.03 49.97
C TRP S 103 16.28 47.25 49.06
N LYS S 104 16.92 47.12 47.90
CA LYS S 104 17.13 48.23 46.98
C LYS S 104 16.13 48.21 45.83
N LYS S 105 15.85 47.01 45.33
CA LYS S 105 15.10 46.81 44.09
C LYS S 105 14.25 45.55 44.19
N PRO S 106 12.98 45.63 43.74
CA PRO S 106 12.11 44.46 43.65
C PRO S 106 12.69 43.30 42.83
N VAL S 107 12.54 42.08 43.34
CA VAL S 107 12.96 40.86 42.64
C VAL S 107 11.72 40.21 42.01
N LEU S 108 11.66 40.23 40.68
CA LEU S 108 10.43 39.88 39.95
C LEU S 108 10.49 38.50 39.31
N PRO S 109 9.31 37.90 38.99
CA PRO S 109 9.30 36.63 38.25
C PRO S 109 9.96 36.77 36.88
N GLY S 110 10.92 35.90 36.59
CA GLY S 110 11.72 36.00 35.38
C GLY S 110 13.18 36.31 35.70
N ASP S 111 13.42 36.80 36.92
CA ASP S 111 14.75 37.18 37.34
C ASP S 111 15.54 36.00 37.90
N THR S 112 16.86 36.13 37.89
CA THR S 112 17.75 35.14 38.47
C THR S 112 18.54 35.76 39.61
N LEU S 113 18.24 35.32 40.83
CA LEU S 113 18.84 35.87 42.04
C LEU S 113 20.21 35.27 42.32
N THR S 114 21.25 35.97 41.87
CA THR S 114 22.62 35.55 42.11
C THR S 114 23.06 35.99 43.50
N MET S 115 23.54 35.03 44.29
CA MET S 115 23.75 35.27 45.71
C MET S 115 25.20 35.01 46.11
N GLN S 116 25.70 35.83 47.04
CA GLN S 116 27.05 35.69 47.57
C GLN S 116 27.12 35.97 49.07
N ALA S 117 27.49 34.93 49.81
CA ALA S 117 27.68 35.03 51.25
C ALA S 117 29.16 34.90 51.61
N ASN S 118 29.59 35.71 52.57
CA ASN S 118 30.98 35.70 53.03
C ASN S 118 31.04 35.38 54.52
N LEU S 119 31.94 34.48 54.90
CA LEU S 119 32.14 34.16 56.31
C LEU S 119 32.99 35.23 57.02
N ILE S 120 32.57 35.60 58.23
CA ILE S 120 33.25 36.64 59.02
C ILE S 120 33.99 36.02 60.22
N SER S 121 33.29 35.15 60.94
CA SER S 121 33.87 34.40 62.05
C SER S 121 33.11 33.09 62.24
N PHE S 122 33.77 32.10 62.84
CA PHE S 122 33.16 30.81 63.15
C PHE S 122 33.78 30.25 64.43
N LYS S 123 32.96 30.23 65.50
CA LYS S 123 33.34 29.54 66.73
C LYS S 123 32.69 28.15 66.71
N SER S 124 33.25 27.26 65.89
CA SER S 124 32.80 25.87 65.80
C SER S 124 32.89 25.14 67.16
N SER S 125 33.52 25.81 68.13
CA SER S 125 33.50 25.39 69.53
C SER S 125 32.09 25.55 70.08
N LEU S 126 31.63 26.81 70.16
CA LEU S 126 30.31 27.14 70.71
C LEU S 126 29.20 26.77 69.73
N GLY S 127 29.35 27.24 68.47
CA GLY S 127 28.38 26.96 67.41
C GLY S 127 27.84 28.20 66.72
N ILE S 128 28.52 29.33 66.92
CA ILE S 128 28.09 30.65 66.41
C ILE S 128 28.75 31.00 65.08
N ALA S 129 27.92 31.08 64.03
CA ALA S 129 28.39 31.45 62.68
C ALA S 129 27.86 32.83 62.23
N LYS S 130 28.78 33.74 61.88
CA LYS S 130 28.44 35.09 61.45
C LYS S 130 28.84 35.32 59.99
N LEU S 131 27.88 35.70 59.17
CA LEU S 131 28.14 35.95 57.75
C LEU S 131 27.50 37.25 57.23
N SER S 132 28.07 37.79 56.15
CA SER S 132 27.46 38.88 55.39
C SER S 132 26.90 38.26 54.11
N GLY S 133 25.99 38.96 53.43
CA GLY S 133 25.39 38.47 52.19
C GLY S 133 25.00 39.59 51.25
N VAL S 134 25.12 39.32 49.95
CA VAL S 134 24.68 40.25 48.89
C VAL S 134 23.97 39.47 47.78
N GLY S 135 22.85 40.01 47.29
CA GLY S 135 22.06 39.37 46.22
C GLY S 135 21.86 40.25 45.01
N TYR S 136 22.25 39.74 43.85
CA TYR S 136 22.22 40.50 42.60
C TYR S 136 21.19 40.00 41.61
N VAL S 137 20.68 40.94 40.81
CA VAL S 137 19.90 40.63 39.61
C VAL S 137 20.53 41.45 38.48
N ASN S 138 20.97 40.75 37.43
CA ASN S 138 21.66 41.37 36.29
C ASN S 138 22.80 42.30 36.73
N GLY S 139 23.54 41.87 37.75
CA GLY S 139 24.65 42.65 38.29
C GLY S 139 24.25 43.81 39.20
N LYS S 140 22.98 44.22 39.15
CA LYS S 140 22.51 45.29 40.03
C LYS S 140 22.07 44.76 41.40
N VAL S 141 22.57 45.40 42.45
CA VAL S 141 22.33 44.96 43.83
C VAL S 141 20.87 45.17 44.22
N VAL S 142 20.22 44.10 44.70
CA VAL S 142 18.81 44.16 45.06
C VAL S 142 18.60 44.02 46.57
N ILE S 143 19.44 43.20 47.21
CA ILE S 143 19.43 43.08 48.67
C ILE S 143 20.85 43.13 49.24
N ASN S 144 21.01 43.88 50.33
CA ASN S 144 22.21 43.80 51.15
C ASN S 144 21.89 43.18 52.50
N ILE S 145 22.80 42.36 53.02
CA ILE S 145 22.78 41.97 54.43
C ILE S 145 24.18 42.14 55.02
N SER S 146 24.23 42.91 56.13
CA SER S 146 25.49 43.21 56.81
C SER S 146 25.98 42.03 57.64
N GLU S 147 25.06 41.36 58.34
CA GLU S 147 25.41 40.31 59.28
C GLU S 147 24.28 39.31 59.51
N MET S 148 24.54 38.06 59.13
CA MET S 148 23.65 36.95 59.43
C MET S 148 24.29 36.09 60.52
N THR S 149 23.53 35.81 61.57
CA THR S 149 24.03 35.04 62.71
C THR S 149 23.26 33.73 62.86
N PHE S 150 23.99 32.63 62.89
CA PHE S 150 23.35 31.32 62.89
C PHE S 150 23.70 30.41 64.06
N ALA S 151 22.65 29.96 64.73
CA ALA S 151 22.75 28.99 65.79
C ALA S 151 22.54 27.58 65.24
N LEU S 152 23.37 26.67 65.71
CA LEU S 152 23.21 25.25 65.47
C LEU S 152 22.33 24.69 66.59
N SER S 153 21.36 23.83 66.25
CA SER S 153 20.50 23.19 67.26
C SER S 153 20.99 21.78 67.62
N THR T 9 -11.88 48.34 69.12
CA THR T 9 -11.95 47.90 67.68
C THR T 9 -10.99 46.73 67.40
N SER T 10 -11.37 45.56 67.93
CA SER T 10 -10.70 44.30 67.58
C SER T 10 -11.01 44.00 66.12
N ILE T 11 -9.96 43.66 65.36
CA ILE T 11 -10.09 43.45 63.92
C ILE T 11 -9.82 41.98 63.55
N ASP T 12 -10.88 41.28 63.16
CA ASP T 12 -10.77 39.90 62.68
C ASP T 12 -10.20 39.85 61.25
N ILE T 13 -10.16 38.65 60.66
CA ILE T 13 -9.50 38.46 59.36
C ILE T 13 -10.20 39.16 58.20
N GLU T 14 -11.54 39.10 58.18
CA GLU T 14 -12.29 39.61 57.03
C GLU T 14 -11.95 41.09 56.79
N ASP T 15 -11.74 41.82 57.87
CA ASP T 15 -11.38 43.24 57.82
C ASP T 15 -9.89 43.47 57.63
N ILE T 16 -9.06 42.59 58.19
CA ILE T 16 -7.62 42.59 57.92
C ILE T 16 -7.38 42.56 56.40
N LYS T 17 -8.13 41.73 55.70
CA LYS T 17 -8.03 41.60 54.24
C LYS T 17 -8.44 42.86 53.48
N LYS T 18 -9.32 43.66 54.08
CA LYS T 18 -9.72 44.95 53.49
C LYS T 18 -8.67 46.03 53.74
N ILE T 19 -7.78 45.77 54.70
CA ILE T 19 -6.64 46.65 54.92
C ILE T 19 -5.45 46.16 54.11
N LEU T 20 -4.95 44.97 54.47
CA LEU T 20 -3.78 44.41 53.80
C LEU T 20 -4.10 43.86 52.40
N PRO T 21 -3.09 43.82 51.51
CA PRO T 21 -3.32 43.12 50.25
C PRO T 21 -2.93 41.64 50.31
N HIS T 22 -2.08 41.28 51.28
CA HIS T 22 -1.53 39.92 51.40
C HIS T 22 -2.61 38.86 51.46
N ARG T 23 -2.36 37.73 50.81
CA ARG T 23 -3.31 36.61 50.79
C ARG T 23 -2.63 35.28 51.14
N TYR T 24 -3.36 34.18 50.98
CA TYR T 24 -2.79 32.83 51.11
C TYR T 24 -1.76 32.65 50.00
N PRO T 25 -0.60 32.05 50.33
CA PRO T 25 -0.16 31.52 51.62
C PRO T 25 0.79 32.43 52.40
N PHE T 26 0.55 33.73 52.34
CA PHE T 26 1.48 34.72 52.91
C PHE T 26 0.76 35.85 53.68
N LEU T 27 -0.42 35.56 54.23
CA LEU T 27 -1.05 36.42 55.22
C LEU T 27 -0.76 35.83 56.59
N LEU T 28 -0.05 36.59 57.40
CA LEU T 28 0.53 36.06 58.63
C LEU T 28 0.03 36.77 59.89
N VAL T 29 -1.15 37.39 59.77
CA VAL T 29 -1.83 37.96 60.92
C VAL T 29 -3.24 37.41 60.94
N ASP T 30 -3.55 36.67 62.00
CA ASP T 30 -4.85 36.06 62.15
C ASP T 30 -5.86 37.03 62.76
N LYS T 31 -5.43 37.75 63.79
CA LYS T 31 -6.33 38.66 64.50
C LYS T 31 -5.62 39.84 65.14
N VAL T 32 -6.14 41.04 64.90
CA VAL T 32 -5.77 42.21 65.70
C VAL T 32 -6.62 42.23 66.98
N ILE T 33 -5.98 42.40 68.14
CA ILE T 33 -6.70 42.47 69.41
C ILE T 33 -6.81 43.89 70.02
N TYR T 34 -5.78 44.71 69.82
CA TYR T 34 -5.81 46.12 70.25
C TYR T 34 -4.97 47.01 69.33
N MET T 35 -5.50 48.18 69.00
CA MET T 35 -4.78 49.11 68.12
C MET T 35 -5.05 50.58 68.45
N GLN T 36 -3.97 51.32 68.70
CA GLN T 36 -4.05 52.74 68.99
C GLN T 36 -3.38 53.51 67.85
N PRO T 37 -4.19 54.28 67.08
CA PRO T 37 -3.67 55.00 65.90
C PRO T 37 -2.44 55.82 66.24
N ASN T 38 -1.44 55.77 65.36
CA ASN T 38 -0.17 56.51 65.52
C ASN T 38 0.71 56.08 66.71
N LYS T 39 0.30 55.04 67.43
CA LYS T 39 1.00 54.62 68.66
C LYS T 39 1.48 53.16 68.69
N THR T 40 0.55 52.23 68.89
CA THR T 40 0.90 50.83 69.11
C THR T 40 -0.19 49.87 68.61
N ILE T 41 0.26 48.70 68.14
CA ILE T 41 -0.66 47.66 67.70
C ILE T 41 -0.32 46.31 68.33
N ILE T 42 -1.36 45.53 68.62
CA ILE T 42 -1.20 44.19 69.17
C ILE T 42 -2.08 43.22 68.38
N GLY T 43 -1.55 42.02 68.14
CA GLY T 43 -2.26 40.99 67.38
C GLY T 43 -1.63 39.62 67.56
N LEU T 44 -2.17 38.62 66.86
CA LEU T 44 -1.61 37.27 66.93
C LEU T 44 -1.62 36.51 65.61
N LYS T 45 -0.72 35.53 65.53
CA LYS T 45 -0.71 34.55 64.45
C LYS T 45 -0.66 33.16 65.07
N GLN T 46 -1.71 32.37 64.81
CA GLN T 46 -1.79 31.02 65.33
C GLN T 46 -0.92 30.08 64.51
N VAL T 47 0.02 29.44 65.18
CA VAL T 47 0.96 28.55 64.53
C VAL T 47 0.45 27.11 64.59
N SER T 48 -0.09 26.65 63.46
CA SER T 48 -0.62 25.29 63.35
C SER T 48 0.36 24.45 62.56
N THR T 49 0.31 23.13 62.75
CA THR T 49 1.13 22.20 61.94
C THR T 49 0.56 22.06 60.52
N ASN T 50 -0.70 22.50 60.34
CA ASN T 50 -1.41 22.35 59.09
C ASN T 50 -1.18 23.59 58.21
N GLU T 51 0.07 24.02 58.15
CA GLU T 51 0.48 25.16 57.35
C GLU T 51 1.45 24.69 56.26
N PRO T 52 1.32 25.26 55.04
CA PRO T 52 2.11 24.75 53.91
C PRO T 52 3.61 24.73 54.15
N PHE T 53 4.15 25.76 54.81
CA PHE T 53 5.60 25.88 54.98
C PHE T 53 6.23 24.79 55.84
N PHE T 54 5.46 24.22 56.77
CA PHE T 54 6.06 23.31 57.75
C PHE T 54 6.67 22.06 57.12
N ASN T 55 6.15 21.67 55.97
CA ASN T 55 6.70 20.52 55.23
C ASN T 55 8.12 20.70 54.71
N GLY T 56 8.65 21.92 54.81
CA GLY T 56 10.00 22.20 54.35
C GLY T 56 10.87 22.95 55.35
N HIS T 57 10.43 23.03 56.60
CA HIS T 57 11.19 23.72 57.64
C HIS T 57 10.75 23.25 59.05
N PHE T 58 11.05 22.00 59.43
CA PHE T 58 11.80 21.01 58.65
C PHE T 58 11.09 19.64 58.68
N PRO T 59 11.55 18.66 57.87
CA PRO T 59 10.88 17.34 57.83
C PRO T 59 11.05 16.55 59.12
N GLN T 60 12.19 16.78 59.77
CA GLN T 60 12.61 16.11 61.00
C GLN T 60 12.11 16.85 62.25
N LYS T 61 11.91 18.16 62.11
CA LYS T 61 11.64 19.04 63.26
C LYS T 61 10.97 20.34 62.83
N GLN T 62 9.64 20.34 62.85
CA GLN T 62 8.85 21.49 62.44
C GLN T 62 9.11 22.68 63.37
N ILE T 63 9.79 23.70 62.83
CA ILE T 63 10.06 24.97 63.53
C ILE T 63 9.76 26.16 62.60
N MET T 64 8.83 27.03 63.00
CA MET T 64 8.43 28.18 62.18
C MET T 64 9.63 29.07 61.81
N PRO T 65 9.81 29.35 60.50
CA PRO T 65 10.87 30.19 59.98
C PRO T 65 11.03 31.53 60.69
N GLY T 66 12.26 31.78 61.16
CA GLY T 66 12.62 33.08 61.72
C GLY T 66 12.14 34.21 60.85
N VAL T 67 12.33 34.06 59.55
CA VAL T 67 11.92 35.06 58.57
C VAL T 67 10.40 35.32 58.56
N LEU T 68 9.60 34.28 58.77
CA LEU T 68 8.14 34.40 58.75
C LEU T 68 7.59 35.06 60.02
N GLN T 69 8.38 35.04 61.09
CA GLN T 69 8.10 35.83 62.28
C GLN T 69 8.31 37.32 61.98
N ILE T 70 9.39 37.62 61.25
CA ILE T 70 9.64 38.98 60.76
C ILE T 70 8.44 39.48 59.97
N GLU T 71 8.05 38.71 58.95
CA GLU T 71 6.94 39.08 58.07
C GLU T 71 5.64 39.22 58.86
N ALA T 72 5.40 38.28 59.79
CA ALA T 72 4.27 38.37 60.71
C ALA T 72 4.23 39.75 61.39
N LEU T 73 5.32 40.11 62.07
CA LEU T 73 5.41 41.42 62.73
C LEU T 73 5.33 42.60 61.74
N ALA T 74 5.74 42.36 60.51
CA ALA T 74 5.82 43.42 59.48
C ALA T 74 4.44 43.81 58.98
N GLN T 75 3.62 42.79 58.75
CA GLN T 75 2.24 42.97 58.34
C GLN T 75 1.40 43.66 59.42
N LEU T 76 1.61 43.28 60.68
CA LEU T 76 0.90 43.90 61.80
C LEU T 76 1.24 45.39 61.93
N ALA T 77 2.53 45.69 61.77
CA ALA T 77 3.01 47.07 61.74
C ALA T 77 2.45 47.79 60.52
N GLY T 78 2.27 47.04 59.43
CA GLY T 78 1.69 47.56 58.19
C GLY T 78 0.23 47.97 58.33
N ILE T 79 -0.52 47.21 59.12
CA ILE T 79 -1.90 47.54 59.46
C ILE T 79 -1.99 48.88 60.21
N LEU T 80 -1.11 49.05 61.22
CA LEU T 80 -1.06 50.29 62.00
C LEU T 80 -0.86 51.52 61.10
N CYS T 81 0.18 51.50 60.28
CA CYS T 81 0.46 52.58 59.32
C CYS T 81 -0.75 52.93 58.48
N LEU T 82 -1.38 51.91 57.90
CA LEU T 82 -2.53 52.10 57.00
C LEU T 82 -3.82 52.56 57.69
N LYS T 83 -3.91 52.33 59.00
CA LYS T 83 -5.07 52.81 59.78
C LYS T 83 -4.76 54.14 60.47
N SER T 84 -3.48 54.43 60.67
CA SER T 84 -3.06 55.70 61.25
C SER T 84 -3.31 56.86 60.29
N ASP T 85 -2.85 56.68 59.05
CA ASP T 85 -2.95 57.70 58.01
C ASP T 85 -3.22 57.02 56.67
N ASP T 86 -4.49 57.05 56.23
CA ASP T 86 -4.88 56.42 54.96
C ASP T 86 -5.05 57.43 53.82
N SER T 87 -4.51 58.64 54.00
CA SER T 87 -4.57 59.70 52.99
C SER T 87 -3.90 59.25 51.70
N GLN T 88 -2.80 58.51 51.83
CA GLN T 88 -2.17 57.85 50.70
C GLN T 88 -2.86 56.50 50.47
N LYS T 89 -3.79 56.48 49.52
CA LYS T 89 -4.63 55.30 49.28
C LYS T 89 -3.84 54.15 48.60
N ASN T 90 -2.64 53.90 49.13
CA ASN T 90 -1.78 52.82 48.66
C ASN T 90 -1.60 51.83 49.81
N ASN T 91 -2.19 50.64 49.67
CA ASN T 91 -2.06 49.59 50.70
C ASN T 91 -0.87 48.64 50.47
N LEU T 92 -0.29 48.70 49.27
CA LEU T 92 0.93 47.96 48.97
C LEU T 92 2.14 48.65 49.62
N PHE T 93 2.45 48.22 50.84
CA PHE T 93 3.64 48.68 51.57
C PHE T 93 4.79 47.69 51.34
N LEU T 94 5.99 48.22 51.11
CA LEU T 94 7.15 47.35 50.88
C LEU T 94 8.25 47.50 51.93
N PHE T 95 8.79 46.35 52.38
CA PHE T 95 9.92 46.27 53.30
C PHE T 95 11.15 46.93 52.70
N ALA T 96 11.56 48.07 53.27
CA ALA T 96 12.71 48.84 52.77
C ALA T 96 13.99 48.59 53.56
N GLY T 97 13.83 48.13 54.80
CA GLY T 97 14.97 47.80 55.66
C GLY T 97 14.48 47.22 56.98
N VAL T 98 15.34 46.41 57.59
CA VAL T 98 15.05 45.85 58.91
C VAL T 98 16.34 45.73 59.71
N ASP T 99 16.24 45.94 61.03
CA ASP T 99 17.42 46.08 61.87
C ASP T 99 17.26 45.54 63.28
N GLY T 100 18.30 44.85 63.75
CA GLY T 100 18.37 44.39 65.13
C GLY T 100 17.39 43.30 65.48
N VAL T 101 17.22 42.36 64.55
CA VAL T 101 16.36 41.22 64.78
C VAL T 101 17.08 40.19 65.64
N ARG T 102 16.42 39.77 66.72
CA ARG T 102 16.94 38.73 67.60
C ARG T 102 15.89 37.66 67.82
N TRP T 103 16.19 36.42 67.40
CA TRP T 103 15.33 35.28 67.71
C TRP T 103 15.86 34.58 68.96
N LYS T 104 15.03 34.53 70.00
CA LYS T 104 15.47 34.03 71.31
C LYS T 104 15.10 32.57 71.53
N LYS T 105 13.94 32.19 71.02
CA LYS T 105 13.33 30.91 71.34
C LYS T 105 12.50 30.44 70.15
N PRO T 106 12.64 29.15 69.75
CA PRO T 106 11.88 28.56 68.63
C PRO T 106 10.36 28.59 68.83
N VAL T 107 9.63 28.91 67.75
CA VAL T 107 8.16 28.91 67.77
C VAL T 107 7.62 27.64 67.09
N LEU T 108 6.83 26.85 67.83
CA LEU T 108 6.48 25.50 67.40
C LEU T 108 4.98 25.35 67.12
N PRO T 109 4.58 24.27 66.41
CA PRO T 109 3.16 24.05 66.18
C PRO T 109 2.43 23.92 67.50
N GLY T 110 1.28 24.59 67.61
CA GLY T 110 0.50 24.59 68.84
C GLY T 110 0.68 25.87 69.63
N ASP T 111 1.66 26.69 69.23
CA ASP T 111 1.91 27.98 69.87
C ASP T 111 1.07 29.08 69.25
N THR T 112 0.87 30.15 70.01
CA THR T 112 0.16 31.33 69.55
C THR T 112 1.13 32.49 69.66
N LEU T 113 1.50 33.03 68.49
CA LEU T 113 2.45 34.12 68.41
C LEU T 113 1.75 35.46 68.61
N THR T 114 1.84 35.99 69.83
CA THR T 114 1.29 37.30 70.15
C THR T 114 2.34 38.34 69.74
N MET T 115 1.89 39.37 69.02
CA MET T 115 2.82 40.33 68.44
C MET T 115 2.46 41.78 68.77
N GLN T 116 3.48 42.55 69.14
CA GLN T 116 3.30 43.97 69.45
C GLN T 116 4.28 44.84 68.69
N ALA T 117 3.73 45.76 67.89
CA ALA T 117 4.53 46.70 67.12
C ALA T 117 4.26 48.13 67.60
N ASN T 118 5.29 48.97 67.53
CA ASN T 118 5.24 50.35 68.04
C ASN T 118 5.83 51.35 67.04
N LEU T 119 5.10 52.43 66.80
CA LEU T 119 5.51 53.42 65.82
C LEU T 119 6.62 54.35 66.34
N ILE T 120 7.70 54.46 65.56
CA ILE T 120 8.84 55.30 65.92
C ILE T 120 8.80 56.66 65.21
N SER T 121 8.56 56.65 63.89
CA SER T 121 8.40 57.87 63.11
C SER T 121 7.53 57.63 61.89
N PHE T 122 6.90 58.70 61.39
CA PHE T 122 6.11 58.68 60.17
C PHE T 122 6.26 60.02 59.42
N LYS T 123 6.59 59.93 58.13
CA LYS T 123 6.70 61.12 57.27
C LYS T 123 6.07 60.88 55.89
N ILE T 128 7.71 57.44 54.49
CA ILE T 128 8.66 56.50 55.08
C ILE T 128 8.30 56.27 56.54
N ALA T 129 8.21 54.99 56.94
CA ALA T 129 7.75 54.64 58.29
C ALA T 129 8.71 53.68 59.01
N LYS T 130 9.00 54.01 60.27
CA LYS T 130 9.87 53.19 61.12
C LYS T 130 9.12 52.70 62.36
N LEU T 131 9.31 51.42 62.70
CA LEU T 131 8.62 50.79 63.83
C LEU T 131 9.54 49.78 64.52
N SER T 132 9.27 49.50 65.78
CA SER T 132 9.91 48.37 66.45
C SER T 132 8.87 47.26 66.54
N GLY T 133 9.27 46.07 66.99
CA GLY T 133 8.32 44.97 67.12
C GLY T 133 8.81 43.82 67.98
N VAL T 134 7.94 43.36 68.88
CA VAL T 134 8.23 42.22 69.77
C VAL T 134 7.18 41.13 69.59
N GLY T 135 7.62 39.88 69.53
CA GLY T 135 6.71 38.74 69.42
C GLY T 135 6.88 37.77 70.57
N TYR T 136 5.78 37.42 71.23
CA TYR T 136 5.80 36.58 72.43
C TYR T 136 5.15 35.21 72.19
N VAL T 137 5.56 34.25 73.01
CA VAL T 137 4.89 32.95 73.11
C VAL T 137 4.69 32.68 74.61
N ASN T 138 3.44 32.61 75.04
CA ASN T 138 3.10 32.43 76.47
C ASN T 138 3.73 33.48 77.40
N GLY T 139 4.00 34.66 76.85
CA GLY T 139 4.61 35.74 77.64
C GLY T 139 6.14 35.77 77.64
N LYS T 140 6.77 34.69 77.15
CA LYS T 140 8.21 34.69 76.93
C LYS T 140 8.53 35.23 75.53
N VAL T 141 9.43 36.20 75.48
CA VAL T 141 9.87 36.81 74.22
C VAL T 141 10.59 35.77 73.37
N VAL T 142 10.19 35.67 72.10
CA VAL T 142 10.83 34.76 71.15
C VAL T 142 11.53 35.52 70.03
N ILE T 143 11.04 36.72 69.70
CA ILE T 143 11.64 37.55 68.65
C ILE T 143 11.60 39.03 69.00
N ASN T 144 12.75 39.70 68.83
CA ASN T 144 12.83 41.16 68.94
C ASN T 144 13.24 41.79 67.62
N ILE T 145 12.60 42.91 67.28
CA ILE T 145 13.06 43.74 66.17
C ILE T 145 13.19 45.18 66.61
N SER T 146 14.38 45.74 66.44
CA SER T 146 14.66 47.10 66.88
C SER T 146 14.03 48.14 65.95
N GLU T 147 14.14 47.90 64.65
CA GLU T 147 13.62 48.85 63.66
C GLU T 147 13.23 48.14 62.36
N MET T 148 11.92 48.23 62.05
CA MET T 148 11.39 47.84 60.75
C MET T 148 11.17 49.13 59.95
N THR T 149 11.62 49.14 58.69
CA THR T 149 11.51 50.33 57.85
C THR T 149 10.70 50.05 56.57
N PHE T 150 9.74 50.92 56.30
CA PHE T 150 8.81 50.71 55.18
C PHE T 150 8.61 51.92 54.27
N ALA T 151 7.90 51.69 53.17
CA ALA T 151 7.51 52.74 52.23
C ALA T 151 6.07 52.53 51.75
N LEU T 152 5.34 53.64 51.63
CA LEU T 152 3.99 53.65 51.05
C LEU T 152 4.08 53.73 49.53
N SER T 153 5.00 52.94 48.97
CA SER T 153 5.26 52.86 47.53
C SER T 153 4.06 52.31 46.76
N THR U 9 -4.45 -9.13 34.70
CA THR U 9 -5.18 -8.87 35.97
C THR U 9 -5.37 -7.36 36.16
N SER U 10 -6.37 -7.01 36.97
CA SER U 10 -6.70 -5.62 37.31
C SER U 10 -5.75 -5.05 38.34
N ILE U 11 -5.23 -3.85 38.09
CA ILE U 11 -4.39 -3.16 39.09
C ILE U 11 -5.21 -2.15 39.90
N ASP U 12 -4.99 -2.15 41.20
CA ASP U 12 -5.55 -1.16 42.13
C ASP U 12 -4.67 0.10 42.13
N ILE U 13 -4.78 0.92 43.18
CA ILE U 13 -3.98 2.17 43.27
C ILE U 13 -2.58 1.99 43.90
N GLU U 14 -2.54 1.39 45.10
CA GLU U 14 -1.29 1.30 45.89
C GLU U 14 -0.13 0.64 45.14
N ASP U 15 -0.48 -0.26 44.22
CA ASP U 15 0.51 -0.97 43.41
C ASP U 15 1.08 -0.08 42.30
N ILE U 16 0.22 0.73 41.68
CA ILE U 16 0.67 1.72 40.69
C ILE U 16 1.88 2.48 41.22
N LYS U 17 1.82 2.83 42.51
CA LYS U 17 2.92 3.51 43.18
C LYS U 17 4.20 2.67 43.31
N LYS U 18 4.06 1.36 43.45
CA LYS U 18 5.22 0.47 43.51
C LYS U 18 5.88 0.27 42.13
N ILE U 19 5.10 0.36 41.07
CA ILE U 19 5.65 0.33 39.71
C ILE U 19 6.24 1.69 39.34
N LEU U 20 5.39 2.72 39.34
CA LEU U 20 5.77 4.06 38.89
C LEU U 20 6.51 4.82 39.99
N PRO U 21 7.37 5.78 39.62
CA PRO U 21 7.95 6.62 40.67
C PRO U 21 7.17 7.91 40.89
N HIS U 22 6.26 8.24 39.96
CA HIS U 22 5.44 9.46 40.03
C HIS U 22 4.66 9.55 41.35
N ARG U 23 4.54 10.77 41.87
CA ARG U 23 3.77 11.06 43.07
C ARG U 23 2.92 12.32 42.86
N TYR U 24 2.27 12.79 43.92
CA TYR U 24 1.46 14.01 43.87
C TYR U 24 2.35 15.23 43.60
N PRO U 25 1.89 16.19 42.77
CA PRO U 25 0.63 16.30 42.01
C PRO U 25 0.72 15.80 40.55
N PHE U 26 1.62 14.85 40.29
CA PHE U 26 1.87 14.45 38.91
C PHE U 26 1.64 12.96 38.62
N LEU U 27 0.87 12.31 39.49
CA LEU U 27 0.44 10.93 39.25
C LEU U 27 -0.97 11.00 38.68
N LEU U 28 -1.12 10.59 37.41
CA LEU U 28 -2.35 10.82 36.67
C LEU U 28 -3.00 9.54 36.15
N VAL U 29 -2.61 8.41 36.71
CA VAL U 29 -3.31 7.16 36.47
C VAL U 29 -3.89 6.71 37.81
N ASP U 30 -5.22 6.75 37.91
CA ASP U 30 -5.89 6.32 39.14
C ASP U 30 -6.03 4.80 39.25
N LYS U 31 -6.42 4.15 38.15
CA LYS U 31 -6.64 2.71 38.19
C LYS U 31 -6.36 2.07 36.84
N VAL U 32 -5.54 1.02 36.86
CA VAL U 32 -5.32 0.16 35.69
C VAL U 32 -6.36 -0.95 35.75
N ILE U 33 -7.17 -1.05 34.70
CA ILE U 33 -8.32 -1.96 34.72
C ILE U 33 -8.13 -3.25 33.88
N TYR U 34 -7.32 -3.15 32.83
CA TYR U 34 -6.84 -4.33 32.10
C TYR U 34 -5.40 -4.10 31.63
N MET U 35 -4.60 -5.16 31.65
CA MET U 35 -3.23 -5.08 31.14
C MET U 35 -2.70 -6.42 30.62
N GLN U 36 -2.31 -6.42 29.36
CA GLN U 36 -1.74 -7.58 28.72
C GLN U 36 -0.29 -7.31 28.35
N PRO U 37 0.65 -8.03 28.99
CA PRO U 37 2.08 -7.77 28.80
C PRO U 37 2.48 -7.84 27.33
N ASN U 38 3.41 -6.96 26.94
CA ASN U 38 3.90 -6.83 25.56
C ASN U 38 2.84 -6.53 24.48
N LYS U 39 1.65 -6.08 24.89
CA LYS U 39 0.58 -5.83 23.93
C LYS U 39 -0.23 -4.55 24.16
N THR U 40 -1.04 -4.54 25.22
CA THR U 40 -1.94 -3.41 25.51
C THR U 40 -2.18 -3.18 27.00
N ILE U 41 -2.70 -1.99 27.32
CA ILE U 41 -3.00 -1.60 28.70
C ILE U 41 -4.17 -0.62 28.73
N ILE U 42 -5.09 -0.84 29.68
CA ILE U 42 -6.24 0.03 29.84
C ILE U 42 -6.34 0.52 31.29
N GLY U 43 -6.61 1.81 31.43
CA GLY U 43 -6.76 2.43 32.73
C GLY U 43 -7.70 3.63 32.73
N LEU U 44 -7.81 4.28 33.89
CA LEU U 44 -8.59 5.51 33.99
C LEU U 44 -7.94 6.60 34.85
N LYS U 45 -8.28 7.85 34.51
CA LYS U 45 -8.01 8.99 35.38
C LYS U 45 -9.29 9.77 35.66
N GLN U 46 -9.67 9.79 36.94
CA GLN U 46 -10.84 10.50 37.41
C GLN U 46 -10.54 11.99 37.51
N VAL U 47 -11.40 12.78 36.87
CA VAL U 47 -11.17 14.21 36.74
C VAL U 47 -12.09 14.99 37.66
N SER U 48 -11.61 15.25 38.87
CA SER U 48 -12.34 16.01 39.89
C SER U 48 -11.99 17.48 39.78
N THR U 49 -12.88 18.35 40.26
CA THR U 49 -12.55 19.78 40.34
C THR U 49 -11.51 20.05 41.42
N ASN U 50 -11.36 19.07 42.32
CA ASN U 50 -10.52 19.20 43.51
C ASN U 50 -9.09 18.77 43.17
N GLU U 51 -8.58 19.33 42.07
CA GLU U 51 -7.25 19.04 41.57
C GLU U 51 -6.43 20.33 41.48
N PRO U 52 -5.13 20.27 41.83
CA PRO U 52 -4.32 21.49 41.92
C PRO U 52 -4.28 22.33 40.64
N PHE U 53 -4.29 21.70 39.47
CA PHE U 53 -4.10 22.44 38.22
C PHE U 53 -5.30 23.27 37.77
N PHE U 54 -6.48 22.93 38.27
CA PHE U 54 -7.72 23.54 37.79
C PHE U 54 -7.89 25.03 38.12
N ASN U 55 -7.20 25.50 39.15
CA ASN U 55 -7.28 26.92 39.52
C ASN U 55 -6.55 27.88 38.59
N GLY U 56 -5.90 27.34 37.55
CA GLY U 56 -5.13 28.15 36.62
C GLY U 56 -5.26 27.71 35.17
N HIS U 57 -6.17 26.77 34.93
CA HIS U 57 -6.47 26.32 33.57
C HIS U 57 -7.94 25.85 33.53
N PHE U 58 -8.90 26.77 33.67
CA PHE U 58 -8.67 28.22 33.82
C PHE U 58 -9.56 28.73 34.94
N PRO U 59 -9.26 29.94 35.48
CA PRO U 59 -10.15 30.52 36.49
C PRO U 59 -11.61 30.72 36.02
N GLN U 60 -11.82 31.03 34.73
CA GLN U 60 -13.18 31.23 34.20
C GLN U 60 -13.83 29.92 33.73
N LYS U 61 -12.99 28.95 33.35
CA LYS U 61 -13.47 27.75 32.68
C LYS U 61 -12.51 26.60 32.92
N GLN U 62 -12.89 25.72 33.83
CA GLN U 62 -12.03 24.62 34.22
C GLN U 62 -11.98 23.56 33.11
N ILE U 63 -10.81 23.43 32.47
CA ILE U 63 -10.58 22.47 31.39
C ILE U 63 -9.25 21.74 31.56
N MET U 64 -9.30 20.41 31.64
CA MET U 64 -8.07 19.62 31.76
C MET U 64 -7.09 19.96 30.63
N PRO U 65 -5.86 20.34 30.99
CA PRO U 65 -4.80 20.60 30.02
C PRO U 65 -4.55 19.41 29.10
N GLY U 66 -4.46 19.69 27.80
CA GLY U 66 -4.11 18.66 26.82
C GLY U 66 -2.82 17.92 27.18
N VAL U 67 -1.81 18.66 27.60
CA VAL U 67 -0.52 18.06 27.96
C VAL U 67 -0.65 17.02 29.09
N LEU U 68 -1.59 17.23 30.00
CA LEU U 68 -1.78 16.34 31.14
C LEU U 68 -2.59 15.10 30.74
N GLN U 69 -3.39 15.24 29.70
CA GLN U 69 -3.97 14.09 29.00
C GLN U 69 -2.83 13.26 28.38
N ILE U 70 -1.88 13.95 27.73
CA ILE U 70 -0.68 13.31 27.17
C ILE U 70 0.07 12.54 28.27
N GLU U 71 0.36 13.23 29.38
CA GLU U 71 1.09 12.61 30.50
C GLU U 71 0.37 11.39 31.07
N ALA U 72 -0.96 11.48 31.18
CA ALA U 72 -1.76 10.38 31.71
C ALA U 72 -1.57 9.11 30.88
N LEU U 73 -1.90 9.22 29.59
CA LEU U 73 -1.63 8.13 28.63
C LEU U 73 -0.20 7.65 28.72
N ALA U 74 0.74 8.59 28.76
CA ALA U 74 2.14 8.22 28.84
C ALA U 74 2.43 7.36 30.09
N GLN U 75 1.97 7.82 31.26
CA GLN U 75 2.22 7.13 32.52
C GLN U 75 1.69 5.70 32.53
N LEU U 76 0.50 5.51 31.95
CA LEU U 76 -0.11 4.20 31.77
C LEU U 76 0.78 3.33 30.87
N ALA U 77 1.18 3.89 29.72
CA ALA U 77 2.06 3.21 28.78
C ALA U 77 3.35 2.77 29.48
N GLY U 78 3.85 3.64 30.36
CA GLY U 78 5.05 3.36 31.15
C GLY U 78 4.86 2.13 32.03
N ILE U 79 3.67 2.03 32.63
CA ILE U 79 3.30 0.84 33.41
C ILE U 79 3.48 -0.39 32.53
N LEU U 80 2.80 -0.38 31.37
CA LEU U 80 2.90 -1.46 30.40
C LEU U 80 4.34 -1.92 30.15
N CYS U 81 5.22 -0.96 29.83
CA CYS U 81 6.64 -1.25 29.60
C CYS U 81 7.30 -1.92 30.80
N LEU U 82 7.07 -1.36 31.98
CA LEU U 82 7.72 -1.84 33.20
C LEU U 82 7.28 -3.26 33.63
N LYS U 83 6.03 -3.60 33.35
CA LYS U 83 5.50 -4.93 33.70
C LYS U 83 5.81 -6.00 32.65
N SER U 84 5.82 -5.60 31.38
CA SER U 84 6.21 -6.48 30.27
C SER U 84 7.64 -6.98 30.43
N ASP U 85 8.55 -6.07 30.80
CA ASP U 85 9.98 -6.34 30.83
C ASP U 85 10.65 -5.54 31.95
N ASP U 86 10.82 -6.18 33.12
CA ASP U 86 11.48 -5.52 34.27
C ASP U 86 12.87 -6.09 34.57
N SER U 87 13.51 -6.69 33.56
CA SER U 87 14.91 -7.12 33.72
C SER U 87 15.80 -5.90 34.01
N GLN U 88 15.54 -4.80 33.32
CA GLN U 88 16.16 -3.51 33.61
C GLN U 88 15.44 -2.87 34.81
N LYS U 89 16.06 -2.98 35.99
CA LYS U 89 15.47 -2.47 37.24
C LYS U 89 15.50 -0.94 37.34
N ASN U 90 15.06 -0.29 36.27
CA ASN U 90 14.98 1.17 36.20
C ASN U 90 13.54 1.57 35.90
N ASN U 91 12.83 2.09 36.90
CA ASN U 91 11.46 2.55 36.72
C ASN U 91 11.35 4.02 36.27
N LEU U 92 12.48 4.72 36.28
CA LEU U 92 12.57 6.09 35.75
C LEU U 92 12.67 6.12 34.22
N PHE U 93 11.52 6.20 33.56
CA PHE U 93 11.46 6.31 32.09
C PHE U 93 11.30 7.75 31.64
N LEU U 94 12.08 8.18 30.66
CA LEU U 94 11.97 9.57 30.19
C LEU U 94 11.37 9.72 28.80
N PHE U 95 10.35 10.57 28.70
CA PHE U 95 9.67 10.92 27.46
C PHE U 95 10.68 11.42 26.44
N ALA U 96 10.98 10.61 25.42
CA ALA U 96 12.00 10.96 24.43
C ALA U 96 11.42 11.67 23.21
N GLY U 97 10.14 11.46 22.97
CA GLY U 97 9.42 12.12 21.88
C GLY U 97 7.98 11.69 21.84
N VAL U 98 7.17 12.48 21.12
CA VAL U 98 5.74 12.19 20.93
C VAL U 98 5.26 12.81 19.61
N ASP U 99 4.38 12.08 18.91
CA ASP U 99 4.08 12.38 17.51
C ASP U 99 2.61 12.08 17.16
N GLY U 100 2.00 13.01 16.43
CA GLY U 100 0.62 12.84 15.97
C GLY U 100 -0.43 12.90 17.05
N VAL U 101 -0.32 13.90 17.92
CA VAL U 101 -1.27 14.12 19.01
C VAL U 101 -2.41 15.01 18.49
N ARG U 102 -3.63 14.62 18.80
CA ARG U 102 -4.81 15.40 18.40
C ARG U 102 -5.78 15.47 19.56
N TRP U 103 -6.28 16.68 19.84
CA TRP U 103 -7.31 16.85 20.86
C TRP U 103 -8.64 17.14 20.20
N LYS U 104 -9.61 16.25 20.44
CA LYS U 104 -10.92 16.34 19.79
C LYS U 104 -11.92 17.12 20.66
N LYS U 105 -11.98 16.76 21.94
CA LYS U 105 -13.05 17.22 22.83
C LYS U 105 -12.44 17.54 24.20
N PRO U 106 -12.87 18.65 24.82
CA PRO U 106 -12.37 18.98 26.17
C PRO U 106 -12.72 17.91 27.20
N VAL U 107 -11.78 17.61 28.10
CA VAL U 107 -12.04 16.74 29.26
C VAL U 107 -12.32 17.64 30.47
N LEU U 108 -13.51 17.50 31.06
CA LEU U 108 -13.96 18.41 32.13
C LEU U 108 -14.03 17.75 33.53
N PRO U 109 -14.17 18.58 34.60
CA PRO U 109 -14.39 18.02 35.94
C PRO U 109 -15.67 17.16 36.01
N GLY U 110 -15.56 15.99 36.63
CA GLY U 110 -16.67 15.05 36.73
C GLY U 110 -16.64 13.94 35.69
N ASP U 111 -15.74 14.09 34.72
CA ASP U 111 -15.59 13.11 33.64
C ASP U 111 -14.60 12.02 34.03
N THR U 112 -14.83 10.82 33.50
CA THR U 112 -13.89 9.73 33.69
C THR U 112 -13.08 9.56 32.40
N LEU U 113 -11.77 9.74 32.52
CA LEU U 113 -10.88 9.60 31.38
C LEU U 113 -10.43 8.16 31.28
N THR U 114 -11.09 7.40 30.42
CA THR U 114 -10.67 6.04 30.12
C THR U 114 -9.59 6.10 29.04
N MET U 115 -8.52 5.34 29.26
CA MET U 115 -7.34 5.45 28.43
C MET U 115 -6.85 4.07 27.98
N GLN U 116 -6.42 3.99 26.73
CA GLN U 116 -5.83 2.77 26.19
C GLN U 116 -4.52 3.09 25.46
N ALA U 117 -3.45 2.42 25.88
CA ALA U 117 -2.16 2.48 25.17
C ALA U 117 -1.82 1.14 24.53
N ASN U 118 -1.27 1.21 23.32
CA ASN U 118 -0.85 0.03 22.56
C ASN U 118 0.65 0.05 22.30
N LEU U 119 1.32 -1.07 22.54
CA LEU U 119 2.75 -1.19 22.28
C LEU U 119 2.99 -1.42 20.80
N ILE U 120 4.03 -0.80 20.25
CA ILE U 120 4.38 -0.95 18.83
C ILE U 120 5.72 -1.66 18.67
N SER U 121 6.72 -1.25 19.45
CA SER U 121 8.02 -1.91 19.47
C SER U 121 8.69 -1.78 20.85
N PHE U 122 9.60 -2.71 21.13
CA PHE U 122 10.37 -2.69 22.37
C PHE U 122 11.74 -3.31 22.11
N LYS U 123 12.78 -2.49 22.22
CA LYS U 123 14.16 -2.93 22.06
C LYS U 123 14.84 -2.84 23.42
N SER U 124 14.81 -3.95 24.15
CA SER U 124 15.16 -3.99 25.58
C SER U 124 16.63 -3.74 25.90
N SER U 125 17.52 -4.05 24.94
CA SER U 125 18.94 -3.74 25.08
C SER U 125 19.31 -2.36 24.52
N LEU U 126 18.29 -1.65 24.02
CA LEU U 126 18.41 -0.24 23.64
C LEU U 126 17.46 0.62 24.47
N GLY U 127 16.54 -0.03 25.18
CA GLY U 127 15.59 0.63 26.08
C GLY U 127 14.38 1.25 25.40
N ILE U 128 14.55 1.70 24.16
CA ILE U 128 13.57 2.51 23.42
C ILE U 128 12.23 1.79 23.17
N ALA U 129 11.16 2.32 23.74
CA ALA U 129 9.83 1.75 23.58
C ALA U 129 8.88 2.73 22.90
N LYS U 130 8.20 2.25 21.86
CA LYS U 130 7.26 3.05 21.09
C LYS U 130 5.84 2.53 21.24
N LEU U 131 4.92 3.42 21.66
CA LEU U 131 3.53 3.04 21.94
C LEU U 131 2.58 4.05 21.32
N SER U 132 1.39 3.58 20.94
CA SER U 132 0.29 4.47 20.54
C SER U 132 -0.62 4.66 21.76
N GLY U 133 -1.64 5.51 21.62
CA GLY U 133 -2.56 5.79 22.73
C GLY U 133 -3.84 6.50 22.35
N VAL U 134 -4.94 6.10 22.99
CA VAL U 134 -6.25 6.72 22.79
C VAL U 134 -6.95 6.95 24.14
N GLY U 135 -7.50 8.15 24.32
CA GLY U 135 -8.28 8.46 25.52
C GLY U 135 -9.73 8.69 25.16
N TYR U 136 -10.63 8.18 26.02
CA TYR U 136 -12.07 8.32 25.82
C TYR U 136 -12.75 8.89 27.04
N VAL U 137 -13.79 9.70 26.81
CA VAL U 137 -14.53 10.32 27.90
C VAL U 137 -16.00 10.07 27.56
N ASN U 138 -16.53 8.94 28.06
CA ASN U 138 -17.91 8.58 27.80
C ASN U 138 -18.14 7.99 26.41
N GLY U 139 -17.11 7.34 25.88
CA GLY U 139 -17.20 6.73 24.57
C GLY U 139 -16.62 7.60 23.47
N LYS U 140 -16.87 8.90 23.56
CA LYS U 140 -16.37 9.86 22.59
C LYS U 140 -14.86 10.05 22.74
N VAL U 141 -14.13 9.92 21.63
CA VAL U 141 -12.69 10.08 21.64
C VAL U 141 -12.30 11.54 21.92
N VAL U 142 -11.44 11.73 22.91
CA VAL U 142 -10.99 13.08 23.28
C VAL U 142 -9.52 13.35 22.91
N ILE U 143 -8.68 12.32 22.92
CA ILE U 143 -7.27 12.44 22.52
C ILE U 143 -6.72 11.24 21.73
N ASN U 144 -6.14 11.53 20.58
CA ASN U 144 -5.34 10.57 19.83
C ASN U 144 -3.85 10.84 19.98
N ILE U 145 -3.08 9.79 20.22
CA ILE U 145 -1.62 9.87 20.12
C ILE U 145 -1.13 8.72 19.24
N SER U 146 -0.52 9.08 18.11
CA SER U 146 -0.02 8.11 17.13
C SER U 146 1.20 7.34 17.64
N GLU U 147 2.15 8.06 18.23
CA GLU U 147 3.38 7.44 18.72
C GLU U 147 3.99 8.16 19.92
N MET U 148 4.11 7.44 21.04
CA MET U 148 4.89 7.87 22.19
C MET U 148 6.18 7.03 22.22
N THR U 149 7.31 7.70 22.41
CA THR U 149 8.61 7.03 22.47
C THR U 149 9.29 7.31 23.82
N PHE U 150 9.87 6.27 24.45
CA PHE U 150 10.42 6.43 25.81
C PHE U 150 11.87 5.95 26.02
N ALA U 151 12.56 6.56 27.00
CA ALA U 151 14.00 6.31 27.25
C ALA U 151 14.33 5.78 28.66
N LEU U 152 15.31 4.87 28.73
CA LEU U 152 15.60 4.11 29.96
C LEU U 152 16.61 4.78 30.90
N ASP V 8 12.85 47.07 24.42
CA ASP V 8 11.60 46.61 25.13
C ASP V 8 10.45 46.37 24.14
N THR V 9 10.68 45.48 23.17
CA THR V 9 9.59 44.90 22.38
C THR V 9 8.98 43.81 23.26
N SER V 10 9.06 44.05 24.57
CA SER V 10 8.87 43.00 25.58
C SER V 10 7.64 43.21 26.45
N ILE V 11 7.38 42.23 27.30
CA ILE V 11 6.17 42.15 28.10
C ILE V 11 6.53 41.47 29.42
N ASP V 12 6.32 42.19 30.53
CA ASP V 12 6.55 41.64 31.86
C ASP V 12 5.36 40.78 32.30
N ILE V 13 5.61 39.92 33.28
CA ILE V 13 4.59 38.99 33.81
C ILE V 13 3.20 39.58 34.08
N GLU V 14 3.14 40.86 34.47
CA GLU V 14 1.85 41.53 34.72
C GLU V 14 1.07 41.78 33.44
N ASP V 15 1.80 41.94 32.33
CA ASP V 15 1.18 42.10 31.02
C ASP V 15 0.88 40.74 30.39
N ILE V 16 1.77 39.76 30.58
CA ILE V 16 1.53 38.40 30.10
C ILE V 16 0.10 37.99 30.51
N LYS V 17 -0.22 38.22 31.79
CA LYS V 17 -1.54 37.92 32.34
C LYS V 17 -2.68 38.63 31.61
N LYS V 18 -2.45 39.86 31.16
CA LYS V 18 -3.46 40.56 30.37
C LYS V 18 -3.70 39.93 28.98
N ILE V 19 -2.69 39.24 28.44
CA ILE V 19 -2.84 38.50 27.19
C ILE V 19 -3.37 37.09 27.44
N LEU V 20 -2.64 36.31 28.24
CA LEU V 20 -3.02 34.92 28.52
C LEU V 20 -4.11 34.82 29.60
N PRO V 21 -4.91 33.73 29.58
CA PRO V 21 -5.82 33.54 30.70
C PRO V 21 -5.19 32.64 31.77
N HIS V 22 -4.10 31.97 31.40
CA HIS V 22 -3.43 31.01 32.27
C HIS V 22 -3.00 31.66 33.58
N ARG V 23 -3.02 30.87 34.65
CA ARG V 23 -2.70 31.36 35.98
C ARG V 23 -1.91 30.28 36.71
N TYR V 24 -1.65 30.50 38.00
CA TYR V 24 -1.03 29.48 38.85
C TYR V 24 -1.98 28.29 38.98
N PRO V 25 -1.45 27.05 39.01
CA PRO V 25 -0.06 26.63 38.83
C PRO V 25 0.29 26.27 37.37
N PHE V 26 -0.35 26.93 36.42
CA PHE V 26 -0.22 26.53 35.02
C PHE V 26 0.10 27.67 34.06
N LEU V 27 0.63 28.77 34.59
CA LEU V 27 1.23 29.81 33.77
C LEU V 27 2.72 29.54 33.74
N LEU V 28 3.25 29.30 32.54
CA LEU V 28 4.61 28.77 32.38
C LEU V 28 5.53 29.68 31.56
N VAL V 29 5.08 30.90 31.29
CA VAL V 29 5.94 31.91 30.69
C VAL V 29 6.21 33.00 31.72
N ASP V 30 7.46 33.10 32.16
CA ASP V 30 7.82 34.14 33.14
C ASP V 30 8.02 35.50 32.49
N LYS V 31 8.64 35.52 31.31
CA LYS V 31 9.05 36.76 30.64
C LYS V 31 9.22 36.62 29.12
N VAL V 32 8.50 37.45 28.38
CA VAL V 32 8.72 37.62 26.95
C VAL V 32 9.82 38.67 26.75
N ILE V 33 10.85 38.31 26.00
CA ILE V 33 12.04 39.15 25.81
C ILE V 33 12.19 39.69 24.37
N TYR V 34 11.52 39.05 23.41
CA TYR V 34 11.38 39.59 22.05
C TYR V 34 10.13 39.01 21.38
N MET V 35 9.53 39.78 20.48
CA MET V 35 8.35 39.34 19.73
C MET V 35 8.17 40.18 18.47
N GLN V 36 8.17 39.51 17.32
CA GLN V 36 7.91 40.15 16.03
C GLN V 36 6.57 39.65 15.46
N PRO V 37 5.55 40.53 15.42
CA PRO V 37 4.18 40.13 15.07
C PRO V 37 4.11 39.34 13.77
N ASN V 38 3.33 38.26 13.78
CA ASN V 38 3.20 37.33 12.63
C ASN V 38 4.48 36.58 12.21
N LYS V 39 5.52 36.61 13.05
CA LYS V 39 6.78 35.92 12.70
C LYS V 39 7.36 35.07 13.84
N THR V 40 7.91 35.73 14.85
CA THR V 40 8.67 35.03 15.90
C THR V 40 8.40 35.57 17.30
N ILE V 41 8.59 34.71 18.30
CA ILE V 41 8.50 35.11 19.70
C ILE V 41 9.56 34.39 20.53
N ILE V 42 10.17 35.12 21.47
CA ILE V 42 11.17 34.54 22.35
C ILE V 42 10.80 34.88 23.79
N GLY V 43 10.83 33.86 24.66
CA GLY V 43 10.55 34.05 26.07
C GLY V 43 11.38 33.13 26.95
N LEU V 44 11.21 33.25 28.26
CA LEU V 44 11.88 32.33 29.17
C LEU V 44 10.99 31.83 30.29
N LYS V 45 11.31 30.64 30.80
CA LYS V 45 10.66 30.09 31.98
C LYS V 45 11.72 29.67 32.99
N GLN V 46 11.81 30.43 34.07
CA GLN V 46 12.74 30.12 35.15
C GLN V 46 12.30 28.87 35.88
N VAL V 47 13.22 27.93 36.00
CA VAL V 47 12.94 26.60 36.55
C VAL V 47 13.50 26.52 37.97
N SER V 48 12.63 26.74 38.96
CA SER V 48 13.01 26.64 40.37
C SER V 48 12.60 25.29 40.94
N THR V 49 13.25 24.87 42.03
CA THR V 49 12.82 23.68 42.77
C THR V 49 11.53 23.98 43.54
N ASN V 50 11.27 25.27 43.72
CA ASN V 50 10.15 25.73 44.53
C ASN V 50 8.87 25.79 43.71
N GLU V 51 8.62 24.73 42.97
CA GLU V 51 7.47 24.64 42.07
C GLU V 51 6.61 23.45 42.41
N PRO V 52 5.27 23.60 42.30
CA PRO V 52 4.34 22.56 42.76
C PRO V 52 4.59 21.16 42.18
N PHE V 53 5.07 21.09 40.94
CA PHE V 53 5.15 19.81 40.23
C PHE V 53 6.37 18.94 40.55
N PHE V 54 7.44 19.54 41.08
CA PHE V 54 8.67 18.80 41.32
C PHE V 54 8.59 17.71 42.42
N ASN V 55 7.71 17.91 43.40
CA ASN V 55 7.46 16.90 44.44
C ASN V 55 6.88 15.60 43.87
N GLY V 56 6.35 15.67 42.66
CA GLY V 56 5.75 14.49 42.03
C GLY V 56 6.45 14.00 40.77
N HIS V 57 7.65 14.53 40.50
CA HIS V 57 8.38 14.23 39.27
C HIS V 57 9.86 14.63 39.23
N PHE V 58 10.75 13.92 39.94
CA PHE V 58 10.40 12.83 40.87
C PHE V 58 10.93 13.04 42.29
N PRO V 59 10.42 12.26 43.27
CA PRO V 59 10.90 12.35 44.66
C PRO V 59 12.40 12.11 44.79
N GLN V 60 12.95 11.22 43.96
CA GLN V 60 14.38 10.89 44.01
C GLN V 60 15.22 11.75 43.06
N LYS V 61 14.57 12.37 42.07
CA LYS V 61 15.28 13.10 41.02
C LYS V 61 14.40 14.15 40.34
N GLN V 62 14.59 15.40 40.72
CA GLN V 62 13.73 16.48 40.24
C GLN V 62 14.03 16.82 38.78
N ILE V 63 13.10 16.45 37.88
CA ILE V 63 13.26 16.67 36.43
C ILE V 63 11.99 17.25 35.81
N MET V 64 12.10 18.45 35.24
CA MET V 64 10.94 19.14 34.66
C MET V 64 10.22 18.31 33.59
N PRO V 65 8.93 18.03 33.80
CA PRO V 65 8.16 17.20 32.86
C PRO V 65 8.18 17.76 31.44
N GLY V 66 8.59 16.91 30.50
CA GLY V 66 8.62 17.26 29.08
C GLY V 66 7.33 17.92 28.63
N VAL V 67 6.20 17.40 29.12
CA VAL V 67 4.89 17.92 28.71
C VAL V 67 4.73 19.40 29.10
N LEU V 68 5.23 19.76 30.27
CA LEU V 68 5.25 21.16 30.69
C LEU V 68 6.25 22.01 29.90
N GLN V 69 7.23 21.36 29.27
CA GLN V 69 8.07 22.05 28.30
C GLN V 69 7.24 22.33 27.04
N ILE V 70 6.44 21.33 26.63
CA ILE V 70 5.49 21.51 25.52
C ILE V 70 4.54 22.69 25.79
N GLU V 71 3.87 22.65 26.94
CA GLU V 71 2.92 23.69 27.36
C GLU V 71 3.56 25.09 27.50
N ALA V 72 4.80 25.14 27.99
CA ALA V 72 5.53 26.41 28.11
C ALA V 72 5.76 27.06 26.73
N LEU V 73 6.25 26.25 25.77
CA LEU V 73 6.33 26.70 24.38
C LEU V 73 4.95 27.04 23.80
N ALA V 74 3.93 26.26 24.17
CA ALA V 74 2.55 26.50 23.70
C ALA V 74 2.03 27.87 24.11
N GLN V 75 2.17 28.19 25.40
CA GLN V 75 1.75 29.49 25.94
C GLN V 75 2.48 30.65 25.31
N LEU V 76 3.78 30.46 25.03
CA LEU V 76 4.58 31.47 24.34
C LEU V 76 4.07 31.71 22.93
N ALA V 77 4.06 30.64 22.13
CA ALA V 77 3.49 30.66 20.78
C ALA V 77 2.11 31.31 20.77
N GLY V 78 1.32 31.03 21.81
CA GLY V 78 -0.01 31.60 21.97
C GLY V 78 -0.02 33.12 22.13
N ILE V 79 0.97 33.65 22.85
CA ILE V 79 1.09 35.10 22.99
C ILE V 79 1.27 35.72 21.60
N LEU V 80 2.25 35.21 20.86
CA LEU V 80 2.53 35.65 19.49
C LEU V 80 1.27 35.70 18.63
N CYS V 81 0.47 34.62 18.68
CA CYS V 81 -0.81 34.57 17.98
C CYS V 81 -1.68 35.75 18.41
N LEU V 82 -1.85 35.90 19.71
CA LEU V 82 -2.79 36.87 20.29
C LEU V 82 -2.33 38.33 20.22
N LYS V 83 -1.10 38.55 19.73
CA LYS V 83 -0.60 39.91 19.54
C LYS V 83 -0.43 40.21 18.05
N SER V 84 -0.33 39.17 17.24
CA SER V 84 -0.31 39.31 15.79
C SER V 84 -1.67 39.77 15.28
N ASP V 85 -2.71 39.04 15.70
CA ASP V 85 -4.08 39.26 15.23
C ASP V 85 -5.09 39.03 16.37
N ASP V 86 -5.53 40.12 17.01
CA ASP V 86 -6.49 40.04 18.13
C ASP V 86 -7.89 40.53 17.72
N SER V 87 -8.16 40.52 16.42
CA SER V 87 -9.49 40.86 15.88
C SER V 87 -10.54 39.86 16.38
N GLN V 88 -10.14 38.60 16.50
CA GLN V 88 -10.93 37.59 17.21
C GLN V 88 -10.65 37.72 18.71
N LYS V 89 -11.53 38.45 19.40
CA LYS V 89 -11.36 38.77 20.83
C LYS V 89 -11.57 37.55 21.73
N ASN V 90 -10.92 36.45 21.36
CA ASN V 90 -10.93 35.21 22.12
C ASN V 90 -9.50 34.88 22.54
N ASN V 91 -9.25 34.88 23.84
CA ASN V 91 -7.91 34.56 24.35
C ASN V 91 -7.75 33.09 24.74
N LEU V 92 -8.88 32.41 24.95
CA LEU V 92 -8.89 30.97 25.23
C LEU V 92 -8.56 30.17 23.96
N PHE V 93 -7.26 29.95 23.73
CA PHE V 93 -6.81 29.13 22.61
C PHE V 93 -6.61 27.69 23.07
N LEU V 94 -7.08 26.75 22.25
CA LEU V 94 -6.91 25.35 22.57
C LEU V 94 -5.95 24.63 21.63
N PHE V 95 -4.94 24.03 22.24
CA PHE V 95 -4.00 23.12 21.61
C PHE V 95 -4.82 22.10 20.82
N ALA V 96 -4.78 22.19 19.50
CA ALA V 96 -5.57 21.31 18.63
C ALA V 96 -4.73 20.19 18.06
N GLY V 97 -3.42 20.25 18.35
CA GLY V 97 -2.50 19.24 17.87
C GLY V 97 -1.06 19.64 18.09
N VAL V 98 -0.18 18.64 18.06
CA VAL V 98 1.26 18.86 18.18
C VAL V 98 1.99 17.70 17.52
N ASP V 99 3.16 17.98 16.95
CA ASP V 99 3.88 16.99 16.17
C ASP V 99 5.39 17.18 16.27
N GLY V 100 6.12 16.08 16.01
CA GLY V 100 7.57 16.10 15.97
C GLY V 100 8.20 16.67 17.22
N VAL V 101 7.80 16.14 18.37
CA VAL V 101 8.38 16.55 19.64
C VAL V 101 9.58 15.66 19.90
N ARG V 102 10.71 16.29 20.24
CA ARG V 102 11.91 15.57 20.63
C ARG V 102 12.49 16.26 21.86
N TRP V 103 12.64 15.50 22.94
CA TRP V 103 13.34 15.99 24.13
C TRP V 103 14.76 15.42 24.14
N LYS V 104 15.73 16.33 24.13
CA LYS V 104 17.13 15.97 23.98
C LYS V 104 17.84 15.82 25.33
N LYS V 105 17.55 16.75 26.23
CA LYS V 105 18.31 16.89 27.47
C LYS V 105 17.35 17.33 28.59
N PRO V 106 17.45 16.69 29.77
CA PRO V 106 16.60 17.04 30.90
C PRO V 106 16.72 18.51 31.29
N VAL V 107 15.60 19.09 31.76
CA VAL V 107 15.58 20.48 32.25
C VAL V 107 15.43 20.50 33.78
N LEU V 108 16.48 20.97 34.47
CA LEU V 108 16.61 20.78 35.93
C LEU V 108 16.46 22.08 36.73
N PRO V 109 16.20 21.95 38.05
CA PRO V 109 16.06 23.14 38.90
C PRO V 109 17.33 24.01 38.85
N GLY V 110 17.15 25.28 38.54
CA GLY V 110 18.26 26.22 38.43
C GLY V 110 18.52 26.67 37.00
N ASP V 111 17.98 25.91 36.06
CA ASP V 111 18.13 26.20 34.63
C ASP V 111 17.15 27.29 34.18
N THR V 112 17.58 28.10 33.23
CA THR V 112 16.73 29.13 32.62
C THR V 112 16.30 28.65 31.23
N LEU V 113 15.00 28.36 31.09
CA LEU V 113 14.49 27.78 29.86
C LEU V 113 14.12 28.87 28.87
N THR V 114 15.05 29.17 27.97
CA THR V 114 14.85 30.17 26.93
C THR V 114 14.14 29.51 25.76
N MET V 115 13.00 30.07 25.37
CA MET V 115 12.13 29.43 24.40
C MET V 115 11.93 30.33 23.18
N GLN V 116 12.01 29.73 21.99
CA GLN V 116 11.71 30.42 20.74
C GLN V 116 10.64 29.68 19.95
N ALA V 117 9.59 30.40 19.57
CA ALA V 117 8.51 29.87 18.75
C ALA V 117 8.35 30.67 17.46
N ASN V 118 8.12 29.96 16.36
CA ASN V 118 8.05 30.57 15.04
C ASN V 118 6.72 30.26 14.35
N LEU V 119 6.06 31.29 13.84
CA LEU V 119 4.82 31.11 13.09
C LEU V 119 5.11 30.52 11.69
N ILE V 120 4.22 29.62 11.24
CA ILE V 120 4.34 29.00 9.91
C ILE V 120 3.15 29.39 9.01
N SER V 121 1.94 29.29 9.55
CA SER V 121 0.72 29.73 8.84
C SER V 121 -0.35 30.23 9.81
N PHE V 122 -1.25 31.09 9.30
CA PHE V 122 -2.35 31.65 10.09
C PHE V 122 -3.54 31.93 9.18
N LYS V 123 -4.69 31.31 9.49
CA LYS V 123 -5.91 31.52 8.72
C LYS V 123 -7.02 32.17 9.56
N ILE V 128 -7.05 28.52 12.30
CA ILE V 128 -6.05 27.46 12.44
C ILE V 128 -4.66 28.03 12.34
N ALA V 129 -3.88 27.89 13.41
CA ALA V 129 -2.52 28.42 13.51
C ALA V 129 -1.49 27.31 13.76
N LYS V 130 -0.39 27.35 13.02
CA LYS V 130 0.67 26.34 13.13
C LYS V 130 2.04 26.96 13.36
N LEU V 131 2.69 26.55 14.45
CA LEU V 131 3.95 27.14 14.87
C LEU V 131 4.99 26.07 15.24
N SER V 132 6.26 26.37 14.96
CA SER V 132 7.36 25.52 15.42
C SER V 132 7.92 26.11 16.72
N GLY V 133 8.69 25.32 17.45
CA GLY V 133 9.27 25.77 18.71
C GLY V 133 10.53 25.04 19.12
N VAL V 134 11.48 25.79 19.67
CA VAL V 134 12.72 25.23 20.19
C VAL V 134 12.99 25.82 21.58
N GLY V 135 13.42 24.97 22.51
CA GLY V 135 13.77 25.42 23.86
C GLY V 135 15.24 25.19 24.17
N TYR V 136 15.88 26.20 24.76
CA TYR V 136 17.31 26.17 25.04
C TYR V 136 17.62 26.43 26.50
N VAL V 137 18.66 25.77 26.98
CA VAL V 137 19.22 26.00 28.31
C VAL V 137 20.73 26.10 28.14
N ASN V 138 21.29 27.27 28.46
CA ASN V 138 22.72 27.52 28.30
C ASN V 138 23.25 27.28 26.87
N GLY V 139 22.40 27.50 25.88
CA GLY V 139 22.77 27.33 24.48
C GLY V 139 22.57 25.92 23.94
N LYS V 140 22.47 24.94 24.84
CA LYS V 140 22.21 23.56 24.43
C LYS V 140 20.71 23.33 24.18
N VAL V 141 20.38 22.81 23.00
CA VAL V 141 19.00 22.49 22.64
C VAL V 141 18.48 21.39 23.58
N VAL V 142 17.26 21.56 24.07
CA VAL V 142 16.67 20.60 24.99
C VAL V 142 15.35 20.01 24.46
N ILE V 143 14.57 20.84 23.77
CA ILE V 143 13.30 20.40 23.21
C ILE V 143 13.05 20.96 21.81
N ASN V 144 12.66 20.06 20.91
CA ASN V 144 12.17 20.44 19.59
C ASN V 144 10.71 20.14 19.40
N ILE V 145 10.00 21.09 18.82
CA ILE V 145 8.63 20.85 18.36
C ILE V 145 8.47 21.33 16.91
N SER V 146 8.29 20.38 16.00
CA SER V 146 8.18 20.67 14.57
C SER V 146 6.96 21.49 14.24
N GLU V 147 5.82 21.13 14.87
CA GLU V 147 4.55 21.78 14.61
C GLU V 147 3.62 21.73 15.81
N MET V 148 3.26 22.93 16.29
CA MET V 148 2.17 23.11 17.23
C MET V 148 0.98 23.67 16.47
N THR V 149 -0.21 23.14 16.76
CA THR V 149 -1.43 23.60 16.09
C THR V 149 -2.44 24.15 17.10
N PHE V 150 -2.94 25.35 16.82
CA PHE V 150 -3.95 26.02 17.64
C PHE V 150 -5.02 26.61 16.73
N ALA V 151 -6.26 26.72 17.22
CA ALA V 151 -7.36 27.24 16.40
C ALA V 151 -8.20 28.28 17.14
N ASP W 8 1.04 13.25 82.26
CA ASP W 8 2.47 13.26 81.86
C ASP W 8 2.94 14.61 81.31
N THR W 9 4.08 14.60 80.63
CA THR W 9 4.68 15.79 80.00
C THR W 9 3.86 16.27 78.80
N SER W 10 4.10 17.52 78.38
CA SER W 10 3.55 18.05 77.15
C SER W 10 4.04 17.21 75.97
N ILE W 11 3.10 16.60 75.25
CA ILE W 11 3.44 15.80 74.07
C ILE W 11 3.38 16.71 72.83
N ASP W 12 4.56 17.05 72.32
CA ASP W 12 4.72 17.89 71.14
C ASP W 12 4.28 17.18 69.85
N ILE W 13 4.61 17.79 68.70
CA ILE W 13 4.16 17.28 67.40
C ILE W 13 5.02 16.14 66.82
N GLU W 14 6.34 16.20 67.04
CA GLU W 14 7.27 15.21 66.49
C GLU W 14 6.96 13.78 66.96
N ASP W 15 6.42 13.66 68.17
CA ASP W 15 5.98 12.38 68.74
C ASP W 15 4.57 11.99 68.33
N ILE W 16 3.66 12.97 68.23
CA ILE W 16 2.34 12.71 67.66
C ILE W 16 2.51 11.92 66.36
N LYS W 17 3.44 12.38 65.52
CA LYS W 17 3.73 11.76 64.22
C LYS W 17 4.20 10.32 64.35
N LYS W 18 4.88 10.00 65.45
CA LYS W 18 5.33 8.63 65.68
C LYS W 18 4.20 7.69 66.11
N ILE W 19 3.10 8.27 66.61
CA ILE W 19 1.91 7.51 66.95
C ILE W 19 0.91 7.50 65.78
N LEU W 20 0.57 8.69 65.29
CA LEU W 20 -0.38 8.83 64.19
C LEU W 20 0.29 8.70 62.82
N PRO W 21 -0.48 8.26 61.79
CA PRO W 21 0.11 8.23 60.46
C PRO W 21 -0.19 9.51 59.67
N HIS W 22 -1.24 10.23 60.07
CA HIS W 22 -1.72 11.44 59.39
C HIS W 22 -0.58 12.41 59.14
N ARG W 23 -0.57 13.00 57.96
CA ARG W 23 0.43 14.03 57.60
C ARG W 23 -0.25 15.22 56.93
N TYR W 24 0.53 16.27 56.65
CA TYR W 24 0.02 17.44 55.95
C TYR W 24 -0.67 17.02 54.64
N PRO W 25 -1.85 17.58 54.33
CA PRO W 25 -2.56 18.64 55.04
C PRO W 25 -3.71 18.13 55.93
N PHE W 26 -3.53 16.96 56.55
CA PHE W 26 -4.62 16.33 57.32
C PHE W 26 -4.18 15.82 58.70
N LEU W 27 -3.26 16.52 59.33
CA LEU W 27 -2.91 16.27 60.71
C LEU W 27 -3.40 17.48 61.49
N LEU W 28 -4.35 17.23 62.39
CA LEU W 28 -5.13 18.30 63.01
C LEU W 28 -4.98 18.31 64.52
N VAL W 29 -3.90 17.71 65.00
CA VAL W 29 -3.55 17.79 66.40
C VAL W 29 -2.18 18.42 66.51
N ASP W 30 -2.13 19.67 66.96
CA ASP W 30 -0.86 20.37 67.13
C ASP W 30 -0.11 19.90 68.37
N LYS W 31 -0.84 19.68 69.46
CA LYS W 31 -0.23 19.27 70.72
C LYS W 31 -1.17 18.46 71.61
N VAL W 32 -0.67 17.32 72.08
CA VAL W 32 -1.27 16.60 73.22
C VAL W 32 -0.70 17.20 74.50
N ILE W 33 -1.60 17.63 75.38
CA ILE W 33 -1.22 18.38 76.57
C ILE W 33 -1.43 17.57 77.87
N TYR W 34 -2.26 16.53 77.78
CA TYR W 34 -2.41 15.51 78.82
C TYR W 34 -2.95 14.24 78.19
N MET W 35 -2.63 13.10 78.80
CA MET W 35 -3.20 11.83 78.39
C MET W 35 -3.16 10.81 79.51
N GLN W 36 -4.31 10.19 79.74
CA GLN W 36 -4.44 9.13 80.73
C GLN W 36 -4.87 7.86 80.01
N PRO W 37 -3.91 6.93 79.80
CA PRO W 37 -4.14 5.67 79.07
C PRO W 37 -5.43 4.99 79.51
N ASN W 38 -6.24 4.60 78.51
CA ASN W 38 -7.56 4.01 78.71
C ASN W 38 -8.66 4.91 79.26
N LYS W 39 -8.32 6.17 79.59
CA LYS W 39 -9.34 7.12 80.05
C LYS W 39 -9.56 8.22 79.04
N THR W 40 -8.77 9.28 79.20
CA THR W 40 -9.03 10.55 78.58
C THR W 40 -7.78 11.03 77.84
N ILE W 41 -7.97 12.01 76.98
CA ILE W 41 -6.87 12.68 76.31
C ILE W 41 -7.27 14.13 76.09
N ILE W 42 -6.32 15.03 76.29
CA ILE W 42 -6.55 16.43 76.02
C ILE W 42 -5.47 16.95 75.08
N GLY W 43 -5.90 17.76 74.12
CA GLY W 43 -5.00 18.35 73.15
C GLY W 43 -5.58 19.61 72.55
N LEU W 44 -4.77 20.27 71.72
CA LEU W 44 -5.22 21.48 71.03
C LEU W 44 -4.88 21.47 69.54
N LYS W 45 -5.70 22.19 68.78
CA LYS W 45 -5.41 22.49 67.39
C LYS W 45 -5.43 24.01 67.26
N GLN W 46 -4.32 24.57 66.81
CA GLN W 46 -4.24 26.00 66.52
C GLN W 46 -4.88 26.28 65.16
N VAL W 47 -5.75 27.28 65.13
CA VAL W 47 -6.54 27.60 63.93
C VAL W 47 -6.02 28.91 63.30
N SER W 48 -5.23 28.77 62.24
CA SER W 48 -4.62 29.91 61.55
C SER W 48 -5.34 30.19 60.23
N THR W 49 -5.28 31.42 59.74
CA THR W 49 -5.78 31.73 58.40
C THR W 49 -4.92 31.07 57.33
N ASN W 50 -3.67 30.78 57.71
CA ASN W 50 -2.67 30.23 56.79
C ASN W 50 -2.80 28.70 56.70
N GLU W 51 -4.02 28.25 56.45
CA GLU W 51 -4.30 26.83 56.32
C GLU W 51 -4.92 26.56 54.97
N PRO W 52 -4.48 25.48 54.29
CA PRO W 52 -4.86 25.24 52.89
C PRO W 52 -6.36 25.28 52.62
N PHE W 53 -7.18 24.97 53.63
CA PHE W 53 -8.63 24.88 53.45
C PHE W 53 -9.35 26.21 53.42
N PHE W 54 -8.87 27.16 54.23
CA PHE W 54 -9.59 28.43 54.44
C PHE W 54 -9.99 29.18 53.18
N ASN W 55 -9.22 28.97 52.10
CA ASN W 55 -9.49 29.60 50.80
C ASN W 55 -10.80 29.19 50.14
N GLY W 56 -11.36 28.07 50.60
CA GLY W 56 -12.60 27.54 50.02
C GLY W 56 -13.68 27.21 51.04
N HIS W 57 -13.55 27.71 52.26
CA HIS W 57 -14.58 27.54 53.30
C HIS W 57 -14.51 28.68 54.32
N PHE W 58 -14.78 29.94 53.92
CA PHE W 58 -15.25 30.36 52.60
C PHE W 58 -14.51 31.64 52.17
N PRO W 59 -14.50 31.93 50.85
CA PRO W 59 -13.76 33.11 50.34
C PRO W 59 -14.23 34.44 50.95
N GLN W 60 -15.52 34.56 51.26
CA GLN W 60 -16.06 35.76 51.93
C GLN W 60 -15.93 35.68 53.45
N LYS W 61 -15.84 34.46 53.98
CA LYS W 61 -15.95 34.25 55.42
C LYS W 61 -15.27 32.95 55.85
N GLN W 62 -13.99 33.07 56.19
CA GLN W 62 -13.18 31.94 56.64
C GLN W 62 -13.73 31.34 57.95
N ILE W 63 -14.27 30.12 57.84
CA ILE W 63 -14.84 29.40 58.99
C ILE W 63 -14.45 27.93 58.94
N MET W 64 -13.77 27.46 59.98
CA MET W 64 -13.30 26.08 60.05
C MET W 64 -14.45 25.10 59.86
N PRO W 65 -14.33 24.23 58.84
CA PRO W 65 -15.35 23.22 58.50
C PRO W 65 -15.64 22.27 59.65
N GLY W 66 -16.90 22.23 60.07
CA GLY W 66 -17.33 21.40 61.20
C GLY W 66 -16.78 19.99 61.16
N VAL W 67 -16.68 19.46 59.94
CA VAL W 67 -16.15 18.13 59.68
C VAL W 67 -14.68 17.96 60.10
N LEU W 68 -13.90 19.03 59.99
CA LEU W 68 -12.49 19.00 60.38
C LEU W 68 -12.33 19.09 61.90
N GLN W 69 -13.32 19.70 62.54
CA GLN W 69 -13.43 19.65 63.99
C GLN W 69 -13.69 18.21 64.43
N ILE W 70 -14.56 17.50 63.71
CA ILE W 70 -14.74 16.07 63.95
C ILE W 70 -13.38 15.36 63.81
N GLU W 71 -12.76 15.51 62.63
CA GLU W 71 -11.49 14.84 62.33
C GLU W 71 -10.42 15.10 63.40
N ALA W 72 -10.42 16.32 63.95
CA ALA W 72 -9.48 16.72 65.00
C ALA W 72 -9.69 15.91 66.27
N LEU W 73 -10.94 15.89 66.75
CA LEU W 73 -11.30 15.06 67.90
C LEU W 73 -11.14 13.56 67.60
N ALA W 74 -11.27 13.19 66.33
CA ALA W 74 -11.06 11.81 65.90
C ALA W 74 -9.60 11.38 66.05
N GLN W 75 -8.69 12.23 65.55
CA GLN W 75 -7.25 11.94 65.61
C GLN W 75 -6.71 11.91 67.05
N LEU W 76 -7.24 12.79 67.90
CA LEU W 76 -6.87 12.84 69.31
C LEU W 76 -7.31 11.54 70.01
N ALA W 77 -8.58 11.16 69.82
CA ALA W 77 -9.11 9.90 70.33
C ALA W 77 -8.30 8.73 69.80
N GLY W 78 -7.87 8.85 68.54
CA GLY W 78 -6.98 7.87 67.92
C GLY W 78 -5.69 7.73 68.69
N ILE W 79 -5.11 8.87 69.11
CA ILE W 79 -3.87 8.86 69.88
C ILE W 79 -4.05 8.02 71.13
N LEU W 80 -5.07 8.37 71.93
CA LEU W 80 -5.46 7.63 73.12
C LEU W 80 -5.56 6.12 72.88
N CYS W 81 -6.30 5.73 71.83
CA CYS W 81 -6.49 4.32 71.47
C CYS W 81 -5.15 3.60 71.25
N LEU W 82 -4.23 4.28 70.57
CA LEU W 82 -2.93 3.71 70.22
C LEU W 82 -1.90 3.72 71.36
N LYS W 83 -2.11 4.57 72.36
CA LYS W 83 -1.24 4.61 73.54
C LYS W 83 -1.73 3.73 74.70
N SER W 84 -3.04 3.52 74.76
CA SER W 84 -3.64 2.65 75.77
C SER W 84 -3.28 1.17 75.55
N ASP W 85 -3.35 0.75 74.29
CA ASP W 85 -3.21 -0.66 73.92
C ASP W 85 -2.55 -0.78 72.54
N ASP W 86 -1.22 -0.83 72.52
CA ASP W 86 -0.47 -0.95 71.27
C ASP W 86 0.05 -2.37 70.99
N SER W 87 -0.68 -3.37 71.55
CA SER W 87 -0.41 -4.78 71.28
C SER W 87 -0.60 -5.13 69.79
N GLN W 88 -1.70 -4.61 69.23
CA GLN W 88 -1.95 -4.70 67.79
C GLN W 88 -1.27 -3.52 67.11
N LYS W 89 -0.15 -3.79 66.44
CA LYS W 89 0.70 -2.72 65.88
C LYS W 89 0.17 -2.08 64.60
N ASN W 90 -1.14 -1.83 64.57
CA ASN W 90 -1.82 -1.18 63.45
C ASN W 90 -2.22 0.24 63.85
N ASN W 91 -1.43 1.23 63.41
CA ASN W 91 -1.72 2.63 63.71
C ASN W 91 -2.75 3.26 62.76
N LEU W 92 -3.02 2.59 61.65
CA LEU W 92 -4.06 3.01 60.71
C LEU W 92 -5.45 2.70 61.26
N PHE W 93 -5.99 3.62 62.05
CA PHE W 93 -7.35 3.50 62.59
C PHE W 93 -8.37 4.19 61.68
N LEU W 94 -9.45 3.49 61.36
CA LEU W 94 -10.50 4.04 60.48
C LEU W 94 -11.83 4.30 61.20
N PHE W 95 -12.33 5.52 61.04
CA PHE W 95 -13.65 5.97 61.48
C PHE W 95 -14.75 5.02 60.98
N ALA W 96 -15.36 4.27 61.90
CA ALA W 96 -16.43 3.34 61.52
C ALA W 96 -17.80 4.00 61.66
N GLY W 97 -17.92 4.89 62.64
CA GLY W 97 -19.18 5.57 62.90
C GLY W 97 -19.01 6.77 63.82
N VAL W 98 -19.95 7.69 63.73
CA VAL W 98 -20.02 8.84 64.65
C VAL W 98 -21.48 9.21 64.89
N ASP W 99 -21.78 9.66 66.11
CA ASP W 99 -23.16 9.88 66.53
C ASP W 99 -23.29 11.07 67.48
N GLY W 100 -24.31 11.88 67.26
CA GLY W 100 -24.65 12.98 68.19
C GLY W 100 -23.68 14.15 68.17
N VAL W 101 -23.35 14.61 66.97
CA VAL W 101 -22.44 15.73 66.80
C VAL W 101 -23.24 17.04 66.78
N ARG W 102 -22.84 17.97 67.64
CA ARG W 102 -23.49 19.28 67.72
C ARG W 102 -22.45 20.39 67.68
N TRP W 103 -22.53 21.21 66.63
CA TRP W 103 -21.68 22.40 66.50
C TRP W 103 -22.44 23.59 67.05
N LYS W 104 -21.88 24.21 68.08
CA LYS W 104 -22.53 25.30 68.83
C LYS W 104 -22.13 26.68 68.33
N LYS W 105 -20.84 26.85 68.07
CA LYS W 105 -20.25 28.17 67.80
C LYS W 105 -19.15 28.05 66.74
N PRO W 106 -19.16 28.95 65.73
CA PRO W 106 -18.14 28.95 64.67
C PRO W 106 -16.72 29.05 65.21
N VAL W 107 -15.80 28.30 64.60
CA VAL W 107 -14.39 28.34 64.99
C VAL W 107 -13.62 29.13 63.93
N LEU W 108 -13.07 30.28 64.34
CA LEU W 108 -12.46 31.23 63.40
C LEU W 108 -10.95 31.39 63.52
N PRO W 109 -10.28 31.86 62.45
CA PRO W 109 -8.82 32.02 62.48
C PRO W 109 -8.39 32.89 63.66
N GLY W 110 -7.43 32.39 64.43
CA GLY W 110 -7.00 33.07 65.64
C GLY W 110 -7.41 32.34 66.91
N ASP W 111 -8.31 31.36 66.77
CA ASP W 111 -8.80 30.59 67.93
C ASP W 111 -7.91 29.38 68.23
N THR W 112 -7.89 28.98 69.50
CA THR W 112 -7.14 27.81 69.94
C THR W 112 -8.16 26.75 70.32
N LEU W 113 -8.22 25.69 69.53
CA LEU W 113 -9.20 24.64 69.73
C LEU W 113 -8.70 23.61 70.76
N THR W 114 -9.10 23.80 72.01
CA THR W 114 -8.79 22.83 73.07
C THR W 114 -9.80 21.66 73.02
N MET W 115 -9.26 20.44 73.06
CA MET W 115 -10.05 19.25 72.77
C MET W 115 -9.87 18.14 73.80
N GLN W 116 -10.97 17.53 74.20
CA GLN W 116 -10.94 16.42 75.15
C GLN W 116 -11.77 15.23 74.65
N ALA W 117 -11.12 14.08 74.53
CA ALA W 117 -11.80 12.84 74.18
C ALA W 117 -11.77 11.84 75.35
N ASN W 118 -12.87 11.13 75.55
CA ASN W 118 -13.06 10.20 76.67
C ASN W 118 -13.43 8.80 76.21
N LEU W 119 -12.73 7.78 76.70
CA LEU W 119 -12.98 6.39 76.30
C LEU W 119 -14.21 5.80 76.99
N ILE W 120 -15.08 5.17 76.21
CA ILE W 120 -16.28 4.51 76.76
C ILE W 120 -16.13 2.98 76.82
N SER W 121 -15.74 2.36 75.71
CA SER W 121 -15.46 0.91 75.69
C SER W 121 -14.31 0.55 74.74
N PHE W 122 -13.60 -0.52 75.08
CA PHE W 122 -12.51 -1.02 74.25
C PHE W 122 -12.54 -2.54 74.21
N LYS W 123 -12.81 -3.09 73.02
CA LYS W 123 -12.63 -4.53 72.77
C LYS W 123 -11.53 -4.74 71.73
N GLY W 127 -10.56 -4.09 66.43
CA GLY W 127 -11.28 -4.07 67.70
C GLY W 127 -11.92 -2.72 68.01
N ILE W 128 -13.24 -2.74 68.24
CA ILE W 128 -14.05 -1.52 68.51
C ILE W 128 -13.58 -0.68 69.71
N ALA W 129 -13.36 0.61 69.45
CA ALA W 129 -13.21 1.60 70.51
C ALA W 129 -14.30 2.65 70.33
N LYS W 130 -15.05 2.91 71.41
CA LYS W 130 -16.11 3.91 71.40
C LYS W 130 -15.77 5.05 72.34
N LEU W 131 -15.82 6.28 71.83
CA LEU W 131 -15.36 7.45 72.59
C LEU W 131 -16.28 8.66 72.44
N SER W 132 -16.35 9.46 73.50
CA SER W 132 -16.98 10.78 73.45
C SER W 132 -15.90 11.84 73.23
N GLY W 133 -16.30 13.04 72.82
CA GLY W 133 -15.34 14.12 72.55
C GLY W 133 -15.97 15.48 72.47
N VAL W 134 -15.31 16.47 73.09
CA VAL W 134 -15.80 17.85 73.14
C VAL W 134 -14.66 18.79 72.73
N GLY W 135 -15.00 19.93 72.13
CA GLY W 135 -14.01 20.94 71.80
C GLY W 135 -14.37 22.34 72.31
N TYR W 136 -13.37 23.03 72.87
CA TYR W 136 -13.59 24.35 73.50
C TYR W 136 -12.78 25.47 72.86
N VAL W 137 -13.39 26.66 72.85
CA VAL W 137 -12.71 27.90 72.49
C VAL W 137 -12.95 28.91 73.63
N ASN W 138 -11.86 29.34 74.29
CA ASN W 138 -11.92 30.28 75.42
C ASN W 138 -12.80 29.82 76.59
N GLY W 139 -13.05 28.51 76.64
CA GLY W 139 -13.98 27.98 77.63
C GLY W 139 -15.40 27.81 77.08
N LYS W 140 -15.72 28.46 75.97
CA LYS W 140 -17.01 28.22 75.31
C LYS W 140 -16.95 26.91 74.52
N VAL W 141 -17.95 26.05 74.71
CA VAL W 141 -18.04 24.81 73.95
C VAL W 141 -18.43 25.13 72.52
N VAL W 142 -17.75 24.51 71.56
CA VAL W 142 -18.03 24.76 70.13
C VAL W 142 -18.49 23.51 69.38
N ILE W 143 -18.01 22.34 69.83
CA ILE W 143 -18.41 21.05 69.27
C ILE W 143 -18.56 19.97 70.35
N ASN W 144 -19.65 19.21 70.24
CA ASN W 144 -19.85 18.01 71.04
C ASN W 144 -19.96 16.78 70.16
N ILE W 145 -19.40 15.67 70.63
CA ILE W 145 -19.59 14.38 70.00
C ILE W 145 -19.88 13.33 71.07
N SER W 146 -21.09 12.78 71.03
CA SER W 146 -21.50 11.79 72.01
C SER W 146 -20.71 10.49 71.89
N GLU W 147 -20.51 10.03 70.65
CA GLU W 147 -19.88 8.72 70.42
C GLU W 147 -19.15 8.67 69.08
N MET W 148 -17.84 8.42 69.16
CA MET W 148 -17.01 8.10 68.01
C MET W 148 -16.73 6.60 68.07
N THR W 149 -16.76 5.92 66.92
CA THR W 149 -16.50 4.47 66.86
C THR W 149 -15.43 4.13 65.81
N PHE W 150 -14.47 3.27 66.21
CA PHE W 150 -13.27 2.99 65.40
C PHE W 150 -13.08 1.48 65.11
N ALA W 151 -12.25 1.16 64.10
CA ALA W 151 -12.01 -0.24 63.69
C ALA W 151 -10.72 -0.46 62.87
N LEU W 152 -10.31 -1.73 62.75
CA LEU W 152 -9.10 -2.13 62.04
C LEU W 152 -9.36 -2.31 60.54
N ASP X 8 -35.21 16.07 36.65
CA ASP X 8 -34.11 15.38 35.91
C ASP X 8 -33.23 16.40 35.18
N THR X 9 -32.21 16.87 35.88
CA THR X 9 -31.33 17.90 35.38
C THR X 9 -29.89 17.53 35.69
N SER X 10 -28.99 17.73 34.73
CA SER X 10 -27.57 17.68 35.05
C SER X 10 -27.14 19.10 35.44
N ILE X 11 -26.64 19.25 36.67
CA ILE X 11 -25.98 20.50 37.06
C ILE X 11 -24.48 20.26 37.04
N ASP X 12 -23.78 21.10 36.28
CA ASP X 12 -22.34 20.98 36.10
C ASP X 12 -21.54 21.88 37.04
N ILE X 13 -20.24 21.56 37.16
CA ILE X 13 -19.29 22.21 38.08
C ILE X 13 -19.22 23.76 38.08
N GLU X 14 -19.42 24.38 36.92
CA GLU X 14 -19.42 25.86 36.81
C GLU X 14 -20.64 26.47 37.49
N ASP X 15 -21.77 25.77 37.36
CA ASP X 15 -23.03 26.20 37.97
C ASP X 15 -23.01 25.88 39.46
N ILE X 16 -22.49 24.71 39.79
CA ILE X 16 -22.36 24.32 41.20
C ILE X 16 -21.72 25.48 41.96
N LYS X 17 -20.69 26.07 41.36
CA LYS X 17 -19.98 27.22 41.93
C LYS X 17 -20.88 28.45 42.16
N LYS X 18 -21.83 28.69 41.26
CA LYS X 18 -22.78 29.79 41.47
C LYS X 18 -23.77 29.53 42.61
N ILE X 19 -24.00 28.25 42.93
CA ILE X 19 -24.84 27.90 44.08
C ILE X 19 -24.03 27.83 45.36
N LEU X 20 -22.97 27.04 45.34
CA LEU X 20 -22.14 26.84 46.54
C LEU X 20 -21.06 27.89 46.66
N PRO X 21 -20.65 28.23 47.91
CA PRO X 21 -19.55 29.16 48.08
C PRO X 21 -18.20 28.44 48.11
N HIS X 22 -18.25 27.13 48.39
CA HIS X 22 -17.07 26.28 48.56
C HIS X 22 -16.17 26.31 47.32
N ARG X 23 -14.86 26.40 47.53
CA ARG X 23 -13.87 26.34 46.43
C ARG X 23 -12.77 25.31 46.71
N TYR X 24 -11.73 25.31 45.88
CA TYR X 24 -10.55 24.46 46.11
C TYR X 24 -9.83 24.90 47.37
N PRO X 25 -9.42 23.95 48.23
CA PRO X 25 -9.49 22.49 48.08
C PRO X 25 -10.70 21.84 48.78
N PHE X 26 -11.76 22.61 49.03
CA PHE X 26 -12.89 22.12 49.82
C PHE X 26 -14.24 22.11 49.08
N LEU X 27 -14.22 22.12 47.75
CA LEU X 27 -15.41 21.75 46.99
C LEU X 27 -15.28 20.26 46.67
N LEU X 28 -16.32 19.51 47.00
CA LEU X 28 -16.29 18.06 46.97
C LEU X 28 -17.47 17.47 46.19
N VAL X 29 -18.20 18.33 45.48
CA VAL X 29 -19.25 17.88 44.59
C VAL X 29 -18.83 18.24 43.16
N ASP X 30 -18.51 17.22 42.37
CA ASP X 30 -18.07 17.40 40.99
C ASP X 30 -19.26 17.61 40.05
N LYS X 31 -20.31 16.82 40.26
CA LYS X 31 -21.46 16.82 39.35
C LYS X 31 -22.76 16.45 40.02
N VAL X 32 -23.75 17.34 39.94
CA VAL X 32 -25.13 16.98 40.24
C VAL X 32 -25.65 16.30 38.98
N ILE X 33 -26.27 15.14 39.15
CA ILE X 33 -26.90 14.42 38.02
C ILE X 33 -28.43 14.39 38.04
N TYR X 34 -29.03 14.67 39.20
CA TYR X 34 -30.50 14.74 39.37
C TYR X 34 -30.81 15.59 40.61
N MET X 35 -31.95 16.30 40.57
CA MET X 35 -32.37 17.12 41.69
C MET X 35 -33.85 17.49 41.62
N GLN X 36 -34.60 17.08 42.62
CA GLN X 36 -36.02 17.38 42.69
C GLN X 36 -36.32 18.30 43.88
N PRO X 37 -36.70 19.57 43.60
CA PRO X 37 -36.93 20.61 44.61
C PRO X 37 -37.72 20.13 45.84
N ASN X 38 -37.18 20.42 47.03
CA ASN X 38 -37.80 20.08 48.33
C ASN X 38 -37.82 18.59 48.68
N LYS X 39 -37.15 17.76 47.87
CA LYS X 39 -37.24 16.32 48.04
C LYS X 39 -35.90 15.59 48.08
N THR X 40 -35.26 15.45 46.92
CA THR X 40 -34.06 14.63 46.78
C THR X 40 -32.98 15.25 45.86
N ILE X 41 -31.74 14.81 46.06
CA ILE X 41 -30.63 15.22 45.19
C ILE X 41 -29.62 14.09 45.01
N ILE X 42 -29.15 13.94 43.77
CA ILE X 42 -28.18 12.91 43.42
C ILE X 42 -26.98 13.53 42.69
N GLY X 43 -25.80 13.01 42.96
CA GLY X 43 -24.58 13.52 42.35
C GLY X 43 -23.38 12.60 42.49
N LEU X 44 -22.20 13.13 42.15
CA LEU X 44 -20.97 12.35 42.28
C LEU X 44 -19.71 13.17 42.54
N LYS X 45 -18.83 12.60 43.36
CA LYS X 45 -17.51 13.13 43.58
C LYS X 45 -16.50 12.13 43.05
N GLN X 46 -15.74 12.55 42.04
CA GLN X 46 -14.73 11.70 41.45
C GLN X 46 -13.49 11.71 42.32
N VAL X 47 -13.09 10.52 42.74
CA VAL X 47 -12.01 10.37 43.72
C VAL X 47 -10.73 9.98 42.97
N SER X 48 -9.77 10.91 42.96
CA SER X 48 -8.51 10.69 42.28
C SER X 48 -7.34 10.77 43.25
N THR X 49 -6.29 10.00 42.96
CA THR X 49 -5.04 10.10 43.71
C THR X 49 -4.45 11.52 43.65
N ASN X 50 -4.96 12.32 42.72
CA ASN X 50 -4.39 13.64 42.45
C ASN X 50 -5.16 14.73 43.17
N GLU X 51 -5.35 14.51 44.48
CA GLU X 51 -6.02 15.46 45.34
C GLU X 51 -5.10 15.73 46.52
N PRO X 52 -5.11 16.98 47.03
CA PRO X 52 -4.27 17.43 48.14
C PRO X 52 -4.32 16.60 49.42
N PHE X 53 -5.48 16.03 49.77
CA PHE X 53 -5.59 15.34 51.06
C PHE X 53 -4.94 13.94 51.13
N PHE X 54 -4.76 13.32 49.97
CA PHE X 54 -4.33 11.93 49.93
C PHE X 54 -2.92 11.70 50.46
N ASN X 55 -2.04 12.68 50.29
CA ASN X 55 -0.67 12.62 50.81
C ASN X 55 -0.54 12.51 52.34
N GLY X 56 -1.63 12.83 53.05
CA GLY X 56 -1.65 12.78 54.51
C GLY X 56 -2.72 11.89 55.10
N HIS X 57 -3.29 11.01 54.27
CA HIS X 57 -4.32 10.04 54.68
C HIS X 57 -4.49 8.91 53.64
N PHE X 58 -3.51 8.01 53.50
CA PHE X 58 -2.26 7.97 54.28
C PHE X 58 -1.09 7.66 53.35
N PRO X 59 0.15 8.03 53.76
CA PRO X 59 1.37 7.77 53.00
C PRO X 59 1.57 6.31 52.60
N GLN X 60 1.14 5.38 53.46
CA GLN X 60 1.26 3.94 53.16
C GLN X 60 0.04 3.39 52.43
N LYS X 61 -1.09 4.11 52.54
CA LYS X 61 -2.36 3.63 52.00
C LYS X 61 -3.29 4.80 51.78
N GLN X 62 -3.48 5.14 50.50
CA GLN X 62 -4.39 6.22 50.12
C GLN X 62 -5.85 5.81 50.32
N ILE X 63 -6.47 6.40 51.34
CA ILE X 63 -7.87 6.18 51.69
C ILE X 63 -8.56 7.54 51.92
N MET X 64 -9.70 7.75 51.25
CA MET X 64 -10.45 8.99 51.40
C MET X 64 -11.01 9.12 52.82
N PRO X 65 -10.72 10.24 53.49
CA PRO X 65 -11.20 10.53 54.84
C PRO X 65 -12.72 10.43 54.98
N GLY X 66 -13.17 9.65 55.96
CA GLY X 66 -14.58 9.55 56.30
C GLY X 66 -15.27 10.91 56.40
N VAL X 67 -14.60 11.86 57.04
CA VAL X 67 -15.18 13.21 57.23
C VAL X 67 -15.44 13.94 55.92
N LEU X 68 -14.60 13.69 54.92
CA LEU X 68 -14.77 14.34 53.62
C LEU X 68 -15.89 13.69 52.83
N GLN X 69 -16.19 12.43 53.18
CA GLN X 69 -17.40 11.76 52.69
C GLN X 69 -18.64 12.45 53.28
N ILE X 70 -18.56 12.83 54.55
CA ILE X 70 -19.65 13.57 55.21
C ILE X 70 -19.84 14.93 54.56
N GLU X 71 -18.73 15.65 54.35
CA GLU X 71 -18.78 16.99 53.77
C GLU X 71 -19.30 16.96 52.34
N ALA X 72 -18.91 15.92 51.59
CA ALA X 72 -19.38 15.76 50.21
C ALA X 72 -20.91 15.68 50.13
N LEU X 73 -21.47 14.78 50.94
CA LEU X 73 -22.92 14.69 51.07
C LEU X 73 -23.53 15.99 51.58
N ALA X 74 -22.82 16.66 52.49
CA ALA X 74 -23.30 17.91 53.09
C ALA X 74 -23.48 18.99 52.04
N GLN X 75 -22.48 19.12 51.18
CA GLN X 75 -22.49 20.15 50.13
C GLN X 75 -23.60 19.90 49.11
N LEU X 76 -23.78 18.62 48.78
CA LEU X 76 -24.81 18.16 47.85
C LEU X 76 -26.20 18.48 48.39
N ALA X 77 -26.46 18.05 49.62
CA ALA X 77 -27.70 18.37 50.32
C ALA X 77 -27.83 19.89 50.40
N GLY X 78 -26.72 20.56 50.72
CA GLY X 78 -26.62 22.01 50.72
C GLY X 78 -27.09 22.66 49.43
N ILE X 79 -26.72 22.06 48.28
CA ILE X 79 -27.23 22.52 46.99
C ILE X 79 -28.76 22.47 46.96
N LEU X 80 -29.31 21.28 47.26
CA LEU X 80 -30.76 21.04 47.23
C LEU X 80 -31.55 22.12 47.96
N CYS X 81 -31.14 22.42 49.20
CA CYS X 81 -31.79 23.44 50.03
C CYS X 81 -31.77 24.81 49.36
N LEU X 82 -30.61 25.20 48.82
CA LEU X 82 -30.45 26.50 48.19
C LEU X 82 -31.19 26.61 46.85
N LYS X 83 -31.59 25.46 46.30
CA LYS X 83 -32.35 25.43 45.05
C LYS X 83 -33.83 25.10 45.27
N SER X 84 -34.15 24.58 46.46
CA SER X 84 -35.55 24.36 46.86
C SER X 84 -36.20 25.65 47.36
N ASP X 85 -35.41 26.49 48.04
CA ASP X 85 -35.90 27.73 48.66
C ASP X 85 -34.79 28.78 48.77
N ASP X 86 -34.65 29.62 47.75
CA ASP X 86 -33.61 30.66 47.73
C ASP X 86 -34.15 32.05 48.11
N SER X 87 -35.26 32.07 48.84
CA SER X 87 -35.84 33.34 49.32
C SER X 87 -34.87 34.06 50.26
N GLN X 88 -34.20 33.27 51.10
CA GLN X 88 -33.14 33.79 51.98
C GLN X 88 -31.83 33.74 51.20
N LYS X 89 -31.42 34.90 50.68
CA LYS X 89 -30.26 34.98 49.79
C LYS X 89 -28.94 34.85 50.57
N ASN X 90 -28.89 33.78 51.37
CA ASN X 90 -27.70 33.41 52.11
C ASN X 90 -27.27 32.03 51.64
N ASN X 91 -26.19 31.97 50.86
CA ASN X 91 -25.68 30.69 50.38
C ASN X 91 -24.64 30.05 51.31
N LEU X 92 -24.35 30.76 52.42
CA LEU X 92 -23.45 30.25 53.46
C LEU X 92 -24.19 29.40 54.50
N PHE X 93 -24.31 28.11 54.20
CA PHE X 93 -24.94 27.15 55.11
C PHE X 93 -23.90 26.51 56.02
N LEU X 94 -24.22 26.44 57.31
CA LEU X 94 -23.31 25.86 58.30
C LEU X 94 -23.85 24.60 58.97
N PHE X 95 -22.96 23.61 59.11
CA PHE X 95 -23.25 22.33 59.75
C PHE X 95 -23.64 22.54 61.21
N ALA X 96 -24.92 22.34 61.53
CA ALA X 96 -25.43 22.54 62.88
C ALA X 96 -25.34 21.29 63.74
N GLY X 97 -25.62 20.15 63.10
CA GLY X 97 -25.51 18.84 63.75
C GLY X 97 -25.47 17.73 62.72
N VAL X 98 -24.97 16.57 63.13
CA VAL X 98 -25.00 15.36 62.30
C VAL X 98 -25.11 14.12 63.20
N ASP X 99 -26.00 13.19 62.80
N ASP X 99 -26.02 13.21 62.84
CA ASP X 99 -26.30 12.03 63.62
CA ASP X 99 -26.29 12.03 63.66
C ASP X 99 -26.35 10.78 62.75
C ASP X 99 -26.41 10.78 62.78
N GLY X 100 -26.09 9.63 63.37
CA GLY X 100 -26.22 8.32 62.69
C GLY X 100 -25.34 8.06 61.47
N VAL X 101 -24.09 8.51 61.53
CA VAL X 101 -23.15 8.28 60.43
C VAL X 101 -22.52 6.90 60.57
N ARG X 102 -22.43 6.18 59.44
CA ARG X 102 -21.87 4.83 59.41
C ARG X 102 -21.01 4.64 58.16
N TRP X 103 -19.74 4.30 58.35
CA TRP X 103 -18.87 4.00 57.21
C TRP X 103 -18.66 2.50 57.04
N LYS X 104 -19.19 1.96 55.95
CA LYS X 104 -19.20 0.51 55.71
C LYS X 104 -17.96 0.01 54.95
N LYS X 105 -17.55 0.75 53.92
CA LYS X 105 -16.53 0.28 52.97
C LYS X 105 -15.63 1.44 52.53
N PRO X 106 -14.30 1.23 52.56
CA PRO X 106 -13.34 2.29 52.20
C PRO X 106 -13.53 2.88 50.79
N VAL X 107 -13.29 4.18 50.65
CA VAL X 107 -13.32 4.88 49.34
C VAL X 107 -11.89 5.16 48.87
N LEU X 108 -11.52 4.59 47.73
CA LEU X 108 -10.14 4.65 47.22
C LEU X 108 -10.00 5.47 45.92
N PRO X 109 -8.77 5.93 45.60
CA PRO X 109 -8.49 6.67 44.36
C PRO X 109 -8.87 5.89 43.11
N GLY X 110 -9.76 6.47 42.30
CA GLY X 110 -10.28 5.81 41.09
C GLY X 110 -11.73 5.36 41.25
N ASP X 111 -12.26 5.56 42.44
CA ASP X 111 -13.66 5.24 42.72
C ASP X 111 -14.54 6.46 42.44
N THR X 112 -15.77 6.19 41.98
CA THR X 112 -16.75 7.24 41.77
C THR X 112 -17.75 7.19 42.92
N LEU X 113 -17.78 8.26 43.70
CA LEU X 113 -18.65 8.37 44.86
C LEU X 113 -19.99 8.98 44.47
N THR X 114 -20.94 8.12 44.13
CA THR X 114 -22.31 8.55 43.84
C THR X 114 -23.01 8.84 45.17
N MET X 115 -23.68 9.98 45.24
CA MET X 115 -24.30 10.41 46.50
C MET X 115 -25.78 10.74 46.34
N GLN X 116 -26.57 10.42 47.37
CA GLN X 116 -27.97 10.80 47.40
C GLN X 116 -28.34 11.38 48.75
N ALA X 117 -28.91 12.59 48.70
CA ALA X 117 -29.38 13.28 49.91
C ALA X 117 -30.89 13.49 49.84
N ASN X 118 -31.56 13.24 50.98
CA ASN X 118 -33.00 13.35 51.08
C ASN X 118 -33.40 14.42 52.09
N LEU X 119 -34.25 15.36 51.69
CA LEU X 119 -34.82 16.33 52.62
C LEU X 119 -35.87 15.67 53.52
N ILE X 120 -35.90 16.05 54.78
CA ILE X 120 -36.82 15.48 55.78
C ILE X 120 -37.75 16.57 56.35
N SER X 121 -37.15 17.69 56.76
CA SER X 121 -37.91 18.87 57.20
C SER X 121 -37.19 20.16 56.81
N PHE X 122 -37.95 21.25 56.67
CA PHE X 122 -37.41 22.56 56.37
C PHE X 122 -38.31 23.62 57.01
N LYS X 123 -37.72 24.43 57.88
CA LYS X 123 -38.46 25.50 58.55
C LYS X 123 -37.76 26.85 58.40
N SER X 124 -38.56 27.88 58.12
CA SER X 124 -38.05 29.27 58.10
C SER X 124 -37.80 29.79 59.53
N SER X 125 -38.08 28.92 60.51
CA SER X 125 -37.91 29.20 61.95
C SER X 125 -36.54 29.83 62.26
N LEU X 126 -35.46 29.07 62.02
CA LEU X 126 -34.10 29.58 62.12
C LEU X 126 -33.23 29.03 60.99
N GLY X 127 -33.86 28.73 59.86
CA GLY X 127 -33.21 28.14 58.69
C GLY X 127 -32.77 26.69 58.88
N ILE X 128 -33.44 25.97 59.79
CA ILE X 128 -33.03 24.62 60.18
C ILE X 128 -33.54 23.55 59.22
N ALA X 129 -32.60 22.98 58.47
CA ALA X 129 -32.89 21.97 57.48
C ALA X 129 -32.24 20.65 57.88
N LYS X 130 -33.07 19.59 57.92
CA LYS X 130 -32.61 18.26 58.31
C LYS X 130 -32.73 17.30 57.13
N LEU X 131 -31.65 16.58 56.84
CA LEU X 131 -31.61 15.72 55.66
C LEU X 131 -30.88 14.41 55.97
N SER X 132 -31.25 13.35 55.26
CA SER X 132 -30.53 12.08 55.36
C SER X 132 -29.64 11.93 54.13
N GLY X 133 -28.64 11.05 54.19
CA GLY X 133 -27.70 10.89 53.08
C GLY X 133 -27.08 9.52 52.94
N VAL X 134 -26.98 9.06 51.69
CA VAL X 134 -26.28 7.81 51.37
C VAL X 134 -25.21 8.06 50.30
N GLY X 135 -24.04 7.47 50.51
CA GLY X 135 -22.98 7.49 49.51
C GLY X 135 -22.67 6.08 49.07
N TYR X 136 -22.53 5.89 47.75
CA TYR X 136 -22.30 4.58 47.16
C TYR X 136 -21.02 4.55 46.33
N VAL X 137 -20.43 3.37 46.22
CA VAL X 137 -19.41 3.08 45.19
C VAL X 137 -19.79 1.75 44.52
N ASN X 138 -20.01 1.78 43.21
CA ASN X 138 -20.38 0.58 42.45
C ASN X 138 -21.67 -0.10 42.94
N GLY X 139 -22.61 0.71 43.40
CA GLY X 139 -23.89 0.21 43.92
C GLY X 139 -23.80 -0.31 45.35
N LYS X 140 -22.57 -0.52 45.83
CA LYS X 140 -22.34 -0.92 47.22
C LYS X 140 -22.31 0.33 48.09
N VAL X 141 -23.04 0.31 49.21
CA VAL X 141 -23.10 1.47 50.13
C VAL X 141 -21.78 1.63 50.89
N VAL X 142 -21.26 2.85 50.90
CA VAL X 142 -20.03 3.12 51.65
C VAL X 142 -20.22 4.01 52.89
N ILE X 143 -21.21 4.90 52.83
CA ILE X 143 -21.57 5.79 53.95
C ILE X 143 -23.08 6.02 54.08
N ASN X 144 -23.59 5.79 55.30
CA ASN X 144 -24.95 6.15 55.68
C ASN X 144 -24.92 7.31 56.66
N ILE X 145 -25.77 8.31 56.42
CA ILE X 145 -26.01 9.37 57.41
C ILE X 145 -27.51 9.50 57.66
N SER X 146 -27.91 9.24 58.90
CA SER X 146 -29.32 9.28 59.31
C SER X 146 -29.90 10.69 59.20
N GLU X 147 -29.16 11.67 59.73
CA GLU X 147 -29.66 13.03 59.81
C GLU X 147 -28.54 14.07 59.81
N MET X 148 -28.49 14.84 58.73
CA MET X 148 -27.66 16.04 58.64
C MET X 148 -28.52 17.23 59.04
N THR X 149 -27.98 18.12 59.86
CA THR X 149 -28.70 19.30 60.32
C THR X 149 -27.91 20.56 60.01
N PHE X 150 -28.57 21.56 59.43
CA PHE X 150 -27.87 22.76 58.99
C PHE X 150 -28.49 24.06 59.47
N ALA X 151 -27.63 25.00 59.85
CA ALA X 151 -28.03 26.37 60.09
C ALA X 151 -27.72 27.18 58.84
N LEU X 152 -28.58 28.14 58.52
CA LEU X 152 -28.24 29.21 57.58
C LEU X 152 -27.37 30.19 58.36
N SER X 153 -26.47 30.90 57.67
CA SER X 153 -25.50 31.74 58.39
C SER X 153 -25.02 32.96 57.61
#